data_5CUS
#
_entry.id   5CUS
#
_cell.length_a   84.378
_cell.length_b   127.141
_cell.length_c   138.078
_cell.angle_alpha   87.100
_cell.angle_beta   85.540
_cell.angle_gamma   89.920
#
_symmetry.space_group_name_H-M   'P 1'
#
loop_
_entity.id
_entity.type
_entity.pdbx_description
1 polymer 'Receptor tyrosine-protein kinase erbB-3'
2 polymer 'IgG H chain'
3 polymer 'Fab LC region of KTN3379'
4 non-polymer 2-acetamido-2-deoxy-beta-D-glucopyranose
#
loop_
_entity_poly.entity_id
_entity_poly.type
_entity_poly.pdbx_seq_one_letter_code
_entity_poly.pdbx_strand_id
1 'polypeptide(L)'
;SEVGNSQAVCPGTLNGLSVTGDAENQYQTLYKLYERCEVVMGNLEIVLTGHNADLSFLQWIREVTGYVLVAMNEFSTLPL
PNLRVVRGTQVYDGKFAIFVMLNYNTNSSHALRQLRLTQLTEILSGGVYIEKNDKLCHMDTIDWRDIVRDRDAEIVVKDN
GRSCPPCHEVCKGRCWGPGSEDCQTLTKTICAPQCNGHCFGPNPNQCCHDECAGGCSGPQDTDCFACRHFNDSGACVPRC
PQPLVYNKLTFQLEPNPHTKYQYGGVCVASCPHNFVVDQTSCVRACPPDKMEVDKNGLKMCEPCGGLCPKACEGTGSGSR
FQTVDSSNIDGFVNCTKILGNLDFLITGLNGDPWHKIPALDPEKLNVFRTVREITGYLNIQSWPPHMHNFSVFSNLTTIG
GRSLYNRGFSLLIMKNLNVTSLGFRSLKEISAGRIYISANRQLCYHHSLNWTKVLRGPTEERLDIKHNRPRRDCVAEGKV
CDPLCSSGGCWGPGPGQCLSCRNYSRGGVCVTHCNFLNGEPREFAHEAECFSCHPECQPMEGTATCNGSGSDTCAQCAHF
RDGPHCVSSCPHGVLGAKGPIYKYPDVQNECRPCHENCTQGCKGPELQDCLGQTLVLIGKTHHHHHH
;
A,B,C,D
2 'polypeptide(L)'
;EVQLLESGGGLVQPGGSLRLSCAASGFTFSYYYMQWVRQAPGKGLEWVSYIGSSGGVTNYADSVKGRFTISRDNSKNTLY
LQMNSLRAEDTAVYYCARVGLGDAFDIWGQGTMVTVSSASTKGPSVFPLAPSSKSTSGGTAALGCLVKDYFPEPVTVSWN
SGALTSGVHTFPAVLQSSGLYSLSSVVTVPSSSLGTQTYICNVNHKPSNTKVDKKVEPKSC
;
H,I,J,K
3 'polypeptide(L)'
;QSVLTQPPSASGTPGQRVTISCSGSLSNIGLNYVSWYQQLPGTAPKLLISRNNQRPSGVPDRFSGSKSGTSASLAISGLR
SEDEADYYCAAWDDSPPGEAFGGGTKLTVLGQPKAAPSVTLFPPSSEELQANKATLVCLISDFYPGAVTVAWKADSSPVK
AGVETTTPSKQSNNKYAASSYLSLTPEQWKSHRSYSCQVTHEGSTVEKTVAPTECS
;
L,M,N,O
#
loop_
_chem_comp.id
_chem_comp.type
_chem_comp.name
_chem_comp.formula
NAG D-saccharide, beta linking 2-acetamido-2-deoxy-beta-D-glucopyranose 'C8 H15 N O6'
#
# COMPACT_ATOMS: atom_id res chain seq x y z
N VAL A 9 65.45 -6.05 -25.45
CA VAL A 9 64.44 -7.02 -25.85
C VAL A 9 63.46 -6.43 -26.85
N CYS A 10 63.43 -6.98 -28.06
CA CYS A 10 62.53 -6.50 -29.11
C CYS A 10 62.26 -7.60 -30.14
N PRO A 11 61.04 -7.61 -30.70
CA PRO A 11 60.64 -8.61 -31.70
C PRO A 11 61.41 -8.48 -33.01
N GLY A 12 61.38 -9.52 -33.84
CA GLY A 12 62.09 -9.51 -35.10
C GLY A 12 61.30 -8.86 -36.22
N THR A 13 62.01 -8.10 -37.06
CA THR A 13 61.46 -7.35 -38.20
C THR A 13 60.02 -6.88 -38.01
N ARG A 36 67.29 1.47 -30.65
CA ARG A 36 66.04 0.82 -30.25
C ARG A 36 66.23 0.08 -28.92
N CYS A 37 66.54 -1.21 -29.00
CA CYS A 37 66.70 -2.05 -27.83
C CYS A 37 68.13 -2.53 -27.66
N GLU A 38 68.31 -3.83 -27.49
CA GLU A 38 69.63 -4.43 -27.34
C GLU A 38 69.60 -5.89 -27.77
N VAL A 39 68.61 -6.63 -27.29
CA VAL A 39 68.43 -8.02 -27.68
C VAL A 39 67.30 -8.14 -28.69
N VAL A 40 67.53 -8.88 -29.77
CA VAL A 40 66.51 -9.06 -30.79
C VAL A 40 65.93 -10.47 -30.74
N MET A 41 64.78 -10.59 -30.08
CA MET A 41 64.10 -11.87 -29.96
C MET A 41 63.33 -12.18 -31.23
N GLY A 42 63.97 -12.95 -32.12
CA GLY A 42 63.37 -13.30 -33.39
C GLY A 42 64.36 -13.24 -34.54
N ASN A 43 63.88 -12.85 -35.71
CA ASN A 43 64.73 -12.75 -36.89
C ASN A 43 64.79 -11.34 -37.45
N LEU A 44 66.01 -10.85 -37.70
CA LEU A 44 66.20 -9.53 -38.27
C LEU A 44 66.21 -9.61 -39.79
N GLU A 45 65.06 -9.35 -40.41
CA GLU A 45 64.92 -9.46 -41.85
C GLU A 45 64.72 -8.10 -42.50
N ILE A 46 65.60 -7.77 -43.45
CA ILE A 46 65.50 -6.53 -44.21
C ILE A 46 65.53 -6.82 -45.70
N VAL A 47 64.37 -6.79 -46.33
CA VAL A 47 64.26 -7.15 -47.75
C VAL A 47 63.64 -6.02 -48.58
N LEU A 48 64.29 -5.69 -49.69
CA LEU A 48 63.79 -4.70 -50.64
C LEU A 48 63.54 -3.34 -50.00
N THR A 49 64.60 -2.57 -49.84
CA THR A 49 64.51 -1.24 -49.24
C THR A 49 65.06 -0.19 -50.21
N GLY A 50 64.51 1.02 -50.15
CA GLY A 50 64.88 2.09 -51.06
C GLY A 50 66.31 2.57 -50.95
N HIS A 51 66.64 3.62 -51.71
CA HIS A 51 67.99 4.16 -51.76
C HIS A 51 68.44 4.72 -50.41
N ASN A 52 67.51 5.36 -49.71
CA ASN A 52 67.81 5.95 -48.41
C ASN A 52 66.76 5.57 -47.37
N ALA A 53 67.23 5.02 -46.25
CA ALA A 53 66.34 4.60 -45.17
C ALA A 53 66.94 4.93 -43.81
N ASP A 54 66.11 5.40 -42.90
CA ASP A 54 66.55 5.73 -41.55
C ASP A 54 66.82 4.46 -40.75
N LEU A 55 67.94 3.80 -41.05
CA LEU A 55 68.31 2.57 -40.37
C LEU A 55 69.11 2.87 -39.10
N SER A 56 69.09 4.13 -38.69
CA SER A 56 69.83 4.57 -37.51
C SER A 56 69.19 4.05 -36.22
N PHE A 57 68.00 3.49 -36.34
CA PHE A 57 67.31 2.90 -35.20
C PHE A 57 67.91 1.55 -34.83
N LEU A 58 68.68 0.99 -35.76
CA LEU A 58 69.33 -0.31 -35.56
C LEU A 58 70.73 -0.14 -35.00
N GLN A 59 71.09 1.10 -34.69
CA GLN A 59 72.44 1.43 -34.22
C GLN A 59 72.75 0.76 -32.88
N TRP A 60 71.71 0.54 -32.07
CA TRP A 60 71.90 -0.08 -30.77
C TRP A 60 71.28 -1.46 -30.73
N ILE A 61 72.02 -2.45 -31.23
CA ILE A 61 71.60 -3.84 -31.19
C ILE A 61 72.79 -4.72 -30.81
N ARG A 62 72.63 -5.49 -29.74
CA ARG A 62 73.75 -6.30 -29.23
C ARG A 62 73.64 -7.76 -29.64
N GLU A 63 72.45 -8.34 -29.55
CA GLU A 63 72.28 -9.76 -29.77
C GLU A 63 71.06 -10.10 -30.62
N VAL A 64 71.22 -11.05 -31.53
CA VAL A 64 70.12 -11.56 -32.34
C VAL A 64 69.92 -13.05 -32.06
N THR A 65 68.70 -13.42 -31.68
CA THR A 65 68.41 -14.79 -31.28
C THR A 65 68.27 -15.73 -32.49
N GLY A 66 67.83 -15.17 -33.61
CA GLY A 66 67.63 -15.96 -34.81
C GLY A 66 68.70 -15.73 -35.86
N TYR A 67 68.27 -15.48 -37.09
CA TYR A 67 69.18 -15.24 -38.19
C TYR A 67 69.04 -13.83 -38.74
N VAL A 68 70.03 -13.40 -39.53
CA VAL A 68 70.00 -12.08 -40.14
C VAL A 68 69.76 -12.19 -41.65
N LEU A 69 68.65 -11.62 -42.11
CA LEU A 69 68.30 -11.69 -43.52
C LEU A 69 68.35 -10.33 -44.20
N VAL A 70 69.32 -10.15 -45.08
CA VAL A 70 69.48 -8.91 -45.84
C VAL A 70 69.53 -9.21 -47.33
N ALA A 71 68.38 -9.09 -48.00
CA ALA A 71 68.30 -9.46 -49.42
C ALA A 71 67.62 -8.41 -50.27
N MET A 72 68.13 -8.24 -51.50
CA MET A 72 67.55 -7.36 -52.51
C MET A 72 67.39 -5.91 -52.03
N ASN A 73 68.33 -5.43 -51.24
CA ASN A 73 68.28 -4.07 -50.73
C ASN A 73 69.06 -3.09 -51.60
N GLU A 74 68.86 -1.81 -51.38
CA GLU A 74 69.48 -0.78 -52.22
C GLU A 74 70.29 0.24 -51.42
N PHE A 75 70.20 0.18 -50.09
CA PHE A 75 70.99 1.09 -49.26
C PHE A 75 72.46 0.70 -49.30
N SER A 76 73.32 1.59 -48.82
CA SER A 76 74.76 1.40 -48.96
C SER A 76 75.40 0.75 -47.73
N THR A 77 74.78 0.90 -46.56
CA THR A 77 75.37 0.40 -45.33
C THR A 77 74.34 -0.15 -44.36
N LEU A 78 74.64 -1.29 -43.76
CA LEU A 78 73.84 -1.85 -42.68
C LEU A 78 74.51 -1.61 -41.34
N PRO A 79 74.09 -0.56 -40.62
CA PRO A 79 74.73 -0.14 -39.37
C PRO A 79 74.35 -1.01 -38.17
N LEU A 80 75.12 -2.06 -37.93
CA LEU A 80 74.96 -2.89 -36.73
C LEU A 80 76.30 -2.99 -36.01
N PRO A 81 76.76 -1.88 -35.42
CA PRO A 81 78.11 -1.80 -34.85
C PRO A 81 78.24 -2.44 -33.47
N ASN A 82 77.12 -2.60 -32.78
CA ASN A 82 77.12 -3.19 -31.45
C ASN A 82 76.74 -4.67 -31.48
N LEU A 83 76.39 -5.16 -32.67
CA LEU A 83 76.02 -6.56 -32.84
C LEU A 83 77.21 -7.47 -32.56
N ARG A 84 77.23 -8.06 -31.38
CA ARG A 84 78.35 -8.90 -30.97
C ARG A 84 78.07 -10.39 -31.22
N VAL A 85 76.85 -10.82 -30.92
CA VAL A 85 76.51 -12.23 -31.03
C VAL A 85 75.22 -12.47 -31.80
N VAL A 86 75.31 -13.27 -32.85
CA VAL A 86 74.13 -13.76 -33.55
C VAL A 86 73.99 -15.26 -33.29
N ARG A 87 73.08 -15.62 -32.40
CA ARG A 87 72.92 -17.01 -31.96
C ARG A 87 72.65 -17.95 -33.12
N GLY A 88 71.39 -17.99 -33.56
CA GLY A 88 71.01 -18.86 -34.68
C GLY A 88 70.30 -20.11 -34.22
N THR A 89 69.31 -19.94 -33.35
CA THR A 89 68.46 -21.05 -32.91
C THR A 89 67.69 -21.59 -34.10
N GLN A 90 67.36 -20.71 -35.03
CA GLN A 90 66.77 -21.09 -36.30
C GLN A 90 67.53 -20.40 -37.44
N VAL A 91 67.60 -21.04 -38.60
CA VAL A 91 68.41 -20.52 -39.69
C VAL A 91 67.65 -20.36 -41.00
N TYR A 92 68.06 -19.37 -41.79
CA TYR A 92 67.49 -19.16 -43.11
C TYR A 92 68.06 -20.18 -44.09
N ASP A 93 67.21 -20.65 -45.00
CA ASP A 93 67.58 -21.67 -45.98
C ASP A 93 68.07 -22.95 -45.31
N GLY A 94 67.73 -23.09 -44.03
CA GLY A 94 68.07 -24.29 -43.27
C GLY A 94 69.56 -24.55 -43.12
N LYS A 95 70.37 -23.50 -43.17
CA LYS A 95 71.82 -23.67 -43.08
C LYS A 95 72.58 -22.37 -42.75
N PHE A 96 71.88 -21.24 -42.74
CA PHE A 96 72.57 -19.96 -42.58
C PHE A 96 71.99 -19.10 -41.46
N ALA A 97 72.87 -18.66 -40.56
CA ALA A 97 72.50 -17.73 -39.50
C ALA A 97 72.66 -16.30 -39.99
N ILE A 98 73.42 -16.13 -41.07
CA ILE A 98 73.56 -14.83 -41.72
C ILE A 98 73.42 -14.99 -43.23
N PHE A 99 72.35 -14.42 -43.78
CA PHE A 99 72.09 -14.56 -45.20
C PHE A 99 72.00 -13.19 -45.89
N VAL A 100 72.95 -12.92 -46.77
CA VAL A 100 73.00 -11.65 -47.48
C VAL A 100 73.25 -11.88 -48.96
N MET A 101 72.33 -11.43 -49.81
CA MET A 101 72.50 -11.60 -51.26
C MET A 101 71.66 -10.64 -52.08
N LEU A 102 72.05 -10.48 -53.34
CA LEU A 102 71.29 -9.72 -54.33
C LEU A 102 71.02 -8.28 -53.94
N ASN A 103 71.87 -7.71 -53.08
CA ASN A 103 71.70 -6.33 -52.63
C ASN A 103 72.28 -5.31 -53.61
N TYR A 104 71.83 -5.37 -54.86
CA TYR A 104 72.25 -4.42 -55.88
C TYR A 104 71.23 -4.34 -57.00
N ASN A 105 71.43 -3.42 -57.93
CA ASN A 105 70.54 -3.26 -59.07
C ASN A 105 71.29 -3.35 -60.39
N THR A 106 70.61 -3.80 -61.43
CA THR A 106 71.23 -3.97 -62.75
C THR A 106 71.36 -2.64 -63.48
N ASN A 107 70.61 -1.63 -63.02
CA ASN A 107 70.60 -0.33 -63.69
C ASN A 107 71.13 0.78 -62.79
N SER A 108 70.48 0.98 -61.64
CA SER A 108 70.86 2.06 -60.73
C SER A 108 72.22 1.82 -60.08
N SER A 109 72.71 2.84 -59.38
CA SER A 109 74.03 2.75 -58.74
C SER A 109 73.92 2.68 -57.23
N HIS A 110 72.73 2.32 -56.73
CA HIS A 110 72.52 2.17 -55.30
C HIS A 110 72.59 0.71 -54.89
N ALA A 111 73.61 0.36 -54.12
CA ALA A 111 73.82 -1.01 -53.69
C ALA A 111 74.52 -1.09 -52.33
N LEU A 112 74.47 -2.25 -51.70
CA LEU A 112 75.14 -2.47 -50.42
C LEU A 112 76.65 -2.48 -50.61
N ARG A 113 77.34 -1.62 -49.88
CA ARG A 113 78.78 -1.50 -50.03
C ARG A 113 79.54 -1.83 -48.75
N GLN A 114 78.89 -1.62 -47.60
CA GLN A 114 79.52 -1.88 -46.33
C GLN A 114 78.59 -2.63 -45.37
N LEU A 115 79.11 -3.70 -44.77
CA LEU A 115 78.35 -4.46 -43.79
C LEU A 115 78.93 -4.20 -42.40
N ARG A 116 78.59 -3.05 -41.82
CA ARG A 116 79.16 -2.60 -40.56
C ARG A 116 78.80 -3.51 -39.39
N LEU A 117 79.52 -4.62 -39.27
CA LEU A 117 79.37 -5.53 -38.13
C LEU A 117 80.66 -5.57 -37.33
N THR A 118 81.10 -4.38 -36.91
CA THR A 118 82.44 -4.21 -36.34
C THR A 118 82.69 -4.96 -35.04
N GLN A 119 81.62 -5.43 -34.39
CA GLN A 119 81.77 -6.16 -33.14
C GLN A 119 81.26 -7.60 -33.23
N LEU A 120 80.92 -8.04 -34.44
CA LEU A 120 80.43 -9.40 -34.65
C LEU A 120 81.47 -10.42 -34.19
N THR A 121 81.21 -11.03 -33.04
CA THR A 121 82.20 -11.91 -32.41
C THR A 121 81.89 -13.39 -32.60
N GLU A 122 80.65 -13.78 -32.31
CA GLU A 122 80.28 -15.19 -32.32
C GLU A 122 79.00 -15.51 -33.07
N ILE A 123 78.93 -16.73 -33.60
CA ILE A 123 77.71 -17.30 -34.14
C ILE A 123 77.53 -18.70 -33.54
N LEU A 124 76.68 -18.79 -32.53
CA LEU A 124 76.52 -20.03 -31.76
C LEU A 124 76.06 -21.21 -32.61
N SER A 125 75.23 -20.93 -33.61
CA SER A 125 74.76 -21.96 -34.52
C SER A 125 74.41 -21.37 -35.88
N GLY A 126 74.59 -22.17 -36.93
CA GLY A 126 74.31 -21.73 -38.28
C GLY A 126 75.55 -21.26 -39.02
N GLY A 127 75.40 -21.04 -40.32
CA GLY A 127 76.52 -20.62 -41.14
C GLY A 127 76.37 -19.21 -41.67
N VAL A 128 77.19 -18.85 -42.66
CA VAL A 128 77.17 -17.53 -43.25
C VAL A 128 77.07 -17.60 -44.77
N TYR A 129 76.14 -16.85 -45.35
CA TYR A 129 76.01 -16.80 -46.80
C TYR A 129 76.06 -15.36 -47.30
N ILE A 130 77.16 -15.01 -47.96
CA ILE A 130 77.31 -13.68 -48.55
C ILE A 130 77.73 -13.80 -50.01
N GLU A 131 76.76 -13.73 -50.91
CA GLU A 131 77.02 -13.90 -52.34
C GLU A 131 76.18 -12.93 -53.17
N LYS A 132 76.61 -12.68 -54.40
CA LYS A 132 75.88 -11.84 -55.36
C LYS A 132 75.68 -10.42 -54.86
N ASN A 133 76.64 -9.92 -54.08
CA ASN A 133 76.64 -8.54 -53.63
C ASN A 133 77.66 -7.72 -54.41
N ASP A 134 77.22 -7.14 -55.52
CA ASP A 134 78.11 -6.54 -56.52
C ASP A 134 79.06 -5.47 -55.97
N LYS A 135 78.58 -4.66 -55.02
CA LYS A 135 79.35 -3.53 -54.55
C LYS A 135 79.84 -3.68 -53.11
N LEU A 136 79.60 -4.84 -52.51
CA LEU A 136 79.97 -5.08 -51.12
C LEU A 136 81.44 -5.51 -51.00
N CYS A 137 82.24 -4.69 -50.30
CA CYS A 137 83.67 -4.95 -50.17
C CYS A 137 84.04 -5.50 -48.79
N HIS A 138 85.30 -5.91 -48.66
CA HIS A 138 85.89 -6.33 -47.40
C HIS A 138 85.16 -7.50 -46.75
N MET A 139 84.58 -8.37 -47.57
CA MET A 139 83.94 -9.58 -47.06
C MET A 139 84.83 -10.80 -47.32
N ASP A 140 85.75 -10.65 -48.26
CA ASP A 140 86.67 -11.72 -48.62
C ASP A 140 87.94 -11.66 -47.78
N THR A 141 87.91 -10.85 -46.72
CA THR A 141 89.07 -10.66 -45.86
C THR A 141 88.74 -11.03 -44.41
N ILE A 142 87.50 -11.44 -44.17
CA ILE A 142 87.04 -11.74 -42.82
C ILE A 142 87.22 -13.21 -42.46
N ASP A 143 87.83 -13.47 -41.31
CA ASP A 143 88.00 -14.82 -40.81
C ASP A 143 86.70 -15.32 -40.18
N TRP A 144 85.82 -15.89 -41.01
CA TRP A 144 84.51 -16.32 -40.55
C TRP A 144 84.59 -17.55 -39.66
N ARG A 145 85.69 -18.28 -39.75
CA ARG A 145 85.89 -19.47 -38.91
C ARG A 145 86.04 -19.08 -37.44
N ASP A 146 86.39 -17.81 -37.21
CA ASP A 146 86.51 -17.29 -35.86
C ASP A 146 85.17 -16.80 -35.34
N ILE A 147 84.31 -16.36 -36.25
CA ILE A 147 82.98 -15.89 -35.89
C ILE A 147 82.01 -17.05 -35.77
N VAL A 148 82.09 -17.99 -36.70
CA VAL A 148 81.22 -19.15 -36.69
C VAL A 148 81.72 -20.21 -35.71
N ARG A 149 80.86 -20.60 -34.77
CA ARG A 149 81.21 -21.58 -33.76
C ARG A 149 80.88 -22.99 -34.22
N ASP A 150 79.84 -23.12 -35.04
CA ASP A 150 79.43 -24.42 -35.57
C ASP A 150 80.40 -24.88 -36.66
N ARG A 151 81.19 -25.90 -36.34
CA ARG A 151 82.23 -26.38 -37.26
C ARG A 151 81.65 -27.03 -38.51
N ASP A 152 80.44 -27.58 -38.40
CA ASP A 152 79.82 -28.27 -39.53
C ASP A 152 78.97 -27.33 -40.37
N ALA A 153 78.92 -26.07 -39.97
CA ALA A 153 78.12 -25.07 -40.69
C ALA A 153 78.74 -24.76 -42.04
N GLU A 154 77.93 -24.24 -42.96
CA GLU A 154 78.39 -23.90 -44.30
C GLU A 154 78.66 -22.41 -44.44
N ILE A 155 79.87 -22.07 -44.89
CA ILE A 155 80.26 -20.68 -45.10
C ILE A 155 80.54 -20.40 -46.56
N VAL A 156 79.65 -19.64 -47.20
CA VAL A 156 79.80 -19.30 -48.60
C VAL A 156 79.88 -17.79 -48.80
N VAL A 157 81.09 -17.30 -49.03
CA VAL A 157 81.32 -15.88 -49.28
C VAL A 157 82.10 -15.70 -50.58
N LYS A 158 81.38 -15.40 -51.65
CA LYS A 158 82.02 -15.23 -52.96
C LYS A 158 81.15 -14.38 -53.89
N ASP A 159 81.71 -14.03 -55.04
CA ASP A 159 81.03 -13.21 -56.05
C ASP A 159 80.48 -11.92 -55.44
N ASN A 160 81.35 -11.20 -54.73
CA ASN A 160 80.97 -9.93 -54.11
C ASN A 160 81.60 -8.73 -54.81
N GLY A 161 82.22 -7.86 -54.02
CA GLY A 161 82.86 -6.66 -54.55
C GLY A 161 84.10 -6.98 -55.36
N ARG A 162 84.40 -6.13 -56.34
CA ARG A 162 85.55 -6.34 -57.20
C ARG A 162 86.60 -5.26 -56.99
N SER A 163 86.20 -4.00 -57.16
CA SER A 163 87.09 -2.88 -56.93
C SER A 163 87.11 -2.49 -55.45
N CYS A 164 87.70 -3.35 -54.63
CA CYS A 164 87.75 -3.10 -53.20
C CYS A 164 89.15 -2.73 -52.72
N PRO A 165 89.26 -1.59 -52.03
CA PRO A 165 90.54 -1.12 -51.46
C PRO A 165 90.95 -1.95 -50.25
N PRO A 166 92.26 -2.04 -49.99
CA PRO A 166 92.78 -2.79 -48.84
C PRO A 166 92.28 -2.24 -47.51
N CYS A 167 92.31 -3.08 -46.47
CA CYS A 167 91.90 -2.66 -45.14
C CYS A 167 92.90 -1.66 -44.57
N HIS A 168 92.51 -0.97 -43.50
CA HIS A 168 93.40 -0.03 -42.84
C HIS A 168 94.57 -0.78 -42.22
N GLU A 169 95.70 -0.09 -42.05
CA GLU A 169 96.91 -0.72 -41.51
C GLU A 169 96.69 -1.29 -40.11
N VAL A 170 95.71 -0.75 -39.40
CA VAL A 170 95.39 -1.22 -38.06
C VAL A 170 94.67 -2.57 -38.12
N CYS A 171 93.80 -2.74 -39.11
CA CYS A 171 92.98 -3.94 -39.24
C CYS A 171 93.81 -5.22 -39.46
N LYS A 172 95.06 -5.04 -39.87
CA LYS A 172 95.98 -6.16 -40.07
C LYS A 172 95.45 -7.20 -41.06
N GLY A 173 94.76 -6.73 -42.10
CA GLY A 173 94.30 -7.60 -43.17
C GLY A 173 92.81 -7.91 -43.12
N ARG A 174 92.28 -8.05 -41.92
CA ARG A 174 90.87 -8.41 -41.74
C ARG A 174 90.06 -7.23 -41.25
N CYS A 175 88.98 -6.92 -41.97
CA CYS A 175 88.16 -5.76 -41.64
C CYS A 175 86.72 -5.88 -42.15
N TRP A 176 85.90 -4.91 -41.79
CA TRP A 176 84.52 -4.83 -42.26
C TRP A 176 84.34 -3.66 -43.20
N GLY A 177 85.21 -2.66 -43.07
CA GLY A 177 85.16 -1.47 -43.90
C GLY A 177 86.52 -0.78 -43.95
N PRO A 178 86.63 0.27 -44.78
CA PRO A 178 87.87 1.03 -44.95
C PRO A 178 88.12 2.01 -43.81
N GLY A 179 88.10 1.52 -42.57
CA GLY A 179 88.29 2.38 -41.42
C GLY A 179 89.14 1.74 -40.34
N SER A 180 89.59 2.55 -39.39
CA SER A 180 90.42 2.07 -38.29
C SER A 180 89.57 1.43 -37.20
N GLU A 181 88.26 1.68 -37.27
CA GLU A 181 87.33 1.12 -36.29
C GLU A 181 86.41 0.10 -36.95
N ASP A 182 86.80 -0.38 -38.13
CA ASP A 182 86.00 -1.35 -38.87
C ASP A 182 86.75 -2.67 -39.03
N CYS A 183 87.59 -2.98 -38.06
CA CYS A 183 88.40 -4.20 -38.10
C CYS A 183 87.71 -5.36 -37.39
N GLN A 184 87.90 -6.57 -37.92
CA GLN A 184 87.37 -7.76 -37.28
C GLN A 184 88.22 -8.15 -36.07
N THR A 185 87.57 -8.26 -34.91
CA THR A 185 88.28 -8.65 -33.69
C THR A 185 88.25 -10.17 -33.50
N LEU A 186 89.42 -10.79 -33.59
CA LEU A 186 89.55 -12.24 -33.44
C LEU A 186 89.61 -12.62 -31.97
N THR A 187 88.91 -13.70 -31.60
CA THR A 187 88.82 -14.12 -30.21
C THR A 187 89.08 -15.62 -30.01
N LYS A 188 88.49 -16.43 -30.88
CA LYS A 188 88.56 -17.89 -30.76
C LYS A 188 90.01 -18.41 -30.83
N THR A 189 90.33 -19.34 -29.94
CA THR A 189 91.65 -19.95 -29.90
C THR A 189 91.59 -21.36 -29.31
N ILE A 190 92.26 -22.31 -29.96
CA ILE A 190 92.28 -23.69 -29.49
C ILE A 190 92.94 -23.79 -28.13
N CYS A 191 92.17 -24.25 -27.14
CA CYS A 191 92.65 -24.30 -25.77
C CYS A 191 92.75 -25.72 -25.22
N ALA A 192 93.05 -25.83 -23.93
CA ALA A 192 93.21 -27.11 -23.26
C ALA A 192 91.90 -27.89 -23.23
N PRO A 193 92.00 -29.23 -23.11
CA PRO A 193 90.80 -30.08 -22.99
C PRO A 193 90.01 -29.81 -21.70
N GLN A 194 90.62 -29.08 -20.77
CA GLN A 194 89.94 -28.69 -19.54
C GLN A 194 88.80 -27.73 -19.85
N CYS A 195 88.98 -26.92 -20.90
CA CYS A 195 87.94 -26.02 -21.37
C CYS A 195 87.54 -26.39 -22.80
N ASN A 196 86.46 -27.15 -22.92
CA ASN A 196 86.01 -27.64 -24.22
C ASN A 196 85.40 -26.54 -25.10
N GLY A 197 86.26 -25.82 -25.81
CA GLY A 197 85.83 -24.79 -26.73
C GLY A 197 85.65 -23.43 -26.09
N HIS A 198 85.02 -23.41 -24.92
CA HIS A 198 84.76 -22.16 -24.21
C HIS A 198 85.99 -21.70 -23.44
N CYS A 199 86.77 -20.81 -24.06
CA CYS A 199 87.98 -20.30 -23.44
C CYS A 199 88.38 -18.92 -23.99
N PHE A 200 89.28 -18.25 -23.28
CA PHE A 200 89.74 -16.93 -23.69
C PHE A 200 91.24 -16.94 -23.96
N GLY A 201 91.79 -18.12 -24.17
CA GLY A 201 93.21 -18.28 -24.44
C GLY A 201 93.65 -19.73 -24.41
N PRO A 202 94.90 -19.99 -24.82
CA PRO A 202 95.45 -21.36 -24.88
C PRO A 202 95.71 -21.94 -23.49
N ASN A 203 95.96 -21.07 -22.51
CA ASN A 203 96.21 -21.51 -21.15
C ASN A 203 94.96 -22.05 -20.47
N PRO A 204 95.12 -23.14 -19.70
CA PRO A 204 93.99 -23.75 -18.98
C PRO A 204 93.43 -22.86 -17.89
N ASN A 205 94.25 -21.93 -17.41
CA ASN A 205 93.82 -20.98 -16.39
C ASN A 205 93.30 -19.68 -17.01
N GLN A 206 92.58 -19.81 -18.12
CA GLN A 206 92.05 -18.65 -18.83
C GLN A 206 90.77 -18.99 -19.58
N CYS A 207 90.16 -20.12 -19.25
CA CYS A 207 88.92 -20.54 -19.90
C CYS A 207 87.72 -19.78 -19.33
N CYS A 208 86.56 -19.97 -19.96
CA CYS A 208 85.35 -19.23 -19.60
C CYS A 208 84.60 -19.85 -18.44
N HIS A 209 83.41 -19.33 -18.17
CA HIS A 209 82.56 -19.82 -17.10
C HIS A 209 81.62 -20.90 -17.65
N ASP A 210 80.99 -21.66 -16.76
CA ASP A 210 80.09 -22.74 -17.15
C ASP A 210 78.81 -22.20 -17.77
N GLU A 211 78.51 -20.93 -17.52
CA GLU A 211 77.30 -20.31 -18.05
C GLU A 211 77.60 -19.47 -19.30
N CYS A 212 78.65 -19.83 -20.01
CA CYS A 212 79.01 -19.14 -21.25
C CYS A 212 78.60 -19.97 -22.46
N ALA A 213 77.87 -19.34 -23.37
CA ALA A 213 77.36 -20.02 -24.55
C ALA A 213 78.48 -20.30 -25.55
N GLY A 214 79.47 -19.42 -25.59
CA GLY A 214 80.60 -19.58 -26.50
C GLY A 214 81.91 -19.17 -25.84
N GLY A 215 82.66 -18.30 -26.50
CA GLY A 215 83.91 -17.80 -25.97
C GLY A 215 83.68 -16.73 -24.93
N CYS A 216 84.76 -16.10 -24.47
CA CYS A 216 84.66 -15.07 -23.45
C CYS A 216 85.82 -14.09 -23.50
N SER A 217 85.90 -13.22 -22.50
CA SER A 217 86.98 -12.26 -22.41
C SER A 217 87.84 -12.53 -21.17
N GLY A 218 87.19 -12.98 -20.10
CA GLY A 218 87.88 -13.28 -18.85
C GLY A 218 87.29 -14.50 -18.16
N PRO A 219 87.89 -14.90 -17.03
CA PRO A 219 87.44 -16.07 -16.27
C PRO A 219 86.21 -15.77 -15.43
N GLN A 220 85.87 -14.50 -15.27
CA GLN A 220 84.75 -14.10 -14.44
C GLN A 220 83.42 -14.33 -15.14
N ASP A 221 82.33 -14.26 -14.38
CA ASP A 221 80.99 -14.46 -14.92
C ASP A 221 80.47 -13.20 -15.59
N THR A 222 81.20 -12.09 -15.43
CA THR A 222 80.80 -10.82 -16.01
C THR A 222 81.65 -10.49 -17.24
N ASP A 223 82.31 -11.51 -17.79
CA ASP A 223 83.18 -11.32 -18.94
C ASP A 223 82.90 -12.35 -20.03
N CYS A 224 81.64 -12.45 -20.44
CA CYS A 224 81.25 -13.38 -21.49
C CYS A 224 80.65 -12.64 -22.69
N PHE A 225 80.69 -13.28 -23.85
CA PHE A 225 80.13 -12.70 -25.07
C PHE A 225 78.61 -12.86 -25.09
N ALA A 226 78.15 -14.09 -24.91
CA ALA A 226 76.72 -14.38 -24.87
C ALA A 226 76.38 -15.24 -23.68
N CYS A 227 75.15 -15.10 -23.18
CA CYS A 227 74.70 -15.88 -22.03
C CYS A 227 74.06 -17.20 -22.46
N ARG A 228 74.31 -18.24 -21.68
CA ARG A 228 73.77 -19.57 -21.98
C ARG A 228 72.35 -19.69 -21.45
N HIS A 229 72.03 -18.88 -20.44
CA HIS A 229 70.71 -18.90 -19.82
C HIS A 229 70.15 -17.49 -19.67
N PHE A 230 70.42 -16.86 -18.52
CA PHE A 230 69.90 -15.53 -18.22
C PHE A 230 71.02 -14.53 -18.00
N ASN A 231 70.65 -13.33 -17.58
CA ASN A 231 71.61 -12.27 -17.29
C ASN A 231 71.07 -11.27 -16.28
N ASP A 232 71.70 -11.22 -15.11
CA ASP A 232 71.28 -10.31 -14.04
C ASP A 232 71.48 -8.85 -14.44
N SER A 233 72.73 -8.50 -14.75
CA SER A 233 73.07 -7.15 -15.19
C SER A 233 74.40 -7.16 -15.91
N GLY A 234 74.68 -8.27 -16.59
CA GLY A 234 75.96 -8.46 -17.26
C GLY A 234 76.63 -9.72 -16.75
N ALA A 235 76.06 -10.29 -15.69
CA ALA A 235 76.57 -11.52 -15.11
C ALA A 235 75.62 -12.69 -15.41
N CYS A 236 76.08 -13.60 -16.26
CA CYS A 236 75.25 -14.73 -16.68
C CYS A 236 75.08 -15.77 -15.57
N VAL A 237 73.85 -15.91 -15.09
CA VAL A 237 73.52 -16.90 -14.07
C VAL A 237 72.46 -17.86 -14.59
N PRO A 238 72.54 -19.14 -14.18
CA PRO A 238 71.58 -20.16 -14.65
C PRO A 238 70.17 -19.91 -14.12
N ARG A 239 70.06 -19.14 -13.04
CA ARG A 239 68.76 -18.82 -12.46
C ARG A 239 68.76 -17.41 -11.89
N CYS A 240 67.74 -16.64 -12.25
CA CYS A 240 67.57 -15.29 -11.72
C CYS A 240 67.37 -15.34 -10.21
N PRO A 241 67.73 -14.25 -9.51
CA PRO A 241 67.58 -14.14 -8.06
C PRO A 241 66.22 -14.62 -7.57
N GLN A 242 66.21 -15.75 -6.85
CA GLN A 242 64.98 -16.38 -6.39
C GLN A 242 64.13 -15.45 -5.54
N PRO A 243 62.81 -15.46 -5.76
CA PRO A 243 61.87 -14.62 -5.00
C PRO A 243 61.81 -15.02 -3.53
N LEU A 244 62.05 -16.29 -3.24
CA LEU A 244 62.05 -16.77 -1.87
C LEU A 244 63.42 -17.31 -1.47
N VAL A 245 64.16 -16.53 -0.70
CA VAL A 245 65.49 -16.90 -0.26
C VAL A 245 65.51 -17.23 1.24
N TYR A 246 66.62 -17.80 1.70
CA TYR A 246 66.76 -18.16 3.11
C TYR A 246 67.26 -16.97 3.94
N ASN A 247 66.55 -16.68 5.01
CA ASN A 247 66.96 -15.60 5.91
C ASN A 247 67.71 -16.13 7.12
N LYS A 248 68.85 -15.52 7.43
CA LYS A 248 69.68 -15.94 8.55
C LYS A 248 69.01 -15.63 9.88
N LEU A 249 68.14 -14.63 9.88
CA LEU A 249 67.40 -14.25 11.08
C LEU A 249 66.44 -15.36 11.49
N THR A 250 65.26 -15.35 10.89
CA THR A 250 64.28 -16.41 11.12
C THR A 250 64.65 -17.64 10.31
N PHE A 251 64.94 -18.74 10.99
CA PHE A 251 65.37 -19.97 10.33
C PHE A 251 64.28 -20.54 9.41
N GLN A 252 64.03 -19.87 8.30
CA GLN A 252 63.02 -20.29 7.34
C GLN A 252 63.23 -19.62 5.98
N LEU A 253 62.14 -19.26 5.33
CA LEU A 253 62.20 -18.59 4.04
C LEU A 253 61.62 -17.19 4.12
N GLU A 254 62.08 -16.31 3.23
CA GLU A 254 61.64 -14.92 3.22
C GLU A 254 61.83 -14.30 1.83
N PRO A 255 61.01 -13.30 1.49
CA PRO A 255 61.14 -12.61 0.20
C PRO A 255 62.50 -11.94 0.02
N ASN A 256 63.15 -12.20 -1.11
CA ASN A 256 64.49 -11.68 -1.38
C ASN A 256 64.47 -10.21 -1.80
N PRO A 257 65.55 -9.47 -1.50
CA PRO A 257 65.68 -8.05 -1.89
C PRO A 257 65.67 -7.87 -3.40
N HIS A 258 66.54 -8.61 -4.10
CA HIS A 258 66.59 -8.54 -5.55
C HIS A 258 65.33 -9.14 -6.16
N THR A 259 65.20 -10.46 -6.03
CA THR A 259 64.02 -11.20 -6.51
C THR A 259 63.71 -10.92 -7.97
N LYS A 260 64.75 -10.94 -8.80
CA LYS A 260 64.58 -10.69 -10.24
C LYS A 260 63.83 -11.84 -10.89
N TYR A 261 62.85 -11.50 -11.73
CA TYR A 261 62.03 -12.50 -12.40
C TYR A 261 62.52 -12.74 -13.83
N GLN A 262 62.22 -13.92 -14.35
CA GLN A 262 62.66 -14.30 -15.69
C GLN A 262 61.76 -13.72 -16.78
N TYR A 263 62.31 -12.82 -17.58
CA TYR A 263 61.56 -12.22 -18.67
C TYR A 263 62.02 -12.77 -20.01
N GLY A 264 62.38 -14.05 -20.03
CA GLY A 264 62.87 -14.69 -21.23
C GLY A 264 64.37 -14.91 -21.21
N GLY A 265 65.12 -13.81 -21.27
CA GLY A 265 66.56 -13.87 -21.24
C GLY A 265 67.16 -12.79 -20.37
N VAL A 266 66.32 -11.87 -19.92
CA VAL A 266 66.77 -10.77 -19.08
C VAL A 266 66.07 -10.79 -17.72
N CYS A 267 66.85 -10.71 -16.65
CA CYS A 267 66.31 -10.70 -15.30
C CYS A 267 65.83 -9.32 -14.91
N VAL A 268 64.56 -9.21 -14.53
CA VAL A 268 63.99 -7.94 -14.12
C VAL A 268 63.37 -8.03 -12.73
N ALA A 269 63.53 -6.96 -11.96
CA ALA A 269 62.97 -6.90 -10.60
C ALA A 269 61.47 -6.69 -10.65
N SER A 270 61.01 -5.93 -11.65
CA SER A 270 59.59 -5.69 -11.84
C SER A 270 59.10 -6.29 -13.16
N CYS A 271 57.97 -6.99 -13.10
CA CYS A 271 57.39 -7.60 -14.29
C CYS A 271 56.93 -6.54 -15.29
N PRO A 272 57.03 -6.82 -16.59
CA PRO A 272 56.66 -5.89 -17.66
C PRO A 272 55.18 -5.49 -17.63
N HIS A 273 54.77 -4.65 -18.60
CA HIS A 273 53.39 -4.20 -18.69
C HIS A 273 52.43 -5.37 -18.88
N ASN A 274 51.35 -5.37 -18.10
CA ASN A 274 50.30 -6.39 -18.15
C ASN A 274 50.76 -7.80 -17.74
N PHE A 275 52.03 -8.11 -17.93
CA PHE A 275 52.59 -9.41 -17.58
C PHE A 275 52.43 -9.71 -16.09
N VAL A 276 52.01 -10.94 -15.79
CA VAL A 276 51.81 -11.35 -14.41
C VAL A 276 52.98 -12.21 -13.94
N VAL A 277 53.29 -12.11 -12.65
CA VAL A 277 54.40 -12.86 -12.07
C VAL A 277 54.00 -14.31 -11.79
N ASP A 278 54.61 -15.25 -12.50
CA ASP A 278 54.36 -16.66 -12.28
C ASP A 278 55.50 -17.27 -11.45
N GLN A 279 55.45 -17.04 -10.15
CA GLN A 279 56.46 -17.54 -9.22
C GLN A 279 57.87 -17.10 -9.59
N THR A 280 58.45 -17.74 -10.60
CA THR A 280 59.83 -17.46 -10.97
C THR A 280 59.95 -16.87 -12.37
N SER A 281 58.83 -16.77 -13.09
CA SER A 281 58.84 -16.28 -14.46
C SER A 281 57.79 -15.21 -14.71
N CYS A 282 58.06 -14.31 -15.65
CA CYS A 282 57.10 -13.29 -16.05
C CYS A 282 56.33 -13.75 -17.28
N VAL A 283 55.29 -14.55 -17.07
CA VAL A 283 54.49 -15.09 -18.16
C VAL A 283 53.38 -14.12 -18.53
N ARG A 284 52.92 -14.20 -19.78
CA ARG A 284 51.89 -13.29 -20.27
C ARG A 284 50.54 -13.51 -19.57
N ALA A 285 50.25 -14.77 -19.26
CA ALA A 285 48.98 -15.11 -18.61
C ALA A 285 49.15 -16.27 -17.64
N CYS A 286 48.38 -16.25 -16.55
CA CYS A 286 48.46 -17.26 -15.51
C CYS A 286 48.07 -18.66 -16.00
N PRO A 287 48.72 -19.70 -15.43
CA PRO A 287 48.47 -21.11 -15.76
C PRO A 287 47.00 -21.53 -15.58
N PRO A 288 46.60 -22.65 -16.20
CA PRO A 288 45.22 -23.12 -16.03
C PRO A 288 44.93 -23.64 -14.63
N ASP A 289 45.98 -23.93 -13.88
CA ASP A 289 45.84 -24.50 -12.54
C ASP A 289 46.17 -23.47 -11.47
N LYS A 290 46.35 -22.22 -11.90
CA LYS A 290 46.67 -21.13 -10.99
C LYS A 290 45.79 -19.90 -11.26
N MET A 291 45.66 -19.04 -10.26
CA MET A 291 44.87 -17.82 -10.38
C MET A 291 45.74 -16.59 -10.20
N GLU A 292 45.28 -15.46 -10.72
CA GLU A 292 46.04 -14.22 -10.64
C GLU A 292 45.76 -13.45 -9.35
N VAL A 293 46.45 -13.83 -8.28
CA VAL A 293 46.32 -13.16 -6.99
C VAL A 293 47.15 -11.88 -6.98
N ASP A 294 46.79 -10.96 -6.09
CA ASP A 294 47.52 -9.69 -5.98
C ASP A 294 47.70 -9.28 -4.53
N LYS A 295 48.70 -9.87 -3.88
CA LYS A 295 48.97 -9.59 -2.47
C LYS A 295 49.83 -8.33 -2.31
N ASN A 296 51.14 -8.50 -2.39
CA ASN A 296 52.08 -7.39 -2.19
C ASN A 296 52.17 -6.48 -3.40
N GLY A 297 51.03 -5.92 -3.80
CA GLY A 297 51.00 -4.96 -4.90
C GLY A 297 50.86 -5.61 -6.27
N LEU A 298 51.96 -6.18 -6.75
CA LEU A 298 52.01 -6.78 -8.08
C LEU A 298 51.13 -8.02 -8.20
N LYS A 299 50.69 -8.32 -9.42
CA LYS A 299 49.86 -9.49 -9.67
C LYS A 299 50.71 -10.76 -9.74
N MET A 300 50.36 -11.73 -8.90
CA MET A 300 51.11 -12.99 -8.82
C MET A 300 50.22 -14.20 -9.10
N CYS A 301 50.78 -15.19 -9.78
CA CYS A 301 50.03 -16.41 -10.10
C CYS A 301 50.13 -17.43 -8.98
N GLU A 302 49.13 -17.43 -8.10
CA GLU A 302 49.08 -18.37 -6.98
C GLU A 302 48.21 -19.57 -7.35
N PRO A 303 48.54 -20.75 -6.78
CA PRO A 303 47.77 -21.97 -7.05
C PRO A 303 46.31 -21.85 -6.60
N CYS A 304 45.40 -22.40 -7.40
CA CYS A 304 43.97 -22.29 -7.12
C CYS A 304 43.59 -23.08 -5.86
N GLY A 305 44.24 -24.21 -5.64
CA GLY A 305 43.93 -25.06 -4.51
C GLY A 305 42.56 -25.69 -4.67
N GLY A 306 42.43 -26.52 -5.71
CA GLY A 306 41.16 -27.15 -6.02
C GLY A 306 40.66 -26.78 -7.40
N LEU A 307 39.66 -25.91 -7.45
CA LEU A 307 39.12 -25.45 -8.72
C LEU A 307 39.21 -23.93 -8.84
N CYS A 308 39.71 -23.46 -9.98
CA CYS A 308 39.84 -22.04 -10.23
C CYS A 308 38.48 -21.36 -10.35
N PRO A 309 38.38 -20.10 -9.89
CA PRO A 309 37.11 -19.36 -9.97
C PRO A 309 36.72 -19.06 -11.41
N LYS A 310 35.45 -19.22 -11.72
CA LYS A 310 34.97 -19.03 -13.09
C LYS A 310 33.54 -18.49 -13.12
N ALA A 311 33.37 -17.34 -13.77
CA ALA A 311 32.04 -16.75 -13.93
C ALA A 311 31.36 -17.32 -15.16
N CYS A 312 30.03 -17.44 -15.09
CA CYS A 312 29.26 -17.99 -16.20
C CYS A 312 27.96 -17.22 -16.43
N GLU A 313 27.45 -17.30 -17.65
CA GLU A 313 26.15 -16.72 -17.99
C GLU A 313 25.03 -17.55 -17.38
N GLY A 314 24.02 -16.88 -16.85
CA GLY A 314 22.92 -17.56 -16.18
C GLY A 314 21.61 -17.52 -16.95
N THR A 315 20.51 -17.57 -16.21
CA THR A 315 19.18 -17.51 -16.82
C THR A 315 18.36 -16.39 -16.21
N GLY A 316 17.29 -16.01 -16.90
CA GLY A 316 16.39 -14.98 -16.41
C GLY A 316 16.39 -13.71 -17.25
N SER A 317 15.88 -12.63 -16.67
CA SER A 317 15.82 -11.35 -17.36
C SER A 317 17.20 -10.82 -17.69
N GLY A 318 17.55 -10.86 -18.98
CA GLY A 318 18.82 -10.37 -19.43
C GLY A 318 19.68 -11.48 -20.02
N SER A 319 19.24 -12.71 -19.82
CA SER A 319 19.96 -13.87 -20.34
C SER A 319 19.43 -14.25 -21.72
N ARG A 320 19.69 -15.49 -22.11
CA ARG A 320 19.21 -16.00 -23.39
C ARG A 320 18.00 -16.90 -23.18
N PHE A 321 17.84 -17.39 -21.96
CA PHE A 321 16.82 -18.40 -21.69
C PHE A 321 15.87 -18.01 -20.57
N GLN A 322 14.71 -18.67 -20.55
CA GLN A 322 13.71 -18.46 -19.51
C GLN A 322 14.03 -19.39 -18.33
N THR A 323 14.74 -20.47 -18.62
CA THR A 323 15.11 -21.46 -17.60
C THR A 323 16.33 -22.24 -18.05
N VAL A 324 16.89 -23.04 -17.15
CA VAL A 324 17.95 -23.98 -17.52
C VAL A 324 17.29 -25.24 -18.04
N ASP A 325 17.97 -25.95 -18.93
CA ASP A 325 17.41 -27.15 -19.54
C ASP A 325 18.48 -28.07 -20.10
N SER A 326 18.10 -28.87 -21.08
CA SER A 326 19.00 -29.84 -21.68
C SER A 326 20.09 -29.16 -22.50
N SER A 327 19.84 -27.91 -22.90
CA SER A 327 20.76 -27.18 -23.75
C SER A 327 21.61 -26.17 -22.99
N ASN A 328 21.30 -25.99 -21.71
CA ASN A 328 22.03 -25.03 -20.88
C ASN A 328 22.87 -25.70 -19.80
N ILE A 329 22.49 -26.92 -19.44
CA ILE A 329 23.09 -27.62 -18.32
C ILE A 329 24.58 -27.92 -18.53
N ASP A 330 25.00 -27.97 -19.79
CA ASP A 330 26.37 -28.34 -20.11
C ASP A 330 27.32 -27.15 -20.04
N GLY A 331 26.76 -25.95 -19.99
CA GLY A 331 27.55 -24.73 -19.98
C GLY A 331 27.82 -24.19 -18.60
N PHE A 332 27.67 -25.05 -17.59
CA PHE A 332 27.87 -24.65 -16.21
C PHE A 332 29.02 -25.41 -15.56
N VAL A 333 29.79 -26.13 -16.38
CA VAL A 333 30.89 -26.95 -15.89
C VAL A 333 32.02 -26.09 -15.32
N ASN A 334 32.48 -26.47 -14.13
CA ASN A 334 33.57 -25.77 -13.44
C ASN A 334 33.27 -24.31 -13.17
N CYS A 335 31.99 -23.96 -13.13
CA CYS A 335 31.56 -22.59 -12.91
C CYS A 335 31.35 -22.32 -11.41
N THR A 336 32.03 -21.30 -10.90
CA THR A 336 31.97 -21.00 -9.47
C THR A 336 31.11 -19.77 -9.18
N LYS A 337 31.05 -18.84 -10.14
CA LYS A 337 30.30 -17.61 -9.96
C LYS A 337 29.23 -17.46 -11.05
N ILE A 338 28.06 -16.98 -10.65
CA ILE A 338 26.97 -16.77 -11.59
C ILE A 338 26.70 -15.28 -11.78
N LEU A 339 27.23 -14.72 -12.86
CA LEU A 339 26.94 -13.34 -13.22
C LEU A 339 25.53 -13.28 -13.79
N GLY A 340 24.54 -13.39 -12.91
CA GLY A 340 23.15 -13.44 -13.31
C GLY A 340 22.33 -14.27 -12.34
N ASN A 341 21.39 -15.04 -12.86
CA ASN A 341 20.52 -15.85 -12.01
C ASN A 341 20.45 -17.30 -12.47
N LEU A 342 19.63 -18.09 -11.78
CA LEU A 342 19.41 -19.48 -12.14
C LEU A 342 17.93 -19.86 -12.00
N ASP A 343 17.22 -19.86 -13.12
CA ASP A 343 15.80 -20.19 -13.12
C ASP A 343 15.56 -21.67 -13.39
N PHE A 344 14.81 -22.31 -12.49
CA PHE A 344 14.46 -23.72 -12.67
C PHE A 344 12.96 -23.87 -12.84
N LEU A 345 12.51 -23.95 -14.10
CA LEU A 345 11.10 -24.06 -14.40
C LEU A 345 10.72 -25.49 -14.79
N ILE A 346 9.44 -25.81 -14.73
CA ILE A 346 8.95 -27.13 -15.11
C ILE A 346 9.22 -27.40 -16.58
N THR A 347 9.19 -26.34 -17.38
CA THR A 347 9.50 -26.43 -18.81
C THR A 347 10.91 -26.96 -19.04
N GLY A 348 11.85 -26.51 -18.22
CA GLY A 348 13.23 -26.94 -18.34
C GLY A 348 13.42 -28.38 -17.89
N LEU A 349 12.72 -28.77 -16.84
CA LEU A 349 12.81 -30.13 -16.32
C LEU A 349 12.04 -31.13 -17.18
N ASN A 350 10.71 -30.98 -17.19
CA ASN A 350 9.83 -31.89 -17.92
C ASN A 350 10.13 -31.95 -19.42
N GLY A 351 10.35 -30.80 -20.03
CA GLY A 351 10.67 -30.74 -21.44
C GLY A 351 9.93 -29.64 -22.18
N ASP A 352 10.34 -29.40 -23.42
CA ASP A 352 9.76 -28.34 -24.25
C ASP A 352 8.37 -28.75 -24.76
N PRO A 353 7.41 -27.81 -24.69
CA PRO A 353 6.03 -28.03 -25.14
C PRO A 353 5.90 -28.38 -26.62
N TRP A 354 6.90 -28.03 -27.42
CA TRP A 354 6.88 -28.34 -28.85
C TRP A 354 7.83 -29.48 -29.20
N HIS A 355 8.24 -30.23 -28.19
CA HIS A 355 9.14 -31.37 -28.35
C HIS A 355 10.44 -30.98 -29.06
N LYS A 356 10.87 -29.73 -28.88
CA LYS A 356 12.10 -29.24 -29.47
C LYS A 356 13.31 -29.67 -28.65
N ILE A 357 13.21 -29.51 -27.35
CA ILE A 357 14.29 -29.85 -26.43
C ILE A 357 13.85 -30.91 -25.44
N PRO A 358 14.60 -32.01 -25.36
CA PRO A 358 14.27 -33.14 -24.48
C PRO A 358 14.35 -32.78 -23.01
N ALA A 359 13.87 -33.68 -22.15
CA ALA A 359 13.86 -33.46 -20.71
C ALA A 359 15.28 -33.41 -20.15
N LEU A 360 15.42 -32.75 -19.00
CA LEU A 360 16.73 -32.62 -18.37
C LEU A 360 17.07 -33.82 -17.51
N ASP A 361 18.22 -34.43 -17.79
CA ASP A 361 18.71 -35.54 -16.97
C ASP A 361 19.10 -35.03 -15.59
N PRO A 362 18.42 -35.53 -14.55
CA PRO A 362 18.63 -35.09 -13.16
C PRO A 362 20.08 -35.24 -12.69
N GLU A 363 20.81 -36.19 -13.27
CA GLU A 363 22.20 -36.42 -12.91
C GLU A 363 23.08 -35.25 -13.33
N LYS A 364 22.66 -34.55 -14.39
CA LYS A 364 23.41 -33.42 -14.90
C LYS A 364 23.28 -32.19 -14.01
N LEU A 365 22.35 -32.24 -13.06
CA LEU A 365 22.16 -31.14 -12.12
C LEU A 365 23.36 -30.99 -11.20
N ASN A 366 24.17 -32.03 -11.09
CA ASN A 366 25.35 -32.02 -10.23
C ASN A 366 26.44 -31.08 -10.74
N VAL A 367 26.14 -30.38 -11.82
CA VAL A 367 27.08 -29.44 -12.42
C VAL A 367 27.19 -28.16 -11.59
N PHE A 368 26.18 -27.90 -10.75
CA PHE A 368 26.16 -26.69 -9.94
C PHE A 368 26.88 -26.88 -8.61
N ARG A 369 27.53 -28.03 -8.42
CA ARG A 369 28.24 -28.30 -7.17
C ARG A 369 29.51 -27.46 -7.04
N THR A 370 29.90 -26.82 -8.14
CA THR A 370 31.06 -25.94 -8.14
C THR A 370 30.66 -24.49 -7.90
N VAL A 371 29.37 -24.21 -8.09
CA VAL A 371 28.85 -22.85 -7.93
C VAL A 371 28.92 -22.40 -6.47
N ARG A 372 29.66 -21.33 -6.22
CA ARG A 372 29.83 -20.81 -4.88
C ARG A 372 29.04 -19.53 -4.65
N GLU A 373 28.86 -18.74 -5.70
CA GLU A 373 28.19 -17.45 -5.59
C GLU A 373 27.24 -17.16 -6.74
N ILE A 374 26.07 -16.63 -6.41
CA ILE A 374 25.12 -16.16 -7.42
C ILE A 374 24.84 -14.67 -7.21
N THR A 375 25.16 -13.86 -8.21
CA THR A 375 25.01 -12.41 -8.10
C THR A 375 23.55 -11.98 -8.06
N GLY A 376 22.71 -12.70 -8.79
CA GLY A 376 21.30 -12.37 -8.86
C GLY A 376 20.45 -13.19 -7.91
N TYR A 377 19.44 -13.86 -8.45
CA TYR A 377 18.53 -14.66 -7.64
C TYR A 377 18.61 -16.14 -7.95
N LEU A 378 18.01 -16.95 -7.08
CA LEU A 378 17.86 -18.38 -7.34
C LEU A 378 16.38 -18.73 -7.36
N ASN A 379 15.90 -19.21 -8.49
CA ASN A 379 14.48 -19.52 -8.66
C ASN A 379 14.26 -21.00 -8.94
N ILE A 380 13.82 -21.74 -7.93
CA ILE A 380 13.56 -23.17 -8.08
C ILE A 380 12.07 -23.46 -8.01
N GLN A 381 11.43 -23.54 -9.18
CA GLN A 381 10.01 -23.82 -9.26
C GLN A 381 9.76 -25.27 -9.66
N SER A 382 10.83 -25.96 -10.03
CA SER A 382 10.74 -27.37 -10.40
C SER A 382 12.00 -28.12 -10.00
N TRP A 383 11.84 -29.38 -9.66
CA TRP A 383 12.95 -30.20 -9.20
C TRP A 383 12.62 -31.69 -9.36
N PRO A 384 13.61 -32.50 -9.77
CA PRO A 384 13.43 -33.95 -9.96
C PRO A 384 12.82 -34.62 -8.73
N PRO A 385 11.77 -35.43 -8.95
CA PRO A 385 10.98 -36.05 -7.88
C PRO A 385 11.79 -36.95 -6.94
N HIS A 386 12.83 -37.59 -7.47
CA HIS A 386 13.64 -38.49 -6.65
C HIS A 386 14.78 -37.76 -5.96
N MET A 387 14.88 -36.45 -6.20
CA MET A 387 15.85 -35.61 -5.52
C MET A 387 15.14 -34.77 -4.46
N HIS A 388 15.23 -35.23 -3.20
CA HIS A 388 14.44 -34.65 -2.12
C HIS A 388 15.03 -33.37 -1.54
N ASN A 389 16.08 -32.85 -2.16
CA ASN A 389 16.72 -31.63 -1.67
C ASN A 389 17.58 -30.96 -2.73
N PHE A 390 18.21 -29.85 -2.35
CA PHE A 390 19.08 -29.12 -3.27
C PHE A 390 20.54 -29.26 -2.89
N SER A 391 20.93 -30.49 -2.54
CA SER A 391 22.31 -30.77 -2.13
C SER A 391 23.29 -30.58 -3.28
N VAL A 392 22.74 -30.32 -4.47
CA VAL A 392 23.54 -29.92 -5.61
C VAL A 392 24.21 -28.58 -5.31
N PHE A 393 23.49 -27.70 -4.62
CA PHE A 393 24.02 -26.40 -4.24
C PHE A 393 24.62 -26.42 -2.84
N SER A 394 25.24 -27.53 -2.49
CA SER A 394 25.81 -27.71 -1.15
C SER A 394 27.10 -26.89 -0.96
N ASN A 395 27.63 -26.35 -2.06
CA ASN A 395 28.81 -25.50 -1.98
C ASN A 395 28.46 -24.04 -2.23
N LEU A 396 27.18 -23.77 -2.47
CA LEU A 396 26.70 -22.40 -2.68
C LEU A 396 26.86 -21.58 -1.41
N THR A 397 27.66 -20.51 -1.50
CA THR A 397 28.00 -19.72 -0.33
C THR A 397 27.20 -18.42 -0.25
N THR A 398 27.19 -17.67 -1.36
CA THR A 398 26.63 -16.32 -1.34
C THR A 398 25.56 -16.10 -2.40
N ILE A 399 24.46 -15.48 -2.00
CA ILE A 399 23.46 -15.00 -2.94
C ILE A 399 23.39 -13.47 -2.84
N GLY A 400 23.82 -12.81 -3.90
CA GLY A 400 23.89 -11.35 -3.91
C GLY A 400 22.55 -10.67 -3.93
N GLY A 401 21.69 -11.07 -4.84
CA GLY A 401 20.38 -10.44 -4.99
C GLY A 401 20.50 -9.08 -5.66
N ARG A 402 21.56 -8.90 -6.44
CA ARG A 402 21.72 -7.69 -7.22
C ARG A 402 20.77 -7.70 -8.41
N SER A 403 20.17 -8.87 -8.64
CA SER A 403 19.11 -9.04 -9.63
C SER A 403 17.98 -9.83 -9.00
N LEU A 404 16.81 -9.23 -8.89
CA LEU A 404 15.69 -9.84 -8.18
C LEU A 404 14.66 -10.47 -9.11
N TYR A 405 13.92 -11.44 -8.59
CA TYR A 405 12.89 -12.14 -9.36
C TYR A 405 11.49 -11.80 -8.85
N ASN A 406 10.53 -11.83 -9.77
CA ASN A 406 9.13 -11.55 -9.45
C ASN A 406 8.95 -10.22 -8.74
N ARG A 407 8.57 -10.27 -7.47
CA ARG A 407 8.32 -9.05 -6.71
C ARG A 407 9.42 -8.82 -5.68
N GLY A 408 10.67 -8.81 -6.15
CA GLY A 408 11.81 -8.49 -5.31
C GLY A 408 12.36 -9.65 -4.52
N PHE A 409 12.38 -10.83 -5.13
CA PHE A 409 12.84 -12.03 -4.46
C PHE A 409 14.26 -12.42 -4.87
N SER A 410 15.05 -12.87 -3.90
CA SER A 410 16.40 -13.37 -4.17
C SER A 410 16.42 -14.89 -4.17
N LEU A 411 15.42 -15.48 -3.50
CA LEU A 411 15.33 -16.92 -3.40
C LEU A 411 13.86 -17.34 -3.42
N LEU A 412 13.45 -18.02 -4.47
CA LEU A 412 12.06 -18.42 -4.62
C LEU A 412 11.93 -19.92 -4.85
N ILE A 413 11.50 -20.63 -3.83
CA ILE A 413 11.26 -22.06 -3.91
C ILE A 413 9.77 -22.34 -3.75
N MET A 414 9.12 -22.66 -4.86
CA MET A 414 7.65 -22.73 -4.88
C MET A 414 7.12 -24.02 -5.49
N LYS A 415 6.13 -24.61 -4.82
CA LYS A 415 5.42 -25.80 -5.29
C LYS A 415 6.35 -26.97 -5.61
N ASN A 416 7.26 -27.27 -4.69
CA ASN A 416 8.12 -28.43 -4.83
C ASN A 416 7.71 -29.51 -3.84
N LEU A 417 6.80 -30.38 -4.27
CA LEU A 417 6.18 -31.36 -3.38
C LEU A 417 7.06 -32.58 -3.11
N ASN A 418 8.34 -32.47 -3.49
CA ASN A 418 9.28 -33.57 -3.30
C ASN A 418 10.43 -33.19 -2.38
N VAL A 419 10.68 -31.90 -2.25
CA VAL A 419 11.79 -31.41 -1.44
C VAL A 419 11.50 -31.56 0.05
N THR A 420 12.31 -32.38 0.72
CA THR A 420 12.15 -32.62 2.15
C THR A 420 12.94 -31.61 2.98
N SER A 421 14.15 -31.30 2.53
CA SER A 421 14.98 -30.30 3.18
C SER A 421 15.64 -29.42 2.14
N LEU A 422 16.08 -28.23 2.55
CA LEU A 422 16.73 -27.31 1.61
C LEU A 422 18.08 -27.85 1.14
N GLY A 423 19.02 -27.95 2.07
CA GLY A 423 20.32 -28.51 1.76
C GLY A 423 21.36 -27.49 1.33
N PHE A 424 21.15 -26.23 1.72
CA PHE A 424 22.13 -25.19 1.45
C PHE A 424 23.11 -25.06 2.61
N ARG A 425 23.90 -26.10 2.82
CA ARG A 425 24.79 -26.18 3.96
C ARG A 425 25.87 -25.09 3.99
N SER A 426 26.27 -24.63 2.81
CA SER A 426 27.34 -23.65 2.70
C SER A 426 26.81 -22.23 2.63
N LEU A 427 25.50 -22.09 2.47
CA LEU A 427 24.87 -20.78 2.33
C LEU A 427 24.97 -20.00 3.64
N LYS A 428 25.69 -18.87 3.61
CA LYS A 428 25.94 -18.07 4.80
C LYS A 428 25.41 -16.65 4.65
N GLU A 429 25.22 -16.20 3.41
CA GLU A 429 24.78 -14.84 3.15
C GLU A 429 23.81 -14.69 1.99
N ILE A 430 22.68 -14.06 2.25
CA ILE A 430 21.79 -13.58 1.20
C ILE A 430 21.77 -12.06 1.28
N SER A 431 22.59 -11.43 0.44
CA SER A 431 22.92 -10.01 0.58
C SER A 431 21.74 -9.06 0.52
N ALA A 432 20.73 -9.39 -0.29
CA ALA A 432 19.55 -8.52 -0.41
C ALA A 432 18.32 -9.28 -0.91
N GLY A 433 17.23 -8.55 -1.07
CA GLY A 433 16.00 -9.09 -1.63
C GLY A 433 15.15 -9.87 -0.64
N ARG A 434 13.99 -10.33 -1.10
CA ARG A 434 13.06 -11.08 -0.27
C ARG A 434 13.28 -12.58 -0.41
N ILE A 435 12.67 -13.35 0.49
CA ILE A 435 12.74 -14.80 0.46
C ILE A 435 11.35 -15.41 0.37
N TYR A 436 11.08 -16.11 -0.74
CA TYR A 436 9.78 -16.75 -0.92
C TYR A 436 9.90 -18.27 -0.89
N ILE A 437 9.35 -18.88 0.14
CA ILE A 437 9.38 -20.33 0.29
C ILE A 437 7.98 -20.84 0.67
N SER A 438 7.25 -21.35 -0.32
CA SER A 438 5.87 -21.77 -0.07
C SER A 438 5.46 -22.99 -0.90
N ALA A 439 4.34 -23.58 -0.49
CA ALA A 439 3.70 -24.68 -1.22
C ALA A 439 4.60 -25.89 -1.41
N ASN A 440 5.57 -26.07 -0.52
CA ASN A 440 6.49 -27.18 -0.63
C ASN A 440 5.98 -28.44 0.09
N ARG A 441 5.01 -28.25 0.97
CA ARG A 441 4.23 -29.35 1.56
C ARG A 441 5.02 -30.41 2.32
N GLN A 442 6.20 -30.78 1.83
CA GLN A 442 6.98 -31.84 2.44
C GLN A 442 8.31 -31.32 2.95
N LEU A 443 8.46 -29.99 2.97
CA LEU A 443 9.69 -29.35 3.38
C LEU A 443 9.76 -29.16 4.90
N CYS A 444 10.90 -29.50 5.48
CA CYS A 444 11.11 -29.34 6.93
C CYS A 444 12.48 -28.78 7.25
N TYR A 445 12.85 -28.84 8.52
CA TYR A 445 14.17 -28.44 9.02
C TYR A 445 14.47 -26.94 8.83
N HIS A 446 13.50 -26.20 8.30
CA HIS A 446 13.72 -24.78 8.02
C HIS A 446 12.98 -23.88 9.00
N HIS A 447 12.15 -24.48 9.85
CA HIS A 447 11.36 -23.73 10.81
C HIS A 447 12.24 -23.13 11.91
N SER A 448 13.32 -23.82 12.26
CA SER A 448 14.19 -23.38 13.34
C SER A 448 15.27 -22.41 12.87
N LEU A 449 15.33 -22.19 11.56
CA LEU A 449 16.37 -21.35 10.98
C LEU A 449 16.28 -19.89 11.41
N ASN A 450 17.40 -19.35 11.89
CA ASN A 450 17.49 -17.94 12.22
C ASN A 450 18.03 -17.17 11.02
N TRP A 451 17.11 -16.70 10.17
CA TRP A 451 17.46 -16.06 8.91
C TRP A 451 18.30 -14.80 9.10
N THR A 452 18.17 -14.16 10.26
CA THR A 452 18.93 -12.95 10.56
C THR A 452 20.44 -13.21 10.48
N LYS A 453 20.84 -14.43 10.83
CA LYS A 453 22.24 -14.82 10.78
C LYS A 453 22.68 -15.20 9.35
N VAL A 454 21.77 -15.05 8.39
CA VAL A 454 22.07 -15.36 7.01
C VAL A 454 21.62 -14.24 6.07
N LEU A 455 20.39 -13.78 6.28
CA LEU A 455 19.82 -12.72 5.45
C LEU A 455 20.30 -11.35 5.91
N ARG A 456 21.25 -10.77 5.17
CA ARG A 456 21.81 -9.47 5.53
C ARG A 456 20.78 -8.36 5.36
N GLY A 457 20.86 -7.35 6.21
CA GLY A 457 19.88 -6.28 6.23
C GLY A 457 18.73 -6.62 7.16
N PRO A 458 18.07 -5.59 7.71
CA PRO A 458 16.92 -5.77 8.60
C PRO A 458 15.87 -6.68 7.98
N THR A 459 15.56 -7.78 8.66
CA THR A 459 14.64 -8.79 8.15
C THR A 459 13.29 -8.17 7.79
N GLU A 460 12.78 -7.30 8.66
CA GLU A 460 11.55 -6.56 8.43
C GLU A 460 10.40 -7.45 7.98
N GLU A 461 10.06 -7.38 6.71
CA GLU A 461 9.03 -8.23 6.12
C GLU A 461 9.52 -8.85 4.82
N ARG A 462 10.76 -9.34 4.83
CA ARG A 462 11.39 -9.90 3.63
C ARG A 462 11.14 -11.39 3.51
N LEU A 463 10.70 -12.01 4.60
CA LEU A 463 10.47 -13.45 4.63
C LEU A 463 9.03 -13.80 4.26
N ASP A 464 8.86 -14.57 3.18
CA ASP A 464 7.56 -15.06 2.77
C ASP A 464 7.57 -16.58 2.81
N ILE A 465 7.61 -17.14 4.02
CA ILE A 465 7.66 -18.58 4.20
C ILE A 465 6.41 -19.09 4.91
N LYS A 466 5.53 -19.74 4.16
CA LYS A 466 4.29 -20.27 4.73
C LYS A 466 3.71 -21.39 3.87
N HIS A 467 2.78 -22.15 4.45
CA HIS A 467 2.08 -23.23 3.75
C HIS A 467 3.01 -24.29 3.18
N ASN A 468 3.96 -24.76 4.00
CA ASN A 468 4.77 -25.91 3.65
C ASN A 468 4.30 -27.12 4.45
N ARG A 469 5.23 -27.91 4.96
CA ARG A 469 4.89 -28.95 5.93
C ARG A 469 4.66 -28.29 7.28
N PRO A 470 3.50 -28.55 7.90
CA PRO A 470 3.18 -27.98 9.21
C PRO A 470 4.28 -28.26 10.23
N ARG A 471 4.61 -27.25 11.03
CA ARG A 471 5.69 -27.35 12.01
C ARG A 471 5.45 -28.50 12.99
N ARG A 472 4.18 -28.70 13.36
CA ARG A 472 3.82 -29.76 14.30
C ARG A 472 4.06 -31.15 13.70
N ASP A 473 3.91 -31.27 12.39
CA ASP A 473 4.12 -32.54 11.71
C ASP A 473 5.59 -32.93 11.67
N CYS A 474 6.45 -31.94 11.50
CA CYS A 474 7.89 -32.17 11.46
C CYS A 474 8.42 -32.60 12.83
N VAL A 475 7.98 -31.90 13.87
CA VAL A 475 8.41 -32.19 15.23
C VAL A 475 7.97 -33.60 15.65
N ALA A 476 6.77 -33.97 15.24
CA ALA A 476 6.20 -35.27 15.60
C ALA A 476 6.99 -36.42 14.99
N GLU A 477 7.44 -36.25 13.75
CA GLU A 477 8.15 -37.30 13.05
C GLU A 477 9.65 -37.19 13.23
N GLY A 478 10.07 -36.27 14.08
CA GLY A 478 11.48 -36.08 14.37
C GLY A 478 12.22 -35.35 13.26
N LYS A 479 11.46 -34.68 12.38
CA LYS A 479 12.04 -33.91 11.29
C LYS A 479 12.57 -32.57 11.77
N VAL A 480 13.54 -32.61 12.67
CA VAL A 480 14.13 -31.39 13.22
C VAL A 480 15.65 -31.43 13.16
N CYS A 481 16.29 -30.37 13.62
CA CYS A 481 17.75 -30.25 13.57
C CYS A 481 18.46 -31.22 14.52
N ASP A 482 19.65 -31.65 14.11
CA ASP A 482 20.48 -32.55 14.90
C ASP A 482 20.89 -31.88 16.21
N PRO A 483 20.95 -32.66 17.31
CA PRO A 483 21.34 -32.16 18.63
C PRO A 483 22.70 -31.46 18.66
N LEU A 484 23.58 -31.78 17.71
CA LEU A 484 24.89 -31.16 17.67
C LEU A 484 24.87 -29.79 16.99
N CYS A 485 23.68 -29.32 16.62
CA CYS A 485 23.52 -27.99 16.03
C CYS A 485 23.23 -26.97 17.12
N SER A 486 23.68 -25.73 16.91
CA SER A 486 23.42 -24.66 17.85
C SER A 486 21.97 -24.16 17.70
N SER A 487 21.65 -23.08 18.39
CA SER A 487 20.29 -22.53 18.37
C SER A 487 20.00 -21.80 17.06
N GLY A 488 20.96 -21.78 16.16
CA GLY A 488 20.81 -21.12 14.87
C GLY A 488 19.76 -21.76 13.99
N GLY A 489 20.04 -22.99 13.55
CA GLY A 489 19.12 -23.71 12.68
C GLY A 489 19.85 -24.75 11.85
N CYS A 490 19.15 -25.31 10.86
CA CYS A 490 19.76 -26.33 10.01
C CYS A 490 19.18 -26.32 8.59
N TRP A 491 19.85 -27.03 7.69
CA TRP A 491 19.40 -27.14 6.30
C TRP A 491 18.93 -28.56 6.01
N GLY A 492 18.81 -29.36 7.06
CA GLY A 492 18.39 -30.74 6.92
C GLY A 492 18.88 -31.59 8.08
N PRO A 493 18.64 -32.90 8.02
CA PRO A 493 19.06 -33.83 9.07
C PRO A 493 20.58 -34.05 9.07
N GLY A 494 21.11 -34.49 10.20
CA GLY A 494 22.54 -34.76 10.32
C GLY A 494 23.31 -33.54 10.79
N PRO A 495 24.53 -33.76 11.29
CA PRO A 495 25.40 -32.68 11.80
C PRO A 495 26.06 -31.89 10.68
N GLY A 496 25.89 -32.34 9.44
CA GLY A 496 26.50 -31.68 8.29
C GLY A 496 25.67 -30.52 7.76
N GLN A 497 24.38 -30.55 8.08
CA GLN A 497 23.46 -29.53 7.59
C GLN A 497 23.24 -28.42 8.62
N CYS A 498 24.21 -28.21 9.50
CA CYS A 498 24.08 -27.22 10.55
C CYS A 498 24.60 -25.85 10.11
N LEU A 499 23.95 -24.80 10.59
CA LEU A 499 24.40 -23.43 10.32
C LEU A 499 25.64 -23.15 11.17
N SER A 500 25.52 -23.43 12.46
CA SER A 500 26.61 -23.25 13.40
C SER A 500 26.69 -24.44 14.37
N CYS A 501 27.88 -25.00 14.50
CA CYS A 501 28.10 -26.12 15.42
C CYS A 501 28.16 -25.63 16.88
N ARG A 502 27.78 -26.50 17.80
CA ARG A 502 27.84 -26.17 19.23
C ARG A 502 29.30 -26.15 19.66
N ASN A 503 30.10 -26.98 19.01
CA ASN A 503 31.50 -27.11 19.34
C ASN A 503 32.41 -26.79 18.16
N TYR A 504 32.75 -27.81 17.39
CA TYR A 504 33.66 -27.64 16.27
C TYR A 504 33.10 -28.22 14.97
N SER A 505 33.82 -27.99 13.88
CA SER A 505 33.43 -28.49 12.57
C SER A 505 34.59 -29.21 11.91
N ARG A 506 34.28 -30.32 11.23
CA ARG A 506 35.30 -31.11 10.55
C ARG A 506 34.83 -31.51 9.17
N GLY A 507 35.31 -30.81 8.14
CA GLY A 507 34.91 -31.07 6.79
C GLY A 507 33.46 -30.73 6.55
N GLY A 508 32.97 -29.72 7.27
CA GLY A 508 31.59 -29.30 7.16
C GLY A 508 30.67 -30.16 8.02
N VAL A 509 31.26 -30.89 8.96
CA VAL A 509 30.49 -31.74 9.86
C VAL A 509 30.74 -31.36 11.32
N CYS A 510 29.67 -31.18 12.07
CA CYS A 510 29.77 -30.81 13.47
C CYS A 510 30.32 -31.94 14.32
N VAL A 511 31.51 -31.73 14.88
CA VAL A 511 32.12 -32.70 15.78
C VAL A 511 32.21 -32.10 17.19
N THR A 512 32.19 -32.96 18.19
CA THR A 512 32.24 -32.51 19.58
C THR A 512 33.67 -32.14 19.97
N HIS A 513 34.62 -32.99 19.57
CA HIS A 513 36.02 -32.76 19.88
C HIS A 513 36.89 -32.81 18.61
N CYS A 514 37.97 -32.04 18.62
CA CYS A 514 38.99 -32.16 17.59
C CYS A 514 40.08 -33.10 18.10
N ASN A 515 40.91 -33.61 17.20
CA ASN A 515 42.00 -34.49 17.60
C ASN A 515 43.11 -33.71 18.31
N PHE A 516 42.79 -33.20 19.49
CA PHE A 516 43.73 -32.42 20.29
C PHE A 516 44.74 -33.30 21.01
N LEU A 517 44.25 -34.24 21.81
CA LEU A 517 45.10 -35.04 22.68
C LEU A 517 45.31 -36.46 22.15
N ASN A 518 44.40 -36.92 21.31
CA ASN A 518 44.49 -38.27 20.78
C ASN A 518 43.92 -38.40 19.37
N GLY A 519 44.22 -39.52 18.71
CA GLY A 519 43.72 -39.77 17.38
C GLY A 519 44.68 -39.35 16.29
N GLU A 520 44.39 -39.75 15.05
CA GLU A 520 45.22 -39.40 13.92
C GLU A 520 44.36 -38.93 12.75
N PRO A 521 44.71 -37.79 12.14
CA PRO A 521 45.88 -36.98 12.48
C PRO A 521 45.62 -36.03 13.65
N ARG A 522 46.66 -35.69 14.41
CA ARG A 522 46.53 -34.75 15.52
C ARG A 522 46.12 -33.38 14.98
N GLU A 523 45.11 -32.78 15.58
CA GLU A 523 44.56 -31.53 15.06
C GLU A 523 44.61 -30.39 16.08
N PHE A 524 44.30 -29.18 15.60
CA PHE A 524 44.17 -28.01 16.47
C PHE A 524 42.87 -27.29 16.13
N ALA A 525 42.65 -26.13 16.75
CA ALA A 525 41.41 -25.39 16.56
C ALA A 525 41.65 -23.96 16.11
N HIS A 526 40.76 -23.47 15.24
CA HIS A 526 40.77 -22.08 14.79
C HIS A 526 39.40 -21.68 14.28
N GLU A 527 38.80 -20.70 14.94
CA GLU A 527 37.45 -20.23 14.61
C GLU A 527 36.44 -21.38 14.64
N ALA A 528 36.55 -22.21 15.68
CA ALA A 528 35.66 -23.35 15.88
C ALA A 528 35.70 -24.32 14.71
N GLU A 529 36.86 -24.49 14.11
CA GLU A 529 37.03 -25.41 13.00
C GLU A 529 38.30 -26.24 13.15
N CYS A 530 38.22 -27.52 12.82
CA CYS A 530 39.34 -28.44 13.01
C CYS A 530 40.30 -28.42 11.82
N PHE A 531 41.60 -28.37 12.12
CA PHE A 531 42.63 -28.42 11.10
C PHE A 531 43.77 -29.33 11.53
N SER A 532 44.31 -30.10 10.60
CA SER A 532 45.40 -31.03 10.90
C SER A 532 46.70 -30.29 11.19
N CYS A 533 47.49 -30.83 12.11
CA CYS A 533 48.80 -30.26 12.44
C CYS A 533 49.79 -30.49 11.31
N HIS A 534 50.81 -29.64 11.25
CA HIS A 534 51.87 -29.77 10.24
C HIS A 534 52.60 -31.10 10.40
N PRO A 535 52.99 -31.72 9.27
CA PRO A 535 53.80 -32.94 9.30
C PRO A 535 55.11 -32.77 10.07
N GLU A 536 55.81 -33.88 10.30
CA GLU A 536 57.05 -33.90 11.07
C GLU A 536 56.81 -33.43 12.51
N CYS A 537 55.57 -33.54 12.96
CA CYS A 537 55.22 -33.25 14.35
C CYS A 537 54.55 -34.48 14.96
N GLN A 538 55.32 -35.23 15.74
CA GLN A 538 54.84 -36.49 16.32
C GLN A 538 53.62 -36.26 17.21
N PRO A 539 52.68 -37.21 17.19
CA PRO A 539 51.47 -37.15 18.01
C PRO A 539 51.78 -37.13 19.51
N MET A 540 51.69 -35.95 20.11
CA MET A 540 51.96 -35.80 21.55
C MET A 540 50.77 -36.29 22.36
N GLU A 541 50.98 -37.37 23.11
CA GLU A 541 49.92 -37.94 23.94
C GLU A 541 49.75 -37.15 25.24
N GLY A 542 48.51 -36.83 25.57
CA GLY A 542 48.22 -36.11 26.80
C GLY A 542 48.11 -34.61 26.61
N THR A 543 48.92 -34.07 25.71
CA THR A 543 48.94 -32.63 25.46
C THR A 543 48.61 -32.31 24.00
N ALA A 544 48.49 -31.02 23.71
CA ALA A 544 48.21 -30.56 22.35
C ALA A 544 49.45 -30.68 21.47
N THR A 545 49.30 -31.29 20.30
CA THR A 545 50.41 -31.49 19.37
C THR A 545 50.79 -30.19 18.66
N CYS A 546 49.79 -29.49 18.15
CA CYS A 546 50.01 -28.26 17.39
C CYS A 546 49.34 -27.05 18.02
N ASN A 547 49.76 -25.86 17.59
CA ASN A 547 49.15 -24.61 18.05
C ASN A 547 48.66 -23.81 16.86
N GLY A 548 49.28 -24.02 15.72
CA GLY A 548 48.90 -23.35 14.48
C GLY A 548 49.01 -24.27 13.29
N SER A 549 48.92 -23.69 12.09
CA SER A 549 48.95 -24.48 10.86
C SER A 549 50.37 -24.80 10.40
N GLY A 550 51.29 -23.87 10.66
CA GLY A 550 52.68 -24.03 10.22
C GLY A 550 53.49 -24.96 11.10
N SER A 551 54.74 -25.18 10.70
CA SER A 551 55.65 -26.05 11.44
C SER A 551 56.38 -25.28 12.54
N ASP A 552 55.99 -24.02 12.72
CA ASP A 552 56.59 -23.18 13.75
C ASP A 552 55.94 -23.46 15.09
N THR A 553 54.80 -24.12 15.07
CA THR A 553 54.01 -24.36 16.28
C THR A 553 53.83 -25.84 16.57
N CYS A 554 54.81 -26.43 17.24
CA CYS A 554 54.72 -27.83 17.66
C CYS A 554 55.33 -28.01 19.04
N ALA A 555 54.97 -29.10 19.72
CA ALA A 555 55.54 -29.42 21.01
C ALA A 555 56.97 -29.94 20.84
N GLN A 556 57.15 -30.77 19.81
CA GLN A 556 58.47 -31.30 19.47
C GLN A 556 58.50 -31.73 18.02
N CYS A 557 59.70 -31.96 17.48
CA CYS A 557 59.86 -32.37 16.10
C CYS A 557 59.98 -33.88 15.99
N ALA A 558 59.40 -34.45 14.93
CA ALA A 558 59.43 -35.89 14.72
C ALA A 558 60.71 -36.31 14.00
N HIS A 559 61.49 -35.33 13.55
CA HIS A 559 62.74 -35.61 12.85
C HIS A 559 63.83 -34.63 13.24
N PHE A 560 63.93 -33.53 12.49
CA PHE A 560 64.95 -32.52 12.74
C PHE A 560 64.32 -31.19 13.13
N ARG A 561 65.15 -30.26 13.60
CA ARG A 561 64.67 -28.95 14.04
C ARG A 561 65.62 -27.82 13.64
N ASP A 562 65.42 -27.27 12.44
CA ASP A 562 66.22 -26.15 11.98
C ASP A 562 65.69 -24.85 12.58
N GLY A 563 66.27 -24.45 13.72
CA GLY A 563 65.82 -23.26 14.41
C GLY A 563 64.48 -23.50 15.08
N PRO A 564 63.59 -22.50 15.03
CA PRO A 564 62.25 -22.60 15.61
C PRO A 564 61.28 -23.43 14.75
N HIS A 565 61.82 -24.23 13.84
CA HIS A 565 60.99 -25.02 12.94
C HIS A 565 61.19 -26.52 13.14
N CYS A 566 60.44 -27.30 12.38
CA CYS A 566 60.54 -28.76 12.44
C CYS A 566 60.49 -29.36 11.04
N VAL A 567 61.67 -29.62 10.47
CA VAL A 567 61.76 -30.11 9.09
C VAL A 567 62.19 -31.57 9.05
N SER A 568 61.80 -32.27 7.98
CA SER A 568 62.14 -33.68 7.81
C SER A 568 63.61 -33.86 7.46
N SER A 569 64.24 -32.79 6.96
CA SER A 569 65.65 -32.85 6.57
C SER A 569 66.29 -31.47 6.66
N CYS A 570 67.52 -31.44 7.19
CA CYS A 570 68.29 -30.20 7.25
C CYS A 570 68.59 -29.71 5.84
N PRO A 571 68.67 -28.37 5.67
CA PRO A 571 68.93 -27.73 4.37
C PRO A 571 70.06 -28.39 3.59
N HIS A 572 69.71 -29.31 2.69
CA HIS A 572 70.70 -30.04 1.90
C HIS A 572 71.44 -29.13 0.94
N GLY A 573 70.69 -28.31 0.21
CA GLY A 573 71.29 -27.40 -0.76
C GLY A 573 70.39 -26.26 -1.17
N VAL A 574 69.91 -25.49 -0.19
CA VAL A 574 69.08 -24.34 -0.47
C VAL A 574 69.93 -23.06 -0.48
N LEU A 575 69.58 -22.14 -1.36
CA LEU A 575 70.33 -20.90 -1.51
C LEU A 575 69.69 -19.75 -0.73
N GLY A 576 70.54 -18.90 -0.14
CA GLY A 576 70.07 -17.75 0.61
C GLY A 576 70.40 -16.45 -0.09
N ALA A 577 70.93 -15.50 0.66
CA ALA A 577 71.31 -14.21 0.10
C ALA A 577 72.74 -14.23 -0.41
N LYS A 578 73.51 -15.24 0.04
CA LYS A 578 74.90 -15.38 -0.37
C LYS A 578 75.09 -16.61 -1.26
N GLY A 579 74.55 -17.74 -0.81
CA GLY A 579 74.66 -18.99 -1.56
C GLY A 579 74.05 -20.17 -0.84
N PRO A 580 74.50 -21.39 -1.19
CA PRO A 580 74.01 -22.63 -0.57
C PRO A 580 74.24 -22.67 0.93
N ILE A 581 73.23 -23.12 1.68
CA ILE A 581 73.32 -23.18 3.13
C ILE A 581 73.06 -24.61 3.63
N TYR A 582 73.95 -25.09 4.50
CA TYR A 582 73.82 -26.45 5.03
C TYR A 582 74.48 -26.56 6.41
N LYS A 583 73.90 -27.40 7.26
CA LYS A 583 74.44 -27.63 8.60
C LYS A 583 74.07 -29.02 9.11
N TYR A 584 75.05 -29.71 9.70
CA TYR A 584 74.84 -31.05 10.23
C TYR A 584 73.92 -31.03 11.45
N PRO A 585 73.14 -32.11 11.64
CA PRO A 585 72.26 -32.24 12.81
C PRO A 585 73.05 -32.30 14.11
N ASP A 586 73.09 -31.18 14.83
CA ASP A 586 73.91 -31.07 16.04
C ASP A 586 73.40 -31.98 17.16
N VAL A 587 73.81 -33.25 17.09
CA VAL A 587 73.52 -34.24 18.13
C VAL A 587 72.03 -34.36 18.45
N GLN A 588 71.49 -33.36 19.14
CA GLN A 588 70.09 -33.39 19.55
C GLN A 588 69.15 -32.92 18.45
N ASN A 589 69.53 -33.19 17.20
CA ASN A 589 68.73 -32.85 16.04
C ASN A 589 68.35 -31.37 15.97
N GLU A 590 69.37 -30.52 15.87
CA GLU A 590 69.14 -29.08 15.79
C GLU A 590 70.11 -28.44 14.80
N CYS A 591 69.58 -28.03 13.65
CA CYS A 591 70.39 -27.40 12.61
C CYS A 591 70.80 -25.99 13.00
N ALA B 8 -9.21 -52.71 -44.89
CA ALA B 8 -8.94 -54.11 -45.23
C ALA B 8 -7.53 -54.28 -45.76
N VAL B 9 -6.77 -53.19 -45.80
CA VAL B 9 -5.40 -53.21 -46.31
C VAL B 9 -4.39 -53.00 -45.19
N CYS B 10 -3.39 -53.88 -45.12
CA CYS B 10 -2.36 -53.79 -44.11
C CYS B 10 -0.99 -53.49 -44.73
N PRO B 11 -0.14 -52.74 -44.01
CA PRO B 11 1.20 -52.40 -44.51
C PRO B 11 2.13 -53.60 -44.57
N GLY B 12 3.32 -53.40 -45.15
CA GLY B 12 4.29 -54.47 -45.29
C GLY B 12 4.92 -54.87 -43.97
N THR B 13 4.57 -56.06 -43.51
CA THR B 13 5.12 -56.58 -42.25
C THR B 13 6.60 -56.94 -42.39
N ARG B 36 -7.04 -59.88 -39.63
CA ARG B 36 -7.69 -60.34 -40.84
C ARG B 36 -7.47 -59.37 -42.00
N CYS B 37 -6.23 -59.32 -42.48
CA CYS B 37 -5.87 -58.43 -43.58
C CYS B 37 -5.85 -59.19 -44.91
N GLU B 38 -6.17 -58.48 -45.99
CA GLU B 38 -6.20 -59.08 -47.32
C GLU B 38 -5.04 -58.59 -48.17
N VAL B 39 -5.14 -57.34 -48.64
CA VAL B 39 -4.09 -56.76 -49.48
C VAL B 39 -2.93 -56.25 -48.63
N VAL B 40 -1.73 -56.72 -48.94
CA VAL B 40 -0.54 -56.29 -48.22
C VAL B 40 0.29 -55.33 -49.08
N MET B 41 0.28 -54.06 -48.71
CA MET B 41 1.06 -53.06 -49.41
C MET B 41 2.46 -52.95 -48.81
N GLY B 42 3.38 -53.76 -49.33
CA GLY B 42 4.74 -53.77 -48.84
C GLY B 42 5.43 -55.10 -49.09
N ASN B 43 6.20 -55.55 -48.11
CA ASN B 43 6.95 -56.80 -48.24
C ASN B 43 6.68 -57.77 -47.09
N LEU B 44 5.99 -58.86 -47.40
CA LEU B 44 5.69 -59.87 -46.40
C LEU B 44 6.96 -60.62 -46.01
N GLU B 45 7.65 -60.11 -45.00
CA GLU B 45 8.95 -60.66 -44.59
C GLU B 45 8.83 -61.52 -43.33
N ILE B 46 9.19 -62.80 -43.46
CA ILE B 46 9.16 -63.73 -42.33
C ILE B 46 10.53 -64.39 -42.17
N VAL B 47 11.31 -63.89 -41.22
CA VAL B 47 12.68 -64.39 -40.99
C VAL B 47 12.90 -64.75 -39.52
N LEU B 48 13.53 -65.90 -39.30
CA LEU B 48 13.90 -66.37 -37.97
C LEU B 48 12.70 -66.52 -37.03
N THR B 49 12.09 -67.70 -37.05
CA THR B 49 10.95 -68.00 -36.19
C THR B 49 10.95 -69.46 -35.79
N GLY B 50 10.82 -69.73 -34.49
CA GLY B 50 10.86 -71.09 -33.97
C GLY B 50 9.62 -71.89 -34.26
N HIS B 51 9.58 -73.11 -33.74
CA HIS B 51 8.44 -74.01 -33.95
C HIS B 51 7.20 -73.49 -33.24
N ASN B 52 7.38 -73.03 -32.00
CA ASN B 52 6.27 -72.47 -31.22
C ASN B 52 5.81 -71.13 -31.77
N ALA B 53 5.11 -71.17 -32.90
CA ALA B 53 4.64 -69.95 -33.56
C ALA B 53 3.23 -70.12 -34.11
N ASP B 54 2.43 -69.05 -34.03
CA ASP B 54 1.07 -69.08 -34.54
C ASP B 54 0.88 -68.03 -35.63
N LEU B 55 0.81 -68.49 -36.88
CA LEU B 55 0.61 -67.61 -38.02
C LEU B 55 -0.82 -67.71 -38.54
N SER B 56 -1.78 -67.73 -37.61
CA SER B 56 -3.18 -67.88 -37.97
C SER B 56 -3.78 -66.57 -38.49
N PHE B 57 -3.02 -65.49 -38.37
CA PHE B 57 -3.47 -64.17 -38.81
C PHE B 57 -3.16 -63.94 -40.28
N LEU B 58 -2.49 -64.91 -40.90
CA LEU B 58 -2.10 -64.80 -42.30
C LEU B 58 -2.99 -65.66 -43.19
N GLN B 59 -4.17 -66.02 -42.68
CA GLN B 59 -5.07 -66.92 -43.39
C GLN B 59 -6.01 -66.18 -44.34
N TRP B 60 -5.91 -64.86 -44.39
CA TRP B 60 -6.78 -64.07 -45.26
C TRP B 60 -5.99 -63.15 -46.18
N ILE B 61 -4.67 -63.27 -46.16
CA ILE B 61 -3.81 -62.48 -47.03
C ILE B 61 -4.01 -62.87 -48.49
N ARG B 62 -4.47 -61.93 -49.31
CA ARG B 62 -4.75 -62.20 -50.71
C ARG B 62 -3.64 -61.71 -51.64
N GLU B 63 -3.25 -60.45 -51.50
CA GLU B 63 -2.32 -59.83 -52.43
C GLU B 63 -1.12 -59.19 -51.73
N VAL B 64 0.07 -59.42 -52.28
CA VAL B 64 1.27 -58.74 -51.81
C VAL B 64 1.89 -57.93 -52.94
N THR B 65 2.03 -56.62 -52.72
CA THR B 65 2.52 -55.71 -53.76
C THR B 65 4.01 -55.92 -54.05
N GLY B 66 4.79 -56.12 -53.00
CA GLY B 66 6.22 -56.29 -53.15
C GLY B 66 6.64 -57.75 -53.13
N TYR B 67 7.91 -58.00 -52.82
CA TYR B 67 8.44 -59.36 -52.78
C TYR B 67 8.00 -60.08 -51.51
N VAL B 68 8.02 -61.41 -51.55
CA VAL B 68 7.68 -62.22 -50.39
C VAL B 68 8.88 -63.07 -49.97
N LEU B 69 9.58 -62.62 -48.94
CA LEU B 69 10.77 -63.33 -48.46
C LEU B 69 10.48 -64.19 -47.24
N VAL B 70 10.59 -65.50 -47.40
CA VAL B 70 10.43 -66.43 -46.29
C VAL B 70 11.69 -67.29 -46.15
N ALA B 71 12.71 -66.70 -45.52
CA ALA B 71 13.98 -67.41 -45.35
C ALA B 71 14.33 -67.55 -43.87
N MET B 72 15.05 -68.62 -43.55
CA MET B 72 15.46 -68.92 -42.18
C MET B 72 14.28 -69.02 -41.23
N ASN B 73 13.71 -70.22 -41.12
CA ASN B 73 12.60 -70.46 -40.21
C ASN B 73 12.64 -71.88 -39.64
N GLU B 74 11.81 -72.14 -38.64
CA GLU B 74 11.73 -73.46 -38.02
C GLU B 74 10.30 -73.94 -37.92
N PHE B 75 9.37 -73.15 -38.47
CA PHE B 75 7.96 -73.49 -38.46
C PHE B 75 7.68 -74.72 -39.31
N SER B 76 6.61 -75.43 -38.99
CA SER B 76 6.25 -76.64 -39.72
C SER B 76 5.77 -76.33 -41.13
N THR B 77 4.75 -75.48 -41.23
CA THR B 77 4.18 -75.11 -42.52
C THR B 77 3.97 -73.60 -42.65
N LEU B 78 4.03 -73.09 -43.87
CA LEU B 78 3.73 -71.70 -44.14
C LEU B 78 2.28 -71.54 -44.57
N PRO B 79 1.45 -70.96 -43.69
CA PRO B 79 0.00 -70.88 -43.92
C PRO B 79 -0.42 -69.63 -44.69
N LEU B 80 -0.42 -69.72 -46.01
CA LEU B 80 -0.95 -68.66 -46.86
C LEU B 80 -1.95 -69.26 -47.86
N PRO B 81 -3.13 -69.66 -47.36
CA PRO B 81 -4.12 -70.38 -48.18
C PRO B 81 -5.07 -69.44 -48.92
N ASN B 82 -4.70 -68.16 -49.02
CA ASN B 82 -5.53 -67.18 -49.71
C ASN B 82 -4.71 -66.27 -50.61
N LEU B 83 -3.39 -66.40 -50.52
CA LEU B 83 -2.49 -65.62 -51.36
C LEU B 83 -2.65 -65.98 -52.83
N ARG B 84 -3.03 -65.01 -53.65
CA ARG B 84 -3.30 -65.25 -55.07
C ARG B 84 -2.40 -64.43 -55.99
N VAL B 85 -2.05 -63.22 -55.57
CA VAL B 85 -1.27 -62.32 -56.41
C VAL B 85 -0.05 -61.72 -55.69
N VAL B 86 1.12 -61.93 -56.28
CA VAL B 86 2.33 -61.25 -55.82
C VAL B 86 2.87 -60.39 -56.96
N ARG B 87 2.54 -59.11 -56.92
CA ARG B 87 2.89 -58.17 -58.00
C ARG B 87 4.39 -58.08 -58.22
N GLY B 88 5.13 -57.93 -57.12
CA GLY B 88 6.57 -57.80 -57.19
C GLY B 88 7.00 -56.46 -57.74
N THR B 89 6.41 -55.39 -57.23
CA THR B 89 6.80 -54.04 -57.60
C THR B 89 8.26 -53.82 -57.25
N GLN B 90 8.66 -54.37 -56.10
CA GLN B 90 10.06 -54.48 -55.73
C GLN B 90 10.39 -55.95 -55.50
N VAL B 91 11.42 -56.45 -56.18
CA VAL B 91 11.79 -57.85 -56.08
C VAL B 91 12.97 -58.06 -55.15
N TYR B 92 12.98 -59.17 -54.44
CA TYR B 92 14.09 -59.50 -53.55
C TYR B 92 15.28 -60.02 -54.34
N ASP B 93 16.47 -59.59 -53.95
CA ASP B 93 17.72 -59.94 -54.62
C ASP B 93 17.70 -59.52 -56.10
N GLY B 94 16.86 -58.53 -56.41
CA GLY B 94 16.78 -57.96 -57.74
C GLY B 94 16.34 -58.91 -58.84
N LYS B 95 15.63 -59.98 -58.47
CA LYS B 95 15.18 -60.96 -59.45
C LYS B 95 14.09 -61.89 -58.91
N PHE B 96 13.77 -61.79 -57.63
CA PHE B 96 12.84 -62.72 -57.01
C PHE B 96 11.69 -62.03 -56.28
N ALA B 97 10.46 -62.43 -56.62
CA ALA B 97 9.28 -61.97 -55.90
C ALA B 97 8.99 -62.90 -54.73
N ILE B 98 9.44 -64.15 -54.87
CA ILE B 98 9.32 -65.14 -53.80
C ILE B 98 10.68 -65.81 -53.58
N PHE B 99 11.17 -65.75 -52.35
CA PHE B 99 12.47 -66.32 -52.03
C PHE B 99 12.45 -67.14 -50.75
N VAL B 100 12.56 -68.46 -50.90
CA VAL B 100 12.60 -69.36 -49.76
C VAL B 100 13.94 -70.09 -49.70
N MET B 101 14.72 -69.83 -48.65
CA MET B 101 16.07 -70.36 -48.57
C MET B 101 16.46 -70.75 -47.15
N LEU B 102 16.89 -72.00 -46.97
CA LEU B 102 17.37 -72.54 -45.70
C LEU B 102 16.37 -72.36 -44.56
N ASN B 103 15.47 -73.32 -44.39
CA ASN B 103 14.50 -73.28 -43.30
C ASN B 103 14.50 -74.57 -42.49
N TYR B 104 15.57 -74.79 -41.73
CA TYR B 104 15.71 -75.99 -40.91
C TYR B 104 16.39 -75.69 -39.59
N ASN B 105 17.04 -76.71 -39.02
CA ASN B 105 17.75 -76.56 -37.75
C ASN B 105 18.87 -77.57 -37.60
N LEU B 112 10.49 -76.21 -42.11
CA LEU B 112 9.51 -75.97 -43.18
C LEU B 112 9.20 -77.25 -43.95
N ARG B 113 7.96 -77.71 -43.84
CA ARG B 113 7.55 -78.94 -44.50
C ARG B 113 6.74 -78.66 -45.76
N GLN B 114 5.80 -77.72 -45.67
CA GLN B 114 4.92 -77.41 -46.79
C GLN B 114 4.82 -75.90 -47.03
N LEU B 115 4.72 -75.53 -48.30
CA LEU B 115 4.40 -74.15 -48.67
C LEU B 115 2.94 -74.08 -49.13
N ARG B 116 2.03 -74.14 -48.17
CA ARG B 116 0.60 -74.17 -48.48
C ARG B 116 0.12 -72.92 -49.21
N LEU B 117 0.54 -72.76 -50.45
CA LEU B 117 0.11 -71.65 -51.28
C LEU B 117 -0.91 -72.15 -52.31
N THR B 118 -1.99 -72.75 -51.82
CA THR B 118 -2.96 -73.42 -52.69
C THR B 118 -3.88 -72.45 -53.42
N GLN B 119 -3.47 -71.18 -53.49
CA GLN B 119 -4.25 -70.16 -54.18
C GLN B 119 -3.36 -69.29 -55.06
N LEU B 120 -2.05 -69.53 -54.99
CA LEU B 120 -1.09 -68.75 -55.77
C LEU B 120 -1.37 -68.91 -57.25
N THR B 121 -1.72 -67.81 -57.91
CA THR B 121 -2.19 -67.85 -59.29
C THR B 121 -1.32 -67.02 -60.23
N GLU B 122 -1.01 -65.79 -59.82
CA GLU B 122 -0.35 -64.85 -60.71
C GLU B 122 0.79 -64.06 -60.06
N ILE B 123 1.92 -63.99 -60.76
CA ILE B 123 3.01 -63.10 -60.38
C ILE B 123 3.30 -62.15 -61.54
N LEU B 124 2.92 -60.89 -61.37
CA LEU B 124 3.00 -59.91 -62.45
C LEU B 124 4.42 -59.65 -62.92
N SER B 125 5.35 -59.51 -61.98
CA SER B 125 6.75 -59.24 -62.32
C SER B 125 7.68 -59.70 -61.21
N GLY B 126 8.41 -60.80 -61.46
CA GLY B 126 9.35 -61.33 -60.49
C GLY B 126 9.53 -62.83 -60.62
N GLY B 127 10.63 -63.34 -60.12
CA GLY B 127 10.93 -64.76 -60.18
C GLY B 127 10.75 -65.46 -58.85
N VAL B 128 11.06 -66.75 -58.82
CA VAL B 128 10.92 -67.55 -57.62
C VAL B 128 12.21 -68.32 -57.31
N TYR B 129 12.68 -68.23 -56.08
CA TYR B 129 13.89 -68.93 -55.67
C TYR B 129 13.65 -69.76 -54.41
N ILE B 130 13.55 -71.08 -54.60
CA ILE B 130 13.35 -72.00 -53.48
C ILE B 130 14.42 -73.09 -53.49
N GLU B 131 15.49 -72.88 -52.73
CA GLU B 131 16.60 -73.82 -52.69
C GLU B 131 17.00 -74.21 -51.28
N LYS B 132 17.59 -75.40 -51.16
CA LYS B 132 18.13 -75.89 -49.88
C LYS B 132 17.08 -75.93 -48.77
N ASN B 133 15.95 -76.57 -49.05
CA ASN B 133 14.92 -76.77 -48.03
C ASN B 133 14.73 -78.26 -47.76
N ASP B 134 15.38 -78.73 -46.69
CA ASP B 134 15.48 -80.15 -46.39
C ASP B 134 14.14 -80.87 -46.22
N LYS B 135 13.18 -80.22 -45.56
CA LYS B 135 11.91 -80.86 -45.25
C LYS B 135 10.78 -80.41 -46.17
N LEU B 136 11.07 -79.48 -47.07
CA LEU B 136 10.07 -78.94 -47.97
C LEU B 136 10.03 -79.69 -49.30
N CYS B 137 8.84 -80.16 -49.68
CA CYS B 137 8.67 -80.88 -50.93
C CYS B 137 7.61 -80.21 -51.82
N HIS B 138 7.16 -80.94 -52.82
CA HIS B 138 6.05 -80.54 -53.70
C HIS B 138 6.35 -79.31 -54.57
N MET B 139 7.33 -78.50 -54.17
CA MET B 139 7.64 -77.28 -54.89
C MET B 139 8.35 -77.56 -56.21
N ASP B 140 8.94 -78.75 -56.33
CA ASP B 140 9.60 -79.15 -57.57
C ASP B 140 8.60 -79.74 -58.54
N THR B 141 7.33 -79.79 -58.13
CA THR B 141 6.26 -80.31 -58.97
C THR B 141 5.30 -79.21 -59.37
N ILE B 142 5.69 -77.96 -59.10
CA ILE B 142 4.84 -76.81 -59.39
C ILE B 142 5.25 -76.13 -60.70
N ASP B 143 4.28 -75.96 -61.60
CA ASP B 143 4.52 -75.24 -62.84
C ASP B 143 4.61 -73.75 -62.55
N TRP B 144 5.82 -73.27 -62.26
CA TRP B 144 6.03 -71.89 -61.86
C TRP B 144 5.91 -70.90 -63.02
N ARG B 145 6.07 -71.40 -64.24
CA ARG B 145 5.94 -70.55 -65.41
C ARG B 145 4.47 -70.29 -65.74
N ASP B 146 3.59 -71.01 -65.03
CA ASP B 146 2.15 -70.79 -65.15
C ASP B 146 1.72 -69.73 -64.14
N ILE B 147 2.61 -69.43 -63.21
CA ILE B 147 2.35 -68.44 -62.16
C ILE B 147 3.08 -67.13 -62.46
N VAL B 148 4.31 -67.24 -62.95
CA VAL B 148 5.13 -66.08 -63.27
C VAL B 148 4.79 -65.54 -64.67
N ARG B 149 4.50 -64.24 -64.75
CA ARG B 149 4.15 -63.62 -66.02
C ARG B 149 5.39 -63.13 -66.76
N ASP B 150 6.43 -62.75 -66.02
CA ASP B 150 7.67 -62.29 -66.62
C ASP B 150 8.30 -63.44 -67.41
N ARG B 151 8.26 -63.31 -68.74
CA ARG B 151 8.62 -64.39 -69.66
C ARG B 151 10.05 -64.91 -69.48
N ASP B 152 10.90 -64.08 -68.88
CA ASP B 152 12.29 -64.46 -68.67
C ASP B 152 12.75 -64.17 -67.25
N ALA B 153 11.94 -64.58 -66.28
CA ALA B 153 12.30 -64.42 -64.87
C ALA B 153 13.04 -65.64 -64.35
N GLU B 154 13.93 -65.44 -63.39
CA GLU B 154 14.72 -66.53 -62.83
C GLU B 154 13.90 -67.44 -61.93
N ILE B 155 13.71 -68.69 -62.36
CA ILE B 155 12.98 -69.67 -61.58
C ILE B 155 13.89 -70.82 -61.16
N VAL B 156 14.35 -70.79 -59.93
CA VAL B 156 15.24 -71.83 -59.41
C VAL B 156 14.63 -72.52 -58.20
N VAL B 157 14.15 -73.74 -58.39
CA VAL B 157 13.53 -74.50 -57.32
C VAL B 157 14.31 -75.78 -57.03
N LYS B 158 15.51 -75.88 -57.62
CA LYS B 158 16.33 -77.08 -57.49
C LYS B 158 16.90 -77.23 -56.08
N ASP B 159 17.29 -78.46 -55.75
CA ASP B 159 17.92 -78.78 -54.47
C ASP B 159 17.04 -78.41 -53.26
N ASN B 160 16.17 -79.32 -52.87
CA ASN B 160 15.31 -79.10 -51.72
C ASN B 160 15.09 -80.37 -50.89
N GLY B 161 13.84 -80.79 -50.76
CA GLY B 161 13.48 -81.93 -49.95
C GLY B 161 14.02 -83.26 -50.46
N ARG B 162 13.97 -84.27 -49.61
CA ARG B 162 14.46 -85.60 -49.96
C ARG B 162 13.31 -86.59 -50.11
N SER B 163 12.96 -87.24 -49.01
CA SER B 163 11.88 -88.24 -49.01
C SER B 163 10.56 -87.64 -48.53
N CYS B 164 9.82 -87.05 -49.47
CA CYS B 164 8.53 -86.44 -49.15
C CYS B 164 7.40 -87.19 -49.87
N PRO B 165 6.21 -87.24 -49.24
CA PRO B 165 5.06 -87.96 -49.80
C PRO B 165 4.63 -87.41 -51.16
N PRO B 166 4.14 -88.29 -52.05
CA PRO B 166 3.72 -87.93 -53.41
C PRO B 166 2.47 -87.05 -53.41
N CYS B 167 2.12 -86.53 -54.58
CA CYS B 167 0.89 -85.76 -54.73
C CYS B 167 -0.31 -86.70 -54.75
N HIS B 168 -1.50 -86.15 -54.48
CA HIS B 168 -2.71 -86.96 -54.46
C HIS B 168 -3.04 -87.45 -55.87
N GLU B 169 -3.89 -88.47 -55.96
CA GLU B 169 -4.23 -89.07 -57.26
C GLU B 169 -5.02 -88.11 -58.14
N VAL B 170 -5.68 -87.14 -57.52
CA VAL B 170 -6.50 -86.18 -58.25
C VAL B 170 -5.67 -84.98 -58.72
N CYS B 171 -4.57 -84.73 -58.03
CA CYS B 171 -3.72 -83.58 -58.33
C CYS B 171 -3.09 -83.67 -59.72
N LYS B 172 -2.96 -84.89 -60.23
CA LYS B 172 -2.41 -85.15 -61.56
C LYS B 172 -1.01 -84.57 -61.76
N GLY B 173 -0.10 -84.90 -60.85
CA GLY B 173 1.29 -84.51 -60.99
C GLY B 173 1.68 -83.26 -60.23
N ARG B 174 0.91 -82.18 -60.40
CA ARG B 174 1.26 -80.90 -59.80
C ARG B 174 0.40 -80.59 -58.58
N CYS B 175 1.05 -80.33 -57.45
CA CYS B 175 0.36 -80.05 -56.20
C CYS B 175 1.22 -79.25 -55.22
N TRP B 176 0.58 -78.49 -54.35
CA TRP B 176 1.29 -77.72 -53.33
C TRP B 176 1.50 -78.55 -52.08
N GLY B 177 0.71 -79.61 -51.94
CA GLY B 177 0.80 -80.49 -50.79
C GLY B 177 0.26 -81.88 -51.07
N PRO B 178 0.42 -82.80 -50.11
CA PRO B 178 -0.04 -84.19 -50.24
C PRO B 178 -1.55 -84.33 -50.12
N GLY B 179 -2.22 -83.27 -49.68
CA GLY B 179 -3.66 -83.30 -49.50
C GLY B 179 -4.44 -83.41 -50.80
N SER B 180 -5.72 -83.73 -50.67
CA SER B 180 -6.60 -83.88 -51.83
C SER B 180 -7.03 -82.51 -52.37
N GLU B 181 -6.92 -81.49 -51.53
CA GLU B 181 -7.31 -80.14 -51.91
C GLU B 181 -6.10 -79.21 -51.93
N ASP B 182 -4.93 -79.78 -52.21
CA ASP B 182 -3.70 -79.01 -52.24
C ASP B 182 -3.06 -79.01 -53.62
N CYS B 183 -3.86 -79.31 -54.63
CA CYS B 183 -3.38 -79.35 -56.00
C CYS B 183 -3.16 -77.94 -56.55
N GLN B 184 -2.53 -77.86 -57.72
CA GLN B 184 -2.28 -76.57 -58.35
C GLN B 184 -3.22 -76.33 -59.54
N THR B 185 -4.05 -75.31 -59.44
CA THR B 185 -4.94 -74.93 -60.53
C THR B 185 -4.16 -74.20 -61.62
N LEU B 186 -4.37 -74.62 -62.87
CA LEU B 186 -3.69 -74.00 -64.01
C LEU B 186 -4.60 -73.02 -64.74
N THR B 187 -4.00 -72.00 -65.35
CA THR B 187 -4.77 -70.94 -65.99
C THR B 187 -4.16 -70.45 -67.30
N LYS B 188 -2.84 -70.26 -67.29
CA LYS B 188 -2.13 -69.69 -68.43
C LYS B 188 -2.26 -70.53 -69.70
N THR B 189 -2.86 -69.93 -70.73
CA THR B 189 -3.01 -70.58 -72.04
C THR B 189 -2.52 -69.64 -73.15
N ILE B 190 -1.91 -70.22 -74.18
CA ILE B 190 -1.43 -69.44 -75.32
C ILE B 190 -2.57 -68.72 -76.02
N CYS B 191 -2.76 -67.45 -75.69
CA CYS B 191 -3.89 -66.67 -76.20
C CYS B 191 -3.62 -66.08 -77.59
N ALA B 192 -4.68 -65.54 -78.20
CA ALA B 192 -4.60 -64.96 -79.54
C ALA B 192 -3.72 -63.71 -79.55
N PRO B 193 -3.14 -63.39 -80.72
CA PRO B 193 -2.33 -62.18 -80.86
C PRO B 193 -3.16 -60.90 -80.72
N GLN B 194 -4.48 -61.02 -80.83
CA GLN B 194 -5.38 -59.90 -80.65
C GLN B 194 -5.29 -59.35 -79.23
N CYS B 195 -4.95 -60.24 -78.30
CA CYS B 195 -4.75 -59.84 -76.91
C CYS B 195 -3.32 -59.39 -76.69
N ASN B 196 -3.12 -58.47 -75.75
CA ASN B 196 -1.79 -57.99 -75.41
C ASN B 196 -1.15 -58.86 -74.34
N GLY B 197 -1.42 -60.16 -74.39
CA GLY B 197 -0.91 -61.09 -73.41
C GLY B 197 -1.93 -61.39 -72.32
N HIS B 198 -3.02 -60.62 -72.33
CA HIS B 198 -4.07 -60.78 -71.33
C HIS B 198 -5.25 -61.57 -71.88
N CYS B 199 -5.31 -62.85 -71.56
CA CYS B 199 -6.37 -63.72 -72.05
C CYS B 199 -6.58 -64.92 -71.12
N PHE B 200 -7.81 -65.41 -71.07
CA PHE B 200 -8.13 -66.59 -70.26
C PHE B 200 -8.41 -67.78 -71.15
N GLY B 201 -8.08 -67.66 -72.43
CA GLY B 201 -8.28 -68.73 -73.38
C GLY B 201 -7.63 -68.45 -74.72
N PRO B 202 -7.26 -69.52 -75.46
CA PRO B 202 -6.59 -69.42 -76.76
C PRO B 202 -7.45 -68.78 -77.84
N ASN B 203 -8.77 -68.90 -77.71
CA ASN B 203 -9.70 -68.36 -78.71
C ASN B 203 -9.55 -66.84 -78.87
N PRO B 204 -9.84 -66.33 -80.09
CA PRO B 204 -9.76 -64.89 -80.39
C PRO B 204 -10.56 -64.03 -79.42
N ASN B 205 -11.86 -63.95 -79.62
CA ASN B 205 -12.73 -63.19 -78.72
C ASN B 205 -12.82 -63.87 -77.36
N GLN B 206 -11.73 -63.80 -76.61
CA GLN B 206 -11.64 -64.48 -75.32
C GLN B 206 -10.51 -63.88 -74.50
N CYS B 207 -10.46 -62.56 -74.45
CA CYS B 207 -9.37 -61.86 -73.77
C CYS B 207 -9.80 -61.29 -72.42
N CYS B 208 -8.83 -60.89 -71.62
CA CYS B 208 -9.11 -60.27 -70.33
C CYS B 208 -9.56 -58.82 -70.51
N HIS B 209 -10.04 -58.21 -69.43
CA HIS B 209 -10.44 -56.81 -69.47
C HIS B 209 -9.22 -55.91 -69.56
N ASP B 210 -9.41 -54.68 -70.03
CA ASP B 210 -8.31 -53.74 -70.20
C ASP B 210 -7.72 -53.30 -68.86
N GLU B 211 -8.47 -53.53 -67.78
CA GLU B 211 -8.02 -53.14 -66.44
C GLU B 211 -7.39 -54.32 -65.70
N CYS B 212 -7.24 -55.45 -66.39
CA CYS B 212 -6.58 -56.61 -65.81
C CYS B 212 -5.07 -56.45 -65.89
N ALA B 213 -4.40 -56.55 -64.73
CA ALA B 213 -2.96 -56.38 -64.67
C ALA B 213 -2.25 -57.51 -65.39
N GLY B 214 -2.83 -58.70 -65.36
CA GLY B 214 -2.25 -59.86 -66.02
C GLY B 214 -3.29 -60.78 -66.61
N GLY B 215 -3.46 -61.94 -66.00
CA GLY B 215 -4.43 -62.92 -66.46
C GLY B 215 -5.80 -62.70 -65.87
N CYS B 216 -6.74 -63.56 -66.22
CA CYS B 216 -8.11 -63.45 -65.71
C CYS B 216 -8.85 -64.78 -65.85
N SER B 217 -10.14 -64.76 -65.54
CA SER B 217 -10.97 -65.96 -65.64
C SER B 217 -12.29 -65.63 -66.32
N GLY B 218 -12.29 -64.57 -67.12
CA GLY B 218 -13.48 -64.13 -67.83
C GLY B 218 -13.30 -62.74 -68.41
N PRO B 219 -14.26 -62.31 -69.24
CA PRO B 219 -14.20 -61.01 -69.92
C PRO B 219 -14.80 -59.86 -69.11
N GLN B 220 -14.86 -60.01 -67.79
CA GLN B 220 -15.46 -58.99 -66.94
C GLN B 220 -14.45 -58.35 -65.99
N ASP B 221 -14.87 -57.28 -65.33
CA ASP B 221 -14.01 -56.57 -64.39
C ASP B 221 -13.78 -57.39 -63.13
N THR B 222 -14.76 -58.20 -62.76
CA THR B 222 -14.70 -59.00 -61.56
C THR B 222 -13.91 -60.30 -61.77
N ASP B 223 -13.60 -60.60 -63.02
CA ASP B 223 -12.92 -61.84 -63.38
C ASP B 223 -11.41 -61.69 -63.40
N CYS B 224 -10.91 -60.51 -63.06
CA CYS B 224 -9.48 -60.25 -63.07
C CYS B 224 -8.79 -60.82 -61.83
N PHE B 225 -7.58 -61.33 -62.02
CA PHE B 225 -6.78 -61.82 -60.91
C PHE B 225 -6.19 -60.66 -60.12
N ALA B 226 -5.61 -59.70 -60.85
CA ALA B 226 -5.06 -58.50 -60.24
C ALA B 226 -5.48 -57.27 -61.04
N CYS B 227 -5.82 -56.20 -60.34
CA CYS B 227 -6.23 -54.96 -60.98
C CYS B 227 -5.02 -54.11 -61.37
N ARG B 228 -5.03 -53.61 -62.59
CA ARG B 228 -3.93 -52.78 -63.10
C ARG B 228 -3.82 -51.47 -62.33
N HIS B 229 -4.95 -50.96 -61.89
CA HIS B 229 -4.99 -49.68 -61.18
C HIS B 229 -5.71 -49.79 -59.84
N PHE B 230 -7.03 -49.57 -59.87
CA PHE B 230 -7.81 -49.53 -58.63
C PHE B 230 -8.89 -50.60 -58.59
N ASN B 231 -9.03 -51.25 -57.45
CA ASN B 231 -10.09 -52.23 -57.23
C ASN B 231 -11.29 -51.58 -56.55
N ASP B 232 -12.48 -51.84 -57.08
CA ASP B 232 -13.70 -51.23 -56.56
C ASP B 232 -14.79 -52.28 -56.31
N SER B 233 -14.81 -52.82 -55.09
CA SER B 233 -15.80 -53.81 -54.67
C SER B 233 -15.86 -55.01 -55.60
N GLY B 234 -14.69 -55.47 -56.05
CA GLY B 234 -14.61 -56.63 -56.92
C GLY B 234 -14.29 -56.29 -58.36
N ALA B 235 -14.79 -55.14 -58.81
CA ALA B 235 -14.57 -54.71 -60.19
C ALA B 235 -13.29 -53.88 -60.31
N CYS B 236 -12.61 -54.02 -61.43
CA CYS B 236 -11.39 -53.25 -61.68
C CYS B 236 -11.69 -52.04 -62.56
N VAL B 237 -11.73 -50.87 -61.93
CA VAL B 237 -12.01 -49.63 -62.63
C VAL B 237 -10.72 -48.83 -62.86
N PRO B 238 -10.67 -48.08 -63.97
CA PRO B 238 -9.51 -47.24 -64.26
C PRO B 238 -9.35 -46.10 -63.25
N ARG B 239 -10.47 -45.67 -62.69
CA ARG B 239 -10.45 -44.61 -61.68
C ARG B 239 -11.72 -44.66 -60.84
N CYS B 240 -11.59 -44.33 -59.55
CA CYS B 240 -12.72 -44.27 -58.64
C CYS B 240 -13.71 -43.21 -59.12
N PRO B 241 -15.01 -43.42 -58.85
CA PRO B 241 -16.08 -42.50 -59.25
C PRO B 241 -15.76 -41.05 -58.91
N GLN B 242 -15.88 -40.18 -59.91
CA GLN B 242 -15.51 -38.77 -59.78
C GLN B 242 -16.31 -38.05 -58.69
N PRO B 243 -15.65 -37.11 -57.99
CA PRO B 243 -16.30 -36.30 -56.94
C PRO B 243 -17.41 -35.43 -57.49
N LEU B 244 -17.32 -35.08 -58.77
CA LEU B 244 -18.32 -34.22 -59.41
C LEU B 244 -19.04 -34.96 -60.53
N TYR B 246 -21.52 -34.14 -63.17
CA TYR B 246 -22.26 -32.95 -63.54
C TYR B 246 -23.77 -33.17 -63.38
N ASN B 247 -24.15 -33.88 -62.32
CA ASN B 247 -25.55 -34.19 -62.06
C ASN B 247 -26.35 -32.96 -61.65
N LYS B 248 -26.64 -32.10 -62.61
CA LYS B 248 -27.40 -30.88 -62.35
C LYS B 248 -27.93 -30.28 -63.65
N LEU B 249 -29.15 -29.75 -63.57
CA LEU B 249 -29.75 -29.06 -64.71
C LEU B 249 -29.45 -27.56 -64.63
N THR B 250 -28.67 -27.18 -63.62
CA THR B 250 -28.29 -25.79 -63.43
C THR B 250 -26.93 -25.52 -64.06
N PHE B 251 -26.43 -26.51 -64.80
CA PHE B 251 -25.14 -26.43 -65.47
C PHE B 251 -24.00 -26.13 -64.48
N GLN B 252 -24.00 -26.84 -63.36
CA GLN B 252 -22.97 -26.68 -62.34
C GLN B 252 -22.62 -28.01 -61.71
N LEU B 253 -21.32 -28.34 -61.69
CA LEU B 253 -20.85 -29.60 -61.14
C LEU B 253 -21.02 -29.64 -59.62
N GLU B 254 -21.79 -30.61 -59.15
CA GLU B 254 -22.08 -30.76 -57.73
C GLU B 254 -21.41 -32.02 -57.17
N PRO B 255 -21.09 -32.02 -55.87
CA PRO B 255 -20.47 -33.19 -55.24
C PRO B 255 -21.37 -34.42 -55.25
N ASN B 256 -20.97 -35.44 -56.01
CA ASN B 256 -21.74 -36.67 -56.11
C ASN B 256 -21.52 -37.59 -54.91
N PRO B 257 -22.62 -38.05 -54.30
CA PRO B 257 -22.59 -38.93 -53.13
C PRO B 257 -21.94 -40.28 -53.41
N HIS B 258 -21.94 -40.71 -54.67
CA HIS B 258 -21.40 -42.01 -55.04
C HIS B 258 -19.90 -41.94 -55.29
N THR B 259 -19.23 -41.01 -54.62
CA THR B 259 -17.80 -40.81 -54.80
C THR B 259 -16.96 -41.77 -53.97
N LYS B 260 -16.00 -42.43 -54.60
CA LYS B 260 -15.05 -43.27 -53.91
C LYS B 260 -13.66 -42.65 -53.98
N TYR B 261 -12.82 -42.98 -53.01
CA TYR B 261 -11.49 -42.38 -52.93
C TYR B 261 -10.39 -43.43 -53.07
N GLN B 262 -9.21 -42.98 -53.47
CA GLN B 262 -8.10 -43.88 -53.77
C GLN B 262 -7.21 -44.16 -52.56
N TYR B 263 -7.67 -45.02 -51.66
CA TYR B 263 -6.85 -45.41 -50.52
C TYR B 263 -6.09 -46.69 -50.83
N GLY B 264 -4.79 -46.54 -51.08
CA GLY B 264 -3.95 -47.66 -51.46
C GLY B 264 -4.26 -48.12 -52.88
N GLY B 265 -4.94 -49.26 -52.99
CA GLY B 265 -5.34 -49.77 -54.29
C GLY B 265 -6.83 -50.08 -54.34
N VAL B 266 -7.48 -50.00 -53.18
CA VAL B 266 -8.91 -50.29 -53.08
C VAL B 266 -9.72 -49.00 -52.96
N CYS B 267 -10.76 -48.87 -53.78
CA CYS B 267 -11.62 -47.70 -53.74
C CYS B 267 -12.61 -47.78 -52.58
N VAL B 268 -12.32 -47.03 -51.52
CA VAL B 268 -13.18 -47.00 -50.35
C VAL B 268 -14.10 -45.78 -50.41
N ALA B 269 -15.18 -45.81 -49.64
CA ALA B 269 -16.16 -44.73 -49.65
C ALA B 269 -15.83 -43.66 -48.62
N SER B 270 -14.86 -43.95 -47.77
CA SER B 270 -14.44 -43.00 -46.74
C SER B 270 -13.07 -43.36 -46.14
N CYS B 271 -12.14 -42.41 -46.21
CA CYS B 271 -10.84 -42.58 -45.57
C CYS B 271 -11.04 -42.65 -44.07
N PRO B 272 -10.28 -43.54 -43.39
CA PRO B 272 -10.41 -43.73 -41.94
C PRO B 272 -10.05 -42.48 -41.14
N HIS B 273 -10.33 -42.50 -39.84
CA HIS B 273 -10.03 -41.36 -38.97
C HIS B 273 -8.54 -41.23 -38.71
N ASN B 274 -7.76 -41.15 -39.79
CA ASN B 274 -6.31 -41.03 -39.71
C ASN B 274 -5.75 -40.49 -41.01
N PHE B 275 -6.59 -40.47 -42.04
CA PHE B 275 -6.21 -39.95 -43.35
C PHE B 275 -7.30 -39.03 -43.89
N VAL B 276 -6.90 -37.97 -44.57
CA VAL B 276 -7.83 -37.00 -45.12
C VAL B 276 -8.06 -37.22 -46.62
N VAL B 277 -8.99 -36.47 -47.19
CA VAL B 277 -9.33 -36.61 -48.60
C VAL B 277 -8.78 -35.45 -49.44
N ASP B 278 -7.87 -35.76 -50.35
CA ASP B 278 -7.35 -34.77 -51.28
C ASP B 278 -7.90 -35.00 -52.68
N GLN B 279 -8.85 -34.16 -53.08
CA GLN B 279 -9.51 -34.26 -54.38
C GLN B 279 -10.19 -35.62 -54.56
N THR B 280 -9.40 -36.63 -54.89
CA THR B 280 -9.95 -37.97 -55.13
C THR B 280 -9.09 -39.07 -54.51
N SER B 281 -8.10 -38.67 -53.71
CA SER B 281 -7.19 -39.62 -53.09
C SER B 281 -7.31 -39.62 -51.57
N CYS B 282 -6.36 -40.25 -50.91
CA CYS B 282 -6.34 -40.31 -49.45
C CYS B 282 -4.92 -40.09 -48.91
N VAL B 283 -4.49 -38.82 -48.89
CA VAL B 283 -3.17 -38.48 -48.39
C VAL B 283 -3.11 -38.68 -46.88
N ARG B 284 -2.00 -39.21 -46.39
CA ARG B 284 -1.83 -39.53 -44.98
C ARG B 284 -1.86 -38.29 -44.08
N ALA B 285 -1.40 -37.17 -44.61
CA ALA B 285 -1.31 -35.95 -43.81
C ALA B 285 -1.51 -34.67 -44.63
N CYS B 286 -2.21 -34.81 -45.77
CA CYS B 286 -2.60 -33.67 -46.61
C CYS B 286 -1.41 -32.98 -47.29
N PRO B 287 -1.55 -32.67 -48.59
CA PRO B 287 -0.52 -31.96 -49.37
C PRO B 287 -0.13 -30.62 -48.77
N PRO B 288 1.10 -30.16 -49.05
CA PRO B 288 1.63 -28.91 -48.47
C PRO B 288 0.92 -27.65 -48.96
N ASP B 289 0.41 -27.67 -50.19
CA ASP B 289 -0.24 -26.51 -50.77
C ASP B 289 -1.71 -26.43 -50.38
N LYS B 290 -2.16 -27.40 -49.61
CA LYS B 290 -3.57 -27.48 -49.20
C LYS B 290 -3.74 -27.52 -47.69
N MET B 291 -4.93 -27.19 -47.23
CA MET B 291 -5.25 -27.20 -45.79
C MET B 291 -6.45 -28.09 -45.50
N GLU B 292 -6.51 -28.64 -44.29
CA GLU B 292 -7.63 -29.47 -43.89
C GLU B 292 -8.90 -28.62 -43.77
N VAL B 293 -9.97 -29.08 -44.39
CA VAL B 293 -11.23 -28.33 -44.43
C VAL B 293 -12.43 -29.22 -44.11
N ASP B 294 -13.28 -28.76 -43.19
CA ASP B 294 -14.50 -29.47 -42.86
C ASP B 294 -15.65 -29.02 -43.78
N LYS B 295 -15.46 -29.23 -45.08
CA LYS B 295 -16.45 -28.81 -46.07
C LYS B 295 -17.64 -29.76 -46.13
N ASN B 296 -18.74 -29.37 -45.49
CA ASN B 296 -19.98 -30.15 -45.49
C ASN B 296 -19.80 -31.58 -45.01
N GLY B 297 -19.19 -32.42 -45.85
CA GLY B 297 -19.00 -33.82 -45.54
C GLY B 297 -18.04 -34.05 -44.38
N LEU B 298 -16.77 -34.26 -44.71
CA LEU B 298 -15.77 -34.54 -43.69
C LEU B 298 -14.47 -33.78 -43.96
N LYS B 299 -13.40 -34.22 -43.31
CA LYS B 299 -12.09 -33.56 -43.44
C LYS B 299 -11.47 -33.81 -44.80
N MET B 300 -11.72 -32.91 -45.74
CA MET B 300 -11.15 -33.01 -47.08
C MET B 300 -10.23 -31.83 -47.37
N CYS B 301 -9.11 -32.11 -48.03
CA CYS B 301 -8.12 -31.08 -48.32
C CYS B 301 -8.58 -30.09 -49.39
N GLU B 302 -8.29 -28.82 -49.17
CA GLU B 302 -8.61 -27.76 -50.10
C GLU B 302 -7.47 -26.76 -50.16
N PRO B 303 -7.28 -26.09 -51.32
CA PRO B 303 -6.18 -25.13 -51.48
C PRO B 303 -6.28 -23.96 -50.50
N CYS B 304 -5.12 -23.46 -50.08
CA CYS B 304 -5.07 -22.38 -49.10
C CYS B 304 -5.26 -21.03 -49.76
N GLY B 305 -5.04 -20.97 -51.06
CA GLY B 305 -5.12 -19.71 -51.79
C GLY B 305 -3.96 -18.81 -51.43
N GLY B 306 -2.85 -19.42 -51.02
CA GLY B 306 -1.66 -18.69 -50.63
C GLY B 306 -0.77 -19.55 -49.77
N LEU B 307 -0.69 -19.20 -48.49
CA LEU B 307 0.11 -19.98 -47.54
C LEU B 307 -0.80 -20.63 -46.50
N CYS B 308 -0.58 -21.92 -46.25
CA CYS B 308 -1.40 -22.68 -45.32
C CYS B 308 -1.16 -22.26 -43.88
N PRO B 309 -2.21 -22.31 -43.05
CA PRO B 309 -2.12 -21.97 -41.62
C PRO B 309 -1.11 -22.84 -40.89
N LYS B 310 -0.12 -22.21 -40.26
CA LYS B 310 0.92 -22.91 -39.54
C LYS B 310 1.24 -22.23 -38.22
N ALA B 311 1.02 -22.94 -37.12
CA ALA B 311 1.28 -22.40 -35.79
C ALA B 311 2.72 -22.63 -35.35
N CYS B 312 3.37 -21.57 -34.87
CA CYS B 312 4.74 -21.64 -34.39
C CYS B 312 4.85 -21.17 -32.94
N GLU B 313 5.89 -21.61 -32.25
CA GLU B 313 6.13 -21.16 -30.89
C GLU B 313 6.68 -19.75 -30.90
N GLY B 314 6.51 -19.04 -29.79
CA GLY B 314 6.98 -17.67 -29.68
C GLY B 314 8.04 -17.50 -28.63
N THR B 315 8.24 -16.26 -28.21
CA THR B 315 9.21 -15.95 -27.16
C THR B 315 8.52 -15.33 -25.96
N GLY B 316 9.29 -15.08 -24.91
CA GLY B 316 8.75 -14.49 -23.69
C GLY B 316 8.55 -15.53 -22.60
N SER B 317 7.69 -15.20 -21.65
CA SER B 317 7.42 -16.10 -20.52
C SER B 317 6.71 -17.36 -20.99
N GLY B 318 7.24 -18.51 -20.57
CA GLY B 318 6.67 -19.79 -20.95
C GLY B 318 7.47 -20.46 -22.05
N SER B 319 8.23 -19.68 -22.80
CA SER B 319 9.03 -20.20 -23.89
C SER B 319 10.44 -20.53 -23.44
N ARG B 320 11.33 -20.79 -24.39
CA ARG B 320 12.71 -21.13 -24.08
C ARG B 320 13.62 -19.90 -24.10
N PHE B 321 13.19 -18.87 -24.82
CA PHE B 321 14.06 -17.72 -25.07
C PHE B 321 13.47 -16.41 -24.56
N GLN B 322 14.33 -15.55 -24.05
CA GLN B 322 13.93 -14.23 -23.57
C GLN B 322 13.57 -13.31 -24.74
N THR B 323 14.18 -13.56 -25.89
CA THR B 323 13.95 -12.72 -27.06
C THR B 323 14.15 -13.47 -28.37
N VAL B 324 13.94 -12.78 -29.47
CA VAL B 324 14.22 -13.33 -30.79
C VAL B 324 15.65 -12.99 -31.17
N ASP B 325 16.47 -14.02 -31.38
CA ASP B 325 17.87 -13.81 -31.71
C ASP B 325 18.29 -14.59 -32.94
N SER B 326 19.60 -14.80 -33.09
CA SER B 326 20.14 -15.49 -34.24
C SER B 326 19.76 -16.97 -34.26
N SER B 327 19.41 -17.50 -33.10
CA SER B 327 19.10 -18.92 -32.96
C SER B 327 17.61 -19.20 -33.00
N ASN B 328 16.80 -18.16 -33.12
CA ASN B 328 15.35 -18.31 -33.16
C ASN B 328 14.76 -17.89 -34.49
N ILE B 329 15.44 -16.98 -35.17
CA ILE B 329 14.89 -16.35 -36.37
C ILE B 329 14.68 -17.34 -37.51
N ASP B 330 15.32 -18.49 -37.45
CA ASP B 330 15.20 -19.49 -38.50
C ASP B 330 14.05 -20.45 -38.24
N GLY B 331 13.30 -20.20 -37.17
CA GLY B 331 12.21 -21.06 -36.78
C GLY B 331 10.84 -20.47 -37.09
N PHE B 332 10.82 -19.29 -37.69
CA PHE B 332 9.58 -18.62 -38.02
C PHE B 332 9.32 -18.63 -39.53
N VAL B 333 9.75 -19.70 -40.18
CA VAL B 333 9.57 -19.84 -41.63
C VAL B 333 8.16 -20.33 -41.97
N ASN B 334 7.46 -19.55 -42.79
CA ASN B 334 6.09 -19.85 -43.18
C ASN B 334 5.16 -20.03 -41.98
N CYS B 335 5.36 -19.21 -40.96
CA CYS B 335 4.58 -19.29 -39.72
C CYS B 335 3.47 -18.23 -39.71
N THR B 336 2.24 -18.68 -39.87
CA THR B 336 1.10 -17.76 -39.95
C THR B 336 0.63 -17.32 -38.57
N LYS B 337 0.55 -18.26 -37.64
CA LYS B 337 0.08 -17.98 -36.29
C LYS B 337 1.18 -18.30 -35.28
N ILE B 338 1.30 -17.45 -34.25
CA ILE B 338 2.31 -17.67 -33.23
C ILE B 338 1.66 -17.85 -31.85
N LEU B 339 1.64 -19.09 -31.38
CA LEU B 339 1.14 -19.40 -30.05
C LEU B 339 2.12 -18.88 -29.00
N GLY B 340 1.77 -17.77 -28.37
CA GLY B 340 2.65 -17.12 -27.42
C GLY B 340 2.87 -15.67 -27.78
N ASN B 341 4.10 -15.21 -27.67
CA ASN B 341 4.42 -13.80 -27.92
C ASN B 341 5.64 -13.61 -28.80
N LEU B 342 6.03 -12.36 -28.98
CA LEU B 342 7.25 -12.01 -29.71
C LEU B 342 8.02 -10.94 -28.96
N ASP B 343 9.18 -11.30 -28.44
CA ASP B 343 10.02 -10.35 -27.72
C ASP B 343 11.26 -9.97 -28.52
N PHE B 344 11.45 -8.67 -28.74
CA PHE B 344 12.61 -8.19 -29.46
C PHE B 344 13.49 -7.32 -28.56
N LEU B 345 14.35 -7.97 -27.78
CA LEU B 345 15.26 -7.26 -26.89
C LEU B 345 16.55 -6.87 -27.61
N ILE B 346 17.31 -5.98 -27.00
CA ILE B 346 18.54 -5.48 -27.60
C ILE B 346 19.60 -6.57 -27.73
N THR B 347 19.67 -7.45 -26.72
CA THR B 347 20.67 -8.51 -26.70
C THR B 347 20.42 -9.56 -27.78
N GLY B 348 19.23 -9.52 -28.38
CA GLY B 348 18.89 -10.43 -29.45
C GLY B 348 19.31 -9.88 -30.80
N LEU B 349 19.25 -8.57 -30.95
CA LEU B 349 19.58 -7.91 -32.21
C LEU B 349 21.08 -7.72 -32.38
N ASN B 350 21.78 -7.54 -31.25
CA ASN B 350 23.21 -7.25 -31.28
C ASN B 350 24.07 -8.42 -30.82
N GLY B 351 23.48 -9.33 -30.04
CA GLY B 351 24.19 -10.50 -29.56
C GLY B 351 24.32 -10.57 -28.05
N ASP B 352 24.50 -11.80 -27.54
CA ASP B 352 24.61 -12.02 -26.10
C ASP B 352 25.89 -11.41 -25.53
N PRO B 353 25.85 -10.99 -24.25
CA PRO B 353 27.00 -10.35 -23.59
C PRO B 353 28.21 -11.27 -23.46
N TRP B 354 28.05 -12.56 -23.75
CA TRP B 354 29.13 -13.52 -23.62
C TRP B 354 29.61 -14.04 -24.98
N HIS B 355 29.30 -13.28 -26.02
CA HIS B 355 29.63 -13.60 -27.41
C HIS B 355 29.46 -15.08 -27.78
N LYS B 356 28.37 -15.68 -27.32
CA LYS B 356 28.11 -17.09 -27.61
C LYS B 356 27.37 -17.27 -28.93
N ILE B 357 26.45 -16.35 -29.23
CA ILE B 357 25.73 -16.37 -30.49
C ILE B 357 25.95 -15.05 -31.22
N PRO B 358 25.95 -15.08 -32.57
CA PRO B 358 26.20 -13.88 -33.37
C PRO B 358 25.03 -12.89 -33.34
N ALA B 359 25.26 -11.68 -33.85
CA ALA B 359 24.21 -10.68 -33.94
C ALA B 359 23.16 -11.10 -34.97
N LEU B 360 21.91 -10.71 -34.73
CA LEU B 360 20.81 -11.09 -35.63
C LEU B 360 20.90 -10.35 -36.95
N ASP B 361 20.93 -11.11 -38.04
CA ASP B 361 20.91 -10.54 -39.39
C ASP B 361 19.58 -9.84 -39.62
N PRO B 362 19.62 -8.52 -39.87
CA PRO B 362 18.41 -7.71 -40.10
C PRO B 362 17.51 -8.28 -41.20
N GLU B 363 18.11 -8.77 -42.28
CA GLU B 363 17.34 -9.33 -43.39
C GLU B 363 16.52 -10.55 -42.97
N LYS B 364 16.99 -11.26 -41.94
CA LYS B 364 16.32 -12.45 -41.46
C LYS B 364 15.01 -12.14 -40.75
N LEU B 365 14.80 -10.86 -40.41
CA LEU B 365 13.58 -10.43 -39.76
C LEU B 365 12.36 -10.62 -40.67
N ASN B 366 12.60 -10.60 -41.98
CA ASN B 366 11.54 -10.68 -42.98
C ASN B 366 10.77 -12.01 -42.96
N VAL B 367 11.09 -12.88 -42.02
CA VAL B 367 10.37 -14.14 -41.88
C VAL B 367 8.98 -13.91 -41.29
N PHE B 368 8.80 -12.80 -40.58
CA PHE B 368 7.54 -12.51 -39.92
C PHE B 368 6.52 -11.89 -40.86
N ARG B 369 6.84 -11.86 -42.15
CA ARG B 369 5.91 -11.33 -43.14
C ARG B 369 4.77 -12.30 -43.39
N THR B 370 4.92 -13.53 -42.88
CA THR B 370 3.90 -14.55 -43.00
C THR B 370 3.03 -14.59 -41.74
N VAL B 371 3.48 -13.93 -40.69
CA VAL B 371 2.76 -13.90 -39.42
C VAL B 371 1.42 -13.15 -39.54
N ARG B 372 0.33 -13.86 -39.28
CA ARG B 372 -1.00 -13.29 -39.42
C ARG B 372 -1.63 -12.96 -38.06
N GLU B 373 -1.27 -13.73 -37.04
CA GLU B 373 -1.85 -13.56 -35.71
C GLU B 373 -0.84 -13.84 -34.59
N ILE B 374 -0.90 -13.04 -33.54
CA ILE B 374 -0.09 -13.28 -32.34
C ILE B 374 -1.01 -13.51 -31.14
N THR B 375 -0.84 -14.66 -30.49
CA THR B 375 -1.70 -15.08 -29.40
C THR B 375 -1.59 -14.16 -28.19
N GLY B 376 -0.36 -13.76 -27.87
CA GLY B 376 -0.11 -12.94 -26.69
C GLY B 376 0.20 -11.49 -27.00
N TYR B 377 1.40 -11.05 -26.65
CA TYR B 377 1.80 -9.66 -26.82
C TYR B 377 2.87 -9.48 -27.88
N LEU B 378 3.05 -8.24 -28.32
CA LEU B 378 4.14 -7.89 -29.23
C LEU B 378 5.06 -6.88 -28.56
N ASN B 379 6.28 -7.31 -28.26
CA ASN B 379 7.24 -6.47 -27.56
C ASN B 379 8.43 -6.08 -28.43
N ILE B 380 8.47 -4.82 -28.84
CA ILE B 380 9.57 -4.31 -29.65
C ILE B 380 10.35 -3.25 -28.90
N GLN B 381 11.53 -3.63 -28.42
CA GLN B 381 12.39 -2.70 -27.70
C GLN B 381 13.70 -2.46 -28.46
N SER B 382 13.87 -3.20 -29.55
CA SER B 382 15.09 -3.08 -30.36
C SER B 382 14.81 -3.42 -31.81
N TRP B 383 15.00 -2.44 -32.68
CA TRP B 383 14.80 -2.63 -34.12
C TRP B 383 15.98 -2.05 -34.87
N PRO B 384 16.48 -2.78 -35.89
CA PRO B 384 17.61 -2.35 -36.73
C PRO B 384 17.47 -0.91 -37.22
N PRO B 385 18.53 -0.12 -37.09
CA PRO B 385 18.51 1.33 -37.36
C PRO B 385 18.12 1.68 -38.79
N HIS B 386 18.48 0.83 -39.74
CA HIS B 386 18.19 1.12 -41.15
C HIS B 386 16.75 0.76 -41.50
N MET B 387 16.05 0.11 -40.58
CA MET B 387 14.63 -0.16 -40.75
C MET B 387 13.83 0.90 -39.99
N HIS B 388 13.11 1.74 -40.74
CA HIS B 388 12.45 2.90 -40.16
C HIS B 388 11.00 2.63 -39.80
N ASN B 389 10.61 1.36 -39.81
CA ASN B 389 9.29 0.94 -39.37
C ASN B 389 9.20 -0.58 -39.26
N PHE B 390 8.02 -1.08 -38.95
CA PHE B 390 7.82 -2.52 -38.82
C PHE B 390 6.98 -3.05 -39.97
N SER B 391 7.45 -2.78 -41.19
CA SER B 391 6.76 -3.25 -42.39
C SER B 391 6.89 -4.77 -42.52
N VAL B 392 7.72 -5.35 -41.65
CA VAL B 392 7.87 -6.80 -41.57
C VAL B 392 6.54 -7.44 -41.19
N PHE B 393 5.85 -6.84 -40.23
CA PHE B 393 4.54 -7.32 -39.81
C PHE B 393 3.42 -6.73 -40.65
N SER B 394 3.62 -6.69 -41.97
CA SER B 394 2.64 -6.13 -42.89
C SER B 394 1.35 -6.93 -42.91
N ASN B 395 1.48 -8.25 -42.73
CA ASN B 395 0.33 -9.14 -42.76
C ASN B 395 -0.22 -9.45 -41.37
N LEU B 396 0.32 -8.78 -40.35
CA LEU B 396 -0.16 -8.97 -38.99
C LEU B 396 -1.58 -8.42 -38.85
N THR B 397 -2.52 -9.31 -38.56
CA THR B 397 -3.93 -8.94 -38.49
C THR B 397 -4.42 -8.73 -37.06
N THR B 398 -4.11 -9.69 -36.19
CA THR B 398 -4.65 -9.67 -34.84
C THR B 398 -3.60 -9.94 -33.77
N ILE B 399 -3.54 -9.06 -32.77
CA ILE B 399 -2.74 -9.31 -31.58
C ILE B 399 -3.67 -9.73 -30.45
N GLY B 400 -3.44 -10.92 -29.91
CA GLY B 400 -4.33 -11.51 -28.92
C GLY B 400 -4.47 -10.74 -27.62
N GLY B 401 -3.59 -11.03 -26.67
CA GLY B 401 -3.66 -10.42 -25.35
C GLY B 401 -3.99 -11.46 -24.31
N ARG B 402 -3.99 -12.73 -24.74
CA ARG B 402 -4.18 -13.85 -23.83
C ARG B 402 -2.92 -14.09 -23.03
N SER B 403 -1.84 -13.43 -23.43
CA SER B 403 -0.58 -13.43 -22.71
C SER B 403 -0.02 -12.01 -22.72
N LEU B 404 0.04 -11.39 -21.56
CA LEU B 404 0.44 -9.98 -21.47
C LEU B 404 1.88 -9.80 -21.00
N TYR B 405 2.44 -8.63 -21.30
CA TYR B 405 3.82 -8.31 -20.95
C TYR B 405 3.86 -7.17 -19.95
N ASN B 406 4.81 -7.26 -19.01
CA ASN B 406 4.98 -6.25 -17.97
C ASN B 406 3.68 -5.96 -17.23
N ARG B 407 3.27 -4.70 -17.21
CA ARG B 407 2.05 -4.31 -16.52
C ARG B 407 0.83 -4.39 -17.44
N GLY B 408 0.58 -5.58 -17.96
CA GLY B 408 -0.60 -5.85 -18.75
C GLY B 408 -0.60 -5.24 -20.14
N PHE B 409 0.54 -5.28 -20.81
CA PHE B 409 0.66 -4.73 -22.16
C PHE B 409 0.54 -5.82 -23.22
N SER B 410 -0.16 -5.51 -24.30
CA SER B 410 -0.27 -6.42 -25.44
C SER B 410 0.56 -5.91 -26.61
N LEU B 411 0.94 -4.64 -26.53
CA LEU B 411 1.77 -4.02 -27.56
C LEU B 411 2.74 -3.03 -26.92
N LEU B 412 3.99 -3.42 -26.79
CA LEU B 412 4.99 -2.57 -26.17
C LEU B 412 6.09 -2.19 -27.16
N ILE B 413 6.05 -0.95 -27.63
CA ILE B 413 7.05 -0.43 -28.55
C ILE B 413 7.80 0.71 -27.87
N MET B 414 8.86 0.38 -27.13
CA MET B 414 9.53 1.35 -26.29
C MET B 414 10.93 1.71 -26.77
N LYS B 415 11.14 3.01 -26.96
CA LYS B 415 12.45 3.59 -27.29
C LYS B 415 13.12 2.95 -28.50
N ASN B 416 12.52 3.17 -29.67
CA ASN B 416 13.16 2.85 -30.94
C ASN B 416 13.36 4.14 -31.72
N LEU B 417 14.59 4.66 -31.67
CA LEU B 417 14.87 6.00 -32.16
C LEU B 417 14.90 6.11 -33.69
N ASN B 418 15.03 4.97 -34.37
CA ASN B 418 15.22 5.00 -35.81
C ASN B 418 13.99 4.60 -36.63
N VAL B 419 12.84 4.50 -35.97
CA VAL B 419 11.61 4.20 -36.70
C VAL B 419 10.77 5.46 -36.92
N THR B 420 10.28 5.63 -38.14
CA THR B 420 9.49 6.81 -38.50
C THR B 420 8.00 6.53 -38.41
N SER B 421 7.58 5.41 -39.00
CA SER B 421 6.20 4.98 -38.93
C SER B 421 6.09 3.64 -38.18
N LEU B 422 4.88 3.11 -38.08
CA LEU B 422 4.66 1.87 -37.36
C LEU B 422 4.64 0.65 -38.28
N GLY B 423 3.83 0.73 -39.34
CA GLY B 423 3.57 -0.42 -40.16
C GLY B 423 2.27 -1.06 -39.70
N PHE B 424 2.24 -2.39 -39.66
CA PHE B 424 1.03 -3.12 -39.23
C PHE B 424 -0.17 -2.72 -40.07
N ARG B 425 -0.01 -2.73 -41.39
CA ARG B 425 -1.06 -2.25 -42.29
C ARG B 425 -2.28 -3.16 -42.31
N SER B 426 -2.13 -4.37 -41.77
CA SER B 426 -3.23 -5.33 -41.73
C SER B 426 -3.84 -5.41 -40.33
N LEU B 427 -3.21 -4.76 -39.37
CA LEU B 427 -3.66 -4.79 -37.98
C LEU B 427 -5.04 -4.17 -37.83
N LYS B 428 -6.04 -5.01 -37.56
CA LYS B 428 -7.41 -4.55 -37.47
C LYS B 428 -8.03 -4.83 -36.10
N GLU B 429 -7.38 -5.66 -35.30
CA GLU B 429 -7.90 -5.99 -33.97
C GLU B 429 -6.83 -6.30 -32.95
N ILE B 430 -6.89 -5.59 -31.82
CA ILE B 430 -6.12 -5.96 -30.64
C ILE B 430 -7.10 -6.37 -29.55
N SER B 431 -7.29 -7.68 -29.43
CA SER B 431 -8.38 -8.26 -28.64
C SER B 431 -8.43 -7.78 -27.18
N ALA B 432 -7.26 -7.70 -26.55
CA ALA B 432 -7.20 -7.28 -25.15
C ALA B 432 -5.82 -6.73 -24.80
N GLY B 433 -5.71 -6.17 -23.61
CA GLY B 433 -4.43 -5.67 -23.12
C GLY B 433 -4.28 -4.18 -23.25
N ARG B 434 -3.09 -3.69 -22.95
CA ARG B 434 -2.79 -2.26 -23.02
C ARG B 434 -1.86 -1.94 -24.19
N ILE B 435 -1.80 -0.66 -24.56
CA ILE B 435 -0.91 -0.22 -25.60
C ILE B 435 0.21 0.65 -25.03
N TYR B 436 1.46 0.26 -25.26
CA TYR B 436 2.58 1.07 -24.83
C TYR B 436 3.48 1.46 -26.01
N ILE B 437 3.38 2.72 -26.40
CA ILE B 437 4.21 3.26 -27.48
C ILE B 437 4.85 4.56 -27.03
N SER B 438 6.09 4.49 -26.55
CA SER B 438 6.75 5.66 -26.00
C SER B 438 8.25 5.69 -26.28
N ALA B 439 8.86 6.84 -26.00
CA ALA B 439 10.29 7.06 -26.13
C ALA B 439 10.80 6.87 -27.57
N ASN B 440 9.89 6.86 -28.53
CA ASN B 440 10.25 6.78 -29.94
C ASN B 440 10.31 8.18 -30.54
N ARG B 441 11.45 8.83 -30.38
CA ARG B 441 11.60 10.26 -30.67
C ARG B 441 11.42 10.66 -32.13
N GLN B 442 11.34 9.68 -33.04
CA GLN B 442 11.14 10.00 -34.45
C GLN B 442 9.90 9.31 -35.02
N LEU B 443 8.91 9.07 -34.17
CA LEU B 443 7.70 8.36 -34.60
C LEU B 443 6.56 9.31 -34.95
N CYS B 444 5.94 9.07 -36.11
CA CYS B 444 4.79 9.87 -36.54
C CYS B 444 3.66 8.97 -37.06
N TYR B 445 2.68 9.59 -37.70
CA TYR B 445 1.55 8.89 -38.30
C TYR B 445 0.75 8.06 -37.30
N HIS B 446 0.86 8.39 -36.01
CA HIS B 446 0.16 7.64 -34.99
C HIS B 446 -0.68 8.55 -34.09
N HIS B 447 -0.49 9.85 -34.24
CA HIS B 447 -1.21 10.83 -33.44
C HIS B 447 -2.69 10.82 -33.74
N SER B 448 -3.03 10.82 -35.02
CA SER B 448 -4.42 10.84 -35.45
C SER B 448 -4.91 9.44 -35.80
N LEU B 449 -4.54 8.46 -34.98
CA LEU B 449 -4.97 7.09 -35.18
C LEU B 449 -6.05 6.72 -34.16
N ASN B 450 -7.27 6.53 -34.63
CA ASN B 450 -8.37 6.14 -33.75
C ASN B 450 -8.22 4.69 -33.30
N TRP B 451 -7.64 4.51 -32.12
CA TRP B 451 -7.36 3.17 -31.60
C TRP B 451 -8.64 2.42 -31.26
N THR B 452 -9.73 3.15 -31.04
CA THR B 452 -11.01 2.54 -30.69
C THR B 452 -11.46 1.55 -31.76
N LYS B 453 -11.15 1.83 -33.02
CA LYS B 453 -11.43 0.89 -34.11
C LYS B 453 -10.53 -0.34 -34.04
N VAL B 454 -9.30 -0.15 -33.61
CA VAL B 454 -8.33 -1.24 -33.55
C VAL B 454 -8.36 -1.96 -32.20
N LEU B 455 -8.26 -1.20 -31.12
CA LEU B 455 -8.29 -1.77 -29.78
C LEU B 455 -9.69 -2.23 -29.41
N ARG B 456 -9.82 -3.51 -29.04
CA ARG B 456 -11.11 -4.06 -28.67
C ARG B 456 -11.37 -3.85 -27.18
N GLY B 457 -12.60 -3.47 -26.85
CA GLY B 457 -12.95 -3.11 -25.48
C GLY B 457 -12.79 -1.63 -25.26
N PRO B 458 -13.37 -1.10 -24.17
CA PRO B 458 -13.26 0.32 -23.82
C PRO B 458 -11.80 0.77 -23.68
N THR B 459 -11.42 1.81 -24.40
CA THR B 459 -10.04 2.26 -24.42
C THR B 459 -9.72 3.20 -23.26
N GLU B 460 -10.47 3.05 -22.16
CA GLU B 460 -10.27 3.89 -20.99
C GLU B 460 -9.01 3.49 -20.23
N GLU B 461 -8.05 4.41 -20.17
CA GLU B 461 -6.78 4.22 -19.46
C GLU B 461 -6.05 2.97 -19.94
N ARG B 462 -5.88 2.85 -21.25
CA ARG B 462 -5.19 1.71 -21.84
C ARG B 462 -4.20 2.16 -22.91
N LEU B 463 -4.28 3.43 -23.29
CA LEU B 463 -3.44 3.96 -24.36
C LEU B 463 -2.28 4.80 -23.82
N ASP B 464 -1.37 4.13 -23.12
CA ASP B 464 -0.19 4.80 -22.58
C ASP B 464 0.78 5.17 -23.69
N ILE B 465 0.44 6.23 -24.43
CA ILE B 465 1.25 6.66 -25.57
C ILE B 465 1.69 8.11 -25.41
N LYS B 466 2.99 8.32 -25.26
CA LYS B 466 3.54 9.66 -25.09
C LYS B 466 5.03 9.68 -25.36
N HIS B 467 5.63 10.87 -25.29
CA HIS B 467 7.07 11.06 -25.44
C HIS B 467 7.62 10.44 -26.73
N ASN B 468 6.91 10.65 -27.83
CA ASN B 468 7.42 10.28 -29.14
C ASN B 468 7.89 11.51 -29.88
N ARG B 469 7.64 11.59 -31.18
CA ARG B 469 7.93 12.79 -31.93
C ARG B 469 6.68 13.68 -31.91
N PRO B 470 6.85 14.95 -31.49
CA PRO B 470 5.75 15.91 -31.34
C PRO B 470 4.83 15.99 -32.54
N ARG B 471 3.53 16.09 -32.29
CA ARG B 471 2.54 16.19 -33.36
C ARG B 471 2.77 17.43 -34.21
N ARG B 472 3.13 18.54 -33.56
CA ARG B 472 3.39 19.79 -34.25
C ARG B 472 4.55 19.65 -35.23
N ASP B 473 5.54 18.85 -34.84
CA ASP B 473 6.69 18.60 -35.70
C ASP B 473 6.34 17.70 -36.87
N CYS B 474 5.41 16.77 -36.65
CA CYS B 474 4.97 15.87 -37.70
C CYS B 474 4.17 16.61 -38.77
N VAL B 475 3.26 17.47 -38.32
CA VAL B 475 2.41 18.24 -39.23
C VAL B 475 3.25 19.19 -40.10
N ALA B 476 4.18 19.89 -39.47
CA ALA B 476 5.01 20.87 -40.16
C ALA B 476 5.83 20.25 -41.29
N GLU B 477 6.33 19.04 -41.05
CA GLU B 477 7.12 18.34 -42.06
C GLU B 477 6.24 17.62 -43.07
N GLY B 478 4.95 17.52 -42.76
CA GLY B 478 4.01 16.83 -43.62
C GLY B 478 3.94 15.34 -43.33
N LYS B 479 4.31 14.98 -42.10
CA LYS B 479 4.29 13.58 -41.68
C LYS B 479 2.90 13.15 -41.22
N VAL B 480 1.91 13.31 -42.09
CA VAL B 480 0.53 12.94 -41.77
C VAL B 480 0.00 11.90 -42.74
N CYS B 481 -1.26 11.52 -42.57
CA CYS B 481 -1.87 10.46 -43.39
C CYS B 481 -2.09 10.91 -44.84
N ASP B 482 -2.06 9.93 -45.75
CA ASP B 482 -2.27 10.18 -47.17
C ASP B 482 -3.71 10.63 -47.40
N PRO B 483 -3.90 11.59 -48.34
CA PRO B 483 -5.22 12.15 -48.67
C PRO B 483 -6.32 11.11 -48.93
N LEU B 484 -5.93 9.92 -49.36
CA LEU B 484 -6.92 8.88 -49.69
C LEU B 484 -7.42 8.14 -48.45
N CYS B 485 -6.89 8.51 -47.28
CA CYS B 485 -7.29 7.88 -46.03
C CYS B 485 -8.46 8.60 -45.39
N SER B 486 -9.26 7.86 -44.62
CA SER B 486 -10.41 8.43 -43.93
C SER B 486 -10.03 9.00 -42.58
N SER B 487 -11.01 9.13 -41.69
CA SER B 487 -10.78 9.68 -40.37
C SER B 487 -10.23 8.63 -39.40
N GLY B 488 -10.17 7.39 -39.86
CA GLY B 488 -9.69 6.29 -39.05
C GLY B 488 -8.22 6.41 -38.70
N GLY B 489 -7.48 7.10 -39.55
CA GLY B 489 -6.05 7.29 -39.35
C GLY B 489 -5.23 6.49 -40.32
N CYS B 490 -3.90 6.54 -40.17
CA CYS B 490 -3.00 5.83 -41.05
C CYS B 490 -1.91 5.11 -40.27
N TRP B 491 -1.25 4.16 -40.92
CA TRP B 491 -0.17 3.40 -40.31
C TRP B 491 1.17 3.85 -40.87
N GLY B 492 1.18 5.00 -41.53
CA GLY B 492 2.37 5.53 -42.16
C GLY B 492 2.04 6.26 -43.44
N PRO B 493 3.07 6.76 -44.14
CA PRO B 493 2.88 7.48 -45.40
C PRO B 493 2.43 6.55 -46.53
N GLY B 494 1.66 7.09 -47.46
CA GLY B 494 1.19 6.31 -48.60
C GLY B 494 -0.24 5.85 -48.45
N PRO B 495 -0.88 5.52 -49.58
CA PRO B 495 -2.27 5.05 -49.59
C PRO B 495 -2.40 3.58 -49.19
N GLY B 496 -1.28 2.92 -48.94
CA GLY B 496 -1.28 1.52 -48.57
C GLY B 496 -1.22 1.32 -47.07
N GLN B 497 -0.89 2.39 -46.35
CA GLN B 497 -0.80 2.36 -44.90
C GLN B 497 -2.04 2.97 -44.24
N CYS B 498 -3.18 2.81 -44.88
CA CYS B 498 -4.43 3.37 -44.36
C CYS B 498 -5.19 2.34 -43.54
N LEU B 499 -5.93 2.81 -42.53
CA LEU B 499 -6.76 1.93 -41.72
C LEU B 499 -8.07 1.64 -42.45
N SER B 500 -8.60 2.65 -43.12
CA SER B 500 -9.79 2.50 -43.93
C SER B 500 -9.79 3.50 -45.07
N CYS B 501 -9.92 3.00 -46.30
CA CYS B 501 -9.86 3.84 -47.49
C CYS B 501 -11.09 4.75 -47.61
N ARG B 502 -10.92 5.88 -48.27
CA ARG B 502 -12.01 6.81 -48.51
C ARG B 502 -12.96 6.26 -49.57
N ASN B 503 -12.44 5.39 -50.43
CA ASN B 503 -13.25 4.80 -51.49
C ASN B 503 -13.08 3.28 -51.56
N TYR B 504 -12.01 2.83 -52.21
CA TYR B 504 -11.79 1.41 -52.40
C TYR B 504 -10.35 0.99 -52.07
N SER B 505 -10.12 -0.32 -52.02
CA SER B 505 -8.80 -0.86 -51.73
C SER B 505 -8.47 -1.99 -52.69
N ARG B 506 -7.54 -1.73 -53.61
CA ARG B 506 -7.11 -2.78 -54.55
C ARG B 506 -5.75 -3.33 -54.13
N GLY B 507 -5.77 -4.48 -53.48
CA GLY B 507 -4.55 -5.15 -53.05
C GLY B 507 -3.90 -4.47 -51.87
N GLY B 508 -4.72 -3.97 -50.94
CA GLY B 508 -4.23 -3.33 -49.74
C GLY B 508 -3.80 -1.89 -49.96
N VAL B 509 -4.09 -1.36 -51.13
CA VAL B 509 -3.76 0.03 -51.46
C VAL B 509 -5.01 0.80 -51.84
N CYS B 510 -5.21 1.95 -51.20
CA CYS B 510 -6.38 2.78 -51.45
C CYS B 510 -6.37 3.39 -52.85
N VAL B 511 -7.50 3.27 -53.53
CA VAL B 511 -7.65 3.84 -54.87
C VAL B 511 -8.97 4.59 -54.97
N THR B 512 -9.03 5.53 -55.91
CA THR B 512 -10.23 6.35 -56.09
C THR B 512 -11.38 5.54 -56.67
N HIS B 513 -11.12 4.84 -57.77
CA HIS B 513 -12.15 4.05 -58.43
C HIS B 513 -11.58 2.77 -59.05
N CYS B 514 -12.22 1.65 -58.76
CA CYS B 514 -11.84 0.38 -59.34
C CYS B 514 -12.37 0.28 -60.77
N ASN B 515 -11.72 -0.56 -61.58
CA ASN B 515 -12.08 -0.70 -62.99
C ASN B 515 -13.49 -1.25 -63.18
N PHE B 516 -14.48 -0.38 -63.02
CA PHE B 516 -15.88 -0.76 -63.13
C PHE B 516 -16.36 -0.72 -64.58
N LEU B 517 -15.98 0.34 -65.30
CA LEU B 517 -16.43 0.52 -66.67
C LEU B 517 -15.35 0.13 -67.67
N ASN B 518 -14.16 0.71 -67.53
CA ASN B 518 -13.04 0.39 -68.41
C ASN B 518 -11.74 0.22 -67.63
N GLY B 519 -10.87 -0.64 -68.15
CA GLY B 519 -9.59 -0.93 -67.49
C GLY B 519 -9.21 -2.38 -67.62
N GLU B 520 -7.96 -2.69 -67.29
CA GLU B 520 -7.45 -4.05 -67.38
C GLU B 520 -6.78 -4.48 -66.08
N PRO B 521 -7.39 -5.45 -65.36
CA PRO B 521 -8.66 -6.09 -65.72
C PRO B 521 -9.86 -5.33 -65.17
N ARG B 522 -11.05 -5.65 -65.66
CA ARG B 522 -12.27 -5.05 -65.15
C ARG B 522 -12.70 -5.74 -63.86
N GLU B 523 -13.06 -4.95 -62.86
CA GLU B 523 -13.31 -5.46 -61.52
C GLU B 523 -14.72 -5.18 -61.03
N PHE B 524 -15.05 -5.72 -59.87
CA PHE B 524 -16.32 -5.42 -59.21
C PHE B 524 -16.06 -4.97 -57.78
N ALA B 525 -17.08 -4.41 -57.14
CA ALA B 525 -16.93 -3.87 -55.79
C ALA B 525 -17.61 -4.75 -54.74
N HIS B 526 -16.95 -4.91 -53.59
CA HIS B 526 -17.51 -5.64 -52.47
C HIS B 526 -16.86 -5.22 -51.15
N GLU B 527 -17.66 -4.61 -50.27
CA GLU B 527 -17.20 -4.11 -48.98
C GLU B 527 -16.03 -3.14 -49.12
N ALA B 528 -16.19 -2.16 -50.00
CA ALA B 528 -15.15 -1.17 -50.31
C ALA B 528 -13.83 -1.81 -50.73
N GLU B 529 -13.92 -2.99 -51.34
CA GLU B 529 -12.74 -3.73 -51.76
C GLU B 529 -12.99 -4.35 -53.13
N CYS B 530 -12.14 -4.04 -54.10
CA CYS B 530 -12.38 -4.46 -55.48
C CYS B 530 -11.59 -5.70 -55.89
N PHE B 531 -12.28 -6.63 -56.53
CA PHE B 531 -11.68 -7.86 -57.02
C PHE B 531 -11.98 -8.03 -58.51
N SER B 532 -11.09 -8.69 -59.23
CA SER B 532 -11.25 -8.90 -60.66
C SER B 532 -12.49 -9.73 -60.98
N CYS B 533 -13.12 -9.44 -62.10
CA CYS B 533 -14.30 -10.19 -62.54
C CYS B 533 -13.93 -11.60 -62.98
N HIS B 534 -14.94 -12.46 -63.08
CA HIS B 534 -14.75 -13.82 -63.55
C HIS B 534 -14.22 -13.83 -64.97
N PRO B 535 -13.33 -14.78 -65.28
CA PRO B 535 -12.80 -14.90 -66.66
C PRO B 535 -13.91 -15.19 -67.67
N GLU B 536 -13.60 -14.98 -68.95
CA GLU B 536 -14.56 -15.17 -70.04
C GLU B 536 -15.80 -14.29 -69.86
N CYS B 537 -15.57 -13.05 -69.42
CA CYS B 537 -16.65 -12.06 -69.31
C CYS B 537 -16.42 -10.91 -70.28
N GLN B 538 -17.44 -10.62 -71.09
CA GLN B 538 -17.34 -9.58 -72.10
C GLN B 538 -17.22 -8.20 -71.47
N PRO B 539 -16.11 -7.49 -71.78
CA PRO B 539 -15.87 -6.13 -71.29
C PRO B 539 -16.91 -5.14 -71.80
N MET B 540 -18.03 -5.05 -71.10
CA MET B 540 -19.12 -4.15 -71.50
C MET B 540 -18.77 -2.71 -71.21
N GLU B 541 -18.12 -2.05 -72.16
CA GLU B 541 -17.74 -0.65 -72.03
C GLU B 541 -18.98 0.25 -72.06
N GLY B 542 -19.10 1.13 -71.05
CA GLY B 542 -20.24 2.00 -70.94
C GLY B 542 -21.01 1.74 -69.66
N THR B 543 -21.12 0.46 -69.30
CA THR B 543 -21.78 0.07 -68.06
C THR B 543 -20.83 -0.77 -67.21
N ALA B 544 -21.36 -1.86 -66.65
CA ALA B 544 -20.55 -2.77 -65.84
C ALA B 544 -20.36 -4.09 -66.55
N THR B 545 -19.49 -4.93 -66.01
CA THR B 545 -19.22 -6.25 -66.59
C THR B 545 -19.86 -7.35 -65.76
N CYS B 546 -19.65 -7.29 -64.44
CA CYS B 546 -20.21 -8.28 -63.54
C CYS B 546 -20.70 -7.64 -62.24
N ASN B 547 -21.39 -8.43 -61.43
CA ASN B 547 -21.89 -7.95 -60.15
C ASN B 547 -21.19 -8.66 -58.99
N GLY B 548 -20.31 -9.59 -59.32
CA GLY B 548 -19.58 -10.35 -58.32
C GLY B 548 -18.63 -11.36 -58.95
N SER B 549 -18.01 -12.17 -58.12
CA SER B 549 -17.08 -13.19 -58.59
C SER B 549 -17.81 -14.48 -58.94
N GLY B 550 -17.88 -14.78 -60.23
CA GLY B 550 -18.55 -15.98 -60.70
C GLY B 550 -19.13 -15.82 -62.09
N SER B 551 -19.50 -16.94 -62.70
CA SER B 551 -20.06 -16.93 -64.06
C SER B 551 -21.50 -16.41 -64.06
N ASP B 552 -22.17 -16.56 -62.92
CA ASP B 552 -23.56 -16.16 -62.80
C ASP B 552 -23.71 -14.70 -62.35
N THR B 553 -22.79 -13.86 -62.80
CA THR B 553 -22.82 -12.44 -62.45
C THR B 553 -22.51 -11.56 -63.66
N CYS B 554 -22.02 -12.18 -64.73
CA CYS B 554 -21.61 -11.46 -65.94
C CYS B 554 -22.79 -10.79 -66.64
N ALA B 555 -22.47 -9.85 -67.52
CA ALA B 555 -23.48 -9.18 -68.33
C ALA B 555 -23.61 -9.86 -69.68
N GLN B 556 -22.47 -10.17 -70.29
CA GLN B 556 -22.43 -10.86 -71.57
C GLN B 556 -21.29 -11.87 -71.59
N CYS B 557 -21.48 -12.97 -72.33
CA CYS B 557 -20.47 -14.00 -72.42
C CYS B 557 -19.73 -13.95 -73.75
N ALA B 558 -18.44 -13.62 -73.70
CA ALA B 558 -17.63 -13.51 -74.90
C ALA B 558 -17.32 -14.87 -75.50
N HIS B 559 -16.82 -15.78 -74.68
CA HIS B 559 -16.48 -17.13 -75.14
C HIS B 559 -17.74 -17.91 -75.51
N PHE B 560 -18.47 -18.35 -74.49
CA PHE B 560 -19.70 -19.11 -74.70
C PHE B 560 -20.61 -19.05 -73.48
N ARG B 561 -21.91 -19.18 -73.71
CA ARG B 561 -22.88 -19.16 -72.62
C ARG B 561 -23.50 -20.54 -72.42
N ASP B 562 -24.09 -20.76 -71.25
CA ASP B 562 -24.73 -22.03 -70.93
C ASP B 562 -25.77 -21.87 -69.83
N GLY B 563 -26.79 -21.05 -70.09
CA GLY B 563 -27.84 -20.82 -69.13
C GLY B 563 -27.44 -19.85 -68.03
N PRO B 564 -27.43 -20.33 -66.78
CA PRO B 564 -27.06 -19.51 -65.62
C PRO B 564 -25.55 -19.26 -65.55
N HIS B 565 -24.77 -20.10 -66.22
CA HIS B 565 -23.32 -19.99 -66.18
C HIS B 565 -22.74 -19.74 -67.57
N CYS B 566 -21.79 -18.81 -67.66
CA CYS B 566 -21.15 -18.48 -68.92
C CYS B 566 -20.09 -19.52 -69.29
N ALA C 8 -10.24 40.22 41.98
CA ALA C 8 -11.33 40.53 42.89
C ALA C 8 -10.94 41.62 43.87
N VAL C 9 -9.64 41.92 43.92
CA VAL C 9 -9.13 42.97 44.79
C VAL C 9 -8.56 44.11 43.97
N CYS C 10 -9.02 45.33 44.25
CA CYS C 10 -8.62 46.48 43.44
C CYS C 10 -8.73 47.81 44.20
N PRO C 11 -7.89 48.79 43.83
CA PRO C 11 -8.01 50.16 44.33
C PRO C 11 -9.29 50.84 43.80
N GLY C 12 -9.78 51.87 44.47
CA GLY C 12 -9.15 52.43 45.66
C GLY C 12 -8.45 53.73 45.31
N THR C 13 -8.92 54.39 44.27
CA THR C 13 -8.29 55.61 43.76
C THR C 13 -9.29 56.75 43.58
N LEU C 14 -8.90 57.72 42.77
CA LEU C 14 -9.76 58.86 42.42
C LEU C 14 -9.71 59.11 40.91
N ASN C 15 -8.53 58.90 40.33
CA ASN C 15 -8.33 59.10 38.90
C ASN C 15 -7.50 57.98 38.29
N ARG C 36 -13.95 46.48 36.73
CA ARG C 36 -14.51 45.13 36.71
C ARG C 36 -14.21 44.39 38.01
N CYS C 37 -14.01 45.15 39.08
CA CYS C 37 -13.68 44.59 40.38
C CYS C 37 -14.91 44.51 41.29
N GLU C 38 -14.83 43.69 42.33
CA GLU C 38 -15.92 43.55 43.28
C GLU C 38 -15.58 44.17 44.63
N VAL C 39 -14.38 43.87 45.13
CA VAL C 39 -13.94 44.39 46.41
C VAL C 39 -12.93 45.53 46.23
N VAL C 40 -13.38 46.75 46.50
CA VAL C 40 -12.51 47.91 46.36
C VAL C 40 -11.72 48.17 47.63
N MET C 41 -10.42 47.91 47.59
CA MET C 41 -9.53 48.17 48.72
C MET C 41 -9.00 49.59 48.65
N GLY C 42 -9.60 50.48 49.43
CA GLY C 42 -9.23 51.88 49.43
C GLY C 42 -10.47 52.75 49.55
N ASN C 43 -10.58 53.74 48.68
CA ASN C 43 -11.73 54.63 48.70
C ASN C 43 -12.30 54.84 47.30
N LEU C 44 -13.63 54.87 47.20
CA LEU C 44 -14.29 55.12 45.92
C LEU C 44 -14.57 56.60 45.76
N GLU C 45 -13.58 57.33 45.25
CA GLU C 45 -13.67 58.78 45.13
C GLU C 45 -13.91 59.23 43.70
N ILE C 46 -15.10 59.76 43.44
CA ILE C 46 -15.42 60.32 42.14
C ILE C 46 -15.57 61.84 42.25
N VAL C 47 -14.57 62.57 41.72
CA VAL C 47 -14.52 64.02 41.87
C VAL C 47 -14.31 64.72 40.53
N LEU C 48 -15.20 65.65 40.22
CA LEU C 48 -15.10 66.49 39.03
C LEU C 48 -14.97 65.70 37.73
N THR C 49 -16.02 64.92 37.43
CA THR C 49 -16.11 64.19 36.17
C THR C 49 -17.37 64.60 35.43
N GLY C 50 -18.40 63.77 35.53
CA GLY C 50 -19.71 64.10 35.00
C GLY C 50 -19.79 64.16 33.48
N HIS C 51 -20.53 65.15 32.99
CA HIS C 51 -20.79 65.32 31.56
C HIS C 51 -21.41 64.06 30.96
N ASN C 52 -20.56 63.10 30.61
CA ASN C 52 -21.01 61.83 30.06
C ASN C 52 -19.98 60.74 30.31
N ALA C 53 -19.52 60.64 31.55
CA ALA C 53 -18.49 59.68 31.91
C ALA C 53 -19.04 58.26 31.98
N ASP C 54 -18.27 57.31 31.46
CA ASP C 54 -18.64 55.91 31.48
C ASP C 54 -18.35 55.31 32.85
N LEU C 55 -19.39 55.11 33.64
CA LEU C 55 -19.25 54.56 34.98
C LEU C 55 -19.82 53.15 35.08
N SER C 56 -19.80 52.43 33.96
CA SER C 56 -20.35 51.08 33.91
C SER C 56 -19.37 50.04 34.47
N PHE C 57 -18.16 50.49 34.80
CA PHE C 57 -17.14 49.60 35.34
C PHE C 57 -17.33 49.38 36.84
N LEU C 58 -18.14 50.21 37.46
CA LEU C 58 -18.38 50.12 38.90
C LEU C 58 -19.58 49.22 39.21
N GLN C 59 -20.13 48.60 38.17
CA GLN C 59 -21.34 47.80 38.30
C GLN C 59 -21.08 46.44 38.95
N TRP C 60 -19.81 46.11 39.16
CA TRP C 60 -19.45 44.83 39.75
C TRP C 60 -19.01 44.99 41.21
N ILE C 61 -18.77 46.23 41.62
CA ILE C 61 -18.33 46.53 42.98
C ILE C 61 -19.35 46.07 44.01
N ARG C 62 -18.90 45.27 44.97
CA ARG C 62 -19.77 44.73 46.01
C ARG C 62 -19.39 45.24 47.39
N GLU C 63 -18.09 45.40 47.64
CA GLU C 63 -17.61 45.84 48.94
C GLU C 63 -16.59 46.97 48.82
N VAL C 64 -16.75 48.00 49.65
CA VAL C 64 -15.79 49.10 49.73
C VAL C 64 -15.31 49.24 51.18
N THR C 65 -14.03 48.95 51.40
CA THR C 65 -13.48 48.93 52.76
C THR C 65 -13.32 50.33 53.36
N GLY C 66 -13.34 51.35 52.50
CA GLY C 66 -13.19 52.72 52.95
C GLY C 66 -14.47 53.51 52.85
N TYR C 67 -14.39 54.71 52.27
CA TYR C 67 -15.56 55.54 52.11
C TYR C 67 -15.83 55.87 50.64
N VAL C 68 -17.09 56.17 50.33
CA VAL C 68 -17.48 56.50 48.96
C VAL C 68 -17.66 58.01 48.82
N LEU C 69 -16.94 58.60 47.87
CA LEU C 69 -16.97 60.05 47.68
C LEU C 69 -17.42 60.44 46.27
N VAL C 70 -18.58 61.10 46.20
CA VAL C 70 -19.10 61.60 44.93
C VAL C 70 -19.27 63.11 45.01
N ALA C 71 -18.31 63.85 44.46
CA ALA C 71 -18.27 65.30 44.60
C ALA C 71 -18.90 66.02 43.42
N MET C 72 -18.26 67.12 43.00
CA MET C 72 -18.80 68.00 41.97
C MET C 72 -18.86 67.34 40.59
N ASN C 73 -19.90 66.57 40.34
CA ASN C 73 -20.07 65.88 39.06
C ASN C 73 -21.31 66.31 38.31
N GLU C 74 -21.54 65.72 37.14
CA GLU C 74 -22.66 66.10 36.30
C GLU C 74 -23.35 64.90 35.63
N PHE C 75 -22.84 63.69 35.86
CA PHE C 75 -23.43 62.50 35.24
C PHE C 75 -24.80 62.21 35.83
N SER C 76 -25.67 61.60 35.03
CA SER C 76 -27.06 61.39 35.41
C SER C 76 -27.22 60.41 36.56
N THR C 77 -26.53 59.28 36.50
CA THR C 77 -26.71 58.23 37.49
C THR C 77 -25.38 57.59 37.91
N LEU C 78 -25.25 57.34 39.20
CA LEU C 78 -24.10 56.59 39.73
C LEU C 78 -24.44 55.11 39.82
N PRO C 79 -23.87 54.30 38.92
CA PRO C 79 -24.21 52.89 38.80
C PRO C 79 -23.34 51.96 39.63
N LEU C 80 -23.90 51.42 40.71
CA LEU C 80 -23.26 50.37 41.49
C LEU C 80 -24.30 49.53 42.22
N PRO C 81 -25.10 48.76 41.46
CA PRO C 81 -26.22 48.00 42.04
C PRO C 81 -25.77 46.78 42.83
N ASN C 82 -24.50 46.42 42.73
CA ASN C 82 -23.96 45.27 43.44
C ASN C 82 -23.35 45.68 44.78
N LEU C 83 -23.16 46.98 44.97
CA LEU C 83 -22.58 47.51 46.21
C LEU C 83 -23.47 47.20 47.41
N ARG C 84 -22.93 46.46 48.36
CA ARG C 84 -23.69 46.03 49.53
C ARG C 84 -23.11 46.58 50.82
N VAL C 85 -21.81 46.40 51.02
CA VAL C 85 -21.18 46.73 52.29
C VAL C 85 -20.15 47.85 52.18
N VAL C 86 -20.27 48.84 53.06
CA VAL C 86 -19.25 49.87 53.21
C VAL C 86 -18.64 49.79 54.61
N ARG C 87 -17.47 49.17 54.72
CA ARG C 87 -16.83 48.94 56.00
C ARG C 87 -16.44 50.25 56.69
N GLY C 88 -15.95 51.20 55.91
CA GLY C 88 -15.55 52.49 56.45
C GLY C 88 -14.44 52.39 57.48
N THR C 89 -13.31 51.80 57.08
CA THR C 89 -12.15 51.71 57.95
C THR C 89 -11.64 53.11 58.27
N GLN C 90 -11.82 54.02 57.33
CA GLN C 90 -11.59 55.44 57.56
C GLN C 90 -12.79 56.23 57.04
N VAL C 91 -13.08 57.36 57.68
CA VAL C 91 -14.27 58.13 57.35
C VAL C 91 -13.95 59.48 56.74
N TYR C 92 -14.82 59.95 55.86
CA TYR C 92 -14.68 61.25 55.24
C TYR C 92 -15.20 62.34 56.18
N ASP C 93 -14.45 63.43 56.28
CA ASP C 93 -14.81 64.56 57.14
C ASP C 93 -14.96 64.13 58.59
N GLY C 94 -14.35 63.01 58.94
CA GLY C 94 -14.39 62.48 60.29
C GLY C 94 -15.77 62.07 60.78
N LYS C 95 -16.72 62.00 59.85
CA LYS C 95 -18.11 61.73 60.23
C LYS C 95 -18.77 60.67 59.36
N PHE C 96 -18.58 60.76 58.05
CA PHE C 96 -19.37 59.98 57.11
C PHE C 96 -18.58 58.90 56.37
N ALA C 97 -19.27 57.82 56.01
CA ALA C 97 -18.69 56.76 55.19
C ALA C 97 -19.14 56.93 53.74
N ILE C 98 -20.14 57.77 53.53
CA ILE C 98 -20.60 58.11 52.19
C ILE C 98 -20.81 59.63 52.11
N PHE C 99 -20.12 60.27 51.16
CA PHE C 99 -20.17 61.72 51.05
C PHE C 99 -20.55 62.16 49.64
N VAL C 100 -21.84 62.42 49.43
CA VAL C 100 -22.33 62.90 48.14
C VAL C 100 -22.79 64.35 48.28
N MET C 101 -21.98 65.28 47.81
CA MET C 101 -22.25 66.71 47.97
C MET C 101 -21.98 67.49 46.70
N LEU C 102 -22.92 68.37 46.34
CA LEU C 102 -22.80 69.24 45.17
C LEU C 102 -22.58 68.46 43.88
N ASN C 103 -23.67 68.22 43.14
CA ASN C 103 -23.58 67.44 41.92
C ASN C 103 -24.31 68.08 40.73
N TYR C 104 -24.25 69.40 40.65
CA TYR C 104 -24.88 70.12 39.55
C TYR C 104 -24.03 71.31 39.09
N ASN C 105 -24.16 71.68 37.82
CA ASN C 105 -23.41 72.78 37.27
C ASN C 105 -24.24 73.62 36.30
N SER C 108 -24.97 74.47 32.51
CA SER C 108 -25.38 73.26 31.79
C SER C 108 -26.64 72.65 32.41
N SER C 109 -27.15 71.60 31.78
CA SER C 109 -28.34 70.92 32.26
C SER C 109 -28.03 69.50 32.70
N HIS C 110 -26.76 69.25 33.03
CA HIS C 110 -26.32 67.94 33.46
C HIS C 110 -26.07 67.90 34.96
N ALA C 111 -26.66 66.92 35.64
CA ALA C 111 -26.51 66.78 37.08
C ALA C 111 -26.87 65.37 37.54
N LEU C 112 -26.47 65.03 38.76
CA LEU C 112 -26.78 63.72 39.33
C LEU C 112 -28.26 63.65 39.70
N ARG C 113 -28.90 62.54 39.31
CA ARG C 113 -30.34 62.40 39.49
C ARG C 113 -30.70 61.20 40.36
N GLN C 114 -29.85 60.18 40.38
CA GLN C 114 -30.16 58.96 41.11
C GLN C 114 -28.92 58.25 41.65
N LEU C 115 -29.05 57.67 42.83
CA LEU C 115 -28.00 56.86 43.43
C LEU C 115 -28.45 55.40 43.55
N ARG C 116 -28.16 54.62 42.52
CA ARG C 116 -28.60 53.23 42.47
C ARG C 116 -27.82 52.33 43.43
N LEU C 117 -28.19 52.38 44.71
CA LEU C 117 -27.58 51.52 45.72
C LEU C 117 -28.62 50.50 46.18
N THR C 118 -29.21 49.78 45.23
CA THR C 118 -30.35 48.90 45.49
C THR C 118 -30.01 47.75 46.43
N GLN C 119 -28.74 47.33 46.46
CA GLN C 119 -28.34 46.21 47.30
C GLN C 119 -27.48 46.64 48.49
N LEU C 120 -27.42 47.95 48.73
CA LEU C 120 -26.66 48.47 49.87
C LEU C 120 -27.26 47.96 51.17
N THR C 121 -26.65 46.91 51.72
CA THR C 121 -27.20 46.21 52.87
C THR C 121 -26.66 46.75 54.20
N GLU C 122 -25.35 46.98 54.28
CA GLU C 122 -24.73 47.27 55.56
C GLU C 122 -23.63 48.34 55.49
N ILE C 123 -23.67 49.27 56.44
CA ILE C 123 -22.59 50.23 56.63
C ILE C 123 -22.03 50.09 58.05
N LEU C 124 -20.78 49.64 58.15
CA LEU C 124 -20.16 49.39 59.43
C LEU C 124 -19.94 50.68 60.22
N SER C 125 -18.86 51.38 59.91
CA SER C 125 -18.52 52.61 60.60
C SER C 125 -18.82 53.84 59.75
N GLY C 126 -19.05 54.97 60.40
CA GLY C 126 -19.28 56.22 59.70
C GLY C 126 -20.74 56.49 59.40
N GLY C 127 -21.08 57.77 59.23
CA GLY C 127 -22.43 58.17 58.91
C GLY C 127 -22.61 58.42 57.43
N VAL C 128 -23.61 59.21 57.07
CA VAL C 128 -23.90 59.52 55.67
C VAL C 128 -24.21 61.00 55.49
N TYR C 129 -23.57 61.62 54.49
CA TYR C 129 -23.82 63.02 54.16
C TYR C 129 -24.23 63.18 52.70
N ILE C 130 -25.47 63.61 52.47
CA ILE C 130 -25.96 63.87 51.13
C ILE C 130 -26.69 65.20 51.07
N GLU C 131 -26.00 66.24 50.62
CA GLU C 131 -26.58 67.59 50.56
C GLU C 131 -26.24 68.31 49.25
N LYS C 132 -26.95 69.41 49.01
CA LYS C 132 -26.69 70.30 47.88
C LYS C 132 -26.76 69.61 46.52
N ASN C 133 -27.73 68.72 46.36
CA ASN C 133 -27.93 68.03 45.08
C ASN C 133 -29.30 68.33 44.49
N ASP C 134 -29.39 69.45 43.78
CA ASP C 134 -30.67 69.98 43.30
C ASP C 134 -31.44 69.02 42.38
N LYS C 135 -30.71 68.17 41.66
CA LYS C 135 -31.35 67.27 40.69
C LYS C 135 -31.48 65.85 41.22
N LEU C 136 -30.74 65.55 42.27
CA LEU C 136 -30.79 64.23 42.89
C LEU C 136 -32.01 64.12 43.79
N CYS C 137 -32.62 62.94 43.83
CA CYS C 137 -33.84 62.73 44.61
C CYS C 137 -33.86 61.36 45.28
N HIS C 138 -35.02 61.00 45.83
CA HIS C 138 -35.26 59.73 46.52
C HIS C 138 -34.38 59.44 47.75
N MET C 139 -33.58 60.41 48.15
CA MET C 139 -32.75 60.25 49.36
C MET C 139 -33.55 60.67 50.59
N ASP C 140 -34.64 61.39 50.37
CA ASP C 140 -35.50 61.83 51.46
C ASP C 140 -36.51 60.75 51.78
N THR C 141 -36.34 59.59 51.16
CA THR C 141 -37.23 58.44 51.35
C THR C 141 -36.48 57.27 51.94
N ILE C 142 -35.15 57.24 51.73
CA ILE C 142 -34.33 56.14 52.21
C ILE C 142 -34.15 56.10 53.72
N ASP C 143 -34.39 54.94 54.30
CA ASP C 143 -34.15 54.75 55.71
C ASP C 143 -32.67 54.56 55.96
N TRP C 144 -31.95 55.67 56.13
CA TRP C 144 -30.49 55.64 56.30
C TRP C 144 -30.04 55.26 57.72
N ARG C 145 -30.98 55.16 58.64
CA ARG C 145 -30.67 54.78 60.02
C ARG C 145 -30.88 53.29 60.23
N ASP C 146 -29.78 52.54 60.22
CA ASP C 146 -29.81 51.07 60.23
C ASP C 146 -30.66 50.59 59.06
N ILE C 147 -30.07 50.37 57.88
CA ILE C 147 -28.62 50.23 57.63
C ILE C 147 -27.69 51.39 58.04
N VAL C 148 -26.80 51.03 58.98
CA VAL C 148 -25.72 51.83 59.58
C VAL C 148 -25.47 51.15 60.93
N ARG C 149 -24.26 50.61 61.11
CA ARG C 149 -23.96 49.84 62.31
C ARG C 149 -23.55 50.71 63.48
N ASP C 150 -23.14 51.95 63.19
CA ASP C 150 -22.76 52.89 64.23
C ASP C 150 -23.96 53.30 65.06
N ARG C 151 -23.76 53.45 66.36
CA ARG C 151 -24.84 53.80 67.28
C ARG C 151 -25.41 55.18 66.98
N ASP C 152 -24.59 56.20 67.19
CA ASP C 152 -25.03 57.58 66.99
C ASP C 152 -24.21 58.28 65.90
N ALA C 153 -24.23 57.72 64.70
CA ALA C 153 -23.54 58.32 63.57
C ALA C 153 -24.31 59.53 63.06
N GLU C 154 -23.59 60.52 62.56
CA GLU C 154 -24.23 61.72 62.02
C GLU C 154 -24.77 61.46 60.63
N ILE C 155 -26.01 60.97 60.57
CA ILE C 155 -26.65 60.65 59.30
C ILE C 155 -27.47 61.81 58.77
N VAL C 156 -26.78 62.85 58.30
CA VAL C 156 -27.45 64.05 57.83
C VAL C 156 -27.68 64.02 56.32
N VAL C 157 -28.95 64.00 55.93
CA VAL C 157 -29.33 64.06 54.53
C VAL C 157 -30.33 65.20 54.32
N LYS C 158 -29.82 66.42 54.18
CA LYS C 158 -30.65 67.60 54.02
C LYS C 158 -31.33 67.61 52.65
N ASP C 159 -32.26 68.55 52.47
CA ASP C 159 -33.04 68.63 51.25
C ASP C 159 -32.17 68.81 50.01
N ASN C 160 -32.05 67.74 49.22
CA ASN C 160 -31.32 67.79 47.97
C ASN C 160 -32.19 68.34 46.85
N GLY C 161 -33.12 67.51 46.37
CA GLY C 161 -34.07 67.91 45.34
C GLY C 161 -35.49 67.65 45.79
N ARG C 162 -36.21 68.72 46.13
CA ARG C 162 -37.58 68.60 46.62
C ARG C 162 -38.57 68.30 45.50
N SER C 163 -38.10 68.42 44.26
CA SER C 163 -38.95 68.15 43.10
C SER C 163 -38.64 66.79 42.49
N CYS C 164 -39.15 65.74 43.11
CA CYS C 164 -38.94 64.38 42.64
C CYS C 164 -40.22 63.56 42.69
N PRO C 165 -40.42 62.69 41.68
CA PRO C 165 -41.57 61.78 41.64
C PRO C 165 -41.53 60.76 42.78
N PRO C 166 -42.70 60.31 43.24
CA PRO C 166 -42.79 59.37 44.37
C PRO C 166 -42.25 57.99 44.03
N CYS C 167 -42.08 57.17 45.06
CA CYS C 167 -41.55 55.82 44.89
C CYS C 167 -42.65 54.85 44.50
N HIS C 168 -42.27 53.61 44.21
CA HIS C 168 -43.25 52.59 43.84
C HIS C 168 -43.99 52.11 45.09
N GLU C 169 -45.19 51.60 44.89
CA GLU C 169 -46.03 51.13 45.99
C GLU C 169 -45.41 49.89 46.64
N VAL C 170 -44.65 49.14 45.85
CA VAL C 170 -44.05 47.89 46.32
C VAL C 170 -42.85 48.14 47.23
N CYS C 171 -42.35 49.36 47.24
CA CYS C 171 -41.17 49.71 48.03
C CYS C 171 -41.55 50.22 49.42
N LYS C 172 -42.84 50.12 49.75
CA LYS C 172 -43.37 50.56 51.04
C LYS C 172 -43.05 52.03 51.30
N CYS C 175 -36.61 53.01 48.87
CA CYS C 175 -36.92 53.46 47.52
C CYS C 175 -35.77 54.25 46.92
N TRP C 176 -34.73 53.54 46.50
CA TRP C 176 -33.56 54.17 45.89
C TRP C 176 -33.91 54.84 44.56
N GLY C 177 -34.90 54.28 43.87
CA GLY C 177 -35.35 54.83 42.60
C GLY C 177 -36.83 54.59 42.38
N PRO C 178 -37.41 55.21 41.34
CA PRO C 178 -38.83 55.08 41.02
C PRO C 178 -39.17 53.71 40.42
N GLY C 179 -38.14 52.91 40.14
CA GLY C 179 -38.33 51.59 39.55
C GLY C 179 -39.04 50.63 40.49
N SER C 180 -39.59 49.56 39.93
CA SER C 180 -40.30 48.56 40.71
C SER C 180 -39.34 47.70 41.54
N GLU C 181 -38.11 47.57 41.05
CA GLU C 181 -37.10 46.78 41.73
C GLU C 181 -36.08 47.66 42.44
N ASP C 182 -36.42 48.93 42.58
CA ASP C 182 -35.53 49.88 43.24
C ASP C 182 -35.98 50.17 44.67
N CYS C 183 -36.30 49.12 45.41
CA CYS C 183 -36.74 49.25 46.80
C CYS C 183 -35.56 49.13 47.76
N GLN C 184 -35.61 49.89 48.83
CA GLN C 184 -34.57 49.84 49.86
C GLN C 184 -34.78 48.63 50.76
N THR C 185 -34.14 47.52 50.42
CA THR C 185 -34.26 46.29 51.19
C THR C 185 -33.62 46.45 52.57
N LEU C 186 -34.45 46.38 53.60
CA LEU C 186 -33.97 46.57 54.97
C LEU C 186 -33.66 45.24 55.66
N THR C 187 -32.97 45.32 56.79
CA THR C 187 -32.60 44.14 57.55
C THR C 187 -32.32 44.47 59.01
N LYS C 188 -32.73 45.67 59.42
CA LYS C 188 -32.53 46.14 60.79
C LYS C 188 -33.37 45.33 61.77
N THR C 189 -32.75 44.88 62.86
CA THR C 189 -33.43 44.08 63.87
C THR C 189 -32.86 44.31 65.25
N ILE C 190 -33.75 44.47 66.24
CA ILE C 190 -33.34 44.64 67.62
C ILE C 190 -32.80 43.33 68.19
N CYS C 191 -31.61 43.40 68.78
CA CYS C 191 -30.95 42.21 69.30
C CYS C 191 -31.32 41.91 70.75
N ALA C 192 -30.84 40.78 71.25
CA ALA C 192 -31.11 40.37 72.63
C ALA C 192 -29.90 39.66 73.22
N PRO C 193 -29.46 40.09 74.41
CA PRO C 193 -28.31 39.52 75.11
C PRO C 193 -28.51 38.03 75.44
N GLN C 194 -27.44 37.24 75.44
CA GLN C 194 -26.10 37.76 75.16
C GLN C 194 -25.54 37.19 73.87
N CYS C 195 -25.28 38.06 72.90
CA CYS C 195 -24.68 37.67 71.64
C CYS C 195 -24.03 38.87 70.96
N ASN C 196 -23.18 39.56 71.71
CA ASN C 196 -22.48 40.76 71.23
C ASN C 196 -23.45 41.84 70.75
N GLY C 197 -24.04 41.63 69.59
CA GLY C 197 -24.98 42.59 69.04
C GLY C 197 -25.04 42.55 67.52
N HIS C 198 -25.04 41.33 66.96
CA HIS C 198 -25.08 41.15 65.52
C HIS C 198 -26.24 40.25 65.11
N CYS C 199 -27.46 40.79 65.20
CA CYS C 199 -28.67 40.05 64.87
C CYS C 199 -28.93 40.04 63.37
N PHE C 200 -29.45 38.93 62.85
CA PHE C 200 -29.80 37.77 63.66
C PHE C 200 -29.03 36.54 63.21
N PRO C 202 -35.13 38.17 68.84
CA PRO C 202 -34.94 36.77 69.24
C PRO C 202 -33.50 36.48 69.64
N ASN C 203 -33.30 35.47 70.49
CA ASN C 203 -31.97 35.11 70.95
C ASN C 203 -31.75 33.59 70.92
N PRO C 204 -31.24 33.08 69.79
CA PRO C 204 -30.96 31.65 69.61
C PRO C 204 -29.97 31.11 70.64
N CYS C 207 -26.60 33.36 68.54
CA CYS C 207 -26.93 34.42 67.61
C CYS C 207 -26.22 34.22 66.27
N CYS C 208 -24.92 34.54 66.26
CA CYS C 208 -24.12 34.40 65.05
C CYS C 208 -22.88 33.57 65.33
N HIS C 209 -21.71 34.14 65.06
CA HIS C 209 -20.44 33.44 65.29
C HIS C 209 -19.27 34.41 65.36
N ASP C 210 -19.58 35.70 65.42
CA ASP C 210 -18.61 36.77 65.64
C ASP C 210 -17.51 36.84 64.59
N GLU C 211 -17.74 36.23 63.43
CA GLU C 211 -16.78 36.29 62.34
C GLU C 211 -17.27 37.26 61.27
N CYS C 212 -18.37 37.94 61.58
CA CYS C 212 -18.95 38.91 60.67
C CYS C 212 -19.18 40.24 61.39
N ALA C 213 -18.80 41.33 60.73
CA ALA C 213 -18.94 42.66 61.31
C ALA C 213 -20.29 43.27 60.93
N GLY C 214 -21.37 42.67 61.44
CA GLY C 214 -22.70 43.17 61.17
C GLY C 214 -23.78 42.11 61.27
N GLY C 215 -24.94 42.41 60.70
CA GLY C 215 -26.08 41.52 60.77
C GLY C 215 -25.92 40.24 59.97
N CYS C 216 -26.47 39.15 60.50
CA CYS C 216 -26.43 37.86 59.82
C CYS C 216 -27.81 37.48 59.29
N SER C 217 -27.84 36.53 58.36
CA SER C 217 -29.11 35.97 57.87
C SER C 217 -29.29 34.58 58.45
N GLY C 218 -28.19 33.84 58.52
CA GLY C 218 -28.19 32.51 59.11
C GLY C 218 -26.95 32.31 59.96
N PRO C 219 -26.70 31.08 60.42
CA PRO C 219 -25.54 30.80 61.25
C PRO C 219 -24.28 30.43 60.46
N GLN C 220 -23.17 31.08 60.79
CA GLN C 220 -21.82 30.69 60.35
C GLN C 220 -21.52 30.88 58.86
N ASP C 221 -20.35 31.48 58.61
CA ASP C 221 -19.71 31.48 57.30
C ASP C 221 -20.46 32.20 56.17
N THR C 222 -21.40 31.50 55.55
CA THR C 222 -22.03 31.97 54.32
C THR C 222 -22.75 33.30 54.47
N ASP C 223 -23.81 33.32 55.27
CA ASP C 223 -24.62 34.52 55.44
C ASP C 223 -23.99 35.50 56.43
N CYS C 224 -23.21 36.44 55.92
CA CYS C 224 -22.52 37.42 56.76
C CYS C 224 -22.45 38.81 56.14
N PHE C 225 -22.70 38.88 54.83
CA PHE C 225 -22.56 40.13 54.07
C PHE C 225 -21.15 40.69 54.19
N ALA C 226 -20.82 41.22 55.37
CA ALA C 226 -19.47 41.70 55.65
C ALA C 226 -18.71 40.67 56.47
N CYS C 227 -17.42 40.50 56.17
CA CYS C 227 -16.59 39.53 56.86
C CYS C 227 -15.47 40.19 57.65
N ARG C 228 -15.36 39.86 58.93
CA ARG C 228 -14.31 40.41 59.78
C ARG C 228 -12.93 39.94 59.36
N HIS C 229 -12.74 38.64 59.31
CA HIS C 229 -11.45 38.06 58.94
C HIS C 229 -11.54 37.26 57.64
N PHE C 230 -10.96 37.82 56.58
CA PHE C 230 -10.84 37.14 55.28
C PHE C 230 -12.18 36.69 54.70
N ASN C 231 -12.10 35.93 53.61
CA ASN C 231 -13.28 35.38 52.95
C ASN C 231 -12.93 34.24 52.02
N ASP C 232 -13.16 33.00 52.47
CA ASP C 232 -12.89 31.83 51.65
C ASP C 232 -14.10 31.53 50.77
N SER C 233 -13.96 31.78 49.47
CA SER C 233 -15.04 31.60 48.50
C SER C 233 -16.27 32.42 48.90
N GLY C 234 -17.02 31.90 49.86
CA GLY C 234 -18.19 32.59 50.38
C GLY C 234 -18.27 32.44 51.90
N ALA C 235 -17.35 31.67 52.46
CA ALA C 235 -17.34 31.40 53.89
C ALA C 235 -16.33 32.30 54.61
N CYS C 236 -16.75 32.86 55.74
CA CYS C 236 -15.88 33.71 56.54
C CYS C 236 -15.11 32.88 57.56
N VAL C 237 -13.85 32.59 57.25
CA VAL C 237 -12.99 31.80 58.14
C VAL C 237 -12.01 32.71 58.89
N PRO C 238 -11.78 32.40 60.18
CA PRO C 238 -10.87 33.17 61.04
C PRO C 238 -9.48 33.33 60.44
N ARG C 239 -9.04 32.32 59.68
CA ARG C 239 -7.77 32.37 58.98
C ARG C 239 -7.80 31.43 57.78
N CYS C 240 -7.49 31.97 56.61
CA CYS C 240 -7.48 31.19 55.37
C CYS C 240 -6.51 30.01 55.49
N PRO C 241 -6.86 28.87 54.86
CA PRO C 241 -6.12 27.59 54.94
C PRO C 241 -4.61 27.73 54.99
N GLN C 242 -4.03 27.41 56.14
CA GLN C 242 -2.59 27.49 56.36
C GLN C 242 -1.84 26.55 55.42
N PRO C 243 -0.59 26.91 55.06
CA PRO C 243 0.19 26.07 54.16
C PRO C 243 0.90 24.92 54.88
N LEU C 244 0.88 24.94 56.21
CA LEU C 244 1.48 23.88 57.01
C LEU C 244 0.40 23.01 57.64
N VAL C 245 0.25 21.78 57.13
CA VAL C 245 -0.81 20.90 57.57
C VAL C 245 -0.27 19.57 58.12
N TYR C 246 -0.67 19.25 59.35
CA TYR C 246 -0.27 18.01 60.00
C TYR C 246 -0.93 16.81 59.32
N ASN C 247 -0.25 15.66 59.36
CA ASN C 247 -0.78 14.46 58.73
C ASN C 247 -0.19 13.17 59.29
N LYS C 248 -0.96 12.09 59.22
CA LYS C 248 -0.53 10.78 59.68
C LYS C 248 -1.01 9.68 58.71
N LEU C 249 -0.19 8.65 58.49
CA LEU C 249 1.12 8.52 59.13
C LEU C 249 2.20 9.28 58.37
N THR C 250 1.83 9.83 57.21
CA THR C 250 2.74 10.65 56.44
C THR C 250 3.01 11.95 57.18
N PHE C 251 4.12 11.99 57.92
CA PHE C 251 4.47 13.15 58.74
C PHE C 251 5.01 14.30 57.90
N GLN C 252 6.08 14.91 58.38
CA GLN C 252 6.76 16.01 57.69
C GLN C 252 5.88 17.25 57.47
N LEU C 253 4.67 17.23 58.00
CA LEU C 253 3.70 18.32 57.87
C LEU C 253 3.50 18.71 56.40
N GLU C 254 2.65 17.96 55.71
CA GLU C 254 2.40 18.15 54.28
C GLU C 254 1.92 19.56 53.97
N PRO C 255 2.35 20.10 52.81
CA PRO C 255 1.96 21.44 52.34
C PRO C 255 0.46 21.58 52.08
N ASN C 256 0.06 21.42 50.82
CA ASN C 256 -1.33 21.56 50.42
C ASN C 256 -2.21 20.44 51.00
N HIS C 258 -4.82 21.62 48.93
CA HIS C 258 -5.87 22.28 49.68
C HIS C 258 -5.30 23.37 50.60
N THR C 259 -4.93 24.50 50.02
CA THR C 259 -4.38 25.61 50.77
C THR C 259 -4.64 26.94 50.06
N LYS C 260 -4.71 28.01 50.85
CA LYS C 260 -4.96 29.35 50.30
C LYS C 260 -4.08 30.39 50.99
N TYR C 261 -3.84 31.49 50.30
CA TYR C 261 -3.00 32.56 50.83
C TYR C 261 -3.81 33.84 51.05
N GLN C 262 -3.29 34.73 51.88
CA GLN C 262 -3.97 35.99 52.17
C GLN C 262 -3.97 36.92 50.97
N TYR C 263 -4.90 37.88 50.97
CA TYR C 263 -5.01 38.87 49.93
C TYR C 263 -5.82 40.07 50.45
N GLY C 264 -5.49 40.48 51.68
CA GLY C 264 -6.25 41.53 52.35
C GLY C 264 -7.38 40.92 53.15
N GLY C 265 -8.61 41.14 52.70
CA GLY C 265 -9.77 40.53 53.31
C GLY C 265 -10.26 39.35 52.50
N VAL C 266 -9.38 38.83 51.65
CA VAL C 266 -9.72 37.72 50.77
C VAL C 266 -8.67 36.63 50.87
N CYS C 267 -9.10 35.37 50.92
CA CYS C 267 -8.18 34.24 50.89
C CYS C 267 -8.24 33.53 49.54
N VAL C 268 -7.17 33.63 48.78
CA VAL C 268 -7.11 33.05 47.44
C VAL C 268 -5.86 32.20 47.28
N ALA C 269 -5.88 31.27 46.32
CA ALA C 269 -4.75 30.39 46.06
C ALA C 269 -3.98 30.82 44.82
N SER C 270 -4.42 31.90 44.19
CA SER C 270 -3.78 32.41 42.99
C SER C 270 -3.49 33.90 43.08
N CYS C 271 -2.21 34.26 42.97
CA CYS C 271 -1.81 35.66 43.03
C CYS C 271 -1.08 36.06 41.74
N PRO C 272 -1.83 36.49 40.73
CA PRO C 272 -1.26 36.90 39.43
C PRO C 272 -1.01 38.40 39.36
N PHE C 275 1.85 39.76 41.82
CA PHE C 275 2.14 39.44 43.21
C PHE C 275 2.79 38.07 43.35
N VAL C 276 3.50 37.87 44.46
CA VAL C 276 4.09 36.57 44.77
C VAL C 276 3.64 36.12 46.15
N VAL C 277 3.80 34.83 46.44
CA VAL C 277 3.33 34.27 47.70
C VAL C 277 4.40 34.27 48.79
N ASP C 278 4.07 34.89 49.92
CA ASP C 278 4.96 34.88 51.08
C ASP C 278 4.43 33.94 52.14
N GLN C 279 4.63 32.64 51.92
CA GLN C 279 4.15 31.59 52.82
C GLN C 279 2.64 31.66 53.05
N THR C 280 2.20 32.59 53.88
CA THR C 280 0.78 32.71 54.23
C THR C 280 0.09 33.83 53.48
N SER C 281 0.84 34.87 53.12
CA SER C 281 0.27 36.04 52.45
C SER C 281 0.75 36.18 51.01
N CYS C 282 0.25 37.21 50.33
CA CYS C 282 0.66 37.48 48.96
C CYS C 282 1.25 38.88 48.84
N VAL C 283 2.56 38.98 49.04
CA VAL C 283 3.25 40.26 48.97
C VAL C 283 3.60 40.62 47.53
N ARG C 284 3.78 41.91 47.28
CA ARG C 284 4.17 42.39 45.97
C ARG C 284 5.61 41.98 45.67
N ALA C 285 6.46 42.06 46.70
CA ALA C 285 7.85 41.65 46.59
C ALA C 285 8.33 41.04 47.91
N CYS C 286 9.18 40.03 47.82
CA CYS C 286 9.69 39.35 49.00
C CYS C 286 10.46 40.30 49.91
N PRO C 287 10.34 40.10 51.24
CA PRO C 287 11.05 40.91 52.23
C PRO C 287 12.57 40.79 52.10
N PRO C 288 13.30 41.84 52.50
CA PRO C 288 14.76 41.98 52.45
C PRO C 288 15.55 40.69 52.71
N ASP C 289 15.12 39.89 53.67
CA ASP C 289 15.85 38.69 54.05
C ASP C 289 15.34 37.45 53.31
N LYS C 290 14.41 37.64 52.38
CA LYS C 290 13.83 36.53 51.64
C LYS C 290 14.29 36.52 50.18
N MET C 291 14.37 35.33 49.61
CA MET C 291 14.80 35.17 48.22
C MET C 291 13.59 34.99 47.29
N GLU C 292 13.71 34.08 46.34
CA GLU C 292 12.63 33.79 45.40
C GLU C 292 12.90 32.49 44.65
N VAL C 293 11.94 31.57 44.69
CA VAL C 293 12.09 30.28 44.04
C VAL C 293 10.86 29.88 43.23
N ASP C 294 10.90 28.70 42.63
CA ASP C 294 9.79 28.11 41.89
C ASP C 294 9.30 28.98 40.73
N LYS C 295 9.80 28.67 39.53
CA LYS C 295 9.39 29.34 38.29
C LYS C 295 9.57 30.86 38.39
N LYS C 299 5.82 30.14 43.09
CA LYS C 299 6.67 31.30 43.28
C LYS C 299 6.79 31.68 44.75
N MET C 300 7.18 30.72 45.57
CA MET C 300 7.32 30.93 47.01
C MET C 300 8.51 31.84 47.33
N CYS C 301 8.55 32.35 48.55
CA CYS C 301 9.61 33.27 48.96
C CYS C 301 10.40 32.76 50.15
N GLU C 302 11.24 31.76 49.91
CA GLU C 302 12.11 31.22 50.95
C GLU C 302 13.16 32.26 51.35
N PRO C 303 13.64 32.20 52.61
CA PRO C 303 14.61 33.19 53.04
C PRO C 303 16.03 32.89 52.58
N CYS C 304 16.84 33.92 52.44
CA CYS C 304 18.21 33.78 51.97
C CYS C 304 19.12 33.14 53.01
N GLY C 305 19.97 32.21 52.58
CA GLY C 305 20.91 31.57 53.47
C GLY C 305 22.12 32.45 53.75
N GLY C 306 21.90 33.52 54.50
CA GLY C 306 22.95 34.47 54.83
C GLY C 306 22.75 35.81 54.13
N LEU C 307 23.12 35.87 52.86
CA LEU C 307 22.99 37.10 52.09
C LEU C 307 22.27 36.83 50.77
N CYS C 308 21.33 37.70 50.43
CA CYS C 308 20.53 37.54 49.22
C CYS C 308 21.35 37.81 47.95
N PRO C 309 21.07 37.05 46.89
CA PRO C 309 21.74 37.19 45.59
C PRO C 309 21.60 38.60 45.01
N LYS C 310 22.67 39.08 44.37
CA LYS C 310 22.66 40.41 43.76
C LYS C 310 23.75 40.52 42.69
N ALA C 311 23.34 40.88 41.48
CA ALA C 311 24.28 41.03 40.37
C ALA C 311 24.54 42.51 40.08
N CYS C 312 25.80 42.83 39.78
CA CYS C 312 26.19 44.22 39.54
C CYS C 312 27.09 44.34 38.32
N GLU C 313 27.28 45.57 37.86
CA GLU C 313 28.16 45.85 36.73
C GLU C 313 29.63 45.76 37.14
N GLY C 314 30.44 45.13 36.31
CA GLY C 314 31.85 44.99 36.59
C GLY C 314 32.68 46.06 35.93
N THR C 315 33.91 45.70 35.54
CA THR C 315 34.80 46.61 34.84
C THR C 315 35.36 45.93 33.59
N GLY C 316 36.08 46.69 32.78
CA GLY C 316 36.68 46.17 31.57
C GLY C 316 35.85 46.44 30.33
N SER C 317 36.06 45.62 29.30
CA SER C 317 35.37 45.78 28.02
C SER C 317 33.86 45.72 28.16
N GLY C 318 33.20 46.80 27.76
CA GLY C 318 31.74 46.88 27.83
C GLY C 318 31.28 47.76 28.98
N SER C 319 32.15 47.93 29.97
CA SER C 319 31.81 48.72 31.14
C SER C 319 32.07 50.20 30.89
N ARG C 320 32.22 50.95 31.97
CA ARG C 320 32.46 52.39 31.90
C ARG C 320 33.87 52.73 32.35
N PHE C 321 34.53 51.78 33.01
CA PHE C 321 35.84 52.03 33.60
C PHE C 321 36.90 51.06 33.09
N GLN C 322 38.15 51.48 33.18
CA GLN C 322 39.28 50.62 32.84
C GLN C 322 39.69 49.78 34.05
N THR C 323 39.36 50.28 35.24
CA THR C 323 39.75 49.62 36.48
C THR C 323 38.84 49.99 37.65
N VAL C 324 39.01 49.29 38.77
CA VAL C 324 38.27 49.58 39.98
C VAL C 324 39.00 50.63 40.80
N ASP C 325 38.46 51.85 40.83
CA ASP C 325 39.08 52.95 41.56
C ASP C 325 38.18 53.45 42.69
N SER C 326 38.51 54.63 43.21
CA SER C 326 37.75 55.22 44.31
C SER C 326 36.32 55.54 43.91
N SER C 327 36.11 55.80 42.63
CA SER C 327 34.79 56.18 42.13
C SER C 327 33.82 55.01 42.05
N ASN C 328 34.24 53.92 41.42
CA ASN C 328 33.35 52.80 41.15
C ASN C 328 33.35 51.74 42.24
N ILE C 329 34.20 51.90 43.24
CA ILE C 329 34.18 50.99 44.39
C ILE C 329 33.03 51.41 45.30
N ASP C 330 32.86 50.70 46.42
CA ASP C 330 31.71 50.82 47.32
C ASP C 330 30.40 50.95 46.54
N GLY C 331 30.35 50.28 45.39
CA GLY C 331 29.15 50.15 44.59
C GLY C 331 28.93 48.66 44.37
N PHE C 332 29.94 47.89 44.74
CA PHE C 332 29.87 46.43 44.70
C PHE C 332 29.35 45.91 46.04
N VAL C 333 28.72 46.79 46.81
CA VAL C 333 28.23 46.46 48.14
C VAL C 333 27.15 45.39 48.08
N ASN C 334 27.35 44.33 48.88
CA ASN C 334 26.43 43.21 48.96
C ASN C 334 26.17 42.53 47.62
N CYS C 335 27.14 42.63 46.72
CA CYS C 335 27.04 41.98 45.41
C CYS C 335 27.60 40.56 45.48
N THR C 336 26.85 39.61 44.92
CA THR C 336 27.28 38.22 44.94
C THR C 336 27.72 37.77 43.56
N LYS C 337 27.23 38.46 42.53
CA LYS C 337 27.53 38.10 41.16
C LYS C 337 28.02 39.30 40.36
N ILE C 338 29.02 39.09 39.51
CA ILE C 338 29.56 40.15 38.68
C ILE C 338 29.29 39.88 37.21
N LEU C 339 28.27 40.53 36.65
CA LEU C 339 27.96 40.41 35.24
C LEU C 339 29.03 41.13 34.42
N GLY C 340 30.17 40.47 34.25
CA GLY C 340 31.30 41.07 33.56
C GLY C 340 32.60 40.65 34.20
N ASN C 341 33.52 41.59 34.35
CA ASN C 341 34.82 41.28 34.93
C ASN C 341 35.29 42.35 35.92
N LEU C 342 36.35 42.06 36.65
CA LEU C 342 36.92 43.00 37.60
C LEU C 342 38.37 43.30 37.25
N ASP C 343 38.70 44.57 37.08
CA ASP C 343 40.04 45.00 36.72
C ASP C 343 40.69 45.81 37.83
N PHE C 344 41.87 45.38 38.26
CA PHE C 344 42.60 46.08 39.30
C PHE C 344 43.95 46.60 38.80
N LEU C 345 43.90 47.73 38.10
CA LEU C 345 45.10 48.34 37.52
C LEU C 345 45.80 49.24 38.53
N ILE C 346 47.05 49.59 38.24
CA ILE C 346 47.85 50.46 39.12
C ILE C 346 47.23 51.85 39.21
N THR C 347 46.67 52.32 38.10
CA THR C 347 46.03 53.63 38.03
C THR C 347 44.88 53.76 39.02
N GLY C 348 44.04 52.73 39.09
CA GLY C 348 42.89 52.76 39.97
C GLY C 348 43.26 52.69 41.44
N LEU C 349 44.32 51.98 41.76
CA LEU C 349 44.76 51.81 43.14
C LEU C 349 45.46 53.05 43.70
N ASN C 350 46.57 53.42 43.08
CA ASN C 350 47.38 54.53 43.58
C ASN C 350 46.76 55.89 43.28
N GLY C 351 45.99 55.98 42.20
CA GLY C 351 45.31 57.22 41.85
C GLY C 351 45.45 57.64 40.41
N ASP C 352 44.50 58.46 39.96
CA ASP C 352 44.48 59.00 38.60
C ASP C 352 45.69 59.92 38.34
N PRO C 353 46.31 59.79 37.16
CA PRO C 353 47.47 60.61 36.76
C PRO C 353 47.20 62.11 36.76
N TRP C 354 45.95 62.51 36.56
CA TRP C 354 45.59 63.92 36.48
C TRP C 354 45.02 64.43 37.79
N HIS C 355 45.18 63.65 38.86
CA HIS C 355 44.71 64.02 40.20
C HIS C 355 43.23 64.35 40.23
N LYS C 356 42.41 63.55 39.56
CA LYS C 356 40.97 63.78 39.53
C LYS C 356 40.24 62.82 40.47
N ILE C 357 40.77 61.61 40.60
CA ILE C 357 40.22 60.62 41.52
C ILE C 357 41.28 60.22 42.53
N PRO C 358 40.95 60.32 43.83
CA PRO C 358 41.87 59.99 44.92
C PRO C 358 42.28 58.52 44.93
N ALA C 359 43.31 58.20 45.71
CA ALA C 359 43.81 56.83 45.80
C ALA C 359 42.77 55.88 46.38
N LEU C 360 42.77 54.65 45.90
CA LEU C 360 41.83 53.65 46.36
C LEU C 360 42.14 53.20 47.78
N ASP C 361 41.18 53.39 48.69
CA ASP C 361 41.36 52.97 50.08
C ASP C 361 41.42 51.44 50.15
N PRO C 362 42.58 50.92 50.58
CA PRO C 362 42.84 49.47 50.65
C PRO C 362 41.82 48.71 51.49
N GLU C 363 41.24 49.38 52.48
CA GLU C 363 40.26 48.75 53.35
C GLU C 363 38.94 48.50 52.62
N LYS C 364 38.68 49.30 51.59
CA LYS C 364 37.45 49.20 50.83
C LYS C 364 37.46 48.02 49.86
N LEU C 365 38.59 47.32 49.77
CA LEU C 365 38.69 46.14 48.94
C LEU C 365 37.93 44.97 49.56
N ASN C 366 37.55 45.13 50.83
CA ASN C 366 36.78 44.11 51.54
C ASN C 366 35.33 44.03 51.05
N VAL C 367 34.98 44.92 50.13
CA VAL C 367 33.63 44.95 49.58
C VAL C 367 33.38 43.72 48.71
N PHE C 368 34.45 43.10 48.23
CA PHE C 368 34.36 41.95 47.35
C PHE C 368 34.26 40.64 48.11
N ARG C 369 34.08 40.74 49.43
CA ARG C 369 33.97 39.53 50.27
C ARG C 369 32.62 38.86 50.11
N THR C 370 31.68 39.55 49.47
CA THR C 370 30.35 39.01 49.28
C THR C 370 30.20 38.41 47.88
N VAL C 371 31.16 38.71 47.01
CA VAL C 371 31.14 38.21 45.64
C VAL C 371 31.38 36.70 45.59
N ARG C 372 30.47 35.99 44.93
CA ARG C 372 30.55 34.54 44.83
C ARG C 372 30.87 34.07 43.42
N GLU C 373 30.47 34.85 42.43
CA GLU C 373 30.66 34.47 41.02
C GLU C 373 31.01 35.65 40.12
N ILE C 374 32.02 35.46 39.27
CA ILE C 374 32.37 36.43 38.24
C ILE C 374 32.10 35.84 36.87
N THR C 375 31.29 36.53 36.07
CA THR C 375 30.91 36.05 34.75
C THR C 375 32.09 36.00 33.79
N GLY C 376 32.92 37.03 33.85
CA GLY C 376 34.06 37.14 32.94
C GLY C 376 35.39 36.72 33.56
N TYR C 377 36.34 37.65 33.58
CA TYR C 377 37.68 37.36 34.08
C TYR C 377 38.01 38.11 35.36
N LEU C 378 39.15 37.77 35.96
CA LEU C 378 39.66 38.49 37.12
C LEU C 378 41.03 39.07 36.81
N ASN C 379 41.10 40.40 36.73
CA ASN C 379 42.33 41.08 36.35
C ASN C 379 42.98 41.81 37.53
N ILE C 380 44.05 41.21 38.07
CA ILE C 380 44.77 41.81 39.18
C ILE C 380 46.20 42.14 38.79
N GLN C 381 46.44 43.40 38.44
CA GLN C 381 47.77 43.85 38.08
C GLN C 381 48.34 44.77 39.15
N SER C 382 47.55 45.03 40.19
CA SER C 382 47.96 45.92 41.27
C SER C 382 47.19 45.62 42.54
N TRP C 383 47.92 45.30 43.60
CA TRP C 383 47.34 45.02 44.91
C TRP C 383 48.14 45.77 45.97
N PRO C 384 47.45 46.30 47.00
CA PRO C 384 48.11 47.05 48.08
C PRO C 384 49.27 46.28 48.69
N PRO C 385 50.35 47.00 49.08
CA PRO C 385 51.57 46.32 49.51
C PRO C 385 51.48 45.73 50.91
N HIS C 386 50.42 46.06 51.65
CA HIS C 386 50.25 45.52 52.99
C HIS C 386 49.19 44.41 53.00
N MET C 387 48.74 44.02 51.82
CA MET C 387 47.84 42.87 51.69
C MET C 387 48.56 41.75 50.94
N HIS C 388 49.02 40.75 51.69
CA HIS C 388 49.88 39.70 51.14
C HIS C 388 49.12 38.64 50.36
N ASN C 389 47.80 38.81 50.23
CA ASN C 389 46.98 37.91 49.43
C ASN C 389 45.64 38.52 49.06
N PHE C 390 44.86 37.78 48.29
CA PHE C 390 43.55 38.24 47.86
C PHE C 390 42.46 37.63 48.71
N SER C 391 42.57 37.80 50.02
CA SER C 391 41.64 37.22 50.98
C SER C 391 40.25 37.87 50.88
N VAL C 392 40.16 38.96 50.14
CA VAL C 392 38.89 39.63 49.92
C VAL C 392 38.02 38.83 48.97
N PHE C 393 38.61 37.87 48.27
CA PHE C 393 37.86 36.97 47.41
C PHE C 393 37.76 35.59 48.04
N SER C 394 37.60 35.55 49.35
CA SER C 394 37.51 34.29 50.08
C SER C 394 36.19 33.56 49.81
N ASN C 395 35.20 34.29 49.29
CA ASN C 395 33.91 33.70 48.95
C ASN C 395 33.76 33.46 47.46
N LEU C 396 34.79 33.82 46.69
CA LEU C 396 34.74 33.63 45.25
C LEU C 396 34.73 32.15 44.90
N THR C 397 33.66 31.71 44.24
CA THR C 397 33.48 30.30 43.94
C THR C 397 33.77 29.96 42.48
N THR C 398 33.16 30.71 41.57
CA THR C 398 33.27 30.42 40.14
C THR C 398 33.68 31.63 39.31
N ILE C 399 34.53 31.38 38.31
CA ILE C 399 34.91 32.39 37.34
C ILE C 399 34.54 31.89 35.95
N GLY C 400 33.52 32.50 35.35
CA GLY C 400 32.98 32.04 34.09
C GLY C 400 33.94 32.10 32.92
N GLY C 401 34.53 33.26 32.70
CA GLY C 401 35.42 33.45 31.58
C GLY C 401 34.65 33.53 30.27
N ARG C 402 33.41 33.98 30.35
CA ARG C 402 32.58 34.15 29.16
C ARG C 402 32.97 35.42 28.44
N SER C 403 33.75 36.26 29.12
CA SER C 403 34.41 37.41 28.51
C SER C 403 35.87 37.41 28.96
N LEU C 404 36.78 37.23 28.02
CA LEU C 404 38.20 37.04 28.34
C LEU C 404 38.99 38.33 28.29
N TYR C 405 40.19 38.30 28.87
CA TYR C 405 41.07 39.45 28.90
C TYR C 405 42.36 39.19 28.11
N ASN C 406 42.79 40.20 27.35
CA ASN C 406 44.00 40.13 26.54
C ASN C 406 44.00 38.92 25.61
N ARG C 407 45.00 38.06 25.74
CA ARG C 407 45.08 36.87 24.90
C ARG C 407 44.27 35.71 25.46
N GLY C 408 42.99 35.97 25.72
CA GLY C 408 42.08 34.94 26.18
C GLY C 408 42.35 34.44 27.58
N PHE C 409 42.43 35.35 28.54
CA PHE C 409 42.70 34.98 29.93
C PHE C 409 41.47 35.15 30.82
N SER C 410 41.33 34.25 31.79
CA SER C 410 40.26 34.30 32.77
C SER C 410 40.77 34.80 34.11
N LEU C 411 42.07 34.65 34.32
CA LEU C 411 42.70 35.02 35.58
C LEU C 411 44.09 35.59 35.34
N LEU C 412 44.20 36.91 35.39
CA LEU C 412 45.47 37.58 35.17
C LEU C 412 46.03 38.19 36.44
N ILE C 413 46.98 37.51 37.06
CA ILE C 413 47.65 38.01 38.25
C ILE C 413 49.11 38.30 37.92
N MET C 414 49.40 39.55 37.60
CA MET C 414 50.71 39.91 37.08
C MET C 414 51.42 40.99 37.87
N LYS C 415 52.70 40.74 38.19
CA LYS C 415 53.59 41.72 38.79
C LYS C 415 53.07 42.30 40.11
N ASN C 416 52.70 41.41 41.02
CA ASN C 416 52.34 41.81 42.38
C ASN C 416 53.39 41.33 43.37
N LEU C 417 54.30 42.23 43.74
CA LEU C 417 55.49 41.85 44.49
C LEU C 417 55.26 41.81 46.00
N ASN C 418 54.01 41.88 46.42
CA ASN C 418 53.69 41.82 47.85
C ASN C 418 52.77 40.66 48.18
N VAL C 419 52.27 39.99 47.14
CA VAL C 419 51.37 38.86 47.30
C VAL C 419 52.14 37.57 47.52
N THR C 420 51.93 36.94 48.68
CA THR C 420 52.66 35.73 49.04
C THR C 420 51.84 34.47 48.75
N SER C 421 50.52 34.61 48.80
CA SER C 421 49.62 33.50 48.51
C SER C 421 48.41 33.98 47.75
N LEU C 422 47.72 33.08 47.06
CA LEU C 422 46.54 33.43 46.29
C LEU C 422 45.38 33.80 47.22
N GLY C 423 44.77 32.79 47.84
CA GLY C 423 43.75 33.04 48.84
C GLY C 423 42.33 32.81 48.37
N PHE C 424 42.18 32.26 47.17
CA PHE C 424 40.86 31.95 46.65
C PHE C 424 40.37 30.62 47.23
N ARG C 425 40.10 30.60 48.53
CA ARG C 425 39.78 29.38 49.25
C ARG C 425 38.50 28.70 48.77
N SER C 426 37.56 29.50 48.28
CA SER C 426 36.27 28.97 47.84
C SER C 426 36.25 28.66 46.35
N LEU C 427 37.30 29.05 45.64
CA LEU C 427 37.38 28.87 44.20
C LEU C 427 37.38 27.39 43.85
N LYS C 428 36.33 26.94 43.16
CA LYS C 428 36.17 25.53 42.84
C LYS C 428 36.15 25.29 41.32
N GLU C 429 35.71 26.28 40.56
CA GLU C 429 35.59 26.13 39.12
C GLU C 429 35.95 27.39 38.33
N ILE C 430 36.91 27.25 37.41
CA ILE C 430 37.15 28.25 36.39
C ILE C 430 36.64 27.67 35.07
N SER C 431 35.48 28.15 34.63
CA SER C 431 34.73 27.49 33.56
C SER C 431 35.50 27.41 32.23
N ALA C 432 36.14 28.50 31.85
CA ALA C 432 36.88 28.53 30.59
C ALA C 432 37.98 29.58 30.59
N GLY C 433 38.87 29.50 29.60
CA GLY C 433 39.91 30.50 29.42
C GLY C 433 41.27 30.05 29.91
N ARG C 434 42.26 30.92 29.75
CA ARG C 434 43.62 30.64 30.20
C ARG C 434 43.90 31.28 31.55
N ILE C 435 44.94 30.80 32.22
CA ILE C 435 45.37 31.38 33.49
C ILE C 435 46.77 31.95 33.36
N TYR C 436 46.93 33.22 33.71
CA TYR C 436 48.24 33.86 33.68
C TYR C 436 48.63 34.33 35.07
N ILE C 437 49.60 33.64 35.66
CA ILE C 437 50.14 34.01 36.96
C ILE C 437 51.65 34.08 36.89
N SER C 438 52.19 35.30 36.73
CA SER C 438 53.62 35.47 36.54
C SER C 438 54.16 36.75 37.18
N ALA C 439 55.47 36.82 37.30
CA ALA C 439 56.18 38.00 37.80
C ALA C 439 55.75 38.41 39.21
N ASN C 440 55.32 37.43 40.02
CA ASN C 440 54.82 37.73 41.36
C ASN C 440 55.89 37.63 42.44
N ARG C 441 57.10 37.26 42.02
CA ARG C 441 58.30 37.32 42.88
C ARG C 441 58.22 36.53 44.19
N GLN C 442 57.25 36.87 45.04
CA GLN C 442 57.17 36.26 46.36
C GLN C 442 55.94 35.38 46.55
N LEU C 443 55.32 34.98 45.44
CA LEU C 443 54.13 34.15 45.50
C LEU C 443 54.47 32.66 45.65
N CYS C 444 53.85 32.00 46.61
CA CYS C 444 54.06 30.58 46.83
C CYS C 444 52.74 29.80 46.87
N TYR C 445 52.82 28.55 47.29
CA TYR C 445 51.66 27.68 47.51
C TYR C 445 50.89 27.32 46.22
N HIS C 446 51.12 28.07 45.16
CA HIS C 446 50.44 27.83 43.89
C HIS C 446 51.11 26.69 43.13
N HIS C 447 52.33 26.35 43.54
CA HIS C 447 53.10 25.29 42.89
C HIS C 447 52.38 23.95 42.95
N SER C 448 52.36 23.35 44.14
CA SER C 448 51.61 22.13 44.35
C SER C 448 50.12 22.42 44.35
N LEU C 449 49.55 22.54 43.15
CA LEU C 449 48.12 22.83 43.00
C LEU C 449 47.57 22.21 41.72
N ASN C 450 46.74 21.18 41.87
CA ASN C 450 46.13 20.50 40.74
C ASN C 450 45.06 21.35 40.09
N TRP C 451 45.44 22.12 39.07
CA TRP C 451 44.52 23.00 38.37
C TRP C 451 43.43 22.24 37.62
N THR C 452 43.73 20.99 37.28
CA THR C 452 42.77 20.14 36.58
C THR C 452 41.49 19.96 37.39
N LYS C 453 41.64 19.97 38.72
CA LYS C 453 40.49 19.82 39.62
C LYS C 453 39.75 21.14 39.81
N VAL C 454 40.24 22.20 39.18
CA VAL C 454 39.64 23.52 39.30
C VAL C 454 39.28 24.08 37.92
N LEU C 455 40.17 23.87 36.96
CA LEU C 455 39.97 24.38 35.60
C LEU C 455 39.21 23.39 34.74
N ARG C 456 38.03 23.78 34.28
CA ARG C 456 37.23 22.93 33.40
C ARG C 456 37.81 22.93 31.98
N GLY C 457 37.66 21.82 31.28
CA GLY C 457 38.24 21.65 29.98
C GLY C 457 39.68 21.19 30.10
N PRO C 458 40.27 20.74 28.97
CA PRO C 458 41.67 20.29 28.97
C PRO C 458 42.62 21.42 29.36
N THR C 459 43.41 21.19 30.41
CA THR C 459 44.31 22.23 30.92
C THR C 459 45.59 22.35 30.11
N GLU C 460 45.62 21.71 28.96
CA GLU C 460 46.77 21.77 28.07
C GLU C 460 46.92 23.17 27.47
N GLU C 461 48.10 23.76 27.65
CA GLU C 461 48.41 25.10 27.15
C GLU C 461 47.42 26.14 27.68
N ARG C 462 47.04 26.01 28.94
CA ARG C 462 46.11 26.94 29.57
C ARG C 462 46.76 27.64 30.76
N LEU C 463 47.85 27.05 31.26
CA LEU C 463 48.49 27.53 32.47
C LEU C 463 49.80 28.26 32.19
N ASP C 464 49.71 29.57 31.98
CA ASP C 464 50.90 30.40 31.79
C ASP C 464 51.44 30.86 33.14
N ILE C 465 51.95 29.91 33.93
CA ILE C 465 52.43 30.21 35.27
C ILE C 465 53.94 29.99 35.41
N LYS C 466 54.68 31.07 35.56
CA LYS C 466 56.13 31.00 35.71
C LYS C 466 56.70 32.30 36.25
N HIS C 467 58.00 32.28 36.55
CA HIS C 467 58.73 33.46 37.01
C HIS C 467 58.11 34.13 38.23
N ASN C 468 57.78 33.33 39.24
CA ASN C 468 57.31 33.84 40.52
C ASN C 468 58.38 33.63 41.59
N ARG C 469 58.00 32.92 42.65
CA ARG C 469 58.96 32.46 43.64
C ARG C 469 59.29 31.00 43.37
N PRO C 470 60.58 30.68 43.22
CA PRO C 470 61.00 29.31 42.94
C PRO C 470 60.49 28.33 43.99
N ARG C 471 60.08 27.13 43.56
CA ARG C 471 59.56 26.15 44.50
C ARG C 471 60.67 25.66 45.43
N ARG C 472 61.92 25.81 44.97
CA ARG C 472 63.07 25.45 45.79
C ARG C 472 63.22 26.42 46.96
N ASP C 473 62.73 27.63 46.79
CA ASP C 473 62.80 28.65 47.84
C ASP C 473 61.61 28.57 48.78
N CYS C 474 60.46 28.18 48.25
CA CYS C 474 59.25 28.03 49.06
C CYS C 474 59.37 26.82 49.98
N VAL C 475 59.95 25.74 49.46
CA VAL C 475 60.14 24.52 50.25
C VAL C 475 61.18 24.74 51.34
N ALA C 476 62.26 25.43 51.00
CA ALA C 476 63.34 25.72 51.94
C ALA C 476 62.83 26.48 53.16
N GLU C 477 61.88 27.38 52.93
CA GLU C 477 61.28 28.15 54.02
C GLU C 477 60.08 27.41 54.60
N GLY C 478 59.76 26.26 54.02
CA GLY C 478 58.65 25.45 54.48
C GLY C 478 57.31 26.10 54.23
N LYS C 479 57.23 26.92 53.19
CA LYS C 479 55.99 27.59 52.84
C LYS C 479 55.19 26.76 51.84
N VAL C 480 54.76 25.59 52.27
CA VAL C 480 53.92 24.72 51.44
C VAL C 480 52.58 24.49 52.12
N CYS C 481 51.78 23.58 51.57
CA CYS C 481 50.45 23.31 52.09
C CYS C 481 50.48 22.66 53.47
N ASP C 482 49.42 22.89 54.24
CA ASP C 482 49.27 22.30 55.57
C ASP C 482 49.11 20.79 55.42
N PRO C 483 49.67 20.03 56.38
CA PRO C 483 49.59 18.56 56.35
C PRO C 483 48.15 18.02 56.27
N LEU C 484 47.17 18.82 56.67
CA LEU C 484 45.77 18.40 56.64
C LEU C 484 45.19 18.45 55.23
N CYS C 485 45.98 18.94 54.28
CA CYS C 485 45.56 19.01 52.88
C CYS C 485 45.90 17.73 52.14
N SER C 486 45.03 17.32 51.22
CA SER C 486 45.26 16.13 50.41
C SER C 486 46.11 16.46 49.20
N SER C 487 46.17 15.53 48.25
CA SER C 487 46.92 15.73 47.03
C SER C 487 46.00 16.06 45.85
N GLY C 488 46.04 17.32 45.43
CA GLY C 488 46.90 18.32 46.04
C GLY C 488 46.50 19.74 45.67
N GLY C 489 46.80 20.68 46.56
CA GLY C 489 46.52 22.08 46.29
C GLY C 489 46.16 22.89 47.51
N CYS C 490 46.73 24.10 47.59
CA CYS C 490 46.39 25.02 48.66
C CYS C 490 46.49 26.46 48.16
N TRP C 491 45.61 27.32 48.68
CA TRP C 491 45.58 28.72 48.28
C TRP C 491 46.40 29.57 49.24
N GLY C 492 47.13 28.89 50.13
CA GLY C 492 47.96 29.57 51.10
C GLY C 492 48.32 28.64 52.25
N PRO C 493 48.74 29.21 53.38
CA PRO C 493 49.11 28.45 54.57
C PRO C 493 47.91 28.16 55.46
N GLY C 494 48.03 27.15 56.32
CA GLY C 494 46.98 26.81 57.25
C GLY C 494 46.01 25.78 56.70
N PRO C 495 45.11 25.30 57.57
CA PRO C 495 44.12 24.28 57.20
C PRO C 495 42.83 24.89 56.66
N GLY C 496 42.86 26.18 56.33
CA GLY C 496 41.69 26.86 55.80
C GLY C 496 41.82 27.17 54.33
N GLN C 497 43.02 27.02 53.79
CA GLN C 497 43.29 27.31 52.39
C GLN C 497 43.48 26.04 51.58
N CYS C 498 43.00 24.91 52.12
CA CYS C 498 43.12 23.63 51.43
C CYS C 498 42.13 23.52 50.28
N LEU C 499 42.54 22.90 49.19
CA LEU C 499 41.66 22.66 48.06
C LEU C 499 40.78 21.46 48.33
N SER C 500 41.32 20.50 49.07
CA SER C 500 40.59 19.29 49.45
C SER C 500 41.12 18.73 50.76
N CYS C 501 40.26 18.70 51.78
CA CYS C 501 40.64 18.19 53.09
C CYS C 501 40.93 16.69 53.02
N ARG C 502 41.82 16.24 53.89
CA ARG C 502 42.16 14.82 53.97
C ARG C 502 41.02 14.02 54.59
N ASN C 503 40.14 14.72 55.30
CA ASN C 503 39.01 14.06 55.97
C ASN C 503 37.73 14.89 55.94
N TYR C 504 37.68 15.93 56.75
CA TYR C 504 36.45 16.71 56.88
C TYR C 504 36.71 18.22 56.85
N SER C 505 35.64 18.99 56.65
CA SER C 505 35.72 20.44 56.65
C SER C 505 34.65 21.03 57.56
N ARG C 506 35.10 21.66 58.65
CA ARG C 506 34.17 22.29 59.58
C ARG C 506 34.18 23.80 59.40
N GLY C 507 33.36 24.29 58.48
CA GLY C 507 33.26 25.71 58.21
C GLY C 507 34.49 26.27 57.52
N GLY C 508 34.85 25.68 56.39
CA GLY C 508 35.96 26.16 55.59
C GLY C 508 37.32 25.83 56.15
N VAL C 509 37.34 25.01 57.21
CA VAL C 509 38.58 24.60 57.84
C VAL C 509 38.68 23.08 57.92
N CYS C 510 39.81 22.53 57.48
CA CYS C 510 40.02 21.09 57.50
C CYS C 510 40.22 20.57 58.90
N VAL C 511 39.48 19.53 59.25
CA VAL C 511 39.60 18.88 60.55
C VAL C 511 39.78 17.38 60.36
N THR C 512 40.38 16.73 61.36
CA THR C 512 40.62 15.29 61.30
C THR C 512 39.30 14.53 61.40
N HIS C 513 38.42 15.00 62.28
CA HIS C 513 37.13 14.35 62.49
C HIS C 513 36.11 15.31 63.08
N CYS C 514 34.85 15.13 62.68
CA CYS C 514 33.75 15.93 63.23
C CYS C 514 33.41 15.45 64.63
N ASN C 515 32.49 16.15 65.29
CA ASN C 515 32.05 15.75 66.61
C ASN C 515 31.03 14.63 66.57
N PHE C 516 31.46 13.46 66.11
CA PHE C 516 30.60 12.29 66.03
C PHE C 516 30.27 11.75 67.41
N LEU C 517 31.31 11.28 68.10
CA LEU C 517 31.15 10.68 69.42
C LEU C 517 30.96 11.74 70.49
N ASN C 518 32.00 12.55 70.70
CA ASN C 518 31.98 13.58 71.73
C ASN C 518 32.22 14.97 71.14
N GLY C 519 31.73 15.99 71.84
CA GLY C 519 31.90 17.36 71.39
C GLY C 519 30.58 18.09 71.22
N GLU C 520 30.54 19.36 71.62
CA GLU C 520 29.34 20.17 71.46
C GLU C 520 29.54 21.23 70.39
N PRO C 521 28.66 21.27 69.38
CA PRO C 521 27.51 20.36 69.25
C PRO C 521 27.88 19.05 68.56
N ARG C 522 27.03 18.03 68.70
CA ARG C 522 27.22 16.78 67.99
C ARG C 522 27.11 16.99 66.49
N GLU C 523 27.90 16.25 65.71
CA GLU C 523 27.93 16.44 64.27
C GLU C 523 27.86 15.12 63.50
N PHE C 524 27.37 15.20 62.26
CA PHE C 524 27.39 14.06 61.34
C PHE C 524 28.19 14.43 60.10
N ALA C 525 28.49 13.43 59.27
CA ALA C 525 29.30 13.67 58.08
C ALA C 525 28.50 13.50 56.80
N HIS C 526 28.49 14.55 55.98
CA HIS C 526 27.86 14.49 54.67
C HIS C 526 28.76 15.16 53.64
N GLU C 527 29.18 14.39 52.65
CA GLU C 527 30.10 14.87 51.60
C GLU C 527 31.38 15.42 52.20
N ALA C 528 31.90 14.73 53.22
CA ALA C 528 33.14 15.11 53.90
C ALA C 528 33.06 16.52 54.48
N GLU C 529 31.93 16.82 55.12
CA GLU C 529 31.74 18.14 55.74
C GLU C 529 30.94 18.01 57.03
N CYS C 530 31.41 18.69 58.07
CA CYS C 530 30.77 18.63 59.39
C CYS C 530 29.51 19.49 59.46
N PHE C 531 28.44 18.90 59.98
CA PHE C 531 27.19 19.63 60.17
C PHE C 531 26.56 19.29 61.52
N SER C 532 26.07 20.30 62.22
CA SER C 532 25.49 20.12 63.54
C SER C 532 24.23 19.26 63.49
N CYS C 533 23.94 18.59 64.60
CA CYS C 533 22.75 17.76 64.72
C CYS C 533 21.53 18.60 65.06
N HIS C 534 20.35 17.97 65.01
CA HIS C 534 19.11 18.63 65.38
C HIS C 534 19.14 18.98 66.87
N PRO C 535 18.72 20.21 67.21
CA PRO C 535 18.77 20.69 68.59
C PRO C 535 17.94 19.85 69.56
N GLU C 536 16.94 19.16 69.04
CA GLU C 536 16.08 18.32 69.86
C GLU C 536 16.49 16.85 69.74
N CYS C 537 17.79 16.59 69.89
CA CYS C 537 18.31 15.24 69.80
C CYS C 537 19.35 15.01 70.89
N GLN C 538 19.06 14.09 71.81
CA GLN C 538 19.92 13.85 72.97
C GLN C 538 21.28 13.31 72.55
N PRO C 539 22.36 14.00 72.98
CA PRO C 539 23.74 13.63 72.67
C PRO C 539 24.13 12.26 73.21
N MET C 540 24.66 11.40 72.35
CA MET C 540 25.10 10.07 72.75
C MET C 540 26.59 10.09 73.12
N GLU C 541 26.87 9.82 74.39
CA GLU C 541 28.25 9.83 74.89
C GLU C 541 29.06 8.69 74.30
N GLY C 542 28.40 7.57 74.03
CA GLY C 542 29.06 6.39 73.51
C GLY C 542 29.19 6.36 72.01
N THR C 543 28.07 6.17 71.32
CA THR C 543 28.07 6.07 69.87
C THR C 543 27.71 7.39 69.20
N ALA C 544 27.31 7.30 67.93
CA ALA C 544 26.94 8.48 67.16
C ALA C 544 25.62 9.07 67.64
N THR C 545 25.31 10.28 67.20
CA THR C 545 24.10 10.96 67.61
C THR C 545 23.13 11.15 66.46
N CYS C 546 23.63 11.69 65.35
CA CYS C 546 22.80 11.94 64.18
C CYS C 546 23.20 11.07 63.00
N ASN C 547 22.21 10.72 62.16
CA ASN C 547 22.46 9.96 60.96
C ASN C 547 22.46 10.88 59.74
N GLY C 548 21.96 12.09 59.93
CA GLY C 548 21.89 13.08 58.88
C GLY C 548 21.15 14.32 59.31
N SER C 549 20.70 15.11 58.34
CA SER C 549 19.95 16.33 58.61
C SER C 549 18.48 16.01 58.87
N GLY C 550 17.94 16.54 59.96
CA GLY C 550 16.54 16.33 60.29
C GLY C 550 16.32 15.82 61.71
N SER C 551 15.07 15.54 62.03
CA SER C 551 14.71 15.06 63.36
C SER C 551 14.52 13.54 63.38
N ASP C 552 14.29 12.97 62.19
CA ASP C 552 14.10 11.53 62.06
C ASP C 552 15.40 10.82 61.73
N THR C 553 16.51 11.41 62.17
CA THR C 553 17.84 10.83 61.94
C THR C 553 18.62 10.69 63.25
N CYS C 554 17.96 10.98 64.36
CA CYS C 554 18.60 10.91 65.67
C CYS C 554 18.51 9.51 66.27
N ALA C 555 19.41 9.21 67.20
CA ALA C 555 19.38 7.94 67.92
C ALA C 555 18.25 7.95 68.95
N GLN C 556 18.41 8.77 69.97
CA GLN C 556 17.36 8.96 70.97
C GLN C 556 16.99 10.45 71.04
N CYS C 557 15.82 10.75 71.57
CA CYS C 557 15.33 12.13 71.59
C CYS C 557 15.48 12.78 72.96
N ALA C 558 15.44 14.11 72.97
CA ALA C 558 15.49 14.88 74.21
C ALA C 558 14.10 15.46 74.50
N HIS C 559 13.92 15.91 75.74
CA HIS C 559 12.64 16.47 76.19
C HIS C 559 11.49 15.48 76.00
N PHE C 560 11.02 15.35 74.76
CA PHE C 560 9.94 14.43 74.44
C PHE C 560 10.20 13.74 73.09
N ARG C 561 9.40 12.73 72.79
CA ARG C 561 9.56 11.99 71.54
C ARG C 561 8.26 11.97 70.74
N ASP C 562 8.22 11.14 69.69
CA ASP C 562 7.06 11.04 68.83
C ASP C 562 7.01 9.68 68.13
N GLY C 563 8.18 9.18 67.78
CA GLY C 563 8.29 7.92 67.06
C GLY C 563 9.18 8.06 65.84
N PRO C 564 8.58 8.41 64.69
CA PRO C 564 9.35 8.69 63.47
C PRO C 564 10.23 9.93 63.64
N HIS C 565 9.62 11.04 64.01
CA HIS C 565 10.36 12.27 64.27
C HIS C 565 10.68 12.42 65.75
N CYS C 566 11.11 13.60 66.15
CA CYS C 566 11.43 13.88 67.55
C CYS C 566 11.26 15.36 67.85
N VAL C 567 10.13 15.71 68.45
CA VAL C 567 9.81 17.11 68.72
C VAL C 567 10.02 17.47 70.19
N SER C 568 10.04 18.76 70.47
CA SER C 568 10.20 19.25 71.84
C SER C 568 8.93 19.06 72.65
N SER C 569 7.85 19.69 72.18
CA SER C 569 6.56 19.59 72.86
C SER C 569 5.56 18.82 72.01
N CYS C 570 4.67 18.08 72.67
CA CYS C 570 3.63 17.34 72.00
C CYS C 570 2.65 18.28 71.32
N PRO C 571 2.06 17.86 70.19
CA PRO C 571 1.11 18.70 69.44
C PRO C 571 -0.09 19.13 70.28
N HIS C 572 0.10 20.16 71.10
CA HIS C 572 -0.96 20.67 71.96
C HIS C 572 -1.64 21.88 71.33
N LEU C 575 -3.04 20.51 65.47
CA LEU C 575 -2.93 21.82 64.82
C LEU C 575 -3.88 21.92 63.63
N GLY C 576 -3.39 21.58 62.44
CA GLY C 576 -4.18 21.67 61.23
C GLY C 576 -4.94 20.40 60.90
N ALA C 577 -4.90 20.02 59.62
CA ALA C 577 -5.57 18.82 59.11
C ALA C 577 -7.09 18.87 59.24
N LYS C 578 -7.77 17.96 58.55
CA LYS C 578 -9.22 17.86 58.64
C LYS C 578 -9.63 17.44 60.04
N GLY C 579 -9.74 18.41 60.93
CA GLY C 579 -9.96 18.14 62.34
C GLY C 579 -8.69 18.40 63.11
N PRO C 580 -8.63 19.51 63.85
CA PRO C 580 -7.46 19.98 64.60
C PRO C 580 -6.80 18.89 65.45
N ILE C 581 -5.54 18.62 65.17
CA ILE C 581 -4.80 17.59 65.90
C ILE C 581 -4.30 18.11 67.24
N GLU D 38 -42.14 27.21 36.96
CA GLU D 38 -43.02 26.06 36.81
C GLU D 38 -44.49 26.44 37.00
N VAL D 39 -45.34 25.98 36.10
CA VAL D 39 -46.77 26.26 36.18
C VAL D 39 -47.55 25.00 36.52
N VAL D 40 -48.72 25.16 37.12
CA VAL D 40 -49.54 24.03 37.52
C VAL D 40 -50.93 24.09 36.88
N MET D 41 -51.08 23.43 35.75
CA MET D 41 -52.37 23.35 35.08
C MET D 41 -53.33 22.48 35.90
N GLY D 42 -54.34 23.12 36.47
CA GLY D 42 -55.26 22.45 37.37
C GLY D 42 -55.05 22.95 38.79
N ASN D 43 -55.10 22.04 39.75
CA ASN D 43 -54.89 22.40 41.16
C ASN D 43 -54.01 21.40 41.89
N LEU D 44 -53.32 21.86 42.92
CA LEU D 44 -52.44 20.99 43.71
C LEU D 44 -52.90 20.92 45.15
N LEU D 58 -39.05 21.41 47.25
CA LEU D 58 -39.02 21.34 45.80
C LEU D 58 -40.13 22.20 45.19
N GLN D 59 -40.41 21.95 43.91
CA GLN D 59 -41.49 22.64 43.17
C GLN D 59 -41.28 24.14 43.05
N TRP D 60 -40.88 24.58 41.86
CA TRP D 60 -40.74 26.00 41.56
C TRP D 60 -42.06 26.60 41.08
N ILE D 61 -43.14 26.29 41.80
CA ILE D 61 -44.47 26.76 41.42
C ILE D 61 -44.56 28.28 41.42
N ARG D 62 -45.05 28.85 40.33
CA ARG D 62 -45.17 30.30 40.19
C ARG D 62 -46.61 30.71 39.92
N GLU D 63 -47.42 29.77 39.44
CA GLU D 63 -48.82 30.06 39.13
C GLU D 63 -49.68 28.81 39.20
N VAL D 64 -50.87 28.96 39.76
CA VAL D 64 -51.82 27.85 39.85
C VAL D 64 -53.16 28.24 39.22
N THR D 65 -53.58 27.50 38.20
CA THR D 65 -54.82 27.77 37.50
C THR D 65 -56.03 27.53 38.39
N GLY D 66 -55.98 26.49 39.20
CA GLY D 66 -57.05 26.17 40.11
C GLY D 66 -56.80 26.74 41.50
N TYR D 67 -57.16 25.97 42.52
CA TYR D 67 -56.98 26.41 43.91
C TYR D 67 -55.80 25.71 44.56
N VAL D 68 -55.50 26.09 45.80
CA VAL D 68 -54.40 25.49 46.55
C VAL D 68 -54.88 24.98 47.90
N LEU D 69 -55.29 23.72 47.94
CA LEU D 69 -55.81 23.11 49.17
C LEU D 69 -54.83 22.09 49.75
N VAL D 70 -54.56 22.20 51.04
CA VAL D 70 -53.68 21.27 51.74
C VAL D 70 -54.00 21.23 53.22
N ALA D 71 -53.95 20.03 53.80
CA ALA D 71 -54.24 19.86 55.22
C ALA D 71 -53.50 18.65 55.79
N MET D 72 -53.90 17.46 55.33
CA MET D 72 -53.31 16.20 55.76
C MET D 72 -53.33 16.04 57.28
N THR D 77 -42.58 22.39 57.14
CA THR D 77 -42.42 23.56 56.28
C THR D 77 -42.90 23.27 54.86
N LEU D 78 -43.78 24.12 54.35
CA LEU D 78 -44.28 23.99 53.00
C LEU D 78 -43.77 25.13 52.12
N PRO D 79 -42.68 24.86 51.38
CA PRO D 79 -42.00 25.89 50.58
C PRO D 79 -42.71 26.21 49.26
N LEU D 80 -43.15 27.45 49.12
CA LEU D 80 -43.67 27.96 47.85
C LEU D 80 -43.37 29.45 47.71
N PRO D 81 -42.07 29.80 47.64
CA PRO D 81 -41.66 31.21 47.64
C PRO D 81 -41.82 31.88 46.29
N ASN D 82 -42.18 31.10 45.27
CA ASN D 82 -42.28 31.63 43.91
C ASN D 82 -43.73 31.76 43.45
N LEU D 83 -44.64 31.13 44.17
CA LEU D 83 -46.06 31.18 43.84
C LEU D 83 -46.59 32.61 43.88
N ARG D 84 -46.86 33.17 42.70
CA ARG D 84 -47.27 34.57 42.59
C ARG D 84 -48.76 34.70 42.29
N VAL D 85 -49.29 33.82 41.45
CA VAL D 85 -50.67 33.92 41.02
C VAL D 85 -51.48 32.65 41.29
N VAL D 86 -52.59 32.82 42.00
CA VAL D 86 -53.55 31.74 42.18
C VAL D 86 -54.82 32.10 41.42
N ARG D 87 -54.92 31.61 40.17
CA ARG D 87 -56.02 31.96 39.28
C ARG D 87 -57.38 31.54 39.85
N GLY D 88 -57.52 30.25 40.12
CA GLY D 88 -58.75 29.72 40.66
C GLY D 88 -59.90 29.80 39.67
N THR D 89 -59.70 29.24 38.48
CA THR D 89 -60.74 29.20 37.46
C THR D 89 -61.91 28.33 37.94
N GLN D 90 -61.58 27.35 38.78
CA GLN D 90 -62.60 26.56 39.48
C GLN D 90 -62.43 26.74 40.98
N VAL D 91 -63.40 27.41 41.59
CA VAL D 91 -63.35 27.72 43.02
C VAL D 91 -63.54 26.48 43.89
N TYR D 92 -63.51 26.70 45.21
CA TYR D 92 -63.64 25.62 46.17
C TYR D 92 -64.70 25.94 47.22
N ASP D 93 -65.59 24.99 47.47
CA ASP D 93 -66.67 25.14 48.45
C ASP D 93 -67.54 26.39 48.21
N GLY D 94 -67.58 26.84 46.95
CA GLY D 94 -68.39 27.99 46.61
C GLY D 94 -67.58 29.19 46.12
N LYS D 95 -66.60 29.60 46.91
CA LYS D 95 -65.77 30.75 46.56
C LYS D 95 -64.46 30.81 47.34
N PHE D 96 -63.67 29.75 47.26
CA PHE D 96 -62.37 29.72 47.91
C PHE D 96 -61.25 29.36 46.93
N ALA D 97 -60.14 30.09 47.00
CA ALA D 97 -58.98 29.81 46.16
C ALA D 97 -57.86 29.20 46.99
N ILE D 98 -57.96 29.34 48.31
CA ILE D 98 -57.00 28.75 49.23
C ILE D 98 -57.74 28.16 50.43
N PHE D 99 -57.40 26.92 50.78
CA PHE D 99 -58.11 26.23 51.86
C PHE D 99 -57.16 25.43 52.73
N VAL D 100 -57.10 25.75 54.02
CA VAL D 100 -56.24 25.07 54.96
C VAL D 100 -56.88 24.97 56.34
N MET D 101 -57.29 23.76 56.71
CA MET D 101 -57.93 23.53 58.02
C MET D 101 -57.33 22.33 58.73
N LEU D 102 -57.33 22.37 60.06
CA LEU D 102 -56.79 21.30 60.90
C LEU D 102 -55.35 20.95 60.54
N HIS D 110 -44.02 18.48 65.74
CA HIS D 110 -45.41 18.23 66.14
C HIS D 110 -46.34 18.24 64.94
N ALA D 111 -46.90 19.41 64.64
CA ALA D 111 -47.82 19.57 63.52
C ALA D 111 -47.85 21.01 63.01
N LEU D 112 -47.72 21.15 61.70
CA LEU D 112 -47.75 22.45 61.03
C LEU D 112 -46.58 23.35 61.44
N ARG D 113 -45.64 23.56 60.52
CA ARG D 113 -44.49 24.42 60.79
C ARG D 113 -44.76 25.85 60.33
N GLN D 114 -44.63 26.08 59.02
CA GLN D 114 -44.86 27.41 58.46
C GLN D 114 -45.21 27.33 56.97
N LEU D 115 -46.01 28.30 56.51
CA LEU D 115 -46.40 28.34 55.11
C LEU D 115 -45.80 29.58 54.43
N ARG D 116 -44.81 29.36 53.58
CA ARG D 116 -44.09 30.44 52.93
C ARG D 116 -44.66 30.79 51.56
N LEU D 117 -45.41 31.88 51.50
CA LEU D 117 -45.94 32.39 50.23
C LEU D 117 -45.47 33.83 50.01
N THR D 118 -44.14 34.02 50.12
CA THR D 118 -43.55 35.35 50.12
C THR D 118 -43.84 36.16 48.85
N GLN D 119 -44.12 35.46 47.75
CA GLN D 119 -44.37 36.13 46.48
C GLN D 119 -45.83 36.08 46.05
N LEU D 120 -46.70 35.64 46.96
CA LEU D 120 -48.13 35.57 46.67
C LEU D 120 -48.67 36.97 46.37
N THR D 121 -48.89 37.25 45.09
CA THR D 121 -49.24 38.59 44.66
C THR D 121 -50.75 38.78 44.44
N GLU D 122 -51.30 38.06 43.47
CA GLU D 122 -52.68 38.26 43.08
C GLU D 122 -53.48 36.97 42.89
N ILE D 123 -54.66 36.93 43.47
CA ILE D 123 -55.61 35.84 43.23
C ILE D 123 -56.71 36.34 42.30
N LEU D 124 -56.81 35.72 41.12
CA LEU D 124 -57.75 36.15 40.09
C LEU D 124 -59.20 35.98 40.54
N SER D 125 -59.53 34.78 41.05
CA SER D 125 -60.89 34.49 41.50
C SER D 125 -60.88 33.55 42.70
N GLY D 126 -61.77 33.80 43.65
CA GLY D 126 -61.87 32.97 44.84
C GLY D 126 -61.23 33.62 46.05
N GLY D 127 -61.69 33.22 47.24
CA GLY D 127 -61.16 33.78 48.47
C GLY D 127 -60.13 32.87 49.12
N VAL D 128 -60.07 32.89 50.44
CA VAL D 128 -59.13 32.06 51.18
C VAL D 128 -59.68 31.69 52.56
N TYR D 129 -59.66 30.39 52.86
CA TYR D 129 -60.16 29.91 54.14
C TYR D 129 -59.05 29.24 54.95
N ILE D 130 -58.41 30.01 55.82
CA ILE D 130 -57.35 29.50 56.68
C ILE D 130 -57.79 29.50 58.13
N GLU D 131 -58.55 28.48 58.53
CA GLU D 131 -59.06 28.38 59.88
C GLU D 131 -58.81 27.00 60.48
N LYS D 132 -59.14 26.87 61.77
CA LYS D 132 -59.05 25.59 62.49
C LYS D 132 -57.64 24.98 62.53
N ASN D 133 -56.65 25.72 62.04
CA ASN D 133 -55.28 25.23 62.05
C ASN D 133 -54.65 25.33 63.43
N ASP D 134 -54.72 26.52 64.02
CA ASP D 134 -54.30 26.81 65.40
C ASP D 134 -52.90 26.32 65.81
N LYS D 135 -52.42 25.23 65.22
CA LYS D 135 -51.12 24.67 65.56
C LYS D 135 -49.98 25.63 65.26
N LEU D 136 -50.08 26.34 64.14
CA LEU D 136 -49.07 27.31 63.74
C LEU D 136 -49.71 28.55 63.14
N CYS D 137 -49.71 29.64 63.91
CA CYS D 137 -50.31 30.89 63.47
C CYS D 137 -49.41 31.63 62.50
N HIS D 138 -49.17 32.91 62.79
CA HIS D 138 -48.39 33.80 61.94
C HIS D 138 -48.96 33.82 60.52
N MET D 139 -50.29 33.73 60.43
CA MET D 139 -50.98 33.71 59.16
C MET D 139 -52.04 34.81 59.13
N ASP D 140 -52.63 35.05 60.31
CA ASP D 140 -53.65 36.09 60.45
C ASP D 140 -53.00 37.42 60.81
N THR D 141 -52.10 37.89 59.96
CA THR D 141 -51.38 39.13 60.19
C THR D 141 -51.19 39.88 58.88
N ILE D 142 -51.15 39.14 57.78
CA ILE D 142 -50.93 39.71 56.46
C ILE D 142 -52.25 40.13 55.80
N ASP D 143 -52.19 41.18 55.00
CA ASP D 143 -53.37 41.66 54.28
C ASP D 143 -53.72 40.73 53.13
N TRP D 144 -55.01 40.52 52.92
CA TRP D 144 -55.49 39.66 51.84
C TRP D 144 -56.29 40.46 50.81
N ARG D 145 -56.53 41.73 51.11
CA ARG D 145 -57.28 42.60 50.21
C ARG D 145 -56.49 42.90 48.95
N ASP D 146 -55.17 42.89 49.07
CA ASP D 146 -54.29 43.15 47.93
C ASP D 146 -54.09 41.89 47.10
N ILE D 147 -54.15 40.73 47.77
CA ILE D 147 -53.97 39.45 47.10
C ILE D 147 -55.20 39.09 46.26
N VAL D 148 -56.32 38.89 46.92
CA VAL D 148 -57.56 38.55 46.23
C VAL D 148 -58.07 39.73 45.40
N ARG D 149 -58.02 39.58 44.08
CA ARG D 149 -58.45 40.64 43.18
C ARG D 149 -59.97 40.77 43.17
N ASP D 150 -60.66 39.68 43.48
CA ASP D 150 -62.12 39.68 43.52
C ASP D 150 -62.64 40.54 44.67
N ARG D 151 -63.63 41.37 44.38
CA ARG D 151 -64.20 42.27 45.36
C ARG D 151 -64.95 41.50 46.46
N ASP D 152 -65.80 40.57 46.04
CA ASP D 152 -66.57 39.77 46.99
C ASP D 152 -66.26 38.28 46.87
N ALA D 153 -65.17 37.86 47.49
CA ALA D 153 -64.75 36.48 47.45
C ALA D 153 -64.86 35.82 48.82
N GLU D 154 -65.18 36.64 49.83
CA GLU D 154 -65.38 36.18 51.20
C GLU D 154 -64.15 35.45 51.76
N ILE D 155 -63.17 36.21 52.22
CA ILE D 155 -61.98 35.64 52.83
C ILE D 155 -62.18 35.45 54.33
N VAL D 156 -61.93 34.23 54.81
CA VAL D 156 -62.15 33.91 56.22
C VAL D 156 -60.90 33.31 56.88
N VAL D 157 -60.46 33.95 57.96
CA VAL D 157 -59.31 33.46 58.72
C VAL D 157 -59.54 33.64 60.21
N LYS D 158 -59.60 32.53 60.93
CA LYS D 158 -59.84 32.56 62.37
C LYS D 158 -59.27 31.33 63.07
N ASP D 159 -59.16 31.39 64.39
CA ASP D 159 -58.65 30.29 65.20
C ASP D 159 -57.26 29.86 64.73
N ASN D 160 -56.28 30.75 64.87
CA ASN D 160 -54.92 30.45 64.46
C ASN D 160 -53.92 30.71 65.59
N CYS D 164 -48.30 33.33 68.99
CA CYS D 164 -47.32 33.62 67.94
C CYS D 164 -46.85 35.06 68.01
N PRO D 165 -45.53 35.27 67.97
CA PRO D 165 -44.93 36.61 68.02
C PRO D 165 -45.20 37.40 66.75
N PRO D 166 -45.13 38.74 66.83
CA PRO D 166 -45.34 39.62 65.67
C PRO D 166 -44.34 39.35 64.54
N CYS D 167 -44.53 40.03 63.41
CA CYS D 167 -43.68 39.83 62.24
C CYS D 167 -42.27 40.36 62.47
N HIS D 168 -42.00 41.53 61.90
CA HIS D 168 -40.67 42.13 62.00
C HIS D 168 -40.72 43.63 61.73
N GLU D 169 -39.69 44.34 62.14
CA GLU D 169 -39.62 45.78 61.94
C GLU D 169 -39.50 46.13 60.46
N VAL D 170 -38.85 45.25 59.70
CA VAL D 170 -38.68 45.47 58.27
C VAL D 170 -39.87 44.94 57.48
N CYS D 171 -40.70 44.13 58.15
CA CYS D 171 -41.89 43.57 57.53
C CYS D 171 -43.12 44.44 57.83
N LYS D 172 -42.96 45.37 58.78
CA LYS D 172 -44.02 46.28 59.19
C LYS D 172 -45.27 45.51 59.64
N CYS D 175 -46.23 38.67 55.93
CA CYS D 175 -45.56 37.94 57.00
C CYS D 175 -45.91 36.45 56.96
N TRP D 176 -45.07 35.66 56.33
CA TRP D 176 -45.29 34.22 56.22
C TRP D 176 -44.37 33.45 57.16
N GLY D 177 -43.37 34.15 57.69
CA GLY D 177 -42.42 33.55 58.61
C GLY D 177 -41.56 34.61 59.28
N PRO D 178 -40.57 34.17 60.07
CA PRO D 178 -39.61 35.08 60.71
C PRO D 178 -38.63 35.67 59.70
N GLY D 179 -37.33 35.44 59.92
CA GLY D 179 -36.30 35.88 59.01
C GLY D 179 -36.29 37.39 58.77
N SER D 180 -36.19 37.77 57.51
CA SER D 180 -36.17 39.18 57.13
C SER D 180 -36.79 39.38 55.75
N GLU D 181 -36.94 38.30 55.00
CA GLU D 181 -37.52 38.36 53.66
C GLU D 181 -38.91 37.73 53.64
N ASP D 182 -39.46 37.49 54.81
CA ASP D 182 -40.79 36.89 54.92
C ASP D 182 -41.85 37.94 55.23
N CYS D 183 -42.21 38.72 54.22
CA CYS D 183 -43.24 39.73 54.36
C CYS D 183 -44.22 39.65 53.19
N GLN D 184 -44.69 40.81 52.73
CA GLN D 184 -45.61 40.84 51.59
C GLN D 184 -45.19 41.89 50.58
N THR D 185 -46.01 42.03 49.54
CA THR D 185 -45.79 43.06 48.52
C THR D 185 -47.12 43.71 48.19
N LEU D 186 -47.49 44.72 48.98
CA LEU D 186 -48.80 45.36 48.86
C LEU D 186 -48.94 46.16 47.57
N THR D 187 -50.11 46.05 46.95
CA THR D 187 -50.44 46.85 45.78
C THR D 187 -51.78 47.54 46.00
N LYS D 188 -51.71 48.72 46.62
CA LYS D 188 -52.92 49.48 46.97
C LYS D 188 -53.77 49.79 45.74
N THR D 189 -54.82 48.99 45.54
CA THR D 189 -55.69 49.13 44.39
C THR D 189 -56.44 50.46 44.42
N ILE D 190 -55.97 51.41 43.61
CA ILE D 190 -56.62 52.72 43.50
C ILE D 190 -56.53 53.21 42.06
N CYS D 191 -56.64 52.28 41.12
CA CYS D 191 -56.54 52.60 39.70
C CYS D 191 -57.66 53.52 39.25
N ALA D 192 -57.32 54.79 39.02
CA ALA D 192 -58.29 55.78 38.59
C ALA D 192 -58.80 55.47 37.17
N PRO D 193 -60.10 55.73 36.93
CA PRO D 193 -60.70 55.49 35.62
C PRO D 193 -60.15 56.44 34.55
N CYS D 199 -59.00 52.68 34.65
CA CYS D 199 -58.47 52.87 33.30
C CYS D 199 -58.26 51.52 32.61
N PRO D 204 -52.19 57.13 38.22
CA PRO D 204 -53.39 57.85 37.76
C PRO D 204 -53.40 58.06 36.24
N ASN D 205 -52.32 57.66 35.59
CA ASN D 205 -52.20 57.80 34.13
C ASN D 205 -51.33 56.72 33.52
N GLN D 206 -51.02 55.70 34.31
CA GLN D 206 -50.21 54.57 33.85
C GLN D 206 -50.97 53.26 33.97
N CYS D 207 -51.54 52.79 32.87
CA CYS D 207 -52.34 51.57 32.86
C CYS D 207 -51.50 50.34 32.55
N CYS D 208 -52.17 49.22 32.30
CA CYS D 208 -51.48 47.97 31.99
C CYS D 208 -51.53 47.68 30.49
N ASP D 210 -53.40 45.45 27.29
CA ASP D 210 -54.58 44.96 28.00
C ASP D 210 -54.48 43.47 28.28
N GLU D 211 -53.32 42.90 28.01
CA GLU D 211 -53.10 41.46 28.18
C GLU D 211 -52.68 41.11 29.59
N CYS D 212 -52.89 42.03 30.53
CA CYS D 212 -52.58 41.78 31.93
C CYS D 212 -53.81 41.30 32.68
N ALA D 213 -53.66 40.21 33.42
CA ALA D 213 -54.77 39.63 34.16
C ALA D 213 -54.85 40.22 35.57
N GLY D 214 -55.44 41.41 35.68
CA GLY D 214 -55.60 42.07 36.96
C GLY D 214 -54.58 43.17 37.19
N GLY D 215 -53.56 42.85 37.99
CA GLY D 215 -52.53 43.81 38.32
C GLY D 215 -51.25 43.65 37.51
N CYS D 216 -50.36 44.61 37.63
CA CYS D 216 -49.09 44.58 36.90
C CYS D 216 -48.03 45.45 37.59
N SER D 217 -46.77 45.21 37.28
CA SER D 217 -45.66 45.94 37.90
C SER D 217 -45.40 47.26 37.20
N GLY D 218 -45.75 47.32 35.91
CA GLY D 218 -45.54 48.52 35.13
C GLY D 218 -46.19 48.43 33.76
N PRO D 219 -45.72 49.24 32.80
CA PRO D 219 -46.26 49.25 31.44
C PRO D 219 -45.82 48.03 30.62
N GLN D 220 -45.84 48.17 29.30
CA GLN D 220 -45.45 47.11 28.38
C GLN D 220 -46.26 45.83 28.58
N ASP D 221 -45.73 44.72 28.08
CA ASP D 221 -46.43 43.45 28.16
C ASP D 221 -45.70 42.46 29.07
N THR D 222 -44.39 42.67 29.23
CA THR D 222 -43.55 41.76 30.00
C THR D 222 -43.84 41.87 31.50
N ASP D 223 -44.08 43.09 31.98
CA ASP D 223 -44.28 43.34 33.40
C ASP D 223 -45.72 43.10 33.84
N CYS D 224 -46.09 41.83 33.99
CA CYS D 224 -47.42 41.47 34.45
C CYS D 224 -47.36 40.28 35.40
N PHE D 225 -48.38 40.13 36.23
CA PHE D 225 -48.45 39.03 37.19
C PHE D 225 -48.98 37.77 36.54
N ALA D 226 -50.11 37.90 35.84
CA ALA D 226 -50.72 36.78 35.15
C ALA D 226 -51.15 37.19 33.74
N CYS D 227 -51.28 36.21 32.85
CA CYS D 227 -51.65 36.48 31.47
C CYS D 227 -53.13 36.21 31.24
N ARG D 228 -53.81 37.17 30.61
CA ARG D 228 -55.23 37.03 30.31
C ARG D 228 -55.45 35.97 29.24
N HIS D 229 -54.47 35.81 28.37
CA HIS D 229 -54.54 34.82 27.30
C HIS D 229 -53.36 33.86 27.35
N PHE D 230 -52.38 34.09 26.48
CA PHE D 230 -51.21 33.23 26.39
C PHE D 230 -49.93 33.96 26.78
N ASN D 231 -48.84 33.22 26.94
CA ASN D 231 -47.57 33.80 27.34
C ASN D 231 -46.44 33.40 26.39
N ASP D 232 -45.90 34.40 25.67
CA ASP D 232 -44.80 34.17 24.75
C ASP D 232 -43.47 34.59 25.37
N SER D 233 -42.95 33.74 26.26
CA SER D 233 -41.68 33.96 26.93
C SER D 233 -41.62 35.31 27.65
N GLY D 234 -42.30 35.40 28.79
CA GLY D 234 -42.24 36.59 29.62
C GLY D 234 -43.26 37.65 29.26
N ALA D 235 -43.64 37.70 27.98
CA ALA D 235 -44.57 38.71 27.50
C ALA D 235 -45.94 38.12 27.21
N CYS D 236 -46.96 38.61 27.89
CA CYS D 236 -48.33 38.16 27.68
C CYS D 236 -48.87 38.66 26.34
N VAL D 237 -49.17 37.72 25.45
CA VAL D 237 -49.66 38.06 24.11
C VAL D 237 -51.06 37.48 23.89
N PRO D 238 -51.87 38.15 23.05
CA PRO D 238 -53.20 37.64 22.70
C PRO D 238 -53.12 36.30 21.98
N ARG D 239 -52.04 36.09 21.24
CA ARG D 239 -51.87 34.86 20.48
C ARG D 239 -50.40 34.60 20.16
N CYS D 240 -50.05 33.33 20.01
CA CYS D 240 -48.70 32.94 19.60
C CYS D 240 -48.46 33.38 18.15
N PRO D 241 -47.18 33.59 17.78
CA PRO D 241 -46.81 34.01 16.41
C PRO D 241 -47.47 33.16 15.33
N GLN D 242 -47.94 33.82 14.27
CA GLN D 242 -48.68 33.16 13.20
C GLN D 242 -47.85 32.10 12.48
N PRO D 243 -48.44 30.91 12.27
CA PRO D 243 -47.79 29.79 11.58
C PRO D 243 -47.40 30.09 10.14
N LEU D 244 -47.99 31.13 9.55
CA LEU D 244 -47.71 31.48 8.16
C LEU D 244 -47.45 32.97 7.99
N VAL D 245 -46.23 33.30 7.58
CA VAL D 245 -45.86 34.68 7.30
C VAL D 245 -45.73 34.88 5.80
N TYR D 246 -45.97 36.10 5.33
CA TYR D 246 -45.89 36.40 3.90
C TYR D 246 -44.44 36.33 3.41
N ASN D 247 -44.26 35.75 2.23
CA ASN D 247 -42.94 35.67 1.62
C ASN D 247 -42.92 36.48 0.32
N LYS D 248 -42.02 37.46 0.24
CA LYS D 248 -41.92 38.32 -0.92
C LYS D 248 -41.44 37.55 -2.15
N LEU D 249 -41.53 38.19 -3.31
CA LEU D 249 -41.12 37.61 -4.59
C LEU D 249 -41.94 36.36 -4.95
N THR D 250 -41.92 35.36 -4.07
CA THR D 250 -42.67 34.13 -4.28
C THR D 250 -44.17 34.39 -4.40
N GLN D 252 -48.68 34.63 -1.90
CA GLN D 252 -47.95 33.42 -1.52
C GLN D 252 -47.42 33.52 -0.10
N LEU D 253 -47.88 32.64 0.78
CA LEU D 253 -47.44 32.64 2.17
C LEU D 253 -46.34 31.61 2.39
N GLU D 254 -45.81 31.58 3.61
CA GLU D 254 -44.73 30.66 3.95
C GLU D 254 -44.71 30.39 5.46
N PRO D 255 -44.34 29.16 5.85
CA PRO D 255 -44.31 28.79 7.27
C PRO D 255 -43.28 29.60 8.07
N ASN D 256 -43.77 30.48 8.93
CA ASN D 256 -42.90 31.30 9.77
C ASN D 256 -42.20 30.45 10.82
N PRO D 257 -40.86 30.53 10.87
CA PRO D 257 -40.04 29.78 11.83
C PRO D 257 -40.18 30.30 13.27
N HIS D 258 -40.91 31.40 13.45
CA HIS D 258 -41.05 32.01 14.76
C HIS D 258 -42.21 31.42 15.56
N THR D 259 -42.68 30.24 15.14
CA THR D 259 -43.81 29.58 15.80
C THR D 259 -43.45 29.07 17.19
N LYS D 260 -44.46 28.93 18.03
CA LYS D 260 -44.29 28.39 19.37
C LYS D 260 -45.53 27.61 19.79
N TYR D 261 -46.64 27.92 19.12
CA TYR D 261 -47.93 27.25 19.32
C TYR D 261 -48.54 27.47 20.71
N GLN D 262 -49.86 27.56 20.76
CA GLN D 262 -50.55 27.78 22.03
C GLN D 262 -50.80 26.44 22.73
N TYR D 263 -50.49 26.39 24.02
CA TYR D 263 -50.64 25.17 24.81
C TYR D 263 -50.74 25.49 26.30
N GLY D 264 -51.97 25.47 26.81
CA GLY D 264 -52.22 25.73 28.22
C GLY D 264 -51.85 27.14 28.63
N GLY D 265 -51.92 28.08 27.69
CA GLY D 265 -51.59 29.45 27.97
C GLY D 265 -50.10 29.74 27.85
N VAL D 266 -49.33 28.72 27.48
CA VAL D 266 -47.89 28.86 27.35
C VAL D 266 -47.44 28.55 25.93
N CYS D 267 -46.59 29.40 25.38
CA CYS D 267 -46.06 29.22 24.03
C CYS D 267 -44.71 28.51 24.05
N CYS D 271 -43.34 21.73 22.73
CA CYS D 271 -44.44 20.88 22.32
C CYS D 271 -43.97 19.44 22.16
N PRO D 272 -44.50 18.52 23.00
CA PRO D 272 -44.12 17.11 23.02
C PRO D 272 -44.27 16.43 21.66
N ASN D 274 -45.46 13.32 21.75
CA ASN D 274 -46.74 12.76 22.14
C ASN D 274 -47.90 13.71 21.84
N PHE D 275 -47.59 14.84 21.22
CA PHE D 275 -48.59 15.83 20.86
C PHE D 275 -48.46 16.26 19.39
N VAL D 276 -49.60 16.46 18.74
CA VAL D 276 -49.61 16.90 17.36
C VAL D 276 -49.93 18.40 17.27
N VAL D 277 -49.82 18.96 16.08
CA VAL D 277 -50.02 20.39 15.89
C VAL D 277 -51.21 20.69 14.97
N ASP D 278 -52.22 21.34 15.53
CA ASP D 278 -53.37 21.79 14.74
C ASP D 278 -53.21 23.27 14.42
N GLN D 279 -52.47 23.56 13.36
CA GLN D 279 -52.19 24.93 12.92
C GLN D 279 -51.54 25.77 14.02
N THR D 280 -52.33 26.22 14.97
CA THR D 280 -51.85 27.13 16.01
C THR D 280 -51.77 26.49 17.39
N SER D 281 -52.51 25.41 17.59
CA SER D 281 -52.61 24.79 18.90
C SER D 281 -52.02 23.38 18.94
N CYS D 282 -51.39 23.04 20.06
CA CYS D 282 -50.88 21.70 20.29
C CYS D 282 -51.96 20.82 20.92
N VAL D 283 -52.53 19.93 20.13
CA VAL D 283 -53.60 19.06 20.60
C VAL D 283 -53.06 17.64 20.85
N ARG D 284 -53.67 16.92 21.78
CA ARG D 284 -53.27 15.56 22.09
C ARG D 284 -53.49 14.64 20.90
N ALA D 285 -54.60 14.84 20.21
CA ALA D 285 -54.94 14.05 19.03
C ALA D 285 -55.72 14.88 18.02
N CYS D 286 -55.55 14.57 16.74
CA CYS D 286 -56.20 15.32 15.68
C CYS D 286 -57.71 15.15 15.70
N PRO D 287 -58.44 16.23 15.41
CA PRO D 287 -59.91 16.24 15.38
C PRO D 287 -60.46 15.60 14.10
N PRO D 288 -61.78 15.37 14.04
CA PRO D 288 -62.40 14.91 12.79
C PRO D 288 -62.15 15.88 11.63
N ASP D 289 -62.27 15.39 10.40
CA ASP D 289 -61.97 16.17 9.21
C ASP D 289 -60.53 16.69 9.21
N LYS D 290 -59.64 15.93 9.83
CA LYS D 290 -58.23 16.29 9.91
C LYS D 290 -57.38 15.07 10.25
N MET D 291 -56.22 14.95 9.60
CA MET D 291 -55.34 13.80 9.79
C MET D 291 -53.92 14.22 10.17
N GLU D 292 -53.11 13.24 10.55
CA GLU D 292 -51.72 13.51 10.88
C GLU D 292 -50.81 13.36 9.66
N VAL D 293 -49.89 14.30 9.49
CA VAL D 293 -48.91 14.21 8.41
C VAL D 293 -47.50 14.42 8.95
N ASP D 294 -46.54 13.72 8.37
CA ASP D 294 -45.15 13.81 8.80
C ASP D 294 -44.19 13.41 7.68
N GLY D 297 -44.85 19.25 7.31
CA GLY D 297 -43.92 19.22 8.43
C GLY D 297 -43.85 17.84 9.09
N LEU D 298 -43.76 17.83 10.41
CA LEU D 298 -43.71 16.58 11.16
C LEU D 298 -44.73 16.58 12.29
N LYS D 299 -45.57 15.54 12.32
CA LYS D 299 -46.63 15.39 13.31
C LYS D 299 -47.55 16.62 13.34
N MET D 300 -48.13 16.94 12.18
CA MET D 300 -48.98 18.12 12.05
C MET D 300 -50.37 17.72 11.56
N CYS D 301 -51.38 18.50 11.97
CA CYS D 301 -52.75 18.23 11.56
C CYS D 301 -53.13 19.01 10.30
N GLU D 302 -53.58 18.28 9.28
CA GLU D 302 -54.04 18.88 8.05
C GLU D 302 -55.39 18.28 7.66
N PRO D 303 -56.27 19.09 7.04
CA PRO D 303 -57.61 18.62 6.66
C PRO D 303 -57.58 17.47 5.65
N CYS D 304 -58.51 16.54 5.79
CA CYS D 304 -58.60 15.40 4.90
C CYS D 304 -59.10 15.82 3.52
N GLY D 305 -58.77 15.02 2.50
CA GLY D 305 -59.22 15.29 1.15
C GLY D 305 -60.73 15.16 1.03
N GLY D 306 -61.30 14.33 1.89
CA GLY D 306 -62.74 14.14 1.94
C GLY D 306 -63.13 13.56 3.28
N LEU D 307 -63.09 12.24 3.36
CA LEU D 307 -63.33 11.54 4.63
C LEU D 307 -62.02 11.00 5.18
N CYS D 308 -61.78 11.22 6.46
CA CYS D 308 -60.56 10.76 7.11
C CYS D 308 -60.45 9.24 7.10
N PRO D 309 -59.24 8.72 6.83
CA PRO D 309 -58.99 7.28 6.77
C PRO D 309 -59.21 6.60 8.12
N LYS D 310 -60.13 5.63 8.15
CA LYS D 310 -60.45 4.92 9.38
C LYS D 310 -60.40 3.41 9.17
N ALA D 311 -59.63 2.72 10.00
CA ALA D 311 -59.51 1.27 9.93
C ALA D 311 -60.54 0.62 10.84
N CYS D 312 -61.21 -0.41 10.32
CA CYS D 312 -62.25 -1.10 11.08
C CYS D 312 -62.14 -2.61 10.94
N GLU D 313 -62.62 -3.34 11.95
CA GLU D 313 -62.63 -4.79 11.92
C GLU D 313 -63.63 -5.29 10.88
N GLY D 314 -63.35 -6.47 10.33
CA GLY D 314 -64.25 -7.07 9.35
C GLY D 314 -64.94 -8.30 9.91
N THR D 315 -65.34 -9.19 9.01
CA THR D 315 -65.97 -10.45 9.41
C THR D 315 -65.19 -11.64 8.86
N GLY D 316 -65.59 -12.84 9.25
CA GLY D 316 -64.94 -14.04 8.79
C GLY D 316 -63.93 -14.58 9.79
N SER D 317 -62.90 -15.26 9.29
CA SER D 317 -61.89 -15.87 10.14
C SER D 317 -61.11 -14.82 10.92
N GLY D 318 -60.92 -15.05 12.21
CA GLY D 318 -60.16 -14.15 13.05
C GLY D 318 -61.02 -13.08 13.69
N SER D 319 -62.18 -12.83 13.10
CA SER D 319 -63.10 -11.83 13.64
C SER D 319 -64.00 -12.42 14.71
N ARG D 320 -65.09 -11.71 15.00
CA ARG D 320 -66.07 -12.16 15.99
C ARG D 320 -67.30 -12.73 15.31
N PHE D 321 -67.55 -12.32 14.07
CA PHE D 321 -68.78 -12.71 13.38
C PHE D 321 -68.51 -13.60 12.18
N GLN D 322 -69.54 -14.34 11.77
CA GLN D 322 -69.48 -15.17 10.57
C GLN D 322 -69.97 -14.39 9.36
N THR D 323 -70.70 -13.31 9.62
CA THR D 323 -71.25 -12.47 8.55
C THR D 323 -71.62 -11.09 9.06
N VAL D 324 -71.85 -10.16 8.12
CA VAL D 324 -72.37 -8.85 8.46
C VAL D 324 -73.86 -8.98 8.80
N ASP D 325 -74.22 -8.64 10.03
CA ASP D 325 -75.58 -8.85 10.48
C ASP D 325 -76.25 -7.53 10.86
N SER D 326 -77.32 -7.62 11.65
CA SER D 326 -78.07 -6.44 12.07
C SER D 326 -77.38 -5.74 13.25
N SER D 327 -76.36 -6.39 13.80
CA SER D 327 -75.69 -5.86 14.99
C SER D 327 -74.37 -5.16 14.63
N ASN D 328 -73.62 -5.76 13.72
CA ASN D 328 -72.30 -5.24 13.36
C ASN D 328 -72.34 -4.27 12.18
N ILE D 329 -73.53 -4.07 11.62
CA ILE D 329 -73.68 -3.21 10.46
C ILE D 329 -73.35 -1.75 10.78
N ASP D 330 -73.59 -1.36 12.03
CA ASP D 330 -73.37 0.03 12.44
C ASP D 330 -71.91 0.33 12.73
N GLY D 331 -71.10 -0.73 12.83
CA GLY D 331 -69.69 -0.57 13.15
C GLY D 331 -68.82 -0.27 11.95
N PHE D 332 -69.45 -0.01 10.80
CA PHE D 332 -68.72 0.27 9.58
C PHE D 332 -68.87 1.72 9.13
N VAL D 333 -69.39 2.55 10.03
CA VAL D 333 -69.63 3.96 9.71
C VAL D 333 -68.32 4.72 9.50
N ASN D 334 -68.23 5.44 8.38
CA ASN D 334 -67.07 6.26 8.04
C ASN D 334 -65.77 5.47 7.99
N CYS D 335 -65.86 4.20 7.58
CA CYS D 335 -64.69 3.34 7.44
C CYS D 335 -64.17 3.38 6.01
N THR D 336 -62.88 3.67 5.87
CA THR D 336 -62.26 3.72 4.55
C THR D 336 -61.47 2.46 4.26
N LYS D 337 -61.14 1.72 5.32
CA LYS D 337 -60.31 0.53 5.21
C LYS D 337 -60.76 -0.54 6.20
N ILE D 338 -60.82 -1.78 5.73
CA ILE D 338 -61.17 -2.90 6.61
C ILE D 338 -59.97 -3.79 6.86
N LEU D 339 -59.62 -3.97 8.13
CA LEU D 339 -58.56 -4.89 8.51
C LEU D 339 -59.13 -6.29 8.67
N GLY D 340 -59.44 -6.92 7.55
CA GLY D 340 -60.03 -8.25 7.56
C GLY D 340 -60.86 -8.48 6.31
N ASN D 341 -62.03 -9.08 6.50
CA ASN D 341 -62.88 -9.45 5.38
C ASN D 341 -64.34 -9.06 5.60
N LEU D 342 -65.09 -8.97 4.50
CA LEU D 342 -66.52 -8.71 4.58
C LEU D 342 -67.29 -9.91 4.06
N ASP D 343 -68.10 -10.52 4.94
CA ASP D 343 -68.89 -11.68 4.58
C ASP D 343 -70.38 -11.34 4.61
N PHE D 344 -71.07 -11.63 3.51
CA PHE D 344 -72.50 -11.37 3.44
C PHE D 344 -73.28 -12.66 3.21
N LEU D 345 -73.56 -13.37 4.29
CA LEU D 345 -74.27 -14.64 4.23
C LEU D 345 -75.78 -14.43 4.26
N ILE D 346 -76.52 -15.49 3.94
CA ILE D 346 -77.99 -15.43 3.94
C ILE D 346 -78.52 -15.22 5.35
N THR D 347 -77.80 -15.75 6.34
CA THR D 347 -78.19 -15.63 7.74
C THR D 347 -78.16 -14.18 8.22
N GLY D 348 -77.09 -13.46 7.88
CA GLY D 348 -76.90 -12.10 8.33
C GLY D 348 -77.94 -11.11 7.81
N LEU D 349 -78.47 -11.38 6.63
CA LEU D 349 -79.43 -10.48 6.00
C LEU D 349 -80.86 -10.74 6.46
N ASN D 350 -81.21 -12.02 6.61
CA ASN D 350 -82.57 -12.39 6.96
C ASN D 350 -82.77 -12.57 8.47
N GLY D 351 -81.69 -12.88 9.17
CA GLY D 351 -81.76 -13.09 10.61
C GLY D 351 -81.45 -14.53 10.99
N ASP D 352 -80.97 -14.72 12.22
CA ASP D 352 -80.59 -16.04 12.70
C ASP D 352 -81.80 -16.98 12.79
N PRO D 353 -81.56 -18.30 12.70
CA PRO D 353 -82.61 -19.30 12.83
C PRO D 353 -83.33 -19.29 14.18
N TRP D 354 -82.74 -18.61 15.17
CA TRP D 354 -83.32 -18.58 16.51
C TRP D 354 -83.97 -17.23 16.82
N HIS D 355 -84.24 -16.47 15.76
CA HIS D 355 -84.88 -15.14 15.83
C HIS D 355 -84.40 -14.28 16.99
N LYS D 356 -83.11 -14.38 17.32
CA LYS D 356 -82.52 -13.55 18.36
C LYS D 356 -82.14 -12.19 17.81
N ILE D 357 -81.79 -12.17 16.53
CA ILE D 357 -81.38 -10.93 15.86
C ILE D 357 -82.28 -10.68 14.65
N PRO D 358 -82.80 -9.44 14.53
CA PRO D 358 -83.72 -9.08 13.45
C PRO D 358 -83.05 -9.07 12.08
N ALA D 359 -83.86 -8.91 11.04
CA ALA D 359 -83.36 -8.85 9.67
C ALA D 359 -82.61 -7.55 9.43
N LEU D 360 -81.73 -7.55 8.43
CA LEU D 360 -80.90 -6.39 8.13
C LEU D 360 -81.59 -5.44 7.16
N ASP D 361 -81.80 -4.21 7.60
CA ASP D 361 -82.39 -3.18 6.75
C ASP D 361 -81.46 -2.86 5.58
N PRO D 362 -81.91 -3.15 4.35
CA PRO D 362 -81.11 -3.01 3.12
C PRO D 362 -80.53 -1.60 2.94
N GLU D 363 -81.23 -0.60 3.43
CA GLU D 363 -80.79 0.79 3.30
C GLU D 363 -79.50 1.04 4.09
N LYS D 364 -79.25 0.18 5.07
CA LYS D 364 -78.08 0.34 5.93
C LYS D 364 -76.84 -0.31 5.34
N LEU D 365 -76.99 -0.85 4.13
CA LEU D 365 -75.84 -1.40 3.40
C LEU D 365 -75.01 -0.28 2.78
N ASN D 366 -75.58 0.92 2.76
CA ASN D 366 -74.88 2.09 2.22
C ASN D 366 -73.79 2.58 3.15
N VAL D 367 -73.58 1.87 4.25
CA VAL D 367 -72.54 2.21 5.22
C VAL D 367 -71.16 1.87 4.66
N PHE D 368 -71.13 1.09 3.59
CA PHE D 368 -69.88 0.66 2.98
C PHE D 368 -69.48 1.56 1.80
N ARG D 369 -70.23 2.63 1.58
CA ARG D 369 -69.92 3.57 0.50
C ARG D 369 -68.66 4.37 0.80
N THR D 370 -68.15 4.23 2.02
CA THR D 370 -66.94 4.94 2.43
C THR D 370 -65.70 4.05 2.29
N VAL D 371 -65.94 2.75 2.14
CA VAL D 371 -64.86 1.78 2.06
C VAL D 371 -64.05 1.91 0.77
N ARG D 372 -62.73 2.05 0.93
CA ARG D 372 -61.84 2.18 -0.21
C ARG D 372 -60.96 0.95 -0.39
N GLU D 373 -60.67 0.26 0.72
CA GLU D 373 -59.76 -0.86 0.70
C GLU D 373 -60.20 -2.01 1.60
N ILE D 374 -60.04 -3.23 1.10
CA ILE D 374 -60.26 -4.43 1.90
C ILE D 374 -59.02 -5.31 1.87
N THR D 375 -58.34 -5.43 3.00
CA THR D 375 -57.09 -6.17 3.08
C THR D 375 -57.28 -7.65 2.79
N GLY D 376 -58.41 -8.19 3.24
CA GLY D 376 -58.69 -9.61 3.04
C GLY D 376 -59.54 -9.87 1.82
N TYR D 377 -60.68 -10.53 2.02
CA TYR D 377 -61.55 -10.88 0.91
C TYR D 377 -62.92 -10.23 1.02
N LEU D 378 -63.73 -10.41 -0.02
CA LEU D 378 -65.12 -9.96 -0.02
C LEU D 378 -66.03 -11.12 -0.43
N ASN D 379 -66.83 -11.61 0.53
CA ASN D 379 -67.70 -12.74 0.28
C ASN D 379 -69.18 -12.34 0.27
N ILE D 380 -69.78 -12.36 -0.93
CA ILE D 380 -71.18 -12.01 -1.07
C ILE D 380 -72.00 -13.19 -1.57
N GLN D 381 -72.66 -13.88 -0.65
CA GLN D 381 -73.50 -15.03 -1.01
C GLN D 381 -74.97 -14.68 -0.85
N SER D 382 -75.25 -13.48 -0.38
CA SER D 382 -76.61 -13.00 -0.22
C SER D 382 -76.70 -11.50 -0.47
N TRP D 383 -77.83 -11.07 -1.03
CA TRP D 383 -78.02 -9.66 -1.35
C TRP D 383 -79.51 -9.36 -1.48
N PRO D 384 -79.95 -8.19 -0.99
CA PRO D 384 -81.36 -7.77 -1.05
C PRO D 384 -81.92 -7.86 -2.48
N PRO D 385 -83.09 -8.50 -2.63
CA PRO D 385 -83.70 -8.79 -3.93
C PRO D 385 -83.98 -7.54 -4.78
N HIS D 386 -84.21 -6.40 -4.13
CA HIS D 386 -84.52 -5.19 -4.87
C HIS D 386 -83.26 -4.37 -5.19
N MET D 387 -82.11 -4.89 -4.77
CA MET D 387 -80.83 -4.26 -5.12
C MET D 387 -80.16 -5.09 -6.20
N HIS D 388 -80.17 -4.56 -7.42
CA HIS D 388 -79.75 -5.33 -8.60
C HIS D 388 -78.25 -5.28 -8.84
N ASN D 389 -77.51 -4.72 -7.90
CA ASN D 389 -76.05 -4.71 -7.99
C ASN D 389 -75.41 -4.33 -6.65
N PHE D 390 -74.08 -4.16 -6.67
CA PHE D 390 -73.33 -3.86 -5.48
C PHE D 390 -72.81 -2.42 -5.49
N SER D 391 -73.72 -1.48 -5.75
CA SER D 391 -73.35 -0.07 -5.86
C SER D 391 -73.01 0.56 -4.52
N VAL D 392 -73.11 -0.22 -3.45
CA VAL D 392 -72.73 0.25 -2.12
C VAL D 392 -71.22 0.20 -1.96
N PHE D 393 -70.55 -0.53 -2.86
CA PHE D 393 -69.10 -0.58 -2.87
C PHE D 393 -68.55 0.21 -4.06
N SER D 394 -69.23 1.29 -4.40
CA SER D 394 -68.86 2.11 -5.55
C SER D 394 -67.54 2.86 -5.31
N ASN D 395 -67.10 2.88 -4.06
CA ASN D 395 -65.89 3.58 -3.68
C ASN D 395 -64.74 2.62 -3.41
N LEU D 396 -65.05 1.32 -3.44
CA LEU D 396 -64.05 0.28 -3.20
C LEU D 396 -62.99 0.29 -4.29
N THR D 397 -61.72 0.29 -3.87
CA THR D 397 -60.61 0.41 -4.82
C THR D 397 -59.70 -0.81 -4.82
N THR D 398 -59.33 -1.28 -3.63
CA THR D 398 -58.33 -2.33 -3.52
C THR D 398 -58.81 -3.51 -2.68
N ILE D 399 -58.56 -4.72 -3.18
CA ILE D 399 -58.76 -5.93 -2.40
C ILE D 399 -57.43 -6.66 -2.25
N GLY D 400 -56.86 -6.60 -1.06
CA GLY D 400 -55.53 -7.13 -0.82
C GLY D 400 -55.44 -8.65 -0.95
N GLY D 401 -56.41 -9.36 -0.40
CA GLY D 401 -56.40 -10.80 -0.44
C GLY D 401 -55.34 -11.39 0.46
N ARG D 402 -54.94 -10.64 1.47
CA ARG D 402 -53.99 -11.14 2.46
C ARG D 402 -54.66 -12.23 3.30
N SER D 403 -55.98 -12.17 3.37
CA SER D 403 -56.78 -13.21 3.98
C SER D 403 -57.76 -13.75 2.95
N LEU D 404 -57.68 -15.03 2.66
CA LEU D 404 -58.49 -15.63 1.60
C LEU D 404 -59.67 -16.44 2.14
N TYR D 405 -60.73 -16.53 1.34
CA TYR D 405 -61.92 -17.28 1.70
C TYR D 405 -61.99 -18.59 0.92
N ASN D 406 -62.51 -19.63 1.58
CA ASN D 406 -62.68 -20.95 0.97
C ASN D 406 -61.40 -21.49 0.35
N ARG D 407 -61.46 -21.83 -0.93
CA ARG D 407 -60.31 -22.40 -1.63
C ARG D 407 -59.46 -21.31 -2.28
N GLY D 408 -58.93 -20.42 -1.44
CA GLY D 408 -58.04 -19.38 -1.90
C GLY D 408 -58.73 -18.29 -2.71
N PHE D 409 -59.96 -17.97 -2.33
CA PHE D 409 -60.72 -16.94 -3.03
C PHE D 409 -60.63 -15.60 -2.31
N SER D 410 -60.35 -14.54 -3.07
CA SER D 410 -60.33 -13.20 -2.52
C SER D 410 -61.60 -12.45 -2.87
N LEU D 411 -62.36 -13.02 -3.81
CA LEU D 411 -63.63 -12.44 -4.24
C LEU D 411 -64.61 -13.54 -4.63
N LEU D 412 -65.63 -13.75 -3.81
CA LEU D 412 -66.60 -14.80 -4.07
C LEU D 412 -68.01 -14.23 -4.14
N ILE D 413 -68.65 -14.40 -5.29
CA ILE D 413 -70.02 -13.94 -5.50
C ILE D 413 -70.84 -15.03 -6.16
N MET D 414 -71.72 -15.68 -5.40
CA MET D 414 -72.46 -16.83 -5.91
C MET D 414 -73.95 -16.82 -5.56
N LYS D 415 -74.74 -17.40 -6.47
CA LYS D 415 -76.18 -17.59 -6.28
C LYS D 415 -76.95 -16.32 -5.93
N ASN D 416 -76.51 -15.19 -6.49
CA ASN D 416 -77.24 -13.94 -6.34
C ASN D 416 -78.09 -13.67 -7.57
N LEU D 417 -79.31 -14.20 -7.56
CA LEU D 417 -80.18 -14.20 -8.72
C LEU D 417 -80.70 -12.80 -9.07
N ASN D 418 -80.63 -11.88 -8.12
CA ASN D 418 -81.15 -10.53 -8.32
C ASN D 418 -80.12 -9.54 -8.80
N VAL D 419 -78.85 -9.93 -8.77
CA VAL D 419 -77.77 -9.04 -9.15
C VAL D 419 -77.57 -9.04 -10.67
N THR D 420 -77.73 -7.88 -11.29
CA THR D 420 -77.61 -7.73 -12.73
C THR D 420 -76.19 -7.33 -13.15
N SER D 421 -75.63 -6.35 -12.45
CA SER D 421 -74.26 -5.92 -12.72
C SER D 421 -73.44 -5.99 -11.44
N LEU D 422 -72.12 -5.91 -11.57
CA LEU D 422 -71.25 -5.94 -10.40
C LEU D 422 -71.31 -4.61 -9.66
N GLY D 423 -70.88 -3.53 -10.32
CA GLY D 423 -71.01 -2.20 -9.76
C GLY D 423 -69.82 -1.70 -8.99
N PHE D 424 -68.68 -2.39 -9.13
CA PHE D 424 -67.45 -1.94 -8.49
C PHE D 424 -66.70 -0.99 -9.41
N ARG D 425 -67.28 0.20 -9.61
CA ARG D 425 -66.78 1.14 -10.61
C ARG D 425 -65.42 1.74 -10.26
N SER D 426 -65.01 1.60 -9.00
CA SER D 426 -63.75 2.17 -8.55
C SER D 426 -62.69 1.09 -8.34
N LEU D 427 -63.10 -0.17 -8.46
CA LEU D 427 -62.19 -1.29 -8.26
C LEU D 427 -61.08 -1.30 -9.29
N LYS D 428 -59.85 -1.09 -8.84
CA LYS D 428 -58.70 -1.00 -9.73
C LYS D 428 -57.74 -2.17 -9.56
N GLU D 429 -57.72 -2.75 -8.37
CA GLU D 429 -56.76 -3.81 -8.07
C GLU D 429 -57.28 -4.88 -7.13
N ILE D 430 -57.11 -6.14 -7.53
CA ILE D 430 -57.29 -7.27 -6.64
C ILE D 430 -55.91 -7.92 -6.45
N SER D 431 -55.25 -7.55 -5.36
CA SER D 431 -53.83 -7.80 -5.16
C SER D 431 -53.43 -9.28 -5.26
N ALA D 432 -54.28 -10.18 -4.81
CA ALA D 432 -53.99 -11.61 -4.84
C ALA D 432 -55.24 -12.46 -4.71
N GLY D 433 -55.06 -13.77 -4.80
CA GLY D 433 -56.16 -14.71 -4.61
C GLY D 433 -56.92 -15.02 -5.89
N ARG D 434 -57.88 -15.93 -5.77
CA ARG D 434 -58.72 -16.33 -6.89
C ARG D 434 -60.01 -15.51 -6.93
N ILE D 435 -60.73 -15.60 -8.05
CA ILE D 435 -62.01 -14.94 -8.20
C ILE D 435 -63.11 -15.96 -8.50
N TYR D 436 -64.19 -15.92 -7.73
CA TYR D 436 -65.29 -16.85 -7.91
C TYR D 436 -66.61 -16.12 -8.14
N ILE D 437 -67.03 -16.07 -9.41
CA ILE D 437 -68.28 -15.41 -9.78
C ILE D 437 -69.17 -16.34 -10.59
N SER D 438 -70.07 -17.03 -9.92
CA SER D 438 -70.93 -18.01 -10.59
C SER D 438 -72.34 -18.03 -10.02
N ALA D 439 -73.19 -18.84 -10.65
CA ALA D 439 -74.58 -19.06 -10.20
C ALA D 439 -75.43 -17.78 -10.15
N ASN D 440 -74.91 -16.67 -10.66
CA ASN D 440 -75.70 -15.44 -10.74
C ASN D 440 -76.44 -15.38 -12.08
N ARG D 441 -77.66 -15.90 -12.08
CA ARG D 441 -78.43 -16.15 -13.30
C ARG D 441 -78.84 -14.90 -14.08
N GLN D 442 -78.66 -13.73 -13.47
CA GLN D 442 -79.06 -12.47 -14.13
C GLN D 442 -77.89 -11.49 -14.23
N LEU D 443 -76.68 -11.96 -13.95
CA LEU D 443 -75.50 -11.09 -14.00
C LEU D 443 -74.99 -10.88 -15.42
N CYS D 444 -74.65 -9.63 -15.74
CA CYS D 444 -74.10 -9.29 -17.04
C CYS D 444 -72.94 -8.30 -16.91
N TYR D 445 -72.54 -7.72 -18.04
CA TYR D 445 -71.51 -6.67 -18.08
C TYR D 445 -70.16 -7.13 -17.52
N HIS D 446 -69.97 -8.44 -17.35
CA HIS D 446 -68.76 -8.94 -16.73
C HIS D 446 -67.96 -9.82 -17.68
N HIS D 447 -68.59 -10.24 -18.77
CA HIS D 447 -67.94 -11.11 -19.74
C HIS D 447 -66.85 -10.37 -20.50
N SER D 448 -67.10 -9.10 -20.80
CA SER D 448 -66.18 -8.30 -21.59
C SER D 448 -65.22 -7.50 -20.73
N LEU D 449 -64.99 -7.97 -19.50
CA LEU D 449 -64.10 -7.29 -18.58
C LEU D 449 -62.70 -7.92 -18.61
N ASN D 450 -61.69 -7.08 -18.83
CA ASN D 450 -60.31 -7.54 -18.85
C ASN D 450 -59.74 -7.60 -17.44
N TRP D 451 -59.84 -8.76 -16.81
CA TRP D 451 -59.42 -8.94 -15.43
C TRP D 451 -57.91 -8.79 -15.26
N THR D 452 -57.16 -8.96 -16.35
CA THR D 452 -55.71 -8.84 -16.33
C THR D 452 -55.31 -7.42 -15.94
N LYS D 453 -56.16 -6.45 -16.27
CA LYS D 453 -55.90 -5.05 -15.93
C LYS D 453 -56.36 -4.74 -14.51
N VAL D 454 -56.87 -5.75 -13.82
CA VAL D 454 -57.32 -5.58 -12.44
C VAL D 454 -56.57 -6.50 -11.49
N LEU D 455 -56.36 -7.75 -11.92
CA LEU D 455 -55.66 -8.73 -11.10
C LEU D 455 -54.15 -8.51 -11.11
N ARG D 456 -53.55 -8.65 -9.94
CA ARG D 456 -52.09 -8.61 -9.82
C ARG D 456 -51.53 -10.01 -10.01
N GLY D 457 -50.44 -10.11 -10.78
CA GLY D 457 -49.83 -11.39 -11.07
C GLY D 457 -50.58 -12.14 -12.15
N PRO D 458 -49.93 -13.17 -12.73
CA PRO D 458 -50.52 -13.98 -13.80
C PRO D 458 -51.83 -14.64 -13.39
N THR D 459 -52.79 -14.66 -14.31
CA THR D 459 -54.07 -15.32 -14.06
C THR D 459 -53.89 -16.84 -14.14
N GLU D 460 -54.54 -17.46 -15.12
CA GLU D 460 -54.44 -18.90 -15.38
C GLU D 460 -54.90 -19.75 -14.20
N GLU D 461 -56.06 -20.39 -14.38
CA GLU D 461 -56.68 -21.21 -13.34
C GLU D 461 -56.94 -20.39 -12.06
N ARG D 462 -57.05 -19.08 -12.24
CA ARG D 462 -57.24 -18.16 -11.13
C ARG D 462 -58.62 -17.53 -11.21
N LEU D 463 -59.23 -17.59 -12.40
CA LEU D 463 -60.56 -17.06 -12.62
C LEU D 463 -61.60 -18.18 -12.70
N ASP D 464 -62.47 -18.25 -11.71
CA ASP D 464 -63.57 -19.22 -11.70
C ASP D 464 -64.89 -18.50 -11.97
N ILE D 465 -65.05 -18.01 -13.20
CA ILE D 465 -66.25 -17.28 -13.58
C ILE D 465 -67.02 -18.00 -14.68
N LYS D 466 -68.12 -18.65 -14.29
CA LYS D 466 -68.95 -19.39 -15.24
C LYS D 466 -70.37 -19.56 -14.70
N HIS D 467 -71.24 -20.15 -15.52
CA HIS D 467 -72.62 -20.45 -15.14
C HIS D 467 -73.38 -19.26 -14.58
N ASN D 468 -73.38 -18.17 -15.35
CA ASN D 468 -74.20 -17.01 -15.03
C ASN D 468 -75.25 -16.82 -16.12
N ARG D 469 -75.65 -15.58 -16.35
CA ARG D 469 -76.52 -15.29 -17.49
C ARG D 469 -75.70 -15.39 -18.78
N PRO D 470 -76.16 -16.23 -19.73
CA PRO D 470 -75.46 -16.49 -20.99
C PRO D 470 -75.08 -15.21 -21.73
N ARG D 471 -73.87 -15.17 -22.28
CA ARG D 471 -73.37 -14.01 -22.99
C ARG D 471 -74.29 -13.65 -24.17
N ARG D 472 -74.79 -14.69 -24.84
CA ARG D 472 -75.68 -14.49 -25.98
C ARG D 472 -77.01 -13.83 -25.56
N ASP D 473 -77.36 -13.98 -24.29
CA ASP D 473 -78.59 -13.38 -23.78
C ASP D 473 -78.40 -11.90 -23.47
N CYS D 474 -77.27 -11.58 -22.84
CA CYS D 474 -76.96 -10.19 -22.48
C CYS D 474 -76.75 -9.33 -23.71
N VAL D 475 -76.08 -9.90 -24.72
CA VAL D 475 -75.83 -9.19 -25.97
C VAL D 475 -77.14 -8.96 -26.72
N ALA D 476 -78.01 -9.96 -26.70
CA ALA D 476 -79.30 -9.87 -27.38
C ALA D 476 -80.18 -8.76 -26.80
N GLU D 477 -80.20 -8.66 -25.48
CA GLU D 477 -80.99 -7.62 -24.81
C GLU D 477 -80.28 -6.28 -24.84
N GLY D 478 -79.05 -6.28 -25.33
CA GLY D 478 -78.26 -5.06 -25.42
C GLY D 478 -77.75 -4.60 -24.07
N LYS D 479 -77.60 -5.54 -23.14
CA LYS D 479 -77.10 -5.22 -21.82
C LYS D 479 -75.58 -5.38 -21.78
N VAL D 480 -74.88 -4.54 -22.54
CA VAL D 480 -73.43 -4.56 -22.58
C VAL D 480 -72.86 -3.21 -22.18
N CYS D 481 -71.54 -3.05 -22.36
CA CYS D 481 -70.86 -1.82 -21.97
C CYS D 481 -71.23 -0.64 -22.87
N ASP D 482 -71.25 0.55 -22.28
CA ASP D 482 -71.51 1.78 -23.02
C ASP D 482 -70.41 2.04 -24.04
N PRO D 483 -70.78 2.49 -25.24
CA PRO D 483 -69.82 2.79 -26.30
C PRO D 483 -68.75 3.81 -25.88
N LEU D 484 -69.05 4.61 -24.88
CA LEU D 484 -68.09 5.58 -24.35
C LEU D 484 -66.95 4.89 -23.60
N CYS D 485 -67.20 3.69 -23.10
CA CYS D 485 -66.18 2.91 -22.40
C CYS D 485 -65.09 2.45 -23.38
N SER D 486 -63.91 2.21 -22.84
CA SER D 486 -62.80 1.67 -23.63
C SER D 486 -63.01 0.17 -23.84
N SER D 487 -62.02 -0.47 -24.46
CA SER D 487 -62.10 -1.91 -24.72
C SER D 487 -61.81 -2.74 -23.48
N GLY D 488 -61.51 -2.06 -22.38
CA GLY D 488 -61.20 -2.73 -21.13
C GLY D 488 -62.39 -3.46 -20.53
N GLY D 489 -63.56 -2.83 -20.59
CA GLY D 489 -64.76 -3.41 -20.04
C GLY D 489 -65.51 -2.46 -19.13
N CYS D 490 -66.54 -2.97 -18.47
CA CYS D 490 -67.35 -2.15 -17.57
C CYS D 490 -67.85 -2.94 -16.37
N TRP D 491 -68.48 -2.23 -15.44
CA TRP D 491 -69.07 -2.85 -14.25
C TRP D 491 -70.58 -2.75 -14.29
N GLY D 492 -71.11 -2.29 -15.43
CA GLY D 492 -72.53 -2.09 -15.59
C GLY D 492 -72.84 -1.20 -16.77
N PRO D 493 -74.13 -0.91 -17.00
CA PRO D 493 -74.58 -0.10 -18.13
C PRO D 493 -74.26 1.39 -17.99
N GLY D 494 -74.15 2.09 -19.11
CA GLY D 494 -73.94 3.53 -19.11
C GLY D 494 -72.52 3.94 -18.77
N PRO D 495 -72.19 5.22 -18.97
CA PRO D 495 -70.88 5.77 -18.62
C PRO D 495 -70.70 5.89 -17.11
N GLY D 496 -69.46 6.05 -16.66
CA GLY D 496 -69.18 6.12 -15.24
C GLY D 496 -68.93 4.75 -14.64
N GLN D 497 -69.47 3.72 -15.30
CA GLN D 497 -69.28 2.35 -14.87
C GLN D 497 -68.21 1.68 -15.72
N CYS D 498 -67.43 2.49 -16.43
CA CYS D 498 -66.37 1.98 -17.30
C CYS D 498 -65.10 1.72 -16.51
N LEU D 499 -64.30 0.77 -16.98
CA LEU D 499 -63.00 0.50 -16.38
C LEU D 499 -61.99 1.52 -16.88
N SER D 500 -62.20 2.00 -18.11
CA SER D 500 -61.36 3.03 -18.69
C SER D 500 -62.15 3.82 -19.72
N CYS D 501 -61.80 5.09 -19.89
CA CYS D 501 -62.49 5.97 -20.82
C CYS D 501 -61.76 6.08 -22.16
N ARG D 502 -62.53 6.17 -23.24
CA ARG D 502 -61.95 6.36 -24.57
C ARG D 502 -61.41 7.77 -24.72
N ASN D 503 -62.04 8.72 -24.04
CA ASN D 503 -61.60 10.11 -24.07
C ASN D 503 -61.18 10.60 -22.70
N TYR D 504 -62.10 11.30 -22.02
CA TYR D 504 -61.82 11.84 -20.70
C TYR D 504 -62.86 11.37 -19.68
N SER D 505 -62.71 11.82 -18.44
CA SER D 505 -63.65 11.49 -17.38
C SER D 505 -63.80 12.67 -16.41
N ARG D 506 -65.04 13.01 -16.10
CA ARG D 506 -65.32 14.10 -15.17
C ARG D 506 -66.15 13.61 -13.99
N GLY D 507 -65.53 13.52 -12.83
CA GLY D 507 -66.20 13.08 -11.62
C GLY D 507 -66.49 11.59 -11.63
N GLY D 508 -65.68 10.83 -12.36
CA GLY D 508 -65.85 9.39 -12.44
C GLY D 508 -66.71 8.96 -13.61
N VAL D 509 -67.27 9.93 -14.33
CA VAL D 509 -68.11 9.64 -15.49
C VAL D 509 -67.37 9.93 -16.80
N CYS D 510 -67.38 8.96 -17.71
CA CYS D 510 -66.71 9.11 -18.99
C CYS D 510 -67.36 10.19 -19.85
N VAL D 511 -66.53 11.10 -20.34
CA VAL D 511 -66.98 12.17 -21.23
C VAL D 511 -66.08 12.23 -22.47
N THR D 512 -66.53 12.95 -23.50
CA THR D 512 -65.76 13.09 -24.73
C THR D 512 -64.81 14.27 -24.64
N HIS D 513 -65.33 15.42 -24.21
CA HIS D 513 -64.53 16.63 -24.09
C HIS D 513 -64.61 17.21 -22.69
N CYS D 514 -63.51 17.81 -22.23
CA CYS D 514 -63.53 18.62 -21.02
C CYS D 514 -63.85 20.05 -21.40
N ASN D 515 -64.17 20.88 -20.42
CA ASN D 515 -64.44 22.28 -20.68
C ASN D 515 -63.15 23.05 -20.99
N PHE D 516 -62.51 22.67 -22.09
CA PHE D 516 -61.24 23.24 -22.49
C PHE D 516 -61.37 24.70 -22.94
N LEU D 517 -62.09 24.89 -24.05
CA LEU D 517 -62.22 26.21 -24.65
C LEU D 517 -63.51 26.90 -24.24
N ASN D 518 -64.58 26.12 -24.09
CA ASN D 518 -65.88 26.67 -23.72
C ASN D 518 -66.54 25.89 -22.58
N GLY D 519 -67.69 26.37 -22.13
CA GLY D 519 -68.42 25.72 -21.06
C GLY D 519 -67.97 26.15 -19.68
N GLU D 520 -68.76 25.82 -18.67
CA GLU D 520 -68.43 26.16 -17.29
C GLU D 520 -68.14 24.89 -16.48
N PRO D 521 -67.25 24.99 -15.49
CA PRO D 521 -66.50 26.19 -15.11
C PRO D 521 -65.07 26.21 -15.67
N ARG D 522 -64.92 25.75 -16.92
CA ARG D 522 -63.62 25.67 -17.60
C ARG D 522 -62.67 24.70 -16.92
N GLU D 523 -62.20 23.71 -17.68
CA GLU D 523 -61.40 22.62 -17.11
C GLU D 523 -60.08 22.37 -17.82
N PHE D 524 -59.22 21.57 -17.18
CA PHE D 524 -57.98 21.10 -17.78
C PHE D 524 -57.87 19.60 -17.58
N ALA D 525 -57.00 18.96 -18.35
CA ALA D 525 -56.88 17.50 -18.31
C ALA D 525 -55.59 17.04 -17.65
N HIS D 526 -55.69 15.95 -16.90
CA HIS D 526 -54.53 15.30 -16.32
C HIS D 526 -54.82 13.82 -16.11
N GLU D 527 -54.05 12.97 -16.79
CA GLU D 527 -54.28 11.53 -16.82
C GLU D 527 -55.69 11.24 -17.30
N ALA D 528 -56.11 11.97 -18.33
CA ALA D 528 -57.45 11.83 -18.92
C ALA D 528 -58.56 12.05 -17.91
N GLU D 529 -58.39 13.04 -17.05
CA GLU D 529 -59.39 13.36 -16.04
C GLU D 529 -59.65 14.87 -15.97
N CYS D 530 -60.93 15.24 -15.93
CA CYS D 530 -61.32 16.64 -15.95
C CYS D 530 -61.27 17.27 -14.55
N PHE D 531 -60.57 18.40 -14.45
CA PHE D 531 -60.49 19.14 -13.19
C PHE D 531 -60.76 20.62 -13.43
N SER D 532 -61.50 21.24 -12.51
CA SER D 532 -61.86 22.65 -12.62
C SER D 532 -60.63 23.56 -12.56
N CYS D 533 -60.73 24.73 -13.18
CA CYS D 533 -59.66 25.72 -13.14
C CYS D 533 -59.70 26.51 -11.84
N HIS D 534 -58.66 27.29 -11.59
CA HIS D 534 -58.61 28.14 -10.41
C HIS D 534 -59.68 29.23 -10.52
N PRO D 535 -60.42 29.46 -9.43
CA PRO D 535 -61.53 30.41 -9.42
C PRO D 535 -61.12 31.87 -9.65
N GLU D 536 -59.82 32.13 -9.73
CA GLU D 536 -59.33 33.48 -9.96
C GLU D 536 -58.82 33.65 -11.39
N CYS D 537 -59.13 32.69 -12.25
CA CYS D 537 -58.70 32.75 -13.65
C CYS D 537 -59.82 33.26 -14.55
N GLN D 538 -59.45 34.09 -15.52
CA GLN D 538 -60.40 34.62 -16.49
C GLN D 538 -60.75 33.58 -17.54
N PRO D 539 -62.04 33.23 -17.65
CA PRO D 539 -62.51 32.24 -18.63
C PRO D 539 -62.31 32.72 -20.07
N MET D 540 -61.08 32.61 -20.57
CA MET D 540 -60.76 33.05 -21.92
C MET D 540 -61.41 32.17 -22.97
N GLU D 541 -62.34 32.75 -23.73
CA GLU D 541 -63.02 32.03 -24.80
C GLU D 541 -62.12 31.92 -26.03
N GLY D 542 -62.18 30.79 -26.71
CA GLY D 542 -61.37 30.57 -27.90
C GLY D 542 -60.15 29.72 -27.63
N THR D 543 -59.43 30.04 -26.56
CA THR D 543 -58.23 29.30 -26.18
C THR D 543 -58.41 28.62 -24.82
N ALA D 544 -57.33 28.07 -24.30
CA ALA D 544 -57.36 27.40 -23.00
C ALA D 544 -57.48 28.40 -21.85
N THR D 545 -57.45 27.89 -20.62
CA THR D 545 -57.58 28.73 -19.45
C THR D 545 -56.61 28.30 -18.36
N CYS D 546 -56.47 26.99 -18.18
CA CYS D 546 -55.59 26.45 -17.15
C CYS D 546 -54.54 25.51 -17.73
N ASN D 547 -53.31 25.65 -17.25
CA ASN D 547 -52.24 24.73 -17.61
C ASN D 547 -52.04 23.69 -16.51
N GLY D 548 -52.93 23.73 -15.52
CA GLY D 548 -52.87 22.84 -14.39
C GLY D 548 -53.74 23.34 -13.24
N SER D 549 -53.58 22.73 -12.07
CA SER D 549 -54.35 23.13 -10.90
C SER D 549 -53.63 24.23 -10.12
N GLY D 550 -54.36 25.32 -9.86
CA GLY D 550 -53.79 26.43 -9.11
C GLY D 550 -53.75 27.72 -9.91
N SER D 551 -53.43 28.81 -9.24
CA SER D 551 -53.37 30.12 -9.88
C SER D 551 -52.02 30.34 -10.56
N ASP D 552 -51.10 29.40 -10.37
CA ASP D 552 -49.77 29.50 -10.98
C ASP D 552 -49.80 29.06 -12.43
N THR D 553 -50.94 28.52 -12.87
CA THR D 553 -51.10 28.06 -14.23
C THR D 553 -52.26 28.75 -14.92
N CYS D 554 -52.65 29.91 -14.41
CA CYS D 554 -53.76 30.67 -14.97
C CYS D 554 -53.34 31.44 -16.22
N ALA D 555 -54.15 31.35 -17.26
CA ALA D 555 -53.85 32.02 -18.53
C ALA D 555 -53.95 33.54 -18.40
N GLN D 556 -54.93 34.00 -17.63
CA GLN D 556 -55.13 35.43 -17.42
C GLN D 556 -55.88 35.68 -16.13
N CYS D 557 -55.34 36.57 -15.30
CA CYS D 557 -55.96 36.91 -14.03
C CYS D 557 -57.26 37.67 -14.25
N ALA D 558 -58.32 37.20 -13.59
CA ALA D 558 -59.63 37.82 -13.72
C ALA D 558 -59.74 39.07 -12.84
N HIS D 559 -58.76 39.26 -11.96
CA HIS D 559 -58.73 40.42 -11.08
C HIS D 559 -57.31 40.99 -10.99
N PHE D 560 -56.88 41.28 -9.76
CA PHE D 560 -55.53 41.80 -9.54
C PHE D 560 -54.49 40.70 -9.82
N ARG D 561 -53.49 41.04 -10.64
CA ARG D 561 -52.47 40.08 -11.03
C ARG D 561 -51.57 39.68 -9.87
N ASP D 562 -51.04 40.69 -9.17
CA ASP D 562 -50.11 40.48 -8.06
C ASP D 562 -48.92 39.62 -8.48
N GLY D 563 -48.36 39.91 -9.65
CA GLY D 563 -47.23 39.17 -10.16
C GLY D 563 -47.61 37.81 -10.70
N PRO D 564 -46.98 36.75 -10.17
CA PRO D 564 -47.22 35.37 -10.60
C PRO D 564 -48.59 34.82 -10.22
N HIS D 565 -48.85 34.71 -8.92
CA HIS D 565 -50.10 34.13 -8.44
C HIS D 565 -51.30 35.02 -8.72
N CYS D 566 -52.14 34.61 -9.66
CA CYS D 566 -53.34 35.36 -10.00
C CYS D 566 -54.36 35.30 -8.86
N VAL D 567 -54.54 36.43 -8.18
CA VAL D 567 -55.46 36.49 -7.05
C VAL D 567 -56.55 37.54 -7.26
N SER D 568 -57.23 37.90 -6.19
CA SER D 568 -58.27 38.92 -6.23
C SER D 568 -58.26 39.75 -4.95
N SER D 569 -57.26 39.51 -4.11
CA SER D 569 -57.14 40.19 -2.84
C SER D 569 -56.27 41.43 -2.94
N CYS D 570 -55.04 41.25 -3.41
CA CYS D 570 -54.03 42.31 -3.50
C CYS D 570 -53.82 42.93 -2.12
N PRO D 571 -52.89 42.35 -1.34
CA PRO D 571 -52.58 42.58 0.08
C PRO D 571 -53.17 43.85 0.69
N HIS D 572 -54.48 43.86 0.89
CA HIS D 572 -55.17 45.00 1.49
C HIS D 572 -56.30 44.55 2.40
N GLY D 579 -42.94 42.39 9.05
CA GLY D 579 -44.05 43.31 9.19
C GLY D 579 -45.11 43.11 8.13
N PRO D 580 -46.26 43.79 8.29
CA PRO D 580 -47.38 43.73 7.35
C PRO D 580 -47.00 44.20 5.95
N ILE D 581 -47.53 43.54 4.93
CA ILE D 581 -47.24 43.91 3.55
C ILE D 581 -48.48 44.44 2.85
N TYR D 582 -48.29 45.39 1.92
CA TYR D 582 -49.40 45.98 1.19
C TYR D 582 -49.00 46.27 -0.26
N LYS D 583 -49.99 46.42 -1.13
CA LYS D 583 -49.74 46.69 -2.54
C LYS D 583 -50.88 47.48 -3.17
N TYR D 584 -50.67 47.93 -4.41
CA TYR D 584 -51.67 48.70 -5.13
C TYR D 584 -51.64 48.36 -6.62
N PRO D 585 -52.84 48.25 -7.24
CA PRO D 585 -52.95 47.88 -8.66
C PRO D 585 -52.39 48.94 -9.60
N ASP D 586 -52.28 48.60 -10.88
CA ASP D 586 -51.76 49.52 -11.89
C ASP D 586 -52.47 49.33 -13.23
N ASN D 589 -54.13 46.11 -12.87
CA ASN D 589 -53.79 44.87 -12.18
C ASN D 589 -52.30 44.59 -12.20
N GLU D 590 -51.64 44.78 -11.06
CA GLU D 590 -50.20 44.56 -10.95
C GLU D 590 -49.76 44.30 -9.52
N CYS D 591 -50.26 45.14 -8.60
CA CYS D 591 -49.93 45.06 -7.17
C CYS D 591 -48.43 45.15 -6.92
N ARG D 592 -47.95 46.39 -6.74
CA ARG D 592 -46.55 46.66 -6.49
C ARG D 592 -46.34 47.16 -5.06
N PRO D 593 -45.12 47.02 -4.51
CA PRO D 593 -44.82 47.52 -3.17
C PRO D 593 -45.12 49.01 -3.00
N CYS D 594 -45.42 49.42 -1.77
CA CYS D 594 -45.88 50.78 -1.50
C CYS D 594 -44.75 51.72 -1.07
N HIS D 595 -43.52 51.37 -1.44
CA HIS D 595 -42.35 52.20 -1.17
C HIS D 595 -42.18 52.53 0.31
N GLU D 596 -42.28 51.51 1.16
CA GLU D 596 -42.08 51.65 2.60
C GLU D 596 -42.97 52.71 3.24
N ASN D 597 -44.25 52.72 2.83
CA ASN D 597 -45.20 53.69 3.38
C ASN D 597 -45.82 53.20 4.68
N CYS D 602 -52.50 52.07 0.95
CA CYS D 602 -51.47 52.39 -0.04
C CYS D 602 -52.05 52.50 -1.44
N LYS D 603 -51.53 53.43 -2.21
CA LYS D 603 -51.99 53.64 -3.59
C LYS D 603 -50.90 54.24 -4.45
N GLY D 604 -49.65 54.11 -4.00
CA GLY D 604 -48.51 54.64 -4.74
C GLY D 604 -47.19 54.28 -4.09
N GLU E 1 9.63 10.95 -15.10
CA GLU E 1 10.23 9.78 -15.73
C GLU E 1 11.27 9.14 -14.82
N VAL E 2 12.08 8.25 -15.37
CA VAL E 2 13.13 7.59 -14.61
C VAL E 2 14.27 8.57 -14.32
N GLN E 3 14.40 8.98 -13.06
CA GLN E 3 15.33 10.05 -12.69
C GLN E 3 15.87 9.91 -11.27
N LEU E 4 17.18 10.14 -11.12
CA LEU E 4 17.80 10.22 -9.81
C LEU E 4 18.19 11.65 -9.48
N LEU E 5 17.37 12.32 -8.67
CA LEU E 5 17.59 13.72 -8.34
C LEU E 5 18.38 13.88 -7.05
N GLU E 6 19.51 14.60 -7.14
CA GLU E 6 20.40 14.75 -5.99
C GLU E 6 20.27 16.13 -5.35
N SER E 7 20.74 16.25 -4.11
CA SER E 7 20.71 17.50 -3.37
C SER E 7 21.55 17.43 -2.11
N GLY E 8 21.77 18.57 -1.47
CA GLY E 8 22.46 18.62 -0.20
C GLY E 8 23.88 19.13 -0.27
N GLY E 9 24.36 19.39 -1.49
CA GLY E 9 25.72 19.87 -1.68
C GLY E 9 25.86 21.35 -1.41
N GLY E 10 27.10 21.85 -1.46
CA GLY E 10 27.36 23.26 -1.24
C GLY E 10 28.76 23.54 -0.71
N LEU E 11 29.02 24.80 -0.39
CA LEU E 11 30.31 25.21 0.15
C LEU E 11 30.39 24.99 1.65
N VAL E 12 31.42 24.29 2.09
CA VAL E 12 31.59 23.97 3.50
C VAL E 12 33.08 24.07 3.88
N GLN E 13 33.37 24.14 5.18
CA GLN E 13 34.74 24.24 5.65
C GLN E 13 35.25 22.91 6.19
N PRO E 14 36.58 22.71 6.18
CA PRO E 14 37.21 21.51 6.74
C PRO E 14 36.75 21.21 8.15
N GLY E 15 36.42 19.94 8.42
CA GLY E 15 35.87 19.55 9.70
C GLY E 15 34.36 19.54 9.69
N GLY E 16 33.79 20.35 8.80
CA GLY E 16 32.35 20.45 8.67
C GLY E 16 31.71 19.16 8.17
N SER E 17 30.40 19.06 8.32
CA SER E 17 29.67 17.86 7.90
C SER E 17 28.57 18.17 6.90
N LEU E 18 28.22 17.20 6.08
CA LEU E 18 27.18 17.35 5.07
C LEU E 18 26.43 16.06 4.80
N ARG E 19 25.12 16.17 4.58
CA ARG E 19 24.30 15.01 4.25
C ARG E 19 23.71 15.16 2.85
N LEU E 20 24.16 14.31 1.93
CA LEU E 20 23.68 14.36 0.55
C LEU E 20 22.42 13.51 0.37
N SER E 21 21.46 14.04 -0.37
CA SER E 21 20.21 13.34 -0.63
C SER E 21 20.10 12.95 -2.10
N CYS E 22 19.44 11.83 -2.37
CA CYS E 22 19.25 11.36 -3.74
C CYS E 22 17.88 10.74 -3.91
N ALA E 23 16.93 11.55 -4.39
CA ALA E 23 15.55 11.09 -4.56
C ALA E 23 15.38 10.33 -5.86
N ALA E 24 14.74 9.17 -5.78
CA ALA E 24 14.52 8.34 -6.95
C ALA E 24 13.09 8.51 -7.47
N SER E 25 12.90 8.23 -8.75
CA SER E 25 11.59 8.32 -9.37
C SER E 25 11.59 7.60 -10.73
N GLY E 26 10.47 6.97 -11.06
CA GLY E 26 10.32 6.32 -12.35
C GLY E 26 10.61 4.83 -12.33
N PHE E 27 11.18 4.37 -11.22
CA PHE E 27 11.50 2.95 -11.07
C PHE E 27 11.33 2.51 -9.63
N THR E 28 11.47 1.22 -9.39
CA THR E 28 11.34 0.68 -8.04
C THR E 28 12.68 0.74 -7.32
N PHE E 29 12.83 1.75 -6.45
CA PHE E 29 14.08 1.99 -5.74
C PHE E 29 14.48 0.85 -4.82
N SER E 30 13.51 0.05 -4.39
CA SER E 30 13.75 -0.99 -3.40
C SER E 30 14.34 -2.27 -3.99
N TYR E 31 14.55 -2.28 -5.30
CA TYR E 31 14.99 -3.49 -6.00
C TYR E 31 16.45 -3.43 -6.42
N TYR E 32 17.07 -2.28 -6.24
CA TYR E 32 18.43 -2.06 -6.74
C TYR E 32 19.42 -1.66 -5.66
N TYR E 33 20.68 -2.04 -5.84
CA TYR E 33 21.75 -1.46 -5.05
C TYR E 33 21.93 -0.02 -5.51
N MET E 34 22.47 0.83 -4.65
CA MET E 34 22.72 2.22 -5.03
C MET E 34 24.17 2.58 -4.77
N GLN E 35 24.70 3.48 -5.59
CA GLN E 35 26.12 3.80 -5.54
C GLN E 35 26.37 5.28 -5.27
N TRP E 36 27.58 5.58 -4.80
CA TRP E 36 28.06 6.95 -4.70
C TRP E 36 29.39 7.08 -5.41
N VAL E 37 29.45 7.97 -6.38
CA VAL E 37 30.69 8.23 -7.11
C VAL E 37 30.96 9.73 -7.18
N ARG E 38 32.15 10.13 -6.71
CA ARG E 38 32.54 11.53 -6.74
C ARG E 38 33.58 11.78 -7.81
N GLN E 39 33.80 13.05 -8.13
CA GLN E 39 34.80 13.43 -9.14
C GLN E 39 35.38 14.80 -8.84
N ALA E 40 36.60 14.82 -8.32
CA ALA E 40 37.29 16.07 -8.03
C ALA E 40 37.59 16.82 -9.33
N PRO E 41 37.54 18.16 -9.29
CA PRO E 41 37.82 18.96 -10.48
C PRO E 41 39.22 18.70 -11.04
N GLY E 42 39.29 18.02 -12.17
CA GLY E 42 40.55 17.65 -12.77
C GLY E 42 40.81 16.16 -12.67
N LYS E 43 40.36 15.57 -11.56
CA LYS E 43 40.51 14.13 -11.34
C LYS E 43 39.46 13.34 -12.11
N GLY E 44 39.60 12.02 -12.08
CA GLY E 44 38.67 11.13 -12.76
C GLY E 44 37.59 10.62 -11.82
N LEU E 45 36.84 9.62 -12.28
CA LEU E 45 35.77 9.04 -11.48
C LEU E 45 36.34 8.21 -10.33
N GLU E 46 35.82 8.46 -9.13
CA GLU E 46 36.28 7.73 -7.95
C GLU E 46 35.10 7.11 -7.20
N TRP E 47 35.15 5.79 -7.02
CA TRP E 47 34.10 5.08 -6.30
C TRP E 47 34.15 5.42 -4.81
N VAL E 48 33.01 5.79 -4.25
CA VAL E 48 32.93 6.14 -2.84
C VAL E 48 32.37 4.99 -2.01
N SER E 49 31.13 4.60 -2.31
CA SER E 49 30.47 3.55 -1.55
C SER E 49 29.25 3.00 -2.27
N TYR E 50 28.69 1.91 -1.74
CA TYR E 50 27.43 1.38 -2.23
C TYR E 50 26.68 0.66 -1.10
N ILE E 51 25.36 0.52 -1.29
CA ILE E 51 24.52 -0.13 -0.29
C ILE E 51 23.59 -1.13 -0.98
N GLY E 52 23.23 -2.19 -0.25
CA GLY E 52 22.34 -3.20 -0.79
C GLY E 52 20.92 -2.68 -0.98
N SER E 53 20.09 -3.50 -1.62
CA SER E 53 18.68 -3.14 -1.85
C SER E 53 17.93 -3.02 -0.53
N SER E 54 18.17 -3.97 0.37
CA SER E 54 17.51 -3.97 1.67
C SER E 54 18.36 -3.25 2.72
N GLY E 55 19.34 -2.49 2.25
CA GLY E 55 20.24 -1.75 3.13
C GLY E 55 21.15 -2.67 3.92
N GLY E 56 21.39 -3.86 3.37
CA GLY E 56 22.22 -4.83 4.03
C GLY E 56 23.70 -4.54 3.90
N VAL E 57 24.30 -5.06 2.82
CA VAL E 57 25.71 -4.88 2.57
C VAL E 57 26.05 -3.41 2.41
N THR E 58 27.21 -3.01 2.94
CA THR E 58 27.67 -1.64 2.82
C THR E 58 29.19 -1.57 2.86
N ASN E 59 29.79 -1.15 1.76
CA ASN E 59 31.24 -1.04 1.66
C ASN E 59 31.66 0.36 1.22
N TYR E 60 32.82 0.80 1.69
CA TYR E 60 33.32 2.14 1.40
C TYR E 60 34.73 2.09 0.82
N ALA E 61 35.14 3.21 0.23
CA ALA E 61 36.52 3.36 -0.21
C ALA E 61 37.39 3.71 0.98
N ASP E 62 38.68 3.34 0.93
CA ASP E 62 39.59 3.59 2.04
C ASP E 62 39.82 5.08 2.25
N SER E 63 39.46 5.88 1.26
CA SER E 63 39.64 7.33 1.32
C SER E 63 38.56 8.00 2.18
N VAL E 64 37.45 7.29 2.38
CA VAL E 64 36.31 7.86 3.08
C VAL E 64 35.84 7.00 4.26
N LYS E 65 36.39 5.80 4.36
CA LYS E 65 35.97 4.84 5.37
C LYS E 65 36.13 5.39 6.79
N GLY E 66 35.03 5.40 7.53
CA GLY E 66 35.04 5.92 8.89
C GLY E 66 34.43 7.31 8.96
N ARG E 67 34.65 8.11 7.92
CA ARG E 67 34.12 9.46 7.88
C ARG E 67 32.77 9.52 7.19
N PHE E 68 32.60 8.72 6.14
CA PHE E 68 31.36 8.72 5.38
C PHE E 68 30.48 7.54 5.78
N THR E 69 29.17 7.73 5.70
CA THR E 69 28.22 6.67 6.02
C THR E 69 27.03 6.69 5.06
N ILE E 70 26.89 5.61 4.29
CA ILE E 70 25.82 5.50 3.32
C ILE E 70 24.59 4.83 3.94
N SER E 71 23.40 5.34 3.60
CA SER E 71 22.16 4.77 4.06
C SER E 71 21.04 5.02 3.06
N ARG E 72 19.89 4.39 3.26
CA ARG E 72 18.78 4.55 2.33
C ARG E 72 17.42 4.43 3.01
N ASP E 73 16.44 5.13 2.46
CA ASP E 73 15.07 5.07 2.95
C ASP E 73 14.15 4.59 1.83
N ASN E 74 14.02 3.28 1.68
CA ASN E 74 13.24 2.69 0.60
C ASN E 74 11.76 3.09 0.66
N SER E 75 11.31 3.48 1.86
CA SER E 75 9.93 3.94 2.03
C SER E 75 9.76 5.32 1.42
N LYS E 76 10.85 6.09 1.40
CA LYS E 76 10.82 7.44 0.83
C LYS E 76 11.57 7.51 -0.50
N ASN E 77 12.09 6.37 -0.93
CA ASN E 77 12.86 6.26 -2.16
C ASN E 77 14.02 7.25 -2.23
N THR E 78 14.87 7.22 -1.21
CA THR E 78 15.98 8.16 -1.13
C THR E 78 17.28 7.51 -0.65
N LEU E 79 18.36 7.79 -1.38
CA LEU E 79 19.69 7.34 -0.99
C LEU E 79 20.44 8.48 -0.30
N TYR E 80 20.98 8.20 0.88
CA TYR E 80 21.69 9.22 1.65
C TYR E 80 23.18 8.96 1.74
N LEU E 81 23.94 10.00 2.06
CA LEU E 81 25.37 9.88 2.30
C LEU E 81 25.80 10.86 3.38
N GLN E 82 26.09 10.33 4.57
CA GLN E 82 26.47 11.17 5.70
C GLN E 82 27.95 11.48 5.69
N MET E 83 28.32 12.63 5.13
CA MET E 83 29.71 13.04 5.05
C MET E 83 30.13 13.82 6.28
N ASN E 84 30.87 13.16 7.17
CA ASN E 84 31.38 13.82 8.38
C ASN E 84 32.89 14.00 8.32
N SER E 85 33.38 14.98 9.08
CA SER E 85 34.81 15.28 9.14
C SER E 85 35.40 15.49 7.76
N LEU E 86 34.77 16.39 6.98
CA LEU E 86 35.17 16.63 5.60
C LEU E 86 36.56 17.24 5.49
N ARG E 87 37.36 16.69 4.57
CA ARG E 87 38.70 17.20 4.30
C ARG E 87 38.70 17.98 3.00
N ALA E 88 39.80 18.68 2.72
CA ALA E 88 39.92 19.48 1.51
C ALA E 88 39.92 18.61 0.26
N GLU E 89 40.38 17.37 0.41
CA GLU E 89 40.46 16.43 -0.71
C GLU E 89 39.13 15.74 -0.98
N ASP E 90 38.08 16.15 -0.26
CA ASP E 90 36.75 15.61 -0.46
C ASP E 90 35.94 16.49 -1.42
N THR E 91 36.55 17.61 -1.84
CA THR E 91 35.92 18.53 -2.76
C THR E 91 35.75 17.87 -4.13
N ALA E 92 34.50 17.61 -4.50
CA ALA E 92 34.22 16.89 -5.74
C ALA E 92 32.76 17.03 -6.14
N VAL E 93 32.43 16.46 -7.30
CA VAL E 93 31.05 16.40 -7.76
C VAL E 93 30.49 15.02 -7.47
N TYR E 94 29.59 14.93 -6.50
CA TYR E 94 29.09 13.64 -6.04
C TYR E 94 27.86 13.18 -6.81
N TYR E 95 28.03 12.15 -7.64
CA TYR E 95 26.92 11.56 -8.36
C TYR E 95 26.42 10.31 -7.63
N CYS E 96 25.12 10.08 -7.67
CA CYS E 96 24.57 8.82 -7.17
C CYS E 96 24.08 7.99 -8.35
N ALA E 97 24.59 6.78 -8.46
CA ALA E 97 24.25 5.91 -9.58
C ALA E 97 23.52 4.67 -9.12
N ARG E 98 22.58 4.21 -9.94
CA ARG E 98 21.87 2.96 -9.67
C ARG E 98 22.55 1.81 -10.40
N VAL E 99 22.70 0.68 -9.72
CA VAL E 99 23.19 -0.51 -10.40
C VAL E 99 22.04 -1.06 -11.24
N GLY E 100 22.36 -1.57 -12.42
CA GLY E 100 21.35 -2.11 -13.31
C GLY E 100 21.65 -3.55 -13.65
N LEU E 101 21.22 -3.97 -14.83
CA LEU E 101 21.49 -5.33 -15.28
C LEU E 101 22.98 -5.49 -15.56
N GLY E 102 23.57 -6.50 -14.95
CA GLY E 102 24.99 -6.76 -15.11
C GLY E 102 25.85 -5.83 -14.28
N ASP E 103 25.25 -5.27 -13.23
CA ASP E 103 25.95 -4.39 -12.29
C ASP E 103 26.50 -3.15 -12.98
N ALA E 104 25.79 -2.66 -13.99
CA ALA E 104 26.21 -1.47 -14.72
C ALA E 104 25.46 -0.23 -14.23
N PHE E 105 26.16 0.89 -14.16
CA PHE E 105 25.55 2.13 -13.69
C PHE E 105 24.80 2.82 -14.83
N ASP E 106 23.53 2.46 -14.98
CA ASP E 106 22.74 2.94 -16.11
C ASP E 106 22.05 4.28 -15.85
N ILE E 107 21.86 4.62 -14.58
CA ILE E 107 21.22 5.89 -14.23
C ILE E 107 22.08 6.69 -13.26
N TRP E 108 22.38 7.93 -13.64
CA TRP E 108 23.23 8.79 -12.83
C TRP E 108 22.45 10.02 -12.34
N GLY E 109 23.03 10.72 -11.36
CA GLY E 109 22.42 11.94 -10.84
C GLY E 109 22.75 13.13 -11.73
N GLN E 110 22.46 14.34 -11.25
CA GLN E 110 22.71 15.53 -12.06
C GLN E 110 24.04 16.18 -11.71
N GLY E 111 24.50 16.00 -10.47
CA GLY E 111 25.80 16.54 -10.06
C GLY E 111 26.00 16.82 -8.59
N THR E 112 25.23 17.78 -8.06
CA THR E 112 25.42 18.40 -6.74
C THR E 112 26.89 18.54 -6.30
N MET E 113 27.44 19.74 -6.48
CA MET E 113 28.83 20.02 -6.17
C MET E 113 29.07 20.20 -4.67
N VAL E 114 30.07 19.48 -4.15
CA VAL E 114 30.47 19.63 -2.76
C VAL E 114 31.86 20.25 -2.67
N THR E 115 31.97 21.38 -1.97
CA THR E 115 33.23 22.09 -1.87
C THR E 115 33.69 22.26 -0.42
N VAL E 116 34.93 21.86 -0.14
CA VAL E 116 35.51 22.00 1.18
C VAL E 116 36.72 22.92 1.15
N SER E 117 36.52 24.19 1.49
CA SER E 117 37.60 25.17 1.44
C SER E 117 37.73 25.93 2.76
N SER E 118 38.98 26.21 3.15
CA SER E 118 39.24 26.96 4.37
C SER E 118 39.05 28.45 4.16
N ALA E 119 39.37 28.92 2.95
CA ALA E 119 39.27 30.33 2.62
C ALA E 119 37.81 30.78 2.54
N SER E 120 37.51 31.88 3.23
CA SER E 120 36.17 32.44 3.20
C SER E 120 36.04 33.47 2.09
N THR E 121 34.93 34.21 2.08
CA THR E 121 34.69 35.22 1.06
C THR E 121 35.68 36.37 1.18
N LYS E 122 36.05 36.94 0.04
CA LYS E 122 37.01 38.05 0.01
C LYS E 122 36.74 38.98 -1.16
N GLY E 123 37.20 40.23 -1.04
CA GLY E 123 37.00 41.22 -2.07
C GLY E 123 38.03 41.13 -3.17
N PRO E 124 37.57 41.25 -4.44
CA PRO E 124 38.45 41.18 -5.61
C PRO E 124 39.30 42.44 -5.80
N SER E 125 40.60 42.32 -5.56
CA SER E 125 41.52 43.44 -5.77
C SER E 125 41.82 43.61 -7.25
N VAL E 126 41.52 44.79 -7.78
CA VAL E 126 41.70 45.06 -9.20
C VAL E 126 42.96 45.89 -9.46
N PHE E 127 43.80 45.40 -10.35
CA PHE E 127 45.02 46.12 -10.74
C PHE E 127 45.13 46.21 -12.26
N PRO E 128 44.99 47.44 -12.80
CA PRO E 128 45.00 47.62 -14.26
C PRO E 128 46.40 47.55 -14.86
N LEU E 129 46.54 46.77 -15.91
CA LEU E 129 47.85 46.51 -16.52
C LEU E 129 48.37 47.70 -17.33
N ALA E 130 49.36 47.43 -18.17
CA ALA E 130 50.00 48.46 -18.98
C ALA E 130 49.71 48.26 -20.46
N PRO E 131 49.75 49.35 -21.25
CA PRO E 131 49.53 49.26 -22.70
C PRO E 131 50.52 48.32 -23.39
N GLY E 144 44.49 45.08 -20.51
CA GLY E 144 43.18 45.27 -19.92
C GLY E 144 43.23 45.27 -18.40
N CYS E 145 42.10 44.93 -17.77
CA CYS E 145 42.01 44.90 -16.32
C CYS E 145 42.41 43.54 -15.77
N LEU E 146 42.65 43.48 -14.47
CA LEU E 146 43.05 42.23 -13.81
C LEU E 146 42.31 42.03 -12.50
N VAL E 147 41.56 40.94 -12.40
CA VAL E 147 40.85 40.60 -11.18
C VAL E 147 41.62 39.58 -10.36
N LYS E 148 42.25 40.02 -9.29
CA LYS E 148 43.10 39.16 -8.49
C LYS E 148 42.51 38.81 -7.13
N ASP E 149 42.69 37.57 -6.72
CA ASP E 149 42.33 37.09 -5.39
C ASP E 149 40.88 37.39 -5.00
N TYR E 150 39.96 36.58 -5.50
CA TYR E 150 38.56 36.71 -5.12
C TYR E 150 37.96 35.32 -4.88
N PHE E 151 36.92 35.27 -4.04
CA PHE E 151 36.30 34.00 -3.68
C PHE E 151 34.89 34.24 -3.13
N PRO E 152 33.91 33.42 -3.58
CA PRO E 152 34.10 32.38 -4.59
C PRO E 152 33.72 32.84 -6.00
N GLU E 153 33.88 31.95 -6.97
CA GLU E 153 33.51 32.21 -8.35
C GLU E 153 32.00 32.34 -8.49
N PRO E 154 31.52 33.00 -9.56
CA PRO E 154 32.29 33.70 -10.60
C PRO E 154 32.21 35.22 -10.49
N VAL E 155 32.83 35.90 -11.46
CA VAL E 155 32.73 37.36 -11.55
C VAL E 155 32.43 37.78 -12.99
N THR E 156 31.44 38.64 -13.16
CA THR E 156 31.07 39.12 -14.48
C THR E 156 31.82 40.40 -14.83
N VAL E 157 32.90 40.25 -15.59
CA VAL E 157 33.72 41.39 -15.98
C VAL E 157 33.36 41.87 -17.38
N SER E 158 32.59 42.94 -17.46
CA SER E 158 32.19 43.52 -18.74
C SER E 158 32.65 44.97 -18.83
N TRP E 159 33.22 45.33 -19.97
CA TRP E 159 33.72 46.69 -20.18
C TRP E 159 32.58 47.68 -20.34
N ASN E 160 32.94 48.96 -20.49
CA ASN E 160 32.00 50.09 -20.60
C ASN E 160 30.75 49.95 -19.73
N SER E 161 29.66 49.46 -20.32
CA SER E 161 28.41 49.25 -19.59
C SER E 161 27.53 48.24 -20.30
N HIS E 169 37.42 39.17 -25.04
CA HIS E 169 37.55 37.80 -24.57
C HIS E 169 38.05 37.75 -23.12
N THR E 170 37.22 37.24 -22.23
CA THR E 170 37.57 37.13 -20.83
C THR E 170 38.03 35.71 -20.48
N PHE E 171 39.23 35.60 -19.93
CA PHE E 171 39.80 34.30 -19.58
C PHE E 171 39.25 33.78 -18.26
N PRO E 172 39.01 32.47 -18.18
CA PRO E 172 38.60 31.82 -16.93
C PRO E 172 39.67 31.99 -15.85
N ALA E 173 39.25 32.17 -14.60
CA ALA E 173 40.19 32.40 -13.51
C ALA E 173 41.02 31.16 -13.20
N VAL E 174 42.14 31.38 -12.51
CA VAL E 174 42.99 30.27 -12.10
C VAL E 174 42.74 29.94 -10.63
N LEU E 175 42.97 28.69 -10.25
CA LEU E 175 42.84 28.28 -8.86
C LEU E 175 44.15 28.55 -8.12
N GLN E 176 44.20 29.68 -7.43
CA GLN E 176 45.40 30.09 -6.70
C GLN E 176 45.81 29.07 -5.63
N SER E 177 47.07 29.15 -5.20
CA SER E 177 47.60 28.24 -4.21
C SER E 177 47.05 28.54 -2.82
N SER E 178 46.35 29.66 -2.70
CA SER E 178 45.73 30.06 -1.43
C SER E 178 44.24 29.72 -1.41
N GLY E 179 43.76 29.13 -2.50
CA GLY E 179 42.36 28.76 -2.61
C GLY E 179 41.53 29.86 -3.23
N LEU E 180 42.18 30.93 -3.65
CA LEU E 180 41.51 32.07 -4.27
C LEU E 180 41.49 31.94 -5.79
N TYR E 181 40.95 32.95 -6.45
CA TYR E 181 40.88 32.95 -7.92
C TYR E 181 41.43 34.24 -8.51
N SER E 182 42.02 34.12 -9.70
CA SER E 182 42.58 35.27 -10.39
C SER E 182 42.15 35.31 -11.86
N LEU E 183 41.28 36.25 -12.19
CA LEU E 183 40.73 36.37 -13.53
C LEU E 183 41.33 37.55 -14.28
N SER E 184 41.43 37.42 -15.60
CA SER E 184 41.95 38.50 -16.44
C SER E 184 40.99 38.81 -17.59
N SER E 185 41.08 40.03 -18.11
CA SER E 185 40.25 40.45 -19.23
C SER E 185 41.04 41.33 -20.20
N VAL E 186 40.86 41.09 -21.50
CA VAL E 186 41.60 41.83 -22.51
C VAL E 186 40.66 42.37 -23.59
N VAL E 187 40.91 43.60 -24.03
CA VAL E 187 40.10 44.23 -25.07
C VAL E 187 40.96 44.61 -26.27
N CYS E 201 36.07 49.10 -17.36
CA CYS E 201 35.63 47.74 -17.13
C CYS E 201 34.86 47.62 -15.81
N ASN E 202 33.82 46.79 -15.81
CA ASN E 202 32.99 46.59 -14.62
C ASN E 202 33.21 45.22 -14.00
N VAL E 203 33.74 45.20 -12.78
CA VAL E 203 33.96 43.95 -12.07
C VAL E 203 33.04 43.85 -10.86
N ASN E 204 31.95 43.10 -11.01
CA ASN E 204 30.98 42.94 -9.94
C ASN E 204 31.08 41.58 -9.24
N HIS E 205 31.32 41.60 -7.94
CA HIS E 205 31.41 40.38 -7.16
C HIS E 205 30.22 40.24 -6.23
N LYS E 206 29.18 39.57 -6.71
CA LYS E 206 27.93 39.41 -5.97
C LYS E 206 28.06 38.74 -4.60
N PRO E 207 28.88 37.67 -4.48
CA PRO E 207 29.02 37.07 -3.15
C PRO E 207 29.63 38.01 -2.10
N SER E 208 30.28 39.07 -2.55
CA SER E 208 30.89 40.03 -1.63
C SER E 208 30.21 41.40 -1.72
N ASN E 209 29.18 41.48 -2.57
CA ASN E 209 28.45 42.73 -2.82
C ASN E 209 29.40 43.87 -3.21
N THR E 210 30.38 43.54 -4.03
CA THR E 210 31.42 44.49 -4.42
C THR E 210 31.27 44.95 -5.86
N LYS E 211 30.95 46.23 -6.04
CA LYS E 211 30.85 46.82 -7.37
C LYS E 211 31.89 47.91 -7.54
N VAL E 212 33.08 47.53 -7.97
CA VAL E 212 34.19 48.48 -8.12
C VAL E 212 34.67 48.59 -9.56
N ASP E 213 34.73 49.81 -10.06
CA ASP E 213 35.25 50.07 -11.41
C ASP E 213 36.67 50.61 -11.32
N LYS E 214 37.49 50.28 -12.32
CA LYS E 214 38.87 50.75 -12.37
C LYS E 214 39.38 50.81 -13.80
N SER F 2 42.54 -0.44 -6.08
CA SER F 2 41.38 -0.99 -6.77
C SER F 2 41.01 -0.14 -7.97
N VAL F 3 41.91 -0.04 -8.93
CA VAL F 3 41.67 0.76 -10.12
C VAL F 3 41.99 -0.01 -11.40
N LEU F 4 41.24 0.31 -12.46
CA LEU F 4 41.51 -0.27 -13.78
C LEU F 4 42.45 0.65 -14.55
N THR F 5 43.25 0.07 -15.44
CA THR F 5 44.27 0.83 -16.14
C THR F 5 43.86 1.19 -17.56
N GLN F 6 43.70 2.50 -17.81
CA GLN F 6 43.40 3.02 -19.14
C GLN F 6 44.54 3.89 -19.63
N PRO F 7 44.68 4.01 -20.96
CA PRO F 7 45.62 5.00 -21.51
C PRO F 7 45.10 6.41 -21.25
N PRO F 8 45.98 7.30 -20.77
CA PRO F 8 45.58 8.66 -20.39
C PRO F 8 45.01 9.48 -21.55
N SER F 9 45.46 9.21 -22.77
CA SER F 9 45.02 9.99 -23.93
C SER F 9 44.81 9.12 -25.16
N ALA F 10 43.97 9.62 -26.07
CA ALA F 10 43.71 8.95 -27.33
C ALA F 10 43.33 10.00 -28.38
N SER F 11 43.82 9.84 -29.60
CA SER F 11 43.59 10.84 -30.64
C SER F 11 43.19 10.20 -31.97
N GLY F 12 42.54 10.98 -32.82
CA GLY F 12 42.13 10.51 -34.13
C GLY F 12 41.55 11.61 -34.99
N THR F 13 41.27 11.28 -36.25
CA THR F 13 40.70 12.23 -37.20
C THR F 13 39.28 11.79 -37.59
N PRO F 14 38.41 12.76 -37.92
CA PRO F 14 37.01 12.49 -38.28
C PRO F 14 36.85 11.39 -39.33
N GLY F 15 36.56 10.17 -38.86
CA GLY F 15 36.37 9.04 -39.74
C GLY F 15 37.37 7.92 -39.50
N GLN F 16 38.15 8.06 -38.43
CA GLN F 16 39.19 7.09 -38.10
C GLN F 16 38.77 6.19 -36.93
N ARG F 17 39.29 4.97 -36.92
CA ARG F 17 39.00 4.03 -35.84
C ARG F 17 40.05 4.13 -34.73
N VAL F 18 39.60 4.34 -33.50
CA VAL F 18 40.49 4.39 -32.34
C VAL F 18 40.11 3.30 -31.34
N THR F 19 41.08 2.90 -30.52
CA THR F 19 40.85 1.86 -29.53
C THR F 19 41.28 2.30 -28.13
N ILE F 20 40.46 1.97 -27.14
CA ILE F 20 40.78 2.29 -25.74
C ILE F 20 40.78 1.02 -24.90
N SER F 21 41.98 0.53 -24.59
CA SER F 21 42.12 -0.69 -23.80
C SER F 21 41.87 -0.41 -22.32
N CYS F 22 41.59 -1.46 -21.56
CA CYS F 22 41.35 -1.34 -20.13
C CYS F 22 41.85 -2.57 -19.38
N SER F 23 42.96 -2.40 -18.66
CA SER F 23 43.54 -3.50 -17.89
C SER F 23 42.81 -3.68 -16.56
N GLY F 24 42.94 -4.87 -15.98
CA GLY F 24 42.29 -5.17 -14.72
C GLY F 24 42.86 -6.41 -14.06
N SER F 25 42.09 -7.00 -13.16
CA SER F 25 42.51 -8.19 -12.45
C SER F 25 41.41 -9.23 -12.39
N LEU F 26 41.71 -10.41 -11.87
CA LEU F 26 40.74 -11.47 -11.71
C LEU F 26 39.68 -11.08 -10.69
N SER F 27 40.08 -10.23 -9.74
CA SER F 27 39.19 -9.77 -8.68
C SER F 27 38.05 -8.92 -9.22
N ASN F 28 38.34 -8.13 -10.23
CA ASN F 28 37.34 -7.22 -10.81
C ASN F 28 36.83 -7.70 -12.17
N ILE F 29 37.56 -7.36 -13.23
CA ILE F 29 37.14 -7.68 -14.59
C ILE F 29 37.02 -9.19 -14.81
N GLY F 30 37.96 -9.95 -14.27
CA GLY F 30 38.01 -11.39 -14.48
C GLY F 30 36.77 -12.16 -14.06
N LEU F 31 35.98 -11.58 -13.17
CA LEU F 31 34.79 -12.27 -12.66
C LEU F 31 33.54 -11.39 -12.72
N ASN F 32 33.64 -10.22 -13.34
CA ASN F 32 32.50 -9.32 -13.44
C ASN F 32 32.37 -8.70 -14.84
N TYR F 33 31.20 -8.11 -15.10
CA TYR F 33 30.95 -7.43 -16.37
C TYR F 33 31.74 -6.14 -16.47
N VAL F 34 32.09 -5.75 -17.69
CA VAL F 34 32.81 -4.50 -17.92
C VAL F 34 31.88 -3.46 -18.53
N SER F 35 31.92 -2.25 -18.00
CA SER F 35 31.07 -1.18 -18.51
C SER F 35 31.85 0.09 -18.82
N TRP F 36 31.48 0.76 -19.90
CA TRP F 36 32.13 2.00 -20.30
C TRP F 36 31.21 3.19 -20.09
N TYR F 37 31.79 4.33 -19.72
CA TYR F 37 31.00 5.53 -19.46
C TYR F 37 31.59 6.76 -20.17
N GLN F 38 30.76 7.39 -21.00
CA GLN F 38 31.18 8.58 -21.73
C GLN F 38 30.79 9.84 -20.98
N GLN F 39 31.71 10.80 -20.89
CA GLN F 39 31.44 12.06 -20.21
C GLN F 39 31.83 13.26 -21.06
N LEU F 40 30.84 13.85 -21.72
CA LEU F 40 31.04 15.08 -22.48
C LEU F 40 31.44 16.21 -21.54
N PRO F 41 32.29 17.13 -22.03
CA PRO F 41 32.78 18.27 -21.23
C PRO F 41 31.66 19.08 -20.59
N GLY F 42 31.67 19.17 -19.26
CA GLY F 42 30.70 19.97 -18.54
C GLY F 42 29.40 19.24 -18.28
N THR F 43 29.41 17.92 -18.49
CA THR F 43 28.21 17.11 -18.28
C THR F 43 28.48 15.94 -17.35
N ALA F 44 27.40 15.29 -16.92
CA ALA F 44 27.50 14.09 -16.11
C ALA F 44 27.74 12.88 -17.01
N PRO F 45 28.52 11.90 -16.53
CA PRO F 45 28.80 10.70 -17.34
C PRO F 45 27.57 9.83 -17.53
N LYS F 46 27.43 9.25 -18.71
CA LYS F 46 26.30 8.38 -19.01
C LYS F 46 26.78 6.99 -19.42
N LEU F 47 25.87 6.02 -19.39
CA LEU F 47 26.20 4.66 -19.76
C LEU F 47 26.35 4.50 -21.27
N LEU F 48 27.57 4.18 -21.70
CA LEU F 48 27.86 3.96 -23.12
C LEU F 48 27.84 2.47 -23.44
N ILE F 49 28.60 1.69 -22.68
CA ILE F 49 28.67 0.25 -22.85
C ILE F 49 28.32 -0.45 -21.54
N SER F 50 27.42 -1.42 -21.60
CA SER F 50 27.06 -2.19 -20.42
C SER F 50 27.21 -3.68 -20.69
N ARG F 51 27.57 -4.43 -19.66
CA ARG F 51 27.73 -5.88 -19.74
C ARG F 51 28.62 -6.29 -20.92
N ASN F 52 29.87 -5.83 -20.87
CA ASN F 52 30.92 -6.18 -21.84
C ASN F 52 30.72 -5.62 -23.26
N ASN F 53 29.54 -5.78 -23.84
CA ASN F 53 29.37 -5.39 -25.24
C ASN F 53 27.98 -4.87 -25.64
N GLN F 54 27.11 -4.63 -24.66
CA GLN F 54 25.75 -4.19 -24.96
C GLN F 54 25.64 -2.67 -25.06
N ARG F 55 24.84 -2.20 -26.02
CA ARG F 55 24.61 -0.78 -26.23
C ARG F 55 23.14 -0.42 -26.01
N PRO F 56 22.89 0.61 -25.18
CA PRO F 56 21.53 1.09 -24.94
C PRO F 56 20.96 1.85 -26.14
N SER F 57 19.64 1.99 -26.19
CA SER F 57 18.99 2.72 -27.28
C SER F 57 19.43 4.17 -27.29
N GLY F 58 20.43 4.48 -28.11
CA GLY F 58 20.97 5.82 -28.20
C GLY F 58 22.44 5.79 -28.59
N VAL F 59 23.09 4.67 -28.27
CA VAL F 59 24.48 4.47 -28.64
C VAL F 59 24.57 3.76 -29.99
N PRO F 60 25.21 4.42 -30.97
CA PRO F 60 25.32 3.90 -32.34
C PRO F 60 26.19 2.66 -32.44
N ASP F 61 26.14 1.99 -33.59
CA ASP F 61 26.89 0.76 -33.82
C ASP F 61 28.39 1.03 -33.96
N ARG F 62 28.76 2.31 -33.99
CA ARG F 62 30.16 2.71 -34.07
C ARG F 62 30.94 2.22 -32.87
N PHE F 63 30.41 2.49 -31.67
CA PHE F 63 31.03 2.05 -30.44
C PHE F 63 30.87 0.55 -30.27
N SER F 64 31.92 -0.11 -29.81
CA SER F 64 31.89 -1.57 -29.62
C SER F 64 32.90 -2.01 -28.57
N GLY F 65 32.40 -2.47 -27.44
CA GLY F 65 33.24 -2.93 -26.35
C GLY F 65 33.44 -4.43 -26.37
N SER F 66 34.60 -4.88 -25.89
CA SER F 66 34.91 -6.30 -25.85
C SER F 66 35.65 -6.65 -24.57
N LYS F 67 35.62 -7.93 -24.20
CA LYS F 67 36.28 -8.40 -23.00
C LYS F 67 36.97 -9.74 -23.21
N SER F 68 38.23 -9.84 -22.84
CA SER F 68 38.99 -11.07 -22.99
C SER F 68 39.93 -11.28 -21.79
N GLY F 69 39.48 -12.10 -20.85
CA GLY F 69 40.27 -12.37 -19.65
C GLY F 69 40.13 -11.27 -18.62
N THR F 70 41.27 -10.78 -18.14
CA THR F 70 41.29 -9.72 -17.15
C THR F 70 41.55 -8.36 -17.80
N SER F 71 41.04 -8.19 -19.01
CA SER F 71 41.20 -6.94 -19.75
C SER F 71 40.02 -6.69 -20.68
N ALA F 72 39.83 -5.42 -21.04
CA ALA F 72 38.72 -5.04 -21.91
C ALA F 72 39.10 -3.89 -22.83
N SER F 73 38.35 -3.73 -23.92
CA SER F 73 38.66 -2.69 -24.90
C SER F 73 37.41 -1.94 -25.36
N LEU F 74 37.61 -0.70 -25.80
CA LEU F 74 36.53 0.11 -26.35
C LEU F 74 36.92 0.61 -27.73
N ALA F 75 36.27 0.09 -28.76
CA ALA F 75 36.57 0.47 -30.13
C ALA F 75 35.55 1.47 -30.66
N ILE F 76 36.04 2.54 -31.27
CA ILE F 76 35.18 3.56 -31.87
C ILE F 76 35.45 3.68 -33.36
N SER F 77 34.73 2.91 -34.17
CA SER F 77 34.91 2.93 -35.61
C SER F 77 34.07 4.03 -36.25
N GLY F 78 34.73 5.00 -36.87
CA GLY F 78 34.05 6.14 -37.46
C GLY F 78 34.00 7.29 -36.48
N LEU F 79 35.16 7.88 -36.21
CA LEU F 79 35.27 8.95 -35.23
C LEU F 79 34.60 10.22 -35.71
N ARG F 80 33.94 10.91 -34.79
CA ARG F 80 33.27 12.17 -35.09
C ARG F 80 33.65 13.23 -34.07
N SER F 81 33.40 14.50 -34.42
CA SER F 81 33.76 15.61 -33.55
C SER F 81 32.87 15.70 -32.31
N GLU F 82 31.89 14.81 -32.23
CA GLU F 82 30.99 14.75 -31.08
C GLU F 82 31.44 13.67 -30.10
N ASP F 83 32.46 12.91 -30.48
CA ASP F 83 32.99 11.85 -29.63
C ASP F 83 34.08 12.37 -28.71
N GLU F 84 34.39 13.65 -28.85
CA GLU F 84 35.44 14.27 -28.04
C GLU F 84 35.00 14.40 -26.58
N ALA F 85 35.41 13.45 -25.76
CA ALA F 85 35.04 13.43 -24.35
C ALA F 85 35.95 12.51 -23.53
N ASP F 86 35.63 12.37 -22.24
CA ASP F 86 36.37 11.48 -21.36
C ASP F 86 35.72 10.10 -21.33
N TYR F 87 36.54 9.05 -21.42
CA TYR F 87 36.03 7.68 -21.42
C TYR F 87 36.57 6.88 -20.24
N TYR F 88 35.67 6.49 -19.34
CA TYR F 88 36.05 5.69 -18.17
C TYR F 88 35.53 4.26 -18.30
N CYS F 89 36.32 3.31 -17.82
CA CYS F 89 35.87 1.92 -17.75
C CYS F 89 35.67 1.53 -16.30
N ALA F 90 34.68 0.68 -16.04
CA ALA F 90 34.39 0.26 -14.67
C ALA F 90 34.05 -1.23 -14.60
N ALA F 91 34.32 -1.82 -13.44
CA ALA F 91 34.01 -3.23 -13.21
C ALA F 91 33.84 -3.50 -11.72
N TRP F 92 32.87 -4.34 -11.39
CA TRP F 92 32.63 -4.72 -10.00
C TRP F 92 33.82 -5.49 -9.44
N ASP F 93 34.26 -5.14 -8.24
CA ASP F 93 35.41 -5.82 -7.64
C ASP F 93 34.96 -6.70 -6.47
N ASP F 94 35.55 -7.89 -6.38
CA ASP F 94 35.13 -8.87 -5.39
C ASP F 94 35.90 -8.78 -4.07
N SER F 95 37.16 -9.19 -4.09
CA SER F 95 37.95 -9.28 -2.86
C SER F 95 38.04 -7.95 -2.11
N PRO F 96 38.20 -6.83 -2.84
CA PRO F 96 37.84 -5.57 -2.18
C PRO F 96 36.47 -5.10 -2.67
N PRO F 97 35.40 -5.43 -1.92
CA PRO F 97 34.02 -5.15 -2.32
C PRO F 97 33.79 -3.71 -2.71
N GLY F 98 33.74 -3.45 -4.01
CA GLY F 98 33.52 -2.11 -4.52
C GLY F 98 33.58 -2.06 -6.03
N GLU F 99 33.54 -0.84 -6.57
CA GLU F 99 33.61 -0.66 -8.01
C GLU F 99 34.99 -0.23 -8.45
N ALA F 100 35.58 -0.97 -9.38
CA ALA F 100 36.91 -0.66 -9.89
C ALA F 100 36.82 0.24 -11.12
N PHE F 101 37.12 1.52 -10.94
CA PHE F 101 37.08 2.47 -12.04
C PHE F 101 38.42 2.60 -12.74
N GLY F 102 38.41 3.19 -13.93
CA GLY F 102 39.62 3.44 -14.68
C GLY F 102 40.14 4.84 -14.42
N GLY F 103 41.41 5.07 -14.77
CA GLY F 103 42.02 6.37 -14.59
C GLY F 103 41.38 7.43 -15.46
N GLY F 104 40.93 7.02 -16.64
CA GLY F 104 40.29 7.93 -17.57
C GLY F 104 41.06 8.11 -18.85
N THR F 105 40.34 8.11 -19.98
CA THR F 105 40.95 8.31 -21.27
C THR F 105 40.38 9.55 -21.95
N LYS F 106 41.25 10.48 -22.32
CA LYS F 106 40.80 11.72 -22.93
C LYS F 106 40.92 11.67 -24.45
N LEU F 107 39.82 11.33 -25.11
CA LEU F 107 39.80 11.22 -26.57
C LEU F 107 39.76 12.59 -27.22
N THR F 108 40.78 12.89 -28.02
CA THR F 108 40.86 14.17 -28.71
C THR F 108 40.60 14.01 -30.21
N VAL F 109 39.53 14.62 -30.68
CA VAL F 109 39.19 14.59 -32.10
C VAL F 109 39.74 15.83 -32.80
N LEU F 110 40.69 15.62 -33.70
CA LEU F 110 41.37 16.71 -34.38
C LEU F 110 40.50 17.30 -35.50
N GLY F 111 40.96 17.14 -36.74
CA GLY F 111 40.22 17.66 -37.89
C GLY F 111 40.58 19.11 -38.20
N GLN F 112 40.63 19.94 -37.16
CA GLN F 112 40.97 21.34 -37.32
C GLN F 112 42.46 21.50 -37.60
N PRO F 113 42.83 22.51 -38.41
CA PRO F 113 44.24 22.77 -38.72
C PRO F 113 45.02 23.23 -37.51
N LYS F 114 46.27 22.80 -37.40
CA LYS F 114 47.12 23.16 -36.27
C LYS F 114 47.39 24.66 -36.24
N ALA F 115 47.16 25.28 -35.08
CA ALA F 115 47.34 26.72 -34.93
C ALA F 115 48.29 27.04 -33.77
N ALA F 116 49.05 28.12 -33.94
CA ALA F 116 49.97 28.58 -32.90
C ALA F 116 49.32 29.62 -32.00
N PRO F 117 49.54 29.50 -30.69
CA PRO F 117 48.93 30.41 -29.70
C PRO F 117 49.52 31.82 -29.75
N SER F 118 48.64 32.82 -29.70
CA SER F 118 49.07 34.22 -29.68
C SER F 118 49.27 34.70 -28.25
N VAL F 119 50.53 34.72 -27.80
CA VAL F 119 50.85 35.07 -26.42
C VAL F 119 50.84 36.58 -26.21
N THR F 120 50.18 37.01 -25.13
CA THR F 120 50.16 38.42 -24.75
C THR F 120 50.52 38.57 -23.27
N LEU F 121 51.72 39.09 -23.02
CA LEU F 121 52.23 39.22 -21.66
C LEU F 121 52.14 40.65 -21.15
N PHE F 122 51.62 40.81 -19.94
CA PHE F 122 51.50 42.12 -19.31
C PHE F 122 52.44 42.26 -18.11
N PRO F 123 53.36 43.23 -18.15
CA PRO F 123 54.22 43.54 -17.02
C PRO F 123 53.41 43.99 -15.81
N PRO F 124 53.89 43.69 -14.59
CA PRO F 124 53.25 44.04 -13.31
C PRO F 124 52.61 45.42 -13.32
N SER F 125 51.37 45.49 -12.85
CA SER F 125 50.62 46.75 -12.84
C SER F 125 51.29 47.79 -11.95
N SER F 126 51.33 49.03 -12.43
CA SER F 126 51.94 50.12 -11.67
C SER F 126 51.17 50.40 -10.39
N GLU F 127 49.85 50.26 -10.46
CA GLU F 127 49.00 50.41 -9.29
C GLU F 127 49.21 49.26 -8.33
N GLU F 128 49.55 48.10 -8.88
CA GLU F 128 49.84 46.91 -8.08
C GLU F 128 51.23 46.99 -7.48
N LEU F 129 52.17 47.53 -8.26
CA LEU F 129 53.57 47.64 -7.84
C LEU F 129 53.71 48.51 -6.59
N GLN F 130 52.77 49.43 -6.40
CA GLN F 130 52.77 50.29 -5.21
C GLN F 130 51.94 49.68 -4.09
N ALA F 131 51.60 48.41 -4.25
CA ALA F 131 50.78 47.72 -3.25
C ALA F 131 51.46 46.43 -2.77
N ASN F 132 52.78 46.48 -2.60
CA ASN F 132 53.57 45.36 -2.08
C ASN F 132 53.41 44.07 -2.89
N LYS F 133 53.14 44.21 -4.19
CA LYS F 133 52.99 43.04 -5.05
C LYS F 133 53.30 43.40 -6.50
N ALA F 134 53.56 42.38 -7.32
CA ALA F 134 53.89 42.59 -8.72
C ALA F 134 53.69 41.32 -9.54
N THR F 135 52.47 40.82 -9.58
CA THR F 135 52.17 39.58 -10.29
C THR F 135 52.19 39.77 -11.81
N LEU F 136 52.62 38.72 -12.51
CA LEU F 136 52.67 38.73 -13.97
C LEU F 136 51.41 38.12 -14.58
N VAL F 137 50.99 38.67 -15.71
CA VAL F 137 49.80 38.17 -16.41
C VAL F 137 50.14 37.72 -17.83
N CYS F 138 50.19 36.41 -18.04
CA CYS F 138 50.47 35.84 -19.35
C CYS F 138 49.22 35.22 -19.94
N LEU F 139 48.71 35.82 -21.02
CA LEU F 139 47.46 35.38 -21.63
C LEU F 139 47.71 34.59 -22.92
N ILE F 140 47.17 33.38 -22.97
CA ILE F 140 47.32 32.51 -24.13
C ILE F 140 45.99 32.38 -24.88
N SER F 141 46.01 32.60 -26.18
CA SER F 141 44.78 32.59 -26.96
C SER F 141 44.95 31.95 -28.35
N ASP F 142 43.88 31.34 -28.82
CA ASP F 142 43.80 30.77 -30.18
C ASP F 142 44.88 29.74 -30.48
N PHE F 143 44.60 28.49 -30.15
CA PHE F 143 45.50 27.38 -30.50
C PHE F 143 44.74 26.07 -30.57
N TYR F 144 45.30 25.11 -31.32
CA TYR F 144 44.66 23.81 -31.48
C TYR F 144 45.71 22.75 -31.82
N PRO F 145 45.65 21.59 -31.15
CA PRO F 145 44.66 21.21 -30.14
C PRO F 145 44.94 21.83 -28.76
N GLY F 146 43.92 21.85 -27.90
CA GLY F 146 44.04 22.46 -26.60
C GLY F 146 45.03 21.77 -25.67
N ALA F 147 46.30 22.09 -25.85
CA ALA F 147 47.36 21.51 -25.03
C ALA F 147 48.61 22.41 -25.05
N VAL F 148 48.73 23.26 -24.04
CA VAL F 148 49.87 24.17 -23.95
C VAL F 148 50.49 24.17 -22.56
N THR F 149 51.79 23.96 -22.50
CA THR F 149 52.54 24.02 -21.24
C THR F 149 53.43 25.26 -21.21
N VAL F 150 53.34 26.01 -20.12
CA VAL F 150 54.11 27.24 -19.97
C VAL F 150 55.37 27.02 -19.12
N GLU F 164 50.78 29.75 -10.91
CA GLU F 164 49.61 28.95 -11.25
C GLU F 164 49.23 29.13 -12.72
N THR F 165 48.64 28.09 -13.30
CA THR F 165 48.27 28.13 -14.71
C THR F 165 46.94 27.41 -14.95
N THR F 166 46.04 28.05 -15.69
CA THR F 166 44.75 27.47 -16.00
C THR F 166 44.86 26.31 -16.99
N THR F 167 43.79 25.53 -17.09
CA THR F 167 43.68 24.49 -18.09
C THR F 167 43.16 25.10 -19.38
N PRO F 168 43.56 24.53 -20.54
CA PRO F 168 43.11 25.01 -21.85
C PRO F 168 41.59 25.12 -21.95
N SER F 169 41.09 26.32 -22.21
CA SER F 169 39.65 26.56 -22.27
C SER F 169 39.15 26.70 -23.70
N LYS F 170 38.18 25.88 -24.08
CA LYS F 170 37.60 25.91 -25.41
C LYS F 170 36.80 27.18 -25.63
N GLN F 171 37.17 27.94 -26.66
CA GLN F 171 36.48 29.19 -26.98
C GLN F 171 35.26 28.93 -27.86
N SER F 172 34.61 30.01 -28.27
CA SER F 172 33.50 29.92 -29.20
C SER F 172 34.02 29.89 -30.63
N ASN F 173 35.32 30.12 -30.77
CA ASN F 173 35.99 30.12 -32.06
C ASN F 173 36.50 28.71 -32.40
N ASN F 174 35.98 27.73 -31.69
CA ASN F 174 36.38 26.32 -31.84
C ASN F 174 37.86 26.09 -31.56
N LYS F 175 38.52 27.10 -30.99
CA LYS F 175 39.92 27.00 -30.60
C LYS F 175 40.02 26.93 -29.09
N TYR F 176 41.22 27.13 -28.56
CA TYR F 176 41.44 27.07 -27.12
C TYR F 176 42.21 28.28 -26.59
N ALA F 177 42.04 28.54 -25.31
CA ALA F 177 42.73 29.65 -24.65
C ALA F 177 43.25 29.23 -23.29
N ALA F 178 44.20 29.99 -22.75
CA ALA F 178 44.78 29.70 -21.46
C ALA F 178 45.36 30.95 -20.82
N SER F 179 45.79 30.83 -19.57
CA SER F 179 46.39 31.96 -18.86
C SER F 179 47.28 31.47 -17.71
N SER F 180 48.45 32.10 -17.58
CA SER F 180 49.38 31.74 -16.52
C SER F 180 49.78 32.96 -15.69
N TYR F 181 49.73 32.80 -14.37
CA TYR F 181 50.08 33.89 -13.47
C TYR F 181 51.36 33.58 -12.71
N LEU F 182 52.09 34.63 -12.31
CA LEU F 182 53.33 34.47 -11.56
C LEU F 182 53.38 35.43 -10.37
N SER F 183 53.05 34.92 -9.19
CA SER F 183 53.11 35.71 -7.97
C SER F 183 54.56 35.83 -7.50
N LEU F 184 54.98 37.06 -7.22
CA LEU F 184 56.35 37.31 -6.79
C LEU F 184 56.46 38.53 -5.89
N THR F 185 57.69 38.87 -5.51
CA THR F 185 57.93 40.03 -4.65
C THR F 185 58.52 41.18 -5.47
N PRO F 186 58.08 42.41 -5.19
CA PRO F 186 58.53 43.62 -5.90
C PRO F 186 60.05 43.80 -5.86
N GLU F 187 60.70 43.31 -4.81
CA GLU F 187 62.15 43.39 -4.69
C GLU F 187 62.83 42.46 -5.69
N GLN F 188 62.27 41.27 -5.85
CA GLN F 188 62.81 40.29 -6.78
C GLN F 188 62.36 40.57 -8.21
N TRP F 189 61.42 41.51 -8.35
CA TRP F 189 60.93 41.91 -9.67
C TRP F 189 61.97 42.71 -10.43
N LYS F 190 62.67 43.59 -9.73
CA LYS F 190 63.72 44.40 -10.35
C LYS F 190 65.11 43.94 -9.96
N SER F 191 65.21 42.69 -9.53
CA SER F 191 66.51 42.06 -9.30
C SER F 191 67.09 41.61 -10.62
N HIS F 192 66.22 41.46 -11.62
CA HIS F 192 66.61 41.10 -12.97
C HIS F 192 65.90 42.00 -13.98
N ARG F 193 66.66 42.51 -14.95
CA ARG F 193 66.09 43.40 -15.95
C ARG F 193 65.34 42.62 -17.02
N VAL F 199 55.54 29.45 -23.01
CA VAL F 199 54.42 28.91 -23.76
C VAL F 199 54.89 27.97 -24.86
N THR F 200 54.52 26.69 -24.73
CA THR F 200 54.91 25.68 -25.70
C THR F 200 53.69 25.02 -26.33
N HIS F 201 53.80 24.67 -27.60
CA HIS F 201 52.70 24.05 -28.32
C HIS F 201 53.22 23.04 -29.36
N GLU F 202 54.06 22.12 -28.89
CA GLU F 202 54.67 21.10 -29.74
C GLU F 202 55.38 21.73 -30.95
N GLY F 203 56.43 22.49 -30.68
CA GLY F 203 57.17 23.18 -31.72
C GLY F 203 57.20 24.67 -31.51
N SER F 204 57.37 25.08 -30.26
CA SER F 204 57.40 26.50 -29.91
C SER F 204 58.69 27.15 -30.37
N GLU G 1 -3.73 -17.39 -1.17
CA GLU G 1 -4.40 -18.49 -1.83
C GLU G 1 -5.14 -18.03 -3.08
N VAL G 2 -4.84 -18.66 -4.21
CA VAL G 2 -5.50 -18.32 -5.46
C VAL G 2 -6.77 -19.16 -5.64
N GLN G 3 -7.88 -18.49 -5.98
CA GLN G 3 -9.19 -19.13 -5.96
C GLN G 3 -10.22 -18.43 -6.84
N LEU G 4 -11.08 -19.22 -7.47
CA LEU G 4 -12.24 -18.68 -8.19
C LEU G 4 -13.52 -19.06 -7.45
N LEU G 5 -14.16 -18.06 -6.85
CA LEU G 5 -15.35 -18.28 -6.04
C LEU G 5 -16.63 -17.90 -6.78
N GLU G 6 -17.34 -18.90 -7.27
CA GLU G 6 -18.56 -18.65 -8.05
C GLU G 6 -19.82 -18.89 -7.22
N SER G 7 -20.87 -18.14 -7.52
CA SER G 7 -22.14 -18.25 -6.80
C SER G 7 -23.29 -17.63 -7.59
N GLY G 8 -24.51 -17.81 -7.09
CA GLY G 8 -25.68 -17.22 -7.70
C GLY G 8 -26.56 -18.20 -8.46
N GLY G 9 -26.38 -19.49 -8.19
CA GLY G 9 -27.17 -20.51 -8.84
C GLY G 9 -28.30 -21.00 -7.96
N GLY G 10 -29.02 -22.01 -8.42
CA GLY G 10 -30.11 -22.58 -7.65
C GLY G 10 -31.27 -23.10 -8.49
N LEU G 11 -32.44 -23.17 -7.88
CA LEU G 11 -33.63 -23.68 -8.55
C LEU G 11 -34.47 -22.53 -9.12
N VAL G 12 -34.97 -22.71 -10.33
CA VAL G 12 -35.72 -21.66 -11.01
C VAL G 12 -36.64 -22.26 -12.09
N GLN G 13 -37.83 -21.67 -12.24
CA GLN G 13 -38.76 -22.09 -13.27
C GLN G 13 -38.23 -21.73 -14.66
N PRO G 14 -38.62 -22.49 -15.69
CA PRO G 14 -38.26 -22.17 -17.07
C PRO G 14 -38.76 -20.80 -17.49
N GLY G 15 -37.95 -20.08 -18.27
CA GLY G 15 -38.29 -18.73 -18.70
C GLY G 15 -37.79 -17.71 -17.71
N GLY G 16 -37.35 -18.18 -16.54
CA GLY G 16 -36.85 -17.31 -15.50
C GLY G 16 -35.45 -16.80 -15.81
N SER G 17 -34.79 -16.24 -14.80
CA SER G 17 -33.45 -15.68 -14.99
C SER G 17 -32.58 -15.86 -13.76
N LEU G 18 -31.28 -16.10 -13.99
CA LEU G 18 -30.31 -16.21 -12.92
C LEU G 18 -29.05 -15.42 -13.25
N ARG G 19 -28.37 -14.93 -12.23
CA ARG G 19 -27.13 -14.20 -12.42
C ARG G 19 -26.00 -14.86 -11.64
N LEU G 20 -25.03 -15.40 -12.36
CA LEU G 20 -23.91 -16.12 -11.75
C LEU G 20 -22.70 -15.22 -11.55
N SER G 21 -22.11 -15.29 -10.36
CA SER G 21 -20.90 -14.55 -10.04
C SER G 21 -19.68 -15.45 -10.09
N CYS G 22 -18.50 -14.84 -9.99
CA CYS G 22 -17.26 -15.57 -9.94
C CYS G 22 -16.14 -14.69 -9.40
N ALA G 23 -16.00 -14.64 -8.09
CA ALA G 23 -15.01 -13.80 -7.44
C ALA G 23 -13.61 -14.39 -7.55
N ALA G 24 -12.67 -13.59 -8.04
CA ALA G 24 -11.30 -14.03 -8.23
C ALA G 24 -10.37 -13.42 -7.17
N SER G 25 -9.59 -14.29 -6.54
CA SER G 25 -8.62 -13.85 -5.53
C SER G 25 -7.33 -14.64 -5.66
N GLY G 26 -6.20 -13.98 -5.45
CA GLY G 26 -4.92 -14.65 -5.52
C GLY G 26 -4.16 -14.38 -6.81
N PHE G 27 -4.81 -13.68 -7.74
CA PHE G 27 -4.17 -13.33 -9.00
C PHE G 27 -4.78 -12.07 -9.59
N THR G 28 -4.11 -11.51 -10.59
CA THR G 28 -4.59 -10.31 -11.28
C THR G 28 -5.71 -10.68 -12.25
N PHE G 29 -6.93 -10.30 -11.91
CA PHE G 29 -8.10 -10.67 -12.67
C PHE G 29 -8.13 -9.97 -14.03
N SER G 30 -7.55 -8.78 -14.10
CA SER G 30 -7.62 -7.96 -15.30
C SER G 30 -6.68 -8.42 -16.41
N TYR G 31 -5.75 -9.31 -16.08
CA TYR G 31 -4.74 -9.75 -17.04
C TYR G 31 -5.14 -11.01 -17.80
N TYR G 32 -6.20 -11.67 -17.34
CA TYR G 32 -6.55 -12.98 -17.88
C TYR G 32 -7.92 -13.01 -18.56
N TYR G 33 -8.06 -13.90 -19.55
CA TYR G 33 -9.35 -14.20 -20.13
C TYR G 33 -10.13 -15.10 -19.17
N MET G 34 -11.45 -14.98 -19.17
CA MET G 34 -12.29 -15.79 -18.29
C MET G 34 -13.33 -16.56 -19.07
N GLN G 35 -13.71 -17.73 -18.56
CA GLN G 35 -14.63 -18.61 -19.28
C GLN G 35 -15.73 -19.17 -18.39
N TRP G 36 -16.84 -19.54 -19.01
CA TRP G 36 -17.93 -20.26 -18.35
C TRP G 36 -18.12 -21.63 -18.98
N VAL G 37 -18.05 -22.66 -18.15
CA VAL G 37 -18.23 -24.03 -18.62
C VAL G 37 -19.25 -24.77 -17.75
N ARG G 38 -20.28 -25.31 -18.37
CA ARG G 38 -21.32 -26.02 -17.63
C ARG G 38 -21.24 -27.53 -17.87
N GLN G 39 -21.84 -28.30 -16.96
CA GLN G 39 -21.86 -29.75 -17.09
C GLN G 39 -23.20 -30.32 -16.60
N ALA G 40 -24.00 -30.81 -17.53
CA ALA G 40 -25.29 -31.40 -17.21
C ALA G 40 -25.11 -32.73 -16.50
N PRO G 41 -26.05 -33.07 -15.59
CA PRO G 41 -26.01 -34.33 -14.84
C PRO G 41 -25.90 -35.55 -15.75
N GLY G 42 -24.81 -36.30 -15.63
CA GLY G 42 -24.59 -37.47 -16.45
C GLY G 42 -24.07 -37.14 -17.83
N LYS G 43 -23.71 -35.87 -18.03
CA LYS G 43 -23.18 -35.42 -19.32
C LYS G 43 -21.76 -34.89 -19.18
N GLY G 44 -21.11 -34.66 -20.31
CA GLY G 44 -19.74 -34.17 -20.32
C GLY G 44 -19.65 -32.67 -20.17
N LEU G 45 -18.46 -32.13 -20.38
CA LEU G 45 -18.24 -30.69 -20.26
C LEU G 45 -18.72 -29.95 -21.50
N GLU G 46 -19.49 -28.89 -21.29
CA GLU G 46 -19.99 -28.07 -22.39
C GLU G 46 -19.54 -26.63 -22.23
N TRP G 47 -18.83 -26.12 -23.24
CA TRP G 47 -18.38 -24.73 -23.21
C TRP G 47 -19.55 -23.79 -23.45
N VAL G 48 -19.68 -22.78 -22.59
CA VAL G 48 -20.77 -21.81 -22.70
C VAL G 48 -20.31 -20.52 -23.34
N SER G 49 -19.35 -19.85 -22.71
CA SER G 49 -18.88 -18.55 -23.19
C SER G 49 -17.50 -18.21 -22.65
N TYR G 50 -16.90 -17.16 -23.21
CA TYR G 50 -15.64 -16.62 -22.71
C TYR G 50 -15.55 -15.14 -23.02
N ILE G 51 -14.73 -14.43 -22.25
CA ILE G 51 -14.59 -12.99 -22.41
C ILE G 51 -13.13 -12.57 -22.36
N GLY G 52 -12.79 -11.48 -23.05
CA GLY G 52 -11.42 -10.98 -23.08
C GLY G 52 -10.98 -10.35 -21.77
N SER G 53 -9.70 -10.06 -21.67
CA SER G 53 -9.11 -9.45 -20.48
C SER G 53 -9.74 -8.08 -20.17
N SER G 54 -9.85 -7.26 -21.21
CA SER G 54 -10.41 -5.91 -21.08
C SER G 54 -11.91 -5.91 -21.29
N GLY G 55 -12.53 -7.09 -21.25
CA GLY G 55 -13.95 -7.22 -21.41
C GLY G 55 -14.44 -6.81 -22.79
N GLY G 56 -13.58 -6.95 -23.79
CA GLY G 56 -13.92 -6.59 -25.15
C GLY G 56 -14.48 -7.77 -25.95
N VAL G 57 -13.61 -8.75 -26.20
CA VAL G 57 -14.01 -9.93 -26.96
C VAL G 57 -15.05 -10.73 -26.19
N THR G 58 -16.13 -11.07 -26.88
CA THR G 58 -17.24 -11.78 -26.26
C THR G 58 -17.85 -12.79 -27.23
N ASN G 59 -17.77 -14.07 -26.87
CA ASN G 59 -18.31 -15.13 -27.71
C ASN G 59 -19.08 -16.17 -26.91
N TYR G 60 -20.15 -16.69 -27.50
CA TYR G 60 -21.01 -17.66 -26.83
C TYR G 60 -21.13 -18.94 -27.62
N ALA G 61 -21.85 -19.90 -27.06
CA ALA G 61 -22.21 -21.13 -27.77
C ALA G 61 -23.58 -20.96 -28.40
N ASP G 62 -23.81 -21.64 -29.52
CA ASP G 62 -25.06 -21.50 -30.26
C ASP G 62 -26.27 -21.91 -29.43
N SER G 63 -26.05 -22.79 -28.46
CA SER G 63 -27.12 -23.26 -27.60
C SER G 63 -27.54 -22.19 -26.59
N VAL G 64 -26.65 -21.24 -26.34
CA VAL G 64 -26.93 -20.18 -25.37
C VAL G 64 -26.79 -18.79 -25.99
N LYS G 65 -26.48 -18.75 -27.28
CA LYS G 65 -26.33 -17.49 -28.00
C LYS G 65 -27.65 -16.73 -28.08
N GLY G 66 -27.68 -15.55 -27.47
CA GLY G 66 -28.87 -14.73 -27.49
C GLY G 66 -29.61 -14.70 -26.17
N ARG G 67 -29.35 -15.71 -25.34
CA ARG G 67 -30.02 -15.82 -24.04
C ARG G 67 -29.07 -15.47 -22.89
N PHE G 68 -27.81 -15.87 -23.03
CA PHE G 68 -26.82 -15.62 -21.98
C PHE G 68 -25.95 -14.41 -22.32
N THR G 69 -25.48 -13.72 -21.29
CA THR G 69 -24.65 -12.54 -21.47
C THR G 69 -23.49 -12.52 -20.48
N ILE G 70 -22.29 -12.80 -20.97
CA ILE G 70 -21.10 -12.81 -20.12
C ILE G 70 -20.60 -11.39 -19.89
N SER G 71 -20.12 -11.13 -18.67
CA SER G 71 -19.64 -9.81 -18.30
C SER G 71 -18.60 -9.92 -17.18
N ARG G 72 -17.90 -8.82 -16.91
CA ARG G 72 -16.91 -8.81 -15.85
C ARG G 72 -16.69 -7.43 -15.27
N ASP G 73 -16.30 -7.39 -14.00
CA ASP G 73 -15.98 -6.15 -13.32
C ASP G 73 -14.58 -6.26 -12.73
N ASN G 74 -13.58 -5.81 -13.48
CA ASN G 74 -12.19 -5.93 -13.08
C ASN G 74 -11.85 -5.10 -11.84
N SER G 75 -12.71 -4.14 -11.52
CA SER G 75 -12.53 -3.33 -10.32
C SER G 75 -13.00 -4.08 -9.07
N LYS G 76 -13.70 -5.19 -9.29
CA LYS G 76 -14.17 -6.02 -8.19
C LYS G 76 -13.71 -7.47 -8.38
N ASN G 77 -12.94 -7.70 -9.43
CA ASN G 77 -12.36 -9.02 -9.71
C ASN G 77 -13.40 -10.13 -9.82
N THR G 78 -14.55 -9.82 -10.42
CA THR G 78 -15.63 -10.79 -10.54
C THR G 78 -16.07 -11.00 -11.99
N LEU G 79 -16.37 -12.25 -12.32
CA LEU G 79 -16.88 -12.61 -13.63
C LEU G 79 -18.38 -12.90 -13.55
N TYR G 80 -19.15 -12.34 -14.47
CA TYR G 80 -20.60 -12.51 -14.45
C TYR G 80 -21.12 -13.31 -15.65
N LEU G 81 -22.32 -13.86 -15.48
CA LEU G 81 -23.02 -14.52 -16.57
C LEU G 81 -24.52 -14.33 -16.39
N GLN G 82 -25.09 -13.40 -17.16
CA GLN G 82 -26.52 -13.12 -17.08
C GLN G 82 -27.30 -14.15 -17.90
N MET G 83 -28.03 -15.01 -17.20
CA MET G 83 -28.77 -16.08 -17.85
C MET G 83 -30.25 -15.74 -17.96
N ASN G 84 -30.71 -15.51 -19.19
CA ASN G 84 -32.11 -15.17 -19.46
C ASN G 84 -32.78 -16.24 -20.32
N SER G 85 -34.11 -16.27 -20.29
CA SER G 85 -34.91 -17.25 -21.03
C SER G 85 -34.42 -18.67 -20.74
N LEU G 86 -34.39 -19.03 -19.46
CA LEU G 86 -33.85 -20.31 -19.04
C LEU G 86 -34.71 -21.49 -19.48
N ARG G 87 -34.03 -22.56 -19.88
CA ARG G 87 -34.70 -23.79 -20.27
C ARG G 87 -34.30 -24.92 -19.34
N ALA G 88 -35.08 -26.00 -19.32
CA ALA G 88 -34.74 -27.17 -18.52
C ALA G 88 -33.49 -27.84 -19.06
N GLU G 89 -33.18 -27.54 -20.32
CA GLU G 89 -32.01 -28.07 -21.00
C GLU G 89 -30.73 -27.39 -20.49
N ASP G 90 -30.90 -26.25 -19.83
CA ASP G 90 -29.77 -25.51 -19.30
C ASP G 90 -29.40 -25.99 -17.89
N THR G 91 -30.13 -26.98 -17.39
CA THR G 91 -29.87 -27.53 -16.06
C THR G 91 -28.51 -28.20 -16.01
N ALA G 92 -27.55 -27.54 -15.39
CA ALA G 92 -26.17 -28.05 -15.35
C ALA G 92 -25.38 -27.43 -14.20
N VAL G 93 -24.14 -27.89 -14.05
CA VAL G 93 -23.22 -27.33 -13.07
C VAL G 93 -22.27 -26.35 -13.75
N TYR G 94 -22.49 -25.06 -13.53
CA TYR G 94 -21.74 -24.03 -14.24
C TYR G 94 -20.41 -23.70 -13.55
N TYR G 95 -19.31 -24.11 -14.18
CA TYR G 95 -17.98 -23.83 -13.64
C TYR G 95 -17.41 -22.52 -14.19
N CYS G 96 -16.48 -21.93 -13.45
CA CYS G 96 -15.80 -20.72 -13.87
C CYS G 96 -14.31 -20.97 -14.00
N ALA G 97 -13.76 -20.75 -15.18
CA ALA G 97 -12.36 -21.09 -15.42
C ALA G 97 -11.53 -19.88 -15.85
N ARG G 98 -10.23 -19.95 -15.60
CA ARG G 98 -9.31 -18.90 -16.03
C ARG G 98 -8.44 -19.38 -17.19
N VAL G 99 -8.30 -18.53 -18.21
CA VAL G 99 -7.41 -18.83 -19.32
C VAL G 99 -5.98 -18.46 -18.96
N GLY G 100 -5.18 -19.46 -18.62
CA GLY G 100 -3.82 -19.22 -18.20
C GLY G 100 -2.81 -19.36 -19.33
N LEU G 101 -1.60 -19.76 -18.98
CA LEU G 101 -0.52 -19.92 -19.95
C LEU G 101 -0.84 -21.02 -20.96
N GLY G 102 -0.82 -20.66 -22.24
CA GLY G 102 -1.08 -21.61 -23.30
C GLY G 102 -2.56 -21.88 -23.50
N ASP G 103 -3.39 -20.92 -23.08
CA ASP G 103 -4.84 -21.01 -23.22
C ASP G 103 -5.40 -22.23 -22.50
N ALA G 104 -4.78 -22.58 -21.38
CA ALA G 104 -5.22 -23.73 -20.59
C ALA G 104 -6.01 -23.27 -19.38
N PHE G 105 -7.08 -23.98 -19.06
CA PHE G 105 -7.90 -23.65 -17.91
C PHE G 105 -7.23 -24.16 -16.64
N ASP G 106 -6.25 -23.40 -16.15
CA ASP G 106 -5.44 -23.80 -15.01
C ASP G 106 -6.17 -23.65 -13.69
N ILE G 107 -7.15 -22.76 -13.64
CA ILE G 107 -7.93 -22.53 -12.42
C ILE G 107 -9.41 -22.63 -12.70
N TRP G 108 -10.11 -23.47 -11.92
CA TRP G 108 -11.54 -23.65 -12.08
C TRP G 108 -12.30 -23.13 -10.87
N GLY G 109 -13.63 -23.16 -10.94
CA GLY G 109 -14.46 -22.71 -9.84
C GLY G 109 -14.87 -23.84 -8.92
N GLN G 110 -15.78 -23.55 -7.99
CA GLN G 110 -16.25 -24.57 -7.06
C GLN G 110 -17.34 -25.44 -7.70
N GLY G 111 -18.33 -24.80 -8.31
CA GLY G 111 -19.39 -25.54 -8.98
C GLY G 111 -20.67 -24.78 -9.28
N THR G 112 -21.23 -24.13 -8.26
CA THR G 112 -22.57 -23.52 -8.26
C THR G 112 -23.59 -24.22 -9.18
N MET G 113 -24.38 -25.12 -8.59
CA MET G 113 -25.39 -25.88 -9.31
C MET G 113 -26.55 -25.00 -9.79
N VAL G 114 -26.97 -25.22 -11.03
CA VAL G 114 -28.13 -24.53 -11.60
C VAL G 114 -29.19 -25.52 -12.06
N THR G 115 -30.38 -25.42 -11.48
CA THR G 115 -31.47 -26.33 -11.82
C THR G 115 -32.68 -25.57 -12.36
N VAL G 116 -33.14 -25.97 -13.55
CA VAL G 116 -34.32 -25.38 -14.14
C VAL G 116 -35.42 -26.42 -14.34
N SER G 117 -36.45 -26.36 -13.50
CA SER G 117 -37.52 -27.34 -13.52
C SER G 117 -38.90 -26.68 -13.56
N SER G 118 -39.80 -27.27 -14.34
CA SER G 118 -41.18 -26.81 -14.42
C SER G 118 -42.09 -27.73 -13.62
N ALA G 119 -41.49 -28.72 -12.97
CA ALA G 119 -42.24 -29.71 -12.21
C ALA G 119 -42.89 -29.11 -10.97
N SER G 120 -43.87 -29.81 -10.43
CA SER G 120 -44.56 -29.37 -9.22
C SER G 120 -44.38 -30.40 -8.11
N THR G 121 -44.55 -29.97 -6.87
CA THR G 121 -44.44 -30.87 -5.73
C THR G 121 -45.63 -31.83 -5.68
N LYS G 122 -45.45 -33.01 -6.26
CA LYS G 122 -46.52 -34.01 -6.32
C LYS G 122 -46.23 -35.19 -5.42
N GLY G 123 -47.23 -36.03 -5.23
CA GLY G 123 -47.10 -37.20 -4.38
C GLY G 123 -46.85 -38.47 -5.18
N PRO G 124 -46.13 -39.44 -4.58
CA PRO G 124 -45.79 -40.71 -5.20
C PRO G 124 -47.01 -41.56 -5.54
N SER G 125 -46.87 -42.47 -6.49
CA SER G 125 -47.94 -43.38 -6.86
C SER G 125 -47.44 -44.82 -6.82
N VAL G 126 -47.73 -45.52 -5.72
CA VAL G 126 -47.24 -46.87 -5.51
C VAL G 126 -47.85 -47.88 -6.48
N PHE G 127 -47.02 -48.79 -6.98
CA PHE G 127 -47.45 -49.84 -7.90
C PHE G 127 -46.78 -51.17 -7.56
N PRO G 128 -47.50 -52.04 -6.84
CA PRO G 128 -47.01 -53.37 -6.44
C PRO G 128 -46.52 -54.20 -7.63
N LEU G 129 -45.30 -54.71 -7.52
CA LEU G 129 -44.71 -55.51 -8.59
C LEU G 129 -44.58 -56.98 -8.18
N GLY G 138 -35.49 -73.19 -5.29
CA GLY G 138 -34.15 -73.13 -5.83
C GLY G 138 -33.62 -71.70 -5.91
N GLY G 139 -32.89 -71.27 -4.89
CA GLY G 139 -32.34 -69.94 -4.84
C GLY G 139 -33.31 -68.92 -4.31
N THR G 140 -33.43 -67.79 -4.99
CA THR G 140 -34.33 -66.73 -4.59
C THR G 140 -35.20 -66.27 -5.77
N ALA G 141 -36.45 -65.92 -5.47
CA ALA G 141 -37.38 -65.46 -6.51
C ALA G 141 -38.49 -64.60 -5.91
N ALA G 142 -38.19 -63.31 -5.73
CA ALA G 142 -39.16 -62.37 -5.20
C ALA G 142 -38.89 -60.95 -5.67
N LEU G 143 -39.95 -60.21 -5.97
CA LEU G 143 -39.83 -58.84 -6.46
C LEU G 143 -40.01 -57.83 -5.33
N GLY G 144 -40.52 -56.65 -5.68
CA GLY G 144 -40.72 -55.60 -4.71
C GLY G 144 -41.81 -54.61 -5.08
N CYS G 145 -41.60 -53.34 -4.75
CA CYS G 145 -42.59 -52.30 -4.99
C CYS G 145 -42.12 -51.33 -6.08
N LEU G 146 -42.79 -50.19 -6.17
CA LEU G 146 -42.46 -49.18 -7.18
C LEU G 146 -43.00 -47.81 -6.79
N VAL G 147 -42.27 -46.75 -7.16
CA VAL G 147 -42.70 -45.39 -6.93
C VAL G 147 -42.80 -44.64 -8.26
N LYS G 148 -44.02 -44.26 -8.64
CA LYS G 148 -44.25 -43.66 -9.95
C LYS G 148 -44.60 -42.17 -9.86
N ASP G 149 -43.83 -41.36 -10.58
CA ASP G 149 -44.09 -39.93 -10.73
C ASP G 149 -44.16 -39.18 -9.40
N TYR G 150 -43.03 -38.67 -8.94
CA TYR G 150 -42.98 -37.87 -7.73
C TYR G 150 -41.97 -36.74 -7.85
N PHE G 151 -42.11 -35.73 -6.98
CA PHE G 151 -41.22 -34.58 -6.99
C PHE G 151 -41.33 -33.81 -5.68
N PRO G 152 -40.19 -33.39 -5.12
CA PRO G 152 -38.83 -33.66 -5.62
C PRO G 152 -38.12 -34.77 -4.85
N GLU G 153 -36.79 -34.66 -4.78
CA GLU G 153 -35.98 -35.62 -4.06
C GLU G 153 -35.89 -35.25 -2.58
N PRO G 154 -35.77 -36.27 -1.71
CA PRO G 154 -35.81 -37.69 -2.04
C PRO G 154 -37.04 -38.41 -1.48
N VAL G 155 -37.10 -39.72 -1.69
CA VAL G 155 -38.12 -40.55 -1.06
C VAL G 155 -37.46 -41.49 -0.07
N THR G 156 -38.27 -42.29 0.62
CA THR G 156 -37.75 -43.23 1.62
C THR G 156 -38.52 -44.53 1.63
N VAL G 157 -38.01 -45.53 0.92
CA VAL G 157 -38.64 -46.84 0.89
C VAL G 157 -38.02 -47.77 1.93
N SER G 158 -38.78 -48.04 2.98
CA SER G 158 -38.33 -48.92 4.06
C SER G 158 -39.39 -49.98 4.36
N TRP G 159 -39.14 -51.20 3.91
CA TRP G 159 -40.06 -52.31 4.13
C TRP G 159 -40.21 -52.61 5.62
N ASN G 160 -41.34 -52.21 6.18
CA ASN G 160 -41.65 -52.42 7.60
C ASN G 160 -40.58 -51.81 8.51
N ALA G 163 -37.58 -54.67 9.56
CA ALA G 163 -37.75 -56.07 9.17
C ALA G 163 -37.46 -56.26 7.69
N LEU G 164 -37.04 -57.48 7.34
CA LEU G 164 -36.71 -57.84 5.96
C LEU G 164 -35.68 -56.90 5.34
N THR G 165 -34.59 -56.66 6.08
CA THR G 165 -33.53 -55.78 5.61
C THR G 165 -32.76 -56.40 4.45
N SER G 166 -32.43 -57.68 4.59
CA SER G 166 -31.68 -58.40 3.57
C SER G 166 -32.50 -58.61 2.31
N GLY G 167 -31.98 -58.14 1.19
CA GLY G 167 -32.64 -58.31 -0.10
C GLY G 167 -32.96 -57.00 -0.80
N VAL G 168 -33.12 -55.93 -0.01
CA VAL G 168 -33.49 -54.64 -0.55
C VAL G 168 -32.45 -53.56 -0.23
N HIS G 169 -32.03 -52.82 -1.25
CA HIS G 169 -31.09 -51.72 -1.07
C HIS G 169 -31.61 -50.46 -1.76
N THR G 170 -32.75 -50.60 -2.44
CA THR G 170 -33.45 -49.50 -3.12
C THR G 170 -32.64 -48.86 -4.26
N PHE G 171 -33.17 -48.97 -5.47
CA PHE G 171 -32.54 -48.39 -6.66
C PHE G 171 -32.57 -46.87 -6.65
N PRO G 172 -31.56 -46.23 -7.25
CA PRO G 172 -31.55 -44.78 -7.44
C PRO G 172 -32.69 -44.31 -8.35
N ALA G 173 -33.16 -43.08 -8.14
CA ALA G 173 -34.29 -42.57 -8.88
C ALA G 173 -33.95 -42.26 -10.34
N VAL G 174 -34.96 -41.90 -11.12
CA VAL G 174 -34.77 -41.52 -12.51
C VAL G 174 -35.48 -40.20 -12.79
N LEU G 175 -34.83 -39.33 -13.57
CA LEU G 175 -35.45 -38.07 -13.95
C LEU G 175 -36.05 -38.17 -15.35
N GLN G 176 -37.34 -38.48 -15.41
CA GLN G 176 -38.06 -38.61 -16.67
C GLN G 176 -38.38 -37.23 -17.25
N SER G 177 -39.21 -37.20 -18.28
CA SER G 177 -39.67 -35.95 -18.86
C SER G 177 -40.58 -35.22 -17.88
N SER G 178 -40.81 -33.93 -18.14
CA SER G 178 -41.62 -33.07 -17.29
C SER G 178 -41.07 -32.95 -15.85
N GLY G 179 -39.79 -33.27 -15.69
CA GLY G 179 -39.09 -33.08 -14.43
C GLY G 179 -39.59 -33.88 -13.26
N LEU G 180 -40.26 -35.01 -13.52
CA LEU G 180 -40.76 -35.86 -12.45
C LEU G 180 -39.83 -37.03 -12.20
N TYR G 181 -39.78 -37.49 -10.95
CA TYR G 181 -38.92 -38.60 -10.57
C TYR G 181 -39.69 -39.91 -10.42
N SER G 182 -38.98 -41.02 -10.49
CA SER G 182 -39.57 -42.35 -10.30
C SER G 182 -38.56 -43.28 -9.64
N LEU G 183 -39.03 -44.07 -8.67
CA LEU G 183 -38.13 -44.95 -7.92
C LEU G 183 -38.59 -46.40 -8.00
N SER G 184 -37.65 -47.32 -7.75
CA SER G 184 -37.96 -48.74 -7.70
C SER G 184 -37.24 -49.40 -6.53
N SER G 185 -37.83 -50.47 -6.00
CA SER G 185 -37.25 -51.18 -4.87
C SER G 185 -37.67 -52.65 -4.85
N VAL G 186 -36.68 -53.53 -4.79
CA VAL G 186 -36.94 -54.97 -4.82
C VAL G 186 -36.20 -55.71 -3.71
N VAL G 187 -36.94 -56.54 -2.97
CA VAL G 187 -36.36 -57.35 -1.90
C VAL G 187 -36.42 -58.84 -2.24
N THR G 188 -35.30 -59.53 -2.07
CA THR G 188 -35.23 -60.96 -2.36
C THR G 188 -35.67 -61.78 -1.15
N VAL G 189 -36.81 -62.45 -1.28
CA VAL G 189 -37.36 -63.28 -0.21
C VAL G 189 -37.14 -64.76 -0.51
N PRO G 190 -36.61 -65.50 0.48
CA PRO G 190 -36.27 -66.94 0.46
C PRO G 190 -37.11 -67.79 -0.49
N SER G 191 -36.67 -67.87 -1.74
CA SER G 191 -37.24 -68.78 -2.74
C SER G 191 -38.74 -68.60 -2.97
N SER G 192 -39.50 -69.65 -2.73
CA SER G 192 -40.92 -69.71 -3.07
C SER G 192 -41.76 -68.62 -2.42
N SER G 193 -42.58 -67.97 -3.22
CA SER G 193 -43.48 -66.93 -2.74
C SER G 193 -44.68 -66.78 -3.68
N LEU G 194 -45.07 -67.90 -4.30
CA LEU G 194 -46.19 -67.90 -5.24
C LEU G 194 -47.53 -67.98 -4.52
N GLY G 195 -47.48 -68.17 -3.21
CA GLY G 195 -48.69 -68.26 -2.40
C GLY G 195 -48.39 -68.40 -0.92
N THR G 196 -47.31 -67.76 -0.48
CA THR G 196 -46.91 -67.82 0.92
C THR G 196 -47.08 -66.48 1.62
N CYS G 201 -44.68 -53.01 1.38
CA CYS G 201 -44.16 -51.86 0.65
C CYS G 201 -44.52 -50.56 1.36
N ASN G 202 -43.50 -49.73 1.60
CA ASN G 202 -43.72 -48.45 2.28
C ASN G 202 -42.93 -47.32 1.63
N VAL G 203 -43.54 -46.14 1.55
CA VAL G 203 -42.90 -44.97 0.99
C VAL G 203 -42.97 -43.79 1.95
N ASN G 204 -42.19 -42.75 1.68
CA ASN G 204 -42.19 -41.56 2.53
C ASN G 204 -41.68 -40.32 1.79
N HIS G 205 -42.62 -39.46 1.41
CA HIS G 205 -42.28 -38.21 0.73
C HIS G 205 -42.13 -37.07 1.74
N LYS G 206 -40.90 -36.61 1.94
CA LYS G 206 -40.62 -35.59 2.95
C LYS G 206 -41.17 -34.20 2.61
N PRO G 207 -41.00 -33.72 1.36
CA PRO G 207 -41.57 -32.40 1.07
C PRO G 207 -43.08 -32.37 1.19
N SER G 208 -43.78 -33.18 0.40
CA SER G 208 -45.22 -33.31 0.51
C SER G 208 -45.56 -34.46 1.45
N ASN G 209 -46.04 -34.12 2.65
CA ASN G 209 -46.33 -35.10 3.69
C ASN G 209 -47.21 -36.25 3.21
N THR G 210 -46.59 -37.24 2.58
CA THR G 210 -47.30 -38.40 2.06
C THR G 210 -46.59 -39.70 2.43
N LYS G 211 -47.30 -40.58 3.12
CA LYS G 211 -46.73 -41.87 3.54
C LYS G 211 -47.67 -43.01 3.16
N VAL G 212 -47.78 -43.28 1.87
CA VAL G 212 -48.65 -44.34 1.38
C VAL G 212 -48.10 -45.72 1.73
N GLU H 1 33.34 37.90 5.52
CA GLU H 1 33.19 38.71 6.73
C GLU H 1 33.03 37.83 7.96
N VAL H 2 32.16 38.25 8.88
CA VAL H 2 31.93 37.51 10.11
C VAL H 2 30.64 36.70 10.02
N GLN H 3 30.77 35.38 10.01
CA GLN H 3 29.61 34.50 9.85
C GLN H 3 29.76 33.17 10.58
N LEU H 4 28.67 32.41 10.61
CA LEU H 4 28.67 31.06 11.18
C LEU H 4 28.05 30.08 10.19
N LEU H 5 28.90 29.37 9.46
CA LEU H 5 28.44 28.46 8.40
C LEU H 5 27.95 27.14 8.97
N GLU H 6 26.65 26.90 8.89
CA GLU H 6 26.05 25.67 9.39
C GLU H 6 25.82 24.68 8.27
N SER H 7 25.88 23.38 8.60
CA SER H 7 25.64 22.32 7.62
C SER H 7 25.43 20.97 8.31
N GLY H 8 24.79 20.05 7.59
CA GLY H 8 24.58 18.70 8.11
C GLY H 8 23.14 18.28 8.20
N GLY H 9 22.22 19.20 7.91
CA GLY H 9 20.80 18.92 8.00
C GLY H 9 20.31 17.97 6.92
N GLY H 10 19.04 17.58 7.01
CA GLY H 10 18.45 16.68 6.04
C GLY H 10 17.31 15.86 6.60
N LEU H 11 16.73 15.01 5.76
CA LEU H 11 15.63 14.13 6.18
C LEU H 11 16.18 12.80 6.70
N VAL H 12 15.71 12.39 7.86
CA VAL H 12 16.22 11.19 8.51
C VAL H 12 15.11 10.44 9.26
N GLN H 13 15.13 9.11 9.16
CA GLN H 13 14.17 8.27 9.89
C GLN H 13 14.40 8.37 11.39
N PRO H 14 13.33 8.25 12.19
CA PRO H 14 13.43 8.25 13.65
C PRO H 14 14.37 7.17 14.17
N GLY H 15 15.28 7.55 15.07
CA GLY H 15 16.29 6.63 15.56
C GLY H 15 17.62 6.86 14.87
N GLY H 16 17.59 7.55 13.74
CA GLY H 16 18.78 7.84 12.98
C GLY H 16 19.64 8.89 13.67
N SER H 17 20.86 9.09 13.15
CA SER H 17 21.79 10.05 13.72
C SER H 17 22.16 11.15 12.74
N LEU H 18 22.40 12.35 13.26
CA LEU H 18 22.81 13.47 12.42
C LEU H 18 23.94 14.27 13.06
N ARG H 19 24.86 14.75 12.22
CA ARG H 19 25.95 15.60 12.68
C ARG H 19 25.75 17.01 12.15
N LEU H 20 25.76 17.99 13.06
CA LEU H 20 25.60 19.39 12.68
C LEU H 20 26.92 20.14 12.80
N SER H 21 27.24 20.94 11.79
CA SER H 21 28.46 21.73 11.77
C SER H 21 28.16 23.21 11.99
N CYS H 22 29.17 23.95 12.42
CA CYS H 22 29.06 25.39 12.54
C CYS H 22 30.43 26.04 12.43
N ALA H 23 30.86 26.31 11.20
CA ALA H 23 32.18 26.87 10.94
C ALA H 23 32.22 28.37 11.21
N ALA H 24 33.09 28.78 12.14
CA ALA H 24 33.23 30.19 12.48
C ALA H 24 34.27 30.86 11.60
N SER H 25 33.94 32.07 11.16
CA SER H 25 34.84 32.84 10.31
C SER H 25 34.67 34.33 10.58
N GLY H 26 35.75 35.01 10.95
CA GLY H 26 35.71 36.44 11.16
C GLY H 26 35.93 36.85 12.60
N PHE H 27 36.10 35.88 13.48
CA PHE H 27 36.38 36.16 14.89
C PHE H 27 37.15 35.01 15.53
N THR H 28 37.65 35.24 16.74
CA THR H 28 38.35 34.21 17.49
C THR H 28 37.36 33.24 18.10
N PHE H 29 37.23 32.07 17.49
CA PHE H 29 36.26 31.07 17.91
C PHE H 29 36.56 30.53 19.31
N SER H 30 37.83 30.53 19.69
CA SER H 30 38.26 29.93 20.95
C SER H 30 38.03 30.85 22.15
N TYR H 31 37.54 32.06 21.90
CA TYR H 31 37.33 33.03 22.98
C TYR H 31 35.88 33.12 23.43
N TYR H 32 34.99 32.40 22.75
CA TYR H 32 33.56 32.57 22.98
C TYR H 32 32.84 31.27 23.32
N TYR H 33 31.73 31.41 24.06
CA TYR H 33 30.79 30.32 24.28
C TYR H 33 29.89 30.18 23.05
N MET H 34 29.63 28.95 22.63
CA MET H 34 28.78 28.73 21.47
C MET H 34 27.53 27.95 21.87
N GLN H 35 26.43 28.20 21.16
CA GLN H 35 25.15 27.58 21.50
C GLN H 35 24.44 26.99 20.29
N TRP H 36 23.51 26.08 20.57
CA TRP H 36 22.60 25.55 19.56
C TRP H 36 21.17 25.90 19.91
N VAL H 37 20.45 26.50 18.97
CA VAL H 37 19.04 26.82 19.17
C VAL H 37 18.21 26.29 18.01
N ARG H 38 17.13 25.57 18.32
CA ARG H 38 16.26 25.04 17.29
C ARG H 38 14.89 25.71 17.33
N GLN H 39 14.21 25.73 16.19
CA GLN H 39 12.87 26.31 16.11
C GLN H 39 11.96 25.41 15.28
N ALA H 40 11.07 24.68 15.95
CA ALA H 40 10.12 23.83 15.28
C ALA H 40 9.14 24.66 14.44
N PRO H 41 8.72 24.14 13.28
CA PRO H 41 7.80 24.85 12.39
C PRO H 41 6.47 25.17 13.07
N GLY H 42 6.16 26.46 13.16
CA GLY H 42 4.95 26.90 13.83
C GLY H 42 5.19 27.17 15.31
N LYS H 43 6.39 26.84 15.78
CA LYS H 43 6.75 27.04 17.18
C LYS H 43 7.80 28.13 17.31
N GLY H 44 8.13 28.47 18.55
CA GLY H 44 9.10 29.52 18.82
C GLY H 44 10.50 29.00 19.07
N LEU H 45 11.40 29.89 19.48
CA LEU H 45 12.78 29.52 19.75
C LEU H 45 12.89 28.59 20.96
N GLU H 46 13.73 27.56 20.83
CA GLU H 46 13.94 26.61 21.91
C GLU H 46 15.42 26.34 22.12
N TRP H 47 15.90 26.59 23.34
CA TRP H 47 17.31 26.37 23.65
C TRP H 47 17.63 24.88 23.71
N VAL H 48 18.71 24.51 23.03
CA VAL H 48 19.13 23.10 22.99
C VAL H 48 20.31 22.84 23.92
N SER H 49 21.43 23.50 23.66
CA SER H 49 22.63 23.28 24.44
C SER H 49 23.65 24.40 24.24
N TYR H 50 24.57 24.54 25.20
CA TYR H 50 25.67 25.48 25.06
C TYR H 50 26.96 24.87 25.59
N ILE H 51 28.08 25.21 24.96
CA ILE H 51 29.37 24.67 25.36
C ILE H 51 30.33 25.81 25.73
N GLY H 52 31.22 25.53 26.67
CA GLY H 52 32.20 26.52 27.09
C GLY H 52 33.22 26.81 26.02
N SER H 53 34.05 27.83 26.23
CA SER H 53 35.06 28.23 25.27
C SER H 53 36.09 27.12 25.05
N SER H 54 36.53 26.51 26.14
CA SER H 54 37.58 25.50 26.09
C SER H 54 37.01 24.08 26.01
N GLY H 55 35.74 23.99 25.66
CA GLY H 55 35.08 22.70 25.46
C GLY H 55 35.02 21.84 26.71
N GLY H 56 34.84 22.49 27.87
CA GLY H 56 34.72 21.77 29.12
C GLY H 56 33.30 21.78 29.64
N VAL H 57 32.75 22.99 29.78
CA VAL H 57 31.39 23.16 30.28
C VAL H 57 30.37 22.77 29.22
N THR H 58 29.57 21.74 29.52
CA THR H 58 28.54 21.29 28.61
C THR H 58 27.19 21.20 29.32
N ASN H 59 26.19 21.91 28.82
CA ASN H 59 24.85 21.87 29.40
C ASN H 59 23.79 21.70 28.32
N TYR H 60 22.89 20.74 28.53
CA TYR H 60 21.86 20.43 27.56
C TYR H 60 20.47 20.73 28.10
N ALA H 61 19.49 20.77 27.20
CA ALA H 61 18.10 20.93 27.60
C ALA H 61 17.53 19.57 27.98
N ASP H 62 16.47 19.58 28.80
CA ASP H 62 15.87 18.33 29.27
C ASP H 62 15.27 17.51 28.13
N SER H 63 14.89 18.20 27.06
CA SER H 63 14.24 17.54 25.93
C SER H 63 15.22 16.75 25.07
N VAL H 64 16.50 17.09 25.17
CA VAL H 64 17.52 16.45 24.34
C VAL H 64 18.65 15.86 25.17
N LYS H 65 18.52 15.93 26.49
CA LYS H 65 19.57 15.45 27.39
C LYS H 65 19.72 13.94 27.31
N GLY H 66 20.94 13.48 27.03
CA GLY H 66 21.22 12.07 26.93
C GLY H 66 21.31 11.60 25.49
N ARG H 67 20.61 12.29 24.59
CA ARG H 67 20.58 11.90 23.19
C ARG H 67 21.51 12.78 22.34
N PHE H 68 21.60 14.06 22.67
CA PHE H 68 22.45 14.98 21.94
C PHE H 68 23.76 15.22 22.67
N THR H 69 24.83 15.45 21.90
CA THR H 69 26.15 15.72 22.47
C THR H 69 26.83 16.89 21.77
N ILE H 70 27.07 17.95 22.52
CA ILE H 70 27.68 19.16 21.96
C ILE H 70 29.20 19.05 22.04
N SER H 71 29.88 19.59 21.03
CA SER H 71 31.33 19.51 20.95
C SER H 71 31.89 20.63 20.08
N ARG H 72 33.21 20.80 20.11
CA ARG H 72 33.84 21.85 19.30
C ARG H 72 35.31 21.53 19.02
N ASP H 73 35.77 21.95 17.85
CA ASP H 73 37.17 21.81 17.47
C ASP H 73 37.76 23.20 17.22
N ASN H 74 38.40 23.75 18.25
CA ASN H 74 38.96 25.09 18.17
C ASN H 74 40.10 25.20 17.16
N SER H 75 40.68 24.06 16.80
CA SER H 75 41.74 24.03 15.81
C SER H 75 41.17 24.19 14.41
N LYS H 76 39.87 23.95 14.27
CA LYS H 76 39.19 24.11 12.99
C LYS H 76 38.06 25.12 13.06
N ASN H 77 37.93 25.76 14.22
CA ASN H 77 36.94 26.82 14.44
C ASN H 77 35.51 26.38 14.13
N THR H 78 35.19 25.12 14.41
CA THR H 78 33.87 24.59 14.12
C THR H 78 33.16 24.09 15.38
N LEU H 79 31.88 24.39 15.48
CA LEU H 79 31.03 23.88 16.56
C LEU H 79 30.24 22.70 16.04
N TYR H 80 30.16 21.63 16.84
CA TYR H 80 29.46 20.42 16.42
C TYR H 80 28.24 20.13 17.27
N LEU H 81 27.37 19.26 16.75
CA LEU H 81 26.22 18.79 17.49
C LEU H 81 25.81 17.40 17.03
N GLN H 82 26.24 16.38 17.77
CA GLN H 82 25.90 15.01 17.45
C GLN H 82 24.50 14.68 17.93
N MET H 83 23.59 14.44 16.99
CA MET H 83 22.19 14.19 17.32
C MET H 83 21.85 12.71 17.17
N ASN H 84 21.85 12.00 18.29
CA ASN H 84 21.51 10.58 18.29
C ASN H 84 20.09 10.34 18.79
N SER H 85 19.51 9.22 18.38
CA SER H 85 18.15 8.84 18.77
C SER H 85 17.15 9.94 18.45
N LEU H 86 17.06 10.28 17.17
CA LEU H 86 16.22 11.40 16.73
C LEU H 86 14.73 11.08 16.77
N ARG H 87 13.95 12.06 17.23
CA ARG H 87 12.50 11.92 17.31
C ARG H 87 11.83 12.88 16.33
N ALA H 88 10.52 12.71 16.14
CA ALA H 88 9.76 13.59 15.28
C ALA H 88 9.70 15.01 15.86
N GLU H 89 9.77 15.11 17.18
CA GLU H 89 9.72 16.40 17.85
C GLU H 89 11.02 17.17 17.67
N ASP H 90 12.06 16.47 17.22
CA ASP H 90 13.37 17.10 16.99
C ASP H 90 13.41 17.80 15.64
N THR H 91 12.35 17.63 14.84
CA THR H 91 12.27 18.28 13.54
C THR H 91 12.16 19.80 13.69
N ALA H 92 13.23 20.50 13.34
CA ALA H 92 13.28 21.95 13.50
C ALA H 92 14.41 22.58 12.71
N VAL H 93 14.53 23.90 12.80
CA VAL H 93 15.63 24.62 12.20
C VAL H 93 16.67 24.94 13.27
N TYR H 94 17.79 24.22 13.24
CA TYR H 94 18.82 24.37 14.27
C TYR H 94 19.78 25.51 13.96
N TYR H 95 19.66 26.60 14.72
CA TYR H 95 20.54 27.75 14.54
C TYR H 95 21.80 27.64 15.41
N CYS H 96 22.88 28.26 14.95
CA CYS H 96 24.12 28.30 15.72
C CYS H 96 24.42 29.73 16.15
N ALA H 97 24.53 29.95 17.46
CA ALA H 97 24.71 31.30 17.98
C ALA H 97 25.99 31.44 18.79
N ARG H 98 26.52 32.66 18.81
CA ARG H 98 27.71 32.97 19.61
C ARG H 98 27.35 33.78 20.83
N VAL H 99 27.88 33.38 21.99
CA VAL H 99 27.67 34.14 23.21
C VAL H 99 28.65 35.30 23.28
N GLY H 100 28.21 36.47 22.86
CA GLY H 100 29.05 37.65 22.85
C GLY H 100 29.01 38.42 24.15
N LEU H 101 29.39 39.69 24.09
CA LEU H 101 29.42 40.54 25.28
C LEU H 101 28.04 40.68 25.89
N GLY H 102 27.96 40.51 27.21
CA GLY H 102 26.70 40.59 27.92
C GLY H 102 25.89 39.32 27.81
N ASP H 103 26.55 38.24 27.43
CA ASP H 103 25.91 36.94 27.23
C ASP H 103 24.77 37.01 26.23
N ALA H 104 24.94 37.85 25.21
CA ALA H 104 23.92 38.02 24.18
C ALA H 104 24.30 37.26 22.91
N PHE H 105 23.28 36.74 22.21
CA PHE H 105 23.51 36.04 20.96
C PHE H 105 23.61 37.05 19.82
N ASP H 106 24.81 37.55 19.58
CA ASP H 106 25.03 38.62 18.62
C ASP H 106 25.28 38.10 17.20
N ILE H 107 25.73 36.86 17.10
CA ILE H 107 25.97 36.25 15.80
C ILE H 107 25.26 34.91 15.67
N TRP H 108 24.35 34.82 14.71
CA TRP H 108 23.59 33.59 14.48
C TRP H 108 24.03 32.90 13.19
N GLY H 109 23.62 31.65 13.02
CA GLY H 109 23.90 30.91 11.80
C GLY H 109 22.90 31.25 10.71
N GLN H 110 22.82 30.39 9.68
CA GLN H 110 21.90 30.66 8.58
C GLN H 110 20.63 29.80 8.67
N GLY H 111 20.74 28.60 9.24
CA GLY H 111 19.56 27.77 9.40
C GLY H 111 19.75 26.27 9.61
N THR H 112 20.32 25.60 8.60
CA THR H 112 20.36 24.14 8.47
C THR H 112 19.12 23.42 9.04
N MET H 113 18.18 23.11 8.15
CA MET H 113 16.93 22.46 8.53
C MET H 113 17.12 20.97 8.84
N VAL H 114 16.51 20.52 9.92
CA VAL H 114 16.52 19.10 10.28
C VAL H 114 15.10 18.55 10.27
N THR H 115 14.89 17.50 9.49
CA THR H 115 13.58 16.87 9.39
C THR H 115 13.63 15.39 9.75
N VAL H 116 12.85 15.01 10.75
CA VAL H 116 12.76 13.61 11.17
C VAL H 116 11.35 13.09 10.93
N SER H 117 11.22 12.12 10.03
CA SER H 117 9.92 11.58 9.67
C SER H 117 9.94 10.08 9.47
N SER H 118 8.90 9.41 9.98
CA SER H 118 8.77 7.97 9.80
C SER H 118 7.80 7.66 8.67
N ALA H 119 7.45 8.69 7.91
CA ALA H 119 6.48 8.56 6.83
C ALA H 119 7.06 7.81 5.64
N SER H 120 6.25 7.70 4.58
CA SER H 120 6.66 7.01 3.37
C SER H 120 5.99 7.63 2.16
N THR H 121 6.66 7.55 1.01
CA THR H 121 6.14 8.14 -0.23
C THR H 121 4.88 7.42 -0.68
N LYS H 122 3.73 7.93 -0.27
CA LYS H 122 2.45 7.34 -0.64
C LYS H 122 1.62 8.32 -1.47
N GLY H 123 0.80 7.80 -2.37
CA GLY H 123 -0.02 8.61 -3.23
C GLY H 123 -1.14 9.33 -2.49
N PRO H 124 -1.71 10.37 -3.12
CA PRO H 124 -2.80 11.15 -2.52
C PRO H 124 -4.13 10.42 -2.53
N SER H 125 -4.97 10.68 -1.53
CA SER H 125 -6.28 10.05 -1.43
C SER H 125 -7.39 11.10 -1.33
N ALA H 142 -18.83 24.88 -1.51
CA ALA H 142 -18.25 24.48 -2.79
C ALA H 142 -17.72 23.06 -2.73
N LEU H 143 -17.60 22.43 -3.90
CA LEU H 143 -17.09 21.07 -3.99
C LEU H 143 -15.57 21.04 -3.95
N GLY H 144 -14.96 20.67 -5.07
CA GLY H 144 -13.51 20.63 -5.17
C GLY H 144 -12.93 19.29 -4.75
N CYS H 145 -11.66 19.07 -5.09
CA CYS H 145 -10.97 17.83 -4.74
C CYS H 145 -10.19 17.98 -3.45
N LEU H 146 -10.49 17.14 -2.47
CA LEU H 146 -9.82 17.19 -1.18
C LEU H 146 -8.73 16.12 -1.08
N VAL H 147 -7.48 16.56 -1.16
CA VAL H 147 -6.34 15.65 -1.07
C VAL H 147 -6.06 15.29 0.38
N LYS H 148 -6.04 13.99 0.68
CA LYS H 148 -5.84 13.52 2.04
C LYS H 148 -4.79 12.41 2.13
N ASP H 149 -3.98 12.46 3.19
CA ASP H 149 -2.96 11.46 3.48
C ASP H 149 -2.00 11.22 2.30
N TYR H 150 -1.08 12.15 2.10
CA TYR H 150 -0.08 12.02 1.05
C TYR H 150 1.29 12.44 1.56
N PHE H 151 2.34 12.02 0.84
CA PHE H 151 3.70 12.38 1.21
C PHE H 151 4.66 12.09 0.05
N PRO H 152 5.55 13.04 -0.25
CA PRO H 152 5.56 14.38 0.35
C PRO H 152 4.99 15.46 -0.58
N GLU H 153 4.76 16.65 -0.04
CA GLU H 153 4.29 17.79 -0.82
C GLU H 153 5.40 18.26 -1.76
N PRO H 154 5.06 19.07 -2.78
CA PRO H 154 3.77 19.66 -3.16
C PRO H 154 2.89 18.75 -4.00
N VAL H 155 1.63 19.13 -4.14
CA VAL H 155 0.69 18.44 -5.02
C VAL H 155 -0.16 19.46 -5.78
N THR H 156 0.11 19.60 -7.08
CA THR H 156 -0.59 20.59 -7.89
C THR H 156 -2.04 20.17 -8.16
N VAL H 157 -2.97 21.05 -7.80
CA VAL H 157 -4.39 20.81 -8.02
C VAL H 157 -5.02 21.92 -8.84
N SER H 158 -5.54 21.58 -10.02
CA SER H 158 -6.17 22.55 -10.89
C SER H 158 -7.63 22.78 -10.52
N GLY H 167 -12.75 32.87 -7.48
CA GLY H 167 -12.16 31.91 -6.55
C GLY H 167 -11.57 30.71 -7.25
N VAL H 168 -10.26 30.71 -7.43
CA VAL H 168 -9.56 29.61 -8.09
C VAL H 168 -8.38 29.12 -7.24
N HIS H 169 -8.16 29.77 -6.11
CA HIS H 169 -7.07 29.41 -5.22
C HIS H 169 -7.49 28.31 -4.23
N THR H 170 -6.51 27.63 -3.66
CA THR H 170 -6.77 26.55 -2.72
C THR H 170 -6.26 26.89 -1.32
N PHE H 171 -6.02 25.86 -0.52
CA PHE H 171 -5.54 26.04 0.84
C PHE H 171 -4.34 25.14 1.13
N PRO H 172 -3.34 25.66 1.86
CA PRO H 172 -2.13 24.92 2.23
C PRO H 172 -2.43 23.64 3.00
N ALA H 173 -1.51 22.69 2.97
CA ALA H 173 -1.69 21.40 3.65
C ALA H 173 -1.42 21.53 5.14
N VAL H 174 -1.73 20.47 5.87
CA VAL H 174 -1.51 20.44 7.31
C VAL H 174 -0.80 19.16 7.73
N LEU H 175 0.32 19.32 8.43
CA LEU H 175 1.09 18.18 8.92
C LEU H 175 0.30 17.41 9.97
N GLN H 176 -0.32 16.31 9.56
CA GLN H 176 -1.11 15.49 10.46
C GLN H 176 -0.24 14.82 11.51
N SER H 177 -0.87 14.34 12.58
CA SER H 177 -0.16 13.71 13.69
C SER H 177 0.23 12.26 13.37
N SER H 178 0.64 12.01 12.13
CA SER H 178 1.04 10.68 11.70
C SER H 178 2.05 10.76 10.57
N GLY H 179 2.42 11.98 10.19
CA GLY H 179 3.44 12.19 9.18
C GLY H 179 2.92 12.70 7.85
N LEU H 180 1.83 12.11 7.38
CA LEU H 180 1.29 12.43 6.05
C LEU H 180 0.63 13.81 6.03
N TYR H 181 0.67 14.45 4.87
CA TYR H 181 0.05 15.76 4.68
C TYR H 181 -1.36 15.62 4.11
N SER H 182 -2.09 16.74 4.07
CA SER H 182 -3.44 16.78 3.51
C SER H 182 -3.92 18.21 3.36
N LEU H 183 -4.35 18.58 2.15
CA LEU H 183 -4.87 19.92 1.89
C LEU H 183 -6.30 19.87 1.37
N SER H 184 -6.79 21.02 0.90
CA SER H 184 -8.14 21.11 0.37
C SER H 184 -8.23 22.12 -0.77
N SER H 185 -9.17 21.90 -1.68
CA SER H 185 -9.36 22.80 -2.81
C SER H 185 -10.81 23.28 -2.89
N VAL H 186 -11.01 24.57 -2.67
CA VAL H 186 -12.36 25.14 -2.71
C VAL H 186 -12.51 26.13 -3.86
N CYS H 201 -10.09 20.45 -12.41
CA CYS H 201 -9.50 19.83 -11.23
C CYS H 201 -8.58 18.67 -11.61
N ASN H 202 -7.28 18.92 -11.61
CA ASN H 202 -6.30 17.89 -11.97
C ASN H 202 -5.24 17.72 -10.89
N VAL H 203 -5.54 16.87 -9.91
CA VAL H 203 -4.61 16.58 -8.82
C VAL H 203 -3.39 15.81 -9.33
N ASN H 204 -2.20 16.32 -9.04
CA ASN H 204 -0.97 15.68 -9.48
C ASN H 204 0.08 15.59 -8.37
N HIS H 205 0.52 14.36 -8.09
CA HIS H 205 1.57 14.13 -7.10
C HIS H 205 2.90 13.92 -7.82
N LYS H 206 3.81 14.88 -7.69
CA LYS H 206 5.06 14.88 -8.44
C LYS H 206 6.02 13.73 -8.08
N PRO H 207 6.29 13.51 -6.78
CA PRO H 207 7.17 12.36 -6.50
C PRO H 207 6.50 11.02 -6.78
N SER H 208 5.34 10.78 -6.17
CA SER H 208 4.57 9.57 -6.45
C SER H 208 3.64 9.81 -7.64
N ASN H 209 4.10 9.43 -8.83
CA ASN H 209 3.37 9.70 -10.07
C ASN H 209 1.90 9.29 -10.04
N THR H 210 1.05 10.23 -9.63
CA THR H 210 -0.39 9.98 -9.56
C THR H 210 -1.16 11.19 -10.10
N LYS H 211 -1.94 10.96 -11.15
CA LYS H 211 -2.72 12.04 -11.76
C LYS H 211 -4.20 11.70 -11.79
N VAL H 212 -4.88 11.87 -10.67
CA VAL H 212 -6.30 11.58 -10.57
C VAL H 212 -7.12 12.83 -10.92
N ASP H 213 -8.35 12.62 -11.39
CA ASP H 213 -9.24 13.73 -11.74
C ASP H 213 -10.63 13.51 -11.18
N GLU I 1 -43.85 -30.99 10.84
CA GLU I 1 -44.79 -29.94 11.25
C GLU I 1 -44.77 -28.77 10.28
N VAL I 2 -45.32 -27.64 10.69
CA VAL I 2 -45.34 -26.44 9.87
C VAL I 2 -44.02 -25.70 9.97
N GLN I 3 -43.25 -25.71 8.89
CA GLN I 3 -41.89 -25.19 8.94
C GLN I 3 -41.52 -24.39 7.68
N LEU I 4 -40.78 -23.30 7.89
CA LEU I 4 -40.19 -22.54 6.79
C LEU I 4 -38.69 -22.76 6.73
N LEU I 5 -38.26 -23.70 5.90
CA LEU I 5 -36.84 -24.02 5.77
C LEU I 5 -36.18 -23.22 4.65
N GLU I 6 -35.11 -22.50 4.98
CA GLU I 6 -34.43 -21.65 4.02
C GLU I 6 -32.97 -22.03 3.85
N SER I 7 -32.41 -21.73 2.67
CA SER I 7 -31.02 -22.05 2.37
C SER I 7 -30.48 -21.19 1.24
N GLY I 8 -29.21 -21.40 0.91
CA GLY I 8 -28.59 -20.68 -0.20
C GLY I 8 -27.68 -19.55 0.23
N GLY I 9 -27.48 -19.43 1.54
CA GLY I 9 -26.62 -18.38 2.08
C GLY I 9 -25.20 -18.86 2.28
N GLY I 10 -24.25 -17.93 2.29
CA GLY I 10 -22.85 -18.25 2.47
C GLY I 10 -21.94 -17.05 2.32
N LEU I 11 -20.64 -17.32 2.20
CA LEU I 11 -19.65 -16.25 2.06
C LEU I 11 -19.41 -15.91 0.59
N VAL I 12 -19.41 -14.62 0.28
CA VAL I 12 -19.18 -14.17 -1.08
C VAL I 12 -18.56 -12.78 -1.07
N GLN I 13 -17.86 -12.42 -2.15
CA GLN I 13 -17.22 -11.11 -2.25
C GLN I 13 -18.20 -10.05 -2.74
N PRO I 14 -17.90 -8.77 -2.45
CA PRO I 14 -18.69 -7.65 -2.98
C PRO I 14 -18.80 -7.73 -4.50
N GLY I 15 -19.98 -7.38 -5.02
CA GLY I 15 -20.24 -7.51 -6.45
C GLY I 15 -20.51 -8.95 -6.80
N GLY I 16 -21.04 -9.70 -5.84
CA GLY I 16 -21.38 -11.09 -6.05
C GLY I 16 -22.87 -11.31 -6.11
N SER I 17 -23.28 -12.55 -6.36
CA SER I 17 -24.70 -12.87 -6.45
C SER I 17 -25.07 -14.11 -5.64
N LEU I 18 -26.25 -14.08 -5.03
CA LEU I 18 -26.75 -15.21 -4.25
C LEU I 18 -28.26 -15.36 -4.39
N ARG I 19 -28.72 -16.60 -4.53
CA ARG I 19 -30.15 -16.88 -4.61
C ARG I 19 -30.61 -17.65 -3.37
N LEU I 20 -31.34 -16.97 -2.49
CA LEU I 20 -31.81 -17.57 -1.25
C LEU I 20 -33.13 -18.31 -1.43
N SER I 21 -33.15 -19.57 -1.01
CA SER I 21 -34.37 -20.37 -1.12
C SER I 21 -35.15 -20.35 0.20
N CYS I 22 -36.38 -20.83 0.15
CA CYS I 22 -37.23 -20.90 1.33
C CYS I 22 -38.41 -21.85 1.10
N ALA I 23 -38.19 -23.13 1.33
CA ALA I 23 -39.23 -24.13 1.10
C ALA I 23 -40.22 -24.16 2.25
N ALA I 24 -41.50 -24.07 1.92
CA ALA I 24 -42.56 -24.10 2.92
C ALA I 24 -43.05 -25.52 3.19
N SER I 25 -43.56 -25.73 4.39
CA SER I 25 -44.07 -27.05 4.77
C SER I 25 -45.19 -26.94 5.81
N GLY I 26 -46.18 -27.81 5.68
CA GLY I 26 -47.23 -27.90 6.69
C GLY I 26 -48.34 -26.88 6.55
N PHE I 27 -48.30 -26.08 5.49
CA PHE I 27 -49.37 -25.12 5.24
C PHE I 27 -49.49 -24.80 3.75
N THR I 28 -50.66 -24.34 3.34
CA THR I 28 -50.89 -23.96 1.95
C THR I 28 -50.10 -22.69 1.62
N PHE I 29 -48.97 -22.87 0.96
CA PHE I 29 -48.04 -21.78 0.67
C PHE I 29 -48.64 -20.72 -0.25
N SER I 30 -49.60 -21.13 -1.07
CA SER I 30 -50.16 -20.24 -2.10
C SER I 30 -51.27 -19.33 -1.57
N TYR I 31 -51.56 -19.42 -0.28
CA TYR I 31 -52.64 -18.62 0.31
C TYR I 31 -52.12 -17.47 1.14
N TYR I 32 -50.80 -17.28 1.17
CA TYR I 32 -50.19 -16.29 2.03
C TYR I 32 -49.16 -15.41 1.33
N TYR I 33 -49.12 -14.14 1.72
CA TYR I 33 -48.03 -13.27 1.33
C TYR I 33 -46.76 -13.74 2.03
N MET I 34 -45.61 -13.57 1.38
CA MET I 34 -44.35 -13.98 1.96
C MET I 34 -43.36 -12.83 2.00
N GLN I 35 -42.61 -12.74 3.09
CA GLN I 35 -41.69 -11.63 3.29
C GLN I 35 -40.25 -12.08 3.49
N TRP I 36 -39.32 -11.17 3.20
CA TRP I 36 -37.92 -11.36 3.52
C TRP I 36 -37.49 -10.31 4.54
N VAL I 37 -36.86 -10.75 5.62
CA VAL I 37 -36.35 -9.84 6.64
C VAL I 37 -34.92 -10.20 6.99
N ARG I 38 -34.03 -9.22 6.94
CA ARG I 38 -32.63 -9.45 7.29
C ARG I 38 -32.28 -8.75 8.59
N GLN I 39 -31.21 -9.22 9.24
CA GLN I 39 -30.73 -8.61 10.47
C GLN I 39 -29.21 -8.59 10.51
N ALA I 40 -28.64 -7.39 10.35
CA ALA I 40 -27.19 -7.21 10.39
C ALA I 40 -26.67 -7.48 11.80
N PRO I 41 -25.44 -8.03 11.90
CA PRO I 41 -24.82 -8.31 13.19
C PRO I 41 -24.73 -7.08 14.09
N GLY I 42 -25.36 -7.15 15.26
CA GLY I 42 -25.35 -6.04 16.20
C GLY I 42 -26.37 -4.98 15.85
N LYS I 43 -27.28 -5.29 14.94
CA LYS I 43 -28.33 -4.36 14.55
C LYS I 43 -29.71 -5.01 14.67
N GLY I 44 -30.75 -4.20 14.51
CA GLY I 44 -32.11 -4.68 14.64
C GLY I 44 -32.66 -5.26 13.35
N LEU I 45 -33.94 -5.63 13.37
CA LEU I 45 -34.59 -6.20 12.21
C LEU I 45 -34.81 -5.15 11.12
N GLU I 46 -34.47 -5.51 9.89
CA GLU I 46 -34.67 -4.62 8.76
C GLU I 46 -35.49 -5.30 7.68
N TRP I 47 -36.61 -4.69 7.31
CA TRP I 47 -37.48 -5.25 6.28
C TRP I 47 -36.82 -5.16 4.91
N VAL I 48 -36.93 -6.24 4.13
CA VAL I 48 -36.32 -6.30 2.81
C VAL I 48 -37.37 -6.22 1.71
N SER I 49 -38.25 -7.22 1.66
CA SER I 49 -39.26 -7.28 0.61
C SER I 49 -40.41 -8.21 0.97
N TYR I 50 -41.51 -8.09 0.22
CA TYR I 50 -42.62 -9.03 0.34
C TYR I 50 -43.30 -9.24 -1.01
N ILE I 51 -43.96 -10.38 -1.16
CA ILE I 51 -44.62 -10.74 -2.41
C ILE I 51 -46.02 -11.27 -2.14
N GLY I 52 -46.93 -11.07 -3.09
CA GLY I 52 -48.29 -11.52 -2.94
C GLY I 52 -48.45 -13.03 -3.02
N SER I 53 -49.64 -13.51 -2.68
CA SER I 53 -49.95 -14.94 -2.73
C SER I 53 -49.87 -15.46 -4.15
N SER I 54 -50.39 -14.69 -5.10
CA SER I 54 -50.37 -15.06 -6.51
C SER I 54 -49.07 -14.62 -7.17
N GLY I 55 -48.12 -14.16 -6.37
CA GLY I 55 -46.83 -13.74 -6.85
C GLY I 55 -46.90 -12.52 -7.75
N GLY I 56 -47.81 -11.61 -7.44
CA GLY I 56 -48.00 -10.42 -8.24
C GLY I 56 -47.43 -9.16 -7.62
N VAL I 57 -48.04 -8.73 -6.51
CA VAL I 57 -47.59 -7.54 -5.80
C VAL I 57 -46.16 -7.71 -5.33
N THR I 58 -45.36 -6.66 -5.47
CA THR I 58 -43.94 -6.74 -5.17
C THR I 58 -43.38 -5.39 -4.73
N ASN I 59 -42.84 -5.34 -3.51
CA ASN I 59 -42.26 -4.12 -2.97
C ASN I 59 -40.97 -4.38 -2.22
N TYR I 60 -39.99 -3.50 -2.39
CA TYR I 60 -38.69 -3.63 -1.74
C TYR I 60 -38.38 -2.44 -0.85
N ALA I 61 -37.30 -2.56 -0.09
CA ALA I 61 -36.78 -1.44 0.68
C ALA I 61 -35.85 -0.60 -0.22
N ASP I 62 -35.65 0.66 0.15
CA ASP I 62 -34.82 1.56 -0.65
C ASP I 62 -33.35 1.11 -0.67
N SER I 63 -32.99 0.22 0.25
CA SER I 63 -31.62 -0.24 0.37
C SER I 63 -31.33 -1.43 -0.55
N VAL I 64 -32.37 -1.96 -1.18
CA VAL I 64 -32.23 -3.14 -2.03
C VAL I 64 -32.94 -2.97 -3.36
N LYS I 65 -33.58 -1.82 -3.55
CA LYS I 65 -34.38 -1.55 -4.74
C LYS I 65 -33.53 -1.59 -6.01
N GLY I 66 -33.89 -2.49 -6.92
CA GLY I 66 -33.18 -2.64 -8.17
C GLY I 66 -32.14 -3.76 -8.13
N ARG I 67 -31.52 -3.94 -6.97
CA ARG I 67 -30.51 -4.97 -6.80
C ARG I 67 -31.12 -6.31 -6.43
N PHE I 68 -32.07 -6.29 -5.50
CA PHE I 68 -32.70 -7.53 -5.05
C PHE I 68 -34.02 -7.75 -5.77
N THR I 69 -34.38 -9.02 -5.96
CA THR I 69 -35.61 -9.40 -6.63
C THR I 69 -36.27 -10.58 -5.93
N ILE I 70 -37.52 -10.40 -5.49
CA ILE I 70 -38.25 -11.46 -4.82
C ILE I 70 -39.13 -12.23 -5.80
N SER I 71 -39.18 -13.55 -5.64
CA SER I 71 -40.00 -14.39 -6.50
C SER I 71 -40.43 -15.65 -5.76
N ARG I 72 -41.50 -16.28 -6.21
CA ARG I 72 -41.99 -17.48 -5.56
C ARG I 72 -42.48 -18.52 -6.55
N ASP I 73 -42.29 -19.79 -6.20
CA ASP I 73 -42.80 -20.90 -7.00
C ASP I 73 -43.84 -21.65 -6.19
N ASN I 74 -45.10 -21.23 -6.32
CA ASN I 74 -46.19 -21.82 -5.55
C ASN I 74 -46.38 -23.31 -5.85
N SER I 75 -45.96 -23.72 -7.04
CA SER I 75 -46.02 -25.13 -7.41
C SER I 75 -45.00 -25.94 -6.63
N LYS I 76 -43.87 -25.31 -6.31
CA LYS I 76 -42.80 -25.98 -5.57
C LYS I 76 -42.78 -25.53 -4.12
N ASN I 77 -43.74 -24.68 -3.74
CA ASN I 77 -43.87 -24.18 -2.37
C ASN I 77 -42.60 -23.49 -1.86
N THR I 78 -41.95 -22.74 -2.73
CA THR I 78 -40.69 -22.08 -2.36
C THR I 78 -40.73 -20.57 -2.60
N LEU I 79 -40.05 -19.83 -1.72
CA LEU I 79 -39.90 -18.39 -1.87
C LEU I 79 -38.44 -18.05 -2.16
N TYR I 80 -38.21 -17.25 -3.20
CA TYR I 80 -36.85 -16.94 -3.61
C TYR I 80 -36.49 -15.47 -3.38
N LEU I 81 -35.18 -15.20 -3.31
CA LEU I 81 -34.66 -13.84 -3.25
C LEU I 81 -33.38 -13.75 -4.07
N GLN I 82 -33.48 -13.11 -5.24
CA GLN I 82 -32.32 -12.97 -6.11
C GLN I 82 -31.50 -11.75 -5.71
N MET I 83 -30.35 -12.00 -5.09
CA MET I 83 -29.51 -10.92 -4.59
C MET I 83 -28.33 -10.64 -5.52
N ASN I 84 -28.45 -9.59 -6.33
CA ASN I 84 -27.39 -9.21 -7.25
C ASN I 84 -26.69 -7.94 -6.80
N SER I 85 -25.45 -7.77 -7.25
CA SER I 85 -24.64 -6.60 -6.90
C SER I 85 -24.54 -6.42 -5.38
N LEU I 86 -24.12 -7.49 -4.71
CA LEU I 86 -24.07 -7.50 -3.24
C LEU I 86 -23.04 -6.52 -2.69
N ARG I 87 -23.45 -5.80 -1.65
CA ARG I 87 -22.57 -4.86 -0.96
C ARG I 87 -22.16 -5.42 0.39
N ALA I 88 -21.22 -4.76 1.04
CA ALA I 88 -20.76 -5.19 2.36
C ALA I 88 -21.85 -4.96 3.40
N GLU I 89 -22.68 -3.95 3.19
CA GLU I 89 -23.74 -3.61 4.11
C GLU I 89 -24.93 -4.56 3.99
N ASP I 90 -24.85 -5.48 3.04
CA ASP I 90 -25.90 -6.48 2.84
C ASP I 90 -25.62 -7.72 3.67
N THR I 91 -24.53 -7.69 4.43
CA THR I 91 -24.18 -8.81 5.30
C THR I 91 -25.12 -8.90 6.49
N ALA I 92 -25.92 -9.96 6.52
CA ALA I 92 -26.93 -10.14 7.56
C ALA I 92 -27.48 -11.55 7.59
N VAL I 93 -28.31 -11.83 8.59
CA VAL I 93 -29.04 -13.08 8.66
C VAL I 93 -30.42 -12.88 8.03
N TYR I 94 -30.68 -13.59 6.94
CA TYR I 94 -31.90 -13.38 6.18
C TYR I 94 -33.01 -14.36 6.55
N TYR I 95 -34.02 -13.86 7.25
CA TYR I 95 -35.19 -14.65 7.59
C TYR I 95 -36.29 -14.48 6.55
N CYS I 96 -37.05 -15.54 6.29
CA CYS I 96 -38.26 -15.42 5.48
C CYS I 96 -39.47 -15.65 6.38
N ALA I 97 -40.44 -14.75 6.29
CA ALA I 97 -41.59 -14.80 7.18
C ALA I 97 -42.89 -14.94 6.42
N ARG I 98 -43.83 -15.69 7.01
CA ARG I 98 -45.16 -15.82 6.44
C ARG I 98 -46.09 -14.75 7.00
N VAL I 99 -46.84 -14.09 6.13
CA VAL I 99 -47.84 -13.13 6.57
C VAL I 99 -49.11 -13.87 7.00
N GLY I 100 -49.21 -14.12 8.30
CA GLY I 100 -50.33 -14.88 8.85
C GLY I 100 -51.64 -14.12 8.84
N LEU I 101 -52.69 -14.76 9.33
CA LEU I 101 -54.02 -14.17 9.34
C LEU I 101 -54.11 -13.04 10.36
N GLY I 102 -53.52 -11.89 10.01
CA GLY I 102 -53.52 -10.72 10.85
C GLY I 102 -52.39 -9.78 10.45
N ASP I 103 -51.80 -10.08 9.30
CA ASP I 103 -50.63 -9.34 8.79
C ASP I 103 -49.45 -9.43 9.74
N ALA I 104 -49.39 -10.52 10.51
CA ALA I 104 -48.33 -10.75 11.47
C ALA I 104 -47.42 -11.89 11.04
N PHE I 105 -46.13 -11.76 11.29
CA PHE I 105 -45.17 -12.80 10.89
C PHE I 105 -45.22 -13.96 11.88
N ASP I 106 -46.22 -14.83 11.72
CA ASP I 106 -46.44 -15.92 12.66
C ASP I 106 -45.45 -17.07 12.48
N ILE I 107 -44.81 -17.13 11.31
CA ILE I 107 -43.84 -18.19 11.04
C ILE I 107 -42.55 -17.61 10.46
N TRP I 108 -41.41 -18.01 11.04
CA TRP I 108 -40.12 -17.53 10.58
C TRP I 108 -39.23 -18.70 10.16
N GLY I 109 -38.14 -18.39 9.45
CA GLY I 109 -37.19 -19.40 9.04
C GLY I 109 -36.19 -19.72 10.14
N GLN I 110 -35.03 -20.25 9.78
CA GLN I 110 -34.02 -20.57 10.77
C GLN I 110 -32.88 -19.54 10.77
N GLY I 111 -32.56 -19.00 9.60
CA GLY I 111 -31.51 -17.99 9.53
C GLY I 111 -30.82 -17.78 8.19
N THR I 112 -30.20 -18.84 7.67
CA THR I 112 -29.27 -18.81 6.53
C THR I 112 -28.44 -17.52 6.43
N MET I 113 -27.24 -17.55 7.01
CA MET I 113 -26.36 -16.39 7.07
C MET I 113 -25.83 -15.98 5.70
N VAL I 114 -25.74 -14.67 5.47
CA VAL I 114 -25.15 -14.14 4.25
C VAL I 114 -24.04 -13.14 4.59
N THR I 115 -22.81 -13.46 4.22
CA THR I 115 -21.66 -12.63 4.52
C THR I 115 -20.99 -12.11 3.25
N VAL I 116 -20.77 -10.80 3.19
CA VAL I 116 -20.14 -10.18 2.03
C VAL I 116 -18.91 -9.35 2.41
N SER I 117 -17.73 -9.85 2.08
CA SER I 117 -16.49 -9.15 2.35
C SER I 117 -15.33 -9.72 1.53
N SER I 118 -14.34 -8.89 1.25
CA SER I 118 -13.13 -9.35 0.59
C SER I 118 -12.36 -10.29 1.51
N ALA I 119 -11.80 -9.72 2.58
CA ALA I 119 -11.20 -10.48 3.67
C ALA I 119 -10.04 -11.40 3.25
N SER I 120 -10.30 -12.27 2.28
CA SER I 120 -9.35 -13.29 1.82
C SER I 120 -9.02 -14.29 2.94
N THR I 121 -9.50 -15.51 2.77
CA THR I 121 -9.34 -16.57 3.77
C THR I 121 -7.87 -16.82 4.11
N LYS I 122 -7.42 -16.25 5.22
CA LYS I 122 -6.04 -16.42 5.66
C LYS I 122 -5.99 -17.16 7.00
N GLY I 123 -4.78 -17.42 7.48
CA GLY I 123 -4.60 -18.14 8.73
C GLY I 123 -4.08 -17.25 9.84
N PRO I 124 -4.35 -17.64 11.11
CA PRO I 124 -3.92 -16.89 12.29
C PRO I 124 -2.43 -17.06 12.58
N SER I 125 -1.80 -16.00 13.09
CA SER I 125 -0.39 -16.06 13.46
C SER I 125 -0.24 -15.85 14.97
N VAL I 126 0.22 -16.88 15.67
CA VAL I 126 0.35 -16.83 17.11
C VAL I 126 1.63 -16.11 17.53
N PHE I 127 1.48 -15.07 18.36
CA PHE I 127 2.61 -14.32 18.87
C PHE I 127 2.38 -13.90 20.32
N PRO I 128 2.62 -14.82 21.27
CA PRO I 128 2.40 -14.56 22.70
C PRO I 128 3.41 -13.56 23.26
N CYS I 145 -2.17 -16.91 25.06
CA CYS I 145 -1.75 -16.78 23.66
C CYS I 145 -2.42 -15.59 23.00
N LEU I 146 -2.05 -15.33 21.74
CA LEU I 146 -2.61 -14.22 20.99
C LEU I 146 -2.83 -14.61 19.53
N VAL I 147 -4.10 -14.69 19.14
CA VAL I 147 -4.45 -14.98 17.75
C VAL I 147 -4.60 -13.67 16.97
N LYS I 148 -3.74 -13.48 15.99
CA LYS I 148 -3.75 -12.25 15.20
C LYS I 148 -4.89 -12.22 14.20
N ASP I 149 -4.70 -11.46 13.12
CA ASP I 149 -5.72 -11.30 12.10
C ASP I 149 -6.01 -12.61 11.37
N TYR I 150 -7.19 -13.17 11.60
CA TYR I 150 -7.59 -14.39 10.91
C TYR I 150 -9.03 -14.30 10.42
N PHE I 151 -9.36 -15.08 9.41
CA PHE I 151 -10.70 -15.07 8.82
C PHE I 151 -11.01 -16.39 8.12
N PRO I 152 -12.23 -16.92 8.33
CA PRO I 152 -13.21 -16.37 9.27
C PRO I 152 -13.29 -17.18 10.57
N GLU I 153 -14.34 -16.96 11.34
CA GLU I 153 -14.58 -17.73 12.56
C GLU I 153 -14.94 -19.17 12.22
N PRO I 154 -14.67 -20.10 13.15
CA PRO I 154 -14.07 -19.91 14.46
C PRO I 154 -12.59 -20.31 14.53
N VAL I 155 -12.02 -20.21 15.72
CA VAL I 155 -10.64 -20.62 15.95
C VAL I 155 -10.54 -21.37 17.28
N THR I 156 -10.79 -22.67 17.26
CA THR I 156 -10.78 -23.49 18.46
C THR I 156 -9.39 -23.51 19.10
N VAL I 157 -9.26 -22.84 20.25
CA VAL I 157 -7.99 -22.76 20.94
C VAL I 157 -7.96 -23.64 22.19
N SER I 158 -6.99 -24.54 22.23
CA SER I 158 -6.81 -25.42 23.38
C SER I 158 -5.45 -25.17 24.04
N TRP I 159 -5.46 -24.41 25.14
CA TRP I 159 -4.24 -24.07 25.84
C TRP I 159 -3.67 -25.26 26.60
N ASN I 160 -4.47 -26.32 26.73
CA ASN I 160 -4.04 -27.54 27.40
C ASN I 160 -3.42 -28.52 26.43
N SER I 161 -3.95 -29.75 26.41
CA SER I 161 -3.47 -30.79 25.51
C SER I 161 -4.55 -31.82 25.25
N VAL I 168 -8.72 -21.57 32.37
CA VAL I 168 -8.58 -21.07 31.00
C VAL I 168 -9.89 -20.48 30.48
N HIS I 169 -9.88 -19.18 30.21
CA HIS I 169 -11.07 -18.50 29.70
C HIS I 169 -10.82 -17.93 28.30
N THR I 170 -11.32 -18.63 27.30
CA THR I 170 -11.14 -18.20 25.91
C THR I 170 -12.09 -17.06 25.55
N PHE I 171 -11.52 -15.95 25.10
CA PHE I 171 -12.31 -14.78 24.72
C PHE I 171 -12.76 -14.85 23.27
N PRO I 172 -14.00 -14.39 23.00
CA PRO I 172 -14.51 -14.30 21.63
C PRO I 172 -13.68 -13.35 20.78
N ALA I 173 -13.63 -13.61 19.47
CA ALA I 173 -12.82 -12.80 18.56
C ALA I 173 -13.44 -11.43 18.32
N VAL I 174 -12.76 -10.62 17.52
CA VAL I 174 -13.23 -9.27 17.21
C VAL I 174 -13.08 -8.92 15.73
N LEU I 175 -14.18 -8.52 15.12
CA LEU I 175 -14.15 -8.04 13.74
C LEU I 175 -13.50 -6.66 13.69
N GLN I 176 -12.20 -6.63 13.47
CA GLN I 176 -11.44 -5.39 13.47
C GLN I 176 -11.78 -4.51 12.27
N SER I 177 -11.11 -3.36 12.18
CA SER I 177 -11.34 -2.41 11.09
C SER I 177 -10.73 -2.89 9.78
N SER I 178 -9.93 -3.95 9.85
CA SER I 178 -9.30 -4.53 8.67
C SER I 178 -10.17 -5.60 8.04
N GLY I 179 -11.13 -6.10 8.81
CA GLY I 179 -12.04 -7.13 8.34
C GLY I 179 -11.63 -8.52 8.75
N LEU I 180 -10.69 -8.60 9.69
CA LEU I 180 -10.21 -9.89 10.17
C LEU I 180 -10.45 -10.04 11.67
N TYR I 181 -10.60 -11.29 12.12
CA TYR I 181 -10.86 -11.56 13.52
C TYR I 181 -9.56 -11.64 14.33
N SER I 182 -9.67 -11.42 15.63
CA SER I 182 -8.52 -11.50 16.54
C SER I 182 -8.96 -12.09 17.88
N LEU I 183 -8.40 -13.24 18.22
CA LEU I 183 -8.81 -13.97 19.41
C LEU I 183 -7.72 -13.98 20.49
N SER I 184 -8.15 -14.05 21.75
CA SER I 184 -7.23 -14.17 22.88
C SER I 184 -7.71 -15.22 23.86
N SER I 185 -6.78 -15.98 24.42
CA SER I 185 -7.11 -17.02 25.38
C SER I 185 -6.05 -17.12 26.48
N VAL I 186 -6.42 -16.66 27.67
CA VAL I 186 -5.48 -16.67 28.80
C VAL I 186 -5.74 -17.85 29.74
N VAL I 187 -4.69 -18.62 30.00
CA VAL I 187 -4.78 -19.77 30.89
C VAL I 187 -4.16 -19.46 32.25
N ILE I 200 2.18 -25.96 26.32
CA ILE I 200 1.97 -25.95 24.88
C ILE I 200 0.64 -25.31 24.52
N CYS I 201 0.66 -24.45 23.50
CA CYS I 201 -0.55 -23.76 23.05
C CYS I 201 -0.88 -24.13 21.61
N ASN I 202 -1.99 -24.83 21.42
CA ASN I 202 -2.41 -25.26 20.09
C ASN I 202 -3.59 -24.46 19.57
N VAL I 203 -3.42 -23.82 18.41
CA VAL I 203 -4.48 -23.04 17.79
C VAL I 203 -4.84 -23.61 16.42
N ASN I 204 -6.02 -24.20 16.31
CA ASN I 204 -6.48 -24.78 15.06
C ASN I 204 -7.33 -23.81 14.25
N HIS I 205 -7.37 -24.02 12.94
CA HIS I 205 -8.16 -23.17 12.06
C HIS I 205 -8.57 -23.94 10.81
N LYS I 206 -9.78 -24.49 10.84
CA LYS I 206 -10.29 -25.32 9.74
C LYS I 206 -10.46 -24.61 8.38
N PRO I 207 -11.01 -23.38 8.37
CA PRO I 207 -11.17 -22.72 7.06
C PRO I 207 -9.85 -22.53 6.32
N SER I 208 -8.79 -22.17 7.05
CA SER I 208 -7.46 -22.05 6.45
C SER I 208 -6.48 -22.91 7.24
N ASN I 209 -6.15 -24.08 6.69
CA ASN I 209 -5.31 -25.07 7.36
C ASN I 209 -4.02 -24.50 7.93
N THR I 210 -4.09 -24.00 9.16
CA THR I 210 -2.94 -23.43 9.83
C THR I 210 -2.97 -23.75 11.32
N LYS I 211 -2.40 -24.89 11.68
CA LYS I 211 -2.33 -25.31 13.08
C LYS I 211 -0.93 -25.05 13.64
N VAL I 212 -0.81 -24.03 14.48
CA VAL I 212 0.49 -23.65 15.03
C VAL I 212 0.64 -24.09 16.49
N ASP I 213 1.88 -24.15 16.96
CA ASP I 213 2.17 -24.54 18.33
C ASP I 213 3.16 -23.58 18.99
N LYS I 214 2.72 -22.34 19.19
CA LYS I 214 3.58 -21.33 19.80
C LYS I 214 3.35 -21.24 21.31
N SER J 2 -17.76 -27.25 -32.95
CA SER J 2 -16.51 -27.31 -32.19
C SER J 2 -16.56 -28.42 -31.14
N VAL J 3 -16.40 -29.66 -31.60
CA VAL J 3 -16.43 -30.81 -30.71
C VAL J 3 -15.30 -31.79 -31.01
N LEU J 4 -14.54 -32.15 -29.99
CA LEU J 4 -13.47 -33.13 -30.13
C LEU J 4 -14.00 -34.54 -29.87
N THR J 5 -13.29 -35.55 -30.37
CA THR J 5 -13.76 -36.92 -30.27
C THR J 5 -12.85 -37.78 -29.39
N GLN J 6 -13.43 -38.38 -28.36
CA GLN J 6 -12.70 -39.29 -27.48
C GLN J 6 -13.39 -40.63 -27.39
N PRO J 7 -12.63 -41.69 -27.10
CA PRO J 7 -13.25 -42.99 -26.80
C PRO J 7 -14.06 -42.89 -25.50
N PRO J 8 -15.33 -43.29 -25.53
CA PRO J 8 -16.25 -43.18 -24.40
C PRO J 8 -15.75 -43.83 -23.11
N SER J 9 -14.94 -44.87 -23.24
CA SER J 9 -14.43 -45.58 -22.06
C SER J 9 -13.03 -46.12 -22.28
N ALA J 10 -12.31 -46.33 -21.17
CA ALA J 10 -10.97 -46.90 -21.21
C ALA J 10 -10.77 -47.84 -20.02
N SER J 11 -10.27 -49.04 -20.29
CA SER J 11 -10.11 -50.04 -19.23
C SER J 11 -8.65 -50.39 -19.00
N GLY J 12 -8.37 -51.01 -17.86
CA GLY J 12 -7.02 -51.43 -17.52
C GLY J 12 -6.87 -51.78 -16.05
N THR J 13 -5.98 -52.74 -15.77
CA THR J 13 -5.68 -53.14 -14.41
C THR J 13 -4.45 -52.41 -13.90
N PRO J 14 -4.31 -52.27 -12.56
CA PRO J 14 -3.14 -51.63 -11.96
C PRO J 14 -1.81 -52.16 -12.49
N GLY J 15 -0.97 -51.25 -12.98
CA GLY J 15 0.32 -51.62 -13.52
C GLY J 15 0.38 -51.48 -15.03
N GLN J 16 -0.77 -51.71 -15.67
CA GLN J 16 -0.86 -51.62 -17.13
C GLN J 16 -0.82 -50.18 -17.61
N ARG J 17 -0.64 -50.00 -18.92
CA ARG J 17 -0.62 -48.68 -19.53
C ARG J 17 -1.88 -48.45 -20.35
N VAL J 18 -2.50 -47.29 -20.18
CA VAL J 18 -3.71 -46.95 -20.92
C VAL J 18 -3.53 -45.64 -21.67
N THR J 19 -3.80 -45.68 -22.97
CA THR J 19 -3.70 -44.48 -23.80
C THR J 19 -5.07 -43.98 -24.22
N ILE J 20 -5.31 -42.69 -24.00
CA ILE J 20 -6.57 -42.07 -24.38
C ILE J 20 -6.37 -41.11 -25.56
N SER J 21 -7.04 -41.38 -26.67
CA SER J 21 -6.89 -40.58 -27.87
C SER J 21 -7.82 -39.36 -27.86
N CYS J 22 -7.53 -38.39 -28.73
CA CYS J 22 -8.32 -37.18 -28.85
C CYS J 22 -8.18 -36.59 -30.24
N SER J 23 -9.17 -36.82 -31.10
CA SER J 23 -9.15 -36.32 -32.46
C SER J 23 -9.87 -34.98 -32.58
N GLY J 24 -9.37 -34.12 -33.47
CA GLY J 24 -9.97 -32.81 -33.67
C GLY J 24 -9.84 -32.30 -35.08
N SER J 25 -9.80 -30.98 -35.23
CA SER J 25 -9.72 -30.35 -36.53
C SER J 25 -8.50 -29.44 -36.64
N LEU J 26 -8.33 -28.83 -37.81
CA LEU J 26 -7.21 -27.93 -38.07
C LEU J 26 -7.38 -26.61 -37.30
N SER J 27 -8.62 -26.27 -36.99
CA SER J 27 -8.93 -24.97 -36.40
C SER J 27 -8.97 -24.98 -34.87
N ASN J 28 -9.10 -26.16 -34.27
CA ASN J 28 -9.11 -26.24 -32.81
C ASN J 28 -7.84 -26.90 -32.26
N ILE J 29 -7.74 -28.22 -32.39
CA ILE J 29 -6.55 -28.94 -31.93
C ILE J 29 -5.33 -28.47 -32.70
N GLY J 30 -5.48 -28.34 -34.02
CA GLY J 30 -4.45 -27.72 -34.83
C GLY J 30 -4.46 -26.22 -34.55
N LEU J 31 -3.33 -25.57 -34.82
CA LEU J 31 -3.19 -24.12 -34.66
C LEU J 31 -3.34 -23.63 -33.20
N ASN J 32 -3.60 -24.55 -32.28
CA ASN J 32 -3.72 -24.21 -30.87
C ASN J 32 -3.17 -25.29 -29.95
N TYR J 33 -3.21 -25.03 -28.65
CA TYR J 33 -2.69 -25.97 -27.66
C TYR J 33 -3.75 -26.95 -27.18
N VAL J 34 -3.32 -28.17 -26.85
CA VAL J 34 -4.22 -29.18 -26.32
C VAL J 34 -4.01 -29.34 -24.83
N SER J 35 -5.09 -29.19 -24.05
CA SER J 35 -5.01 -29.34 -22.61
C SER J 35 -5.95 -30.43 -22.10
N TRP J 36 -5.42 -31.30 -21.24
CA TRP J 36 -6.21 -32.38 -20.66
C TRP J 36 -6.71 -32.04 -19.26
N TYR J 37 -7.87 -32.57 -18.90
CA TYR J 37 -8.47 -32.30 -17.60
C TYR J 37 -9.00 -33.57 -16.95
N GLN J 38 -8.68 -33.75 -15.67
CA GLN J 38 -9.14 -34.92 -14.92
C GLN J 38 -10.29 -34.57 -14.01
N GLN J 39 -11.35 -35.38 -14.04
CA GLN J 39 -12.50 -35.15 -13.17
C GLN J 39 -12.82 -36.37 -12.30
N LEU J 40 -12.39 -36.32 -11.04
CA LEU J 40 -12.76 -37.35 -10.07
C LEU J 40 -14.25 -37.28 -9.79
N PRO J 41 -14.86 -38.42 -9.48
CA PRO J 41 -16.30 -38.50 -9.20
C PRO J 41 -16.75 -37.55 -8.09
N GLY J 42 -17.65 -36.63 -8.42
CA GLY J 42 -18.20 -35.72 -7.45
C GLY J 42 -17.35 -34.49 -7.19
N THR J 43 -16.37 -34.24 -8.06
CA THR J 43 -15.47 -33.10 -7.92
C THR J 43 -15.43 -32.24 -9.18
N ALA J 44 -14.82 -31.07 -9.05
CA ALA J 44 -14.65 -30.17 -10.18
C ALA J 44 -13.49 -30.62 -11.07
N PRO J 45 -13.55 -30.30 -12.36
CA PRO J 45 -12.46 -30.63 -13.28
C PRO J 45 -11.12 -30.04 -12.83
N LYS J 46 -10.05 -30.82 -13.00
CA LYS J 46 -8.72 -30.38 -12.60
C LYS J 46 -7.76 -30.46 -13.80
N LEU J 47 -6.96 -29.41 -13.99
CA LEU J 47 -5.98 -29.40 -15.07
C LEU J 47 -4.96 -30.52 -14.88
N LEU J 48 -4.96 -31.47 -15.81
CA LEU J 48 -4.06 -32.61 -15.75
C LEU J 48 -2.83 -32.39 -16.62
N ILE J 49 -3.07 -31.94 -17.85
CA ILE J 49 -2.00 -31.65 -18.80
C ILE J 49 -2.27 -30.34 -19.52
N SER J 50 -1.33 -29.40 -19.43
CA SER J 50 -1.45 -28.12 -20.13
C SER J 50 -0.38 -28.03 -21.21
N ARG J 51 -0.64 -27.21 -22.23
CA ARG J 51 0.30 -27.00 -23.33
C ARG J 51 0.84 -28.31 -23.91
N ASN J 52 -0.06 -29.13 -24.45
CA ASN J 52 0.29 -30.39 -25.09
C ASN J 52 0.87 -31.45 -24.16
N ASN J 53 1.94 -31.11 -23.43
CA ASN J 53 2.62 -32.10 -22.61
C ASN J 53 3.30 -31.55 -21.36
N GLN J 54 2.70 -30.54 -20.73
CA GLN J 54 3.25 -29.98 -19.50
C GLN J 54 2.46 -30.43 -18.29
N ARG J 55 3.16 -30.97 -17.29
CA ARG J 55 2.53 -31.44 -16.07
C ARG J 55 2.61 -30.39 -14.96
N PRO J 56 1.46 -30.04 -14.36
CA PRO J 56 1.40 -29.12 -13.22
C PRO J 56 2.11 -29.68 -12.00
N SER J 57 2.51 -28.81 -11.08
CA SER J 57 3.19 -29.25 -9.87
C SER J 57 2.23 -30.00 -8.97
N GLY J 58 2.15 -31.32 -9.16
CA GLY J 58 1.25 -32.16 -8.40
C GLY J 58 0.87 -33.39 -9.19
N VAL J 59 0.86 -33.25 -10.50
CA VAL J 59 0.57 -34.37 -11.39
C VAL J 59 1.84 -35.22 -11.58
N PRO J 60 1.74 -36.51 -11.24
CA PRO J 60 2.89 -37.43 -11.32
C PRO J 60 3.34 -37.67 -12.75
N ASP J 61 4.52 -38.27 -12.92
CA ASP J 61 5.07 -38.53 -14.24
C ASP J 61 4.42 -39.75 -14.89
N ARG J 62 3.38 -40.28 -14.26
CA ARG J 62 2.63 -41.39 -14.80
C ARG J 62 1.77 -40.92 -15.98
N PHE J 63 1.33 -39.67 -15.91
CA PHE J 63 0.53 -39.08 -16.98
C PHE J 63 1.42 -38.34 -17.97
N SER J 64 1.09 -38.43 -19.25
CA SER J 64 1.86 -37.75 -20.30
C SER J 64 1.01 -37.46 -21.53
N GLY J 65 1.08 -36.23 -22.01
CA GLY J 65 0.35 -35.83 -23.21
C GLY J 65 1.26 -35.74 -24.41
N SER J 66 0.66 -35.66 -25.58
CA SER J 66 1.41 -35.57 -26.84
C SER J 66 0.52 -35.09 -27.97
N LYS J 67 1.02 -34.13 -28.74
CA LYS J 67 0.27 -33.58 -29.87
C LYS J 67 1.00 -33.82 -31.18
N SER J 68 0.28 -34.35 -32.16
CA SER J 68 0.84 -34.58 -33.50
C SER J 68 -0.25 -34.42 -34.54
N GLY J 69 -0.13 -33.39 -35.37
CA GLY J 69 -1.13 -33.10 -36.38
C GLY J 69 -2.35 -32.45 -35.77
N THR J 70 -3.53 -32.97 -36.09
CA THR J 70 -4.77 -32.47 -35.53
C THR J 70 -5.38 -33.48 -34.56
N SER J 71 -4.53 -34.11 -33.76
CA SER J 71 -4.97 -35.10 -32.78
C SER J 71 -4.03 -35.13 -31.59
N ALA J 72 -4.52 -35.69 -30.48
CA ALA J 72 -3.71 -35.78 -29.26
C ALA J 72 -3.89 -37.14 -28.59
N SER J 73 -3.03 -37.43 -27.62
CA SER J 73 -3.09 -38.69 -26.90
C SER J 73 -2.65 -38.53 -25.44
N LEU J 74 -3.42 -39.12 -24.54
CA LEU J 74 -3.09 -39.10 -23.11
C LEU J 74 -2.62 -40.47 -22.64
N ALA J 75 -1.36 -40.55 -22.24
CA ALA J 75 -0.78 -41.82 -21.81
C ALA J 75 -0.61 -41.88 -20.30
N ILE J 76 -1.20 -42.89 -19.68
CA ILE J 76 -1.10 -43.08 -18.25
C ILE J 76 -0.30 -44.33 -17.92
N SER J 77 1.01 -44.18 -17.82
CA SER J 77 1.90 -45.31 -17.55
C SER J 77 1.97 -45.60 -16.06
N GLY J 78 1.57 -46.81 -15.68
CA GLY J 78 1.53 -47.19 -14.28
C GLY J 78 0.18 -46.86 -13.66
N LEU J 79 -0.85 -47.56 -14.11
CA LEU J 79 -2.22 -47.31 -13.68
C LEU J 79 -2.40 -47.61 -12.19
N ARG J 80 -3.12 -46.74 -11.49
CA ARG J 80 -3.36 -46.91 -10.06
C ARG J 80 -4.84 -46.75 -9.73
N SER J 81 -5.19 -47.03 -8.48
CA SER J 81 -6.58 -46.98 -8.03
C SER J 81 -7.16 -45.57 -8.09
N GLU J 82 -6.34 -44.57 -7.77
CA GLU J 82 -6.81 -43.20 -7.72
C GLU J 82 -6.76 -42.52 -9.10
N ASP J 83 -6.67 -43.33 -10.15
CA ASP J 83 -6.65 -42.81 -11.51
C ASP J 83 -7.99 -43.02 -12.22
N GLU J 84 -8.88 -43.76 -11.56
CA GLU J 84 -10.20 -44.02 -12.11
C GLU J 84 -11.08 -42.76 -12.07
N ALA J 85 -11.14 -42.06 -13.19
CA ALA J 85 -11.91 -40.83 -13.29
C ALA J 85 -12.23 -40.49 -14.74
N ASP J 86 -12.93 -39.38 -14.94
CA ASP J 86 -13.24 -38.90 -16.29
C ASP J 86 -12.13 -37.99 -16.80
N TYR J 87 -11.82 -38.12 -18.08
CA TYR J 87 -10.76 -37.31 -18.69
C TYR J 87 -11.26 -36.59 -19.93
N TYR J 88 -11.20 -35.26 -19.89
CA TYR J 88 -11.66 -34.43 -20.99
C TYR J 88 -10.48 -33.72 -21.68
N CYS J 89 -10.47 -33.75 -23.01
CA CYS J 89 -9.47 -33.01 -23.77
C CYS J 89 -10.11 -31.76 -24.36
N ALA J 90 -9.33 -30.69 -24.40
CA ALA J 90 -9.85 -29.41 -24.88
C ALA J 90 -8.81 -28.66 -25.70
N ALA J 91 -9.28 -27.81 -26.60
CA ALA J 91 -8.41 -27.01 -27.45
C ALA J 91 -9.13 -25.77 -27.96
N TRP J 92 -8.44 -24.64 -27.97
CA TRP J 92 -9.00 -23.38 -28.43
C TRP J 92 -9.39 -23.45 -29.90
N ASP J 93 -10.67 -23.32 -30.18
CA ASP J 93 -11.16 -23.39 -31.56
C ASP J 93 -11.16 -22.02 -32.21
N ASP J 94 -10.73 -21.96 -33.47
CA ASP J 94 -10.60 -20.68 -34.17
C ASP J 94 -11.73 -20.42 -35.16
N SER J 95 -12.26 -21.46 -35.80
CA SER J 95 -13.30 -21.25 -36.80
C SER J 95 -14.58 -20.72 -36.16
N PRO J 96 -15.16 -21.43 -35.17
CA PRO J 96 -16.00 -20.60 -34.33
C PRO J 96 -15.24 -20.23 -33.06
N PRO J 97 -14.94 -18.93 -32.89
CA PRO J 97 -14.14 -18.46 -31.75
C PRO J 97 -14.71 -18.93 -30.41
N GLY J 98 -14.17 -20.03 -29.91
CA GLY J 98 -14.61 -20.60 -28.65
C GLY J 98 -13.68 -21.71 -28.17
N GLU J 99 -14.23 -22.65 -27.42
CA GLU J 99 -13.44 -23.74 -26.88
C GLU J 99 -14.03 -25.09 -27.27
N ALA J 100 -13.23 -25.92 -27.95
CA ALA J 100 -13.68 -27.24 -28.38
C ALA J 100 -13.33 -28.30 -27.33
N PHE J 101 -14.37 -28.83 -26.68
CA PHE J 101 -14.17 -29.86 -25.67
C PHE J 101 -14.34 -31.26 -26.25
N GLY J 102 -13.87 -32.26 -25.52
CA GLY J 102 -14.04 -33.65 -25.91
C GLY J 102 -15.25 -34.26 -25.23
N GLY J 103 -15.71 -35.39 -25.74
CA GLY J 103 -16.86 -36.07 -25.20
C GLY J 103 -16.64 -36.57 -23.78
N GLY J 104 -15.38 -36.84 -23.45
CA GLY J 104 -15.03 -37.31 -22.12
C GLY J 104 -14.80 -38.81 -22.10
N THR J 105 -13.62 -39.22 -21.65
CA THR J 105 -13.27 -40.63 -21.55
C THR J 105 -13.38 -41.12 -20.11
N LYS J 106 -14.35 -41.99 -19.87
CA LYS J 106 -14.56 -42.55 -18.54
C LYS J 106 -13.60 -43.72 -18.29
N LEU J 107 -12.41 -43.38 -17.81
CA LEU J 107 -11.39 -44.40 -17.53
C LEU J 107 -11.79 -45.27 -16.34
N THR J 108 -11.82 -46.58 -16.57
CA THR J 108 -12.16 -47.51 -15.52
C THR J 108 -10.95 -48.33 -15.07
N VAL J 109 -10.44 -48.02 -13.89
CA VAL J 109 -9.37 -48.83 -13.30
C VAL J 109 -9.98 -50.05 -12.66
N LEU J 110 -9.55 -51.23 -13.11
CA LEU J 110 -10.17 -52.48 -12.68
C LEU J 110 -9.73 -52.90 -11.28
N GLY J 111 -9.54 -54.21 -11.10
CA GLY J 111 -9.27 -54.78 -9.80
C GLY J 111 -10.42 -55.69 -9.41
N GLN J 112 -11.27 -55.99 -10.39
CA GLN J 112 -12.44 -56.83 -10.19
C GLN J 112 -12.89 -57.41 -11.52
N PRO J 113 -13.11 -58.73 -11.56
CA PRO J 113 -13.50 -59.45 -12.78
C PRO J 113 -14.78 -58.90 -13.42
N LYS J 114 -14.93 -59.12 -14.72
CA LYS J 114 -16.10 -58.64 -15.44
C LYS J 114 -17.37 -59.32 -14.93
N ALA J 115 -18.31 -58.51 -14.43
CA ALA J 115 -19.54 -59.04 -13.87
C ALA J 115 -20.71 -58.89 -14.83
N ALA J 116 -21.50 -59.95 -14.96
CA ALA J 116 -22.69 -59.92 -15.81
C ALA J 116 -23.87 -59.30 -15.08
N PRO J 117 -24.63 -58.44 -15.78
CA PRO J 117 -25.77 -57.73 -15.21
C PRO J 117 -26.85 -58.66 -14.65
N SER J 118 -27.26 -58.43 -13.41
CA SER J 118 -28.36 -59.18 -12.80
C SER J 118 -29.67 -58.47 -13.11
N VAL J 119 -30.28 -58.82 -14.24
CA VAL J 119 -31.46 -58.13 -14.74
C VAL J 119 -32.76 -58.80 -14.28
N THR J 120 -33.70 -57.97 -13.81
CA THR J 120 -35.00 -58.46 -13.35
C THR J 120 -36.10 -57.49 -13.78
N LEU J 121 -37.17 -58.03 -14.35
CA LEU J 121 -38.29 -57.20 -14.82
C LEU J 121 -39.57 -57.49 -14.05
N PHE J 122 -40.66 -56.85 -14.47
CA PHE J 122 -41.96 -57.01 -13.83
C PHE J 122 -43.08 -56.56 -14.76
N PRO J 123 -44.25 -57.23 -14.68
CA PRO J 123 -45.41 -56.87 -15.51
C PRO J 123 -45.89 -55.44 -15.25
N PRO J 124 -46.38 -54.76 -16.30
CA PRO J 124 -46.82 -53.37 -16.25
C PRO J 124 -47.93 -53.09 -15.24
N SER J 125 -49.18 -53.18 -15.70
CA SER J 125 -50.33 -52.83 -14.88
C SER J 125 -50.49 -53.73 -13.65
N SER J 126 -50.98 -53.15 -12.57
CA SER J 126 -51.20 -53.89 -11.33
C SER J 126 -52.28 -53.21 -10.49
N GLU J 127 -52.19 -51.88 -10.40
CA GLU J 127 -53.16 -51.09 -9.64
C GLU J 127 -53.84 -50.04 -10.52
N LYS J 133 -53.03 -47.79 -15.23
CA LYS J 133 -51.94 -47.24 -16.02
C LYS J 133 -50.71 -48.15 -15.96
N ALA J 134 -50.06 -48.33 -17.11
CA ALA J 134 -48.87 -49.18 -17.20
C ALA J 134 -47.65 -48.49 -16.59
N THR J 135 -46.64 -49.29 -16.26
CA THR J 135 -45.41 -48.75 -15.67
C THR J 135 -44.20 -49.61 -16.04
N LEU J 136 -44.46 -50.87 -16.41
CA LEU J 136 -43.43 -51.87 -16.76
C LEU J 136 -42.15 -51.76 -15.93
N VAL J 137 -41.21 -50.95 -16.42
CA VAL J 137 -39.92 -50.70 -15.76
C VAL J 137 -39.01 -51.93 -15.72
N CYS J 138 -37.76 -51.73 -16.15
CA CYS J 138 -36.75 -52.79 -16.12
C CYS J 138 -35.62 -52.43 -15.16
N LEU J 139 -35.04 -53.44 -14.51
CA LEU J 139 -33.98 -53.21 -13.54
C LEU J 139 -32.69 -53.94 -13.91
N ILE J 140 -31.58 -53.22 -13.83
CA ILE J 140 -30.27 -53.80 -14.11
C ILE J 140 -29.35 -53.58 -12.91
N SER J 141 -28.66 -54.63 -12.48
CA SER J 141 -27.80 -54.54 -11.30
C SER J 141 -26.60 -55.47 -11.34
N ASP J 142 -25.62 -55.18 -10.49
CA ASP J 142 -24.43 -56.01 -10.32
C ASP J 142 -23.69 -56.30 -11.62
N PHE J 143 -23.24 -55.25 -12.30
CA PHE J 143 -22.41 -55.40 -13.48
C PHE J 143 -21.13 -54.60 -13.35
N TYR J 144 -20.05 -55.09 -13.93
CA TYR J 144 -18.77 -54.43 -13.85
C TYR J 144 -18.00 -54.57 -15.16
N PRO J 145 -17.49 -53.44 -15.71
CA PRO J 145 -17.59 -52.09 -15.15
C PRO J 145 -18.94 -51.42 -15.41
N GLY J 146 -19.04 -50.14 -15.07
CA GLY J 146 -20.28 -49.40 -15.22
C GLY J 146 -20.44 -48.71 -16.56
N ALA J 147 -20.94 -49.46 -17.53
CA ALA J 147 -21.21 -48.93 -18.87
C ALA J 147 -22.25 -49.80 -19.57
N VAL J 148 -23.48 -49.31 -19.61
CA VAL J 148 -24.60 -50.12 -20.09
C VAL J 148 -25.59 -49.32 -20.95
N THR J 149 -25.94 -49.89 -22.11
CA THR J 149 -27.00 -49.35 -22.95
C THR J 149 -28.19 -50.31 -22.95
N VAL J 150 -29.39 -49.76 -22.95
CA VAL J 150 -30.61 -50.56 -22.87
C VAL J 150 -31.54 -50.30 -24.04
N ALA J 151 -32.10 -51.37 -24.61
CA ALA J 151 -33.04 -51.26 -25.72
C ALA J 151 -34.35 -51.96 -25.42
N TRP J 152 -35.45 -51.21 -25.51
CA TRP J 152 -36.78 -51.76 -25.24
C TRP J 152 -37.44 -52.32 -26.50
N LYS J 153 -37.55 -53.64 -26.58
CA LYS J 153 -38.15 -54.28 -27.73
C LYS J 153 -39.53 -54.86 -27.39
N ALA J 154 -40.48 -54.64 -28.30
CA ALA J 154 -41.84 -55.17 -28.13
C ALA J 154 -42.07 -56.35 -29.06
N ASP J 155 -41.64 -56.19 -30.31
CA ASP J 155 -41.76 -57.26 -31.29
C ASP J 155 -40.37 -57.80 -31.65
N SER J 156 -39.99 -57.64 -32.91
CA SER J 156 -38.68 -58.08 -33.37
C SER J 156 -38.29 -57.36 -34.66
N SER J 157 -37.25 -56.54 -34.59
CA SER J 157 -36.49 -56.33 -33.36
C SER J 157 -36.24 -54.86 -33.01
N PRO J 158 -35.80 -54.02 -33.98
CA PRO J 158 -35.54 -52.63 -33.59
C PRO J 158 -36.81 -51.86 -33.22
N VAL J 159 -37.06 -51.72 -31.93
CA VAL J 159 -38.22 -50.98 -31.43
C VAL J 159 -37.77 -49.92 -30.42
N LYS J 160 -38.34 -48.73 -30.51
CA LYS J 160 -38.00 -47.65 -29.58
C LYS J 160 -39.15 -46.65 -29.43
N ALA J 161 -39.21 -46.02 -28.26
CA ALA J 161 -40.24 -45.03 -27.97
C ALA J 161 -39.76 -44.02 -26.93
N GLY J 162 -40.67 -43.57 -26.08
CA GLY J 162 -40.32 -42.64 -25.01
C GLY J 162 -39.60 -43.34 -23.88
N VAL J 163 -38.28 -43.28 -23.89
CA VAL J 163 -37.47 -43.98 -22.90
C VAL J 163 -36.56 -43.04 -22.12
N GLU J 164 -36.66 -43.08 -20.80
CA GLU J 164 -35.77 -42.33 -19.93
C GLU J 164 -35.03 -43.26 -18.97
N THR J 165 -33.80 -43.62 -19.34
CA THR J 165 -33.00 -44.54 -18.54
C THR J 165 -32.08 -43.78 -17.58
N THR J 166 -31.44 -44.51 -16.67
CA THR J 166 -30.58 -43.91 -15.67
C THR J 166 -29.11 -44.09 -15.96
N THR J 167 -28.27 -43.55 -15.09
CA THR J 167 -26.83 -43.77 -15.15
C THR J 167 -26.43 -44.67 -13.98
N PRO J 168 -25.52 -45.62 -14.23
CA PRO J 168 -25.07 -46.59 -13.23
C PRO J 168 -24.57 -45.94 -11.94
N SER J 169 -24.80 -46.59 -10.81
CA SER J 169 -24.37 -46.09 -9.51
C SER J 169 -23.51 -47.12 -8.80
N LYS J 170 -22.62 -46.65 -7.93
CA LYS J 170 -21.73 -47.54 -7.18
C LYS J 170 -22.47 -48.23 -6.05
N GLN J 171 -22.62 -49.55 -6.17
CA GLN J 171 -23.27 -50.35 -5.13
C GLN J 171 -22.33 -50.59 -3.96
N SER J 172 -22.83 -51.31 -2.95
CA SER J 172 -22.03 -51.63 -1.77
C SER J 172 -21.08 -52.79 -2.06
N ASN J 173 -21.23 -53.40 -3.24
CA ASN J 173 -20.39 -54.51 -3.64
C ASN J 173 -19.44 -54.12 -4.76
N ASN J 174 -19.16 -52.82 -4.87
CA ASN J 174 -18.30 -52.25 -5.91
C ASN J 174 -18.77 -52.51 -7.33
N LYS J 175 -19.95 -53.10 -7.47
CA LYS J 175 -20.57 -53.29 -8.78
C LYS J 175 -21.50 -52.12 -9.06
N TYR J 176 -22.11 -52.13 -10.25
CA TYR J 176 -22.98 -51.02 -10.65
C TYR J 176 -24.41 -51.47 -10.92
N ALA J 177 -25.34 -50.54 -10.84
CA ALA J 177 -26.75 -50.82 -11.05
C ALA J 177 -27.46 -49.63 -11.69
N ALA J 178 -28.26 -49.89 -12.71
CA ALA J 178 -28.99 -48.84 -13.40
C ALA J 178 -30.47 -49.19 -13.52
N SER J 179 -31.21 -48.37 -14.27
CA SER J 179 -32.64 -48.62 -14.47
C SER J 179 -33.11 -47.99 -15.78
N SER J 180 -34.17 -48.55 -16.34
CA SER J 180 -34.73 -48.04 -17.60
C SER J 180 -36.25 -48.01 -17.53
N TYR J 181 -36.84 -46.94 -18.06
CA TYR J 181 -38.29 -46.77 -18.02
C TYR J 181 -38.83 -46.41 -19.41
N LEU J 182 -40.11 -46.65 -19.62
CA LEU J 182 -40.75 -46.37 -20.90
C LEU J 182 -42.21 -45.94 -20.74
N SER J 183 -42.79 -46.27 -19.58
CA SER J 183 -44.18 -45.94 -19.27
C SER J 183 -45.14 -46.47 -20.35
N LEU J 184 -45.69 -45.54 -21.14
CA LEU J 184 -46.55 -45.85 -22.29
C LEU J 184 -47.90 -46.45 -21.88
N THR J 185 -48.90 -46.22 -22.74
CA THR J 185 -50.28 -46.62 -22.44
C THR J 185 -50.47 -48.14 -22.39
N PRO J 186 -51.40 -48.60 -21.54
CA PRO J 186 -51.70 -50.03 -21.41
C PRO J 186 -52.32 -50.63 -22.67
N GLU J 187 -53.36 -49.98 -23.19
CA GLU J 187 -54.09 -50.50 -24.36
C GLU J 187 -53.25 -50.46 -25.63
N GLN J 188 -52.84 -49.26 -26.02
CA GLN J 188 -52.09 -49.08 -27.26
C GLN J 188 -50.65 -49.57 -27.15
N TRP J 189 -50.10 -50.03 -28.26
CA TRP J 189 -48.72 -50.50 -28.35
C TRP J 189 -48.40 -51.63 -27.36
N LYS J 190 -48.44 -51.33 -26.08
CA LYS J 190 -48.16 -52.32 -25.04
C LYS J 190 -49.25 -53.37 -24.93
N SER J 191 -49.51 -54.07 -26.02
CA SER J 191 -50.52 -55.12 -26.06
C SER J 191 -50.05 -56.29 -26.91
N HIS J 192 -48.74 -56.35 -27.15
CA HIS J 192 -48.14 -57.42 -27.94
C HIS J 192 -48.04 -58.70 -27.11
N ARG J 193 -47.42 -59.72 -27.69
CA ARG J 193 -47.28 -61.00 -27.01
C ARG J 193 -46.44 -60.87 -25.74
N SER J 194 -45.20 -60.44 -25.89
CA SER J 194 -44.31 -60.25 -24.76
C SER J 194 -43.30 -59.13 -25.03
N TYR J 195 -42.71 -58.61 -23.96
CA TYR J 195 -41.74 -57.52 -24.09
C TYR J 195 -40.58 -57.70 -23.11
N SER J 196 -39.41 -57.19 -23.49
CA SER J 196 -38.23 -57.26 -22.64
C SER J 196 -37.19 -56.22 -23.07
N CYS J 197 -36.46 -55.69 -22.09
CA CYS J 197 -35.43 -54.70 -22.36
C CYS J 197 -34.10 -55.38 -22.68
N GLN J 198 -33.55 -55.08 -23.85
CA GLN J 198 -32.30 -55.69 -24.30
C GLN J 198 -31.08 -54.94 -23.77
N VAL J 199 -30.79 -55.12 -22.49
CA VAL J 199 -29.64 -54.50 -21.86
C VAL J 199 -28.36 -55.30 -22.14
N THR J 200 -27.36 -54.62 -22.71
CA THR J 200 -26.10 -55.25 -23.05
C THR J 200 -24.97 -54.79 -22.13
N HIS J 201 -23.85 -55.50 -22.17
CA HIS J 201 -22.69 -55.16 -21.36
C HIS J 201 -21.41 -55.77 -21.92
N GLU J 202 -20.62 -54.96 -22.61
CA GLU J 202 -19.36 -55.37 -23.21
C GLU J 202 -19.53 -56.56 -24.15
N GLY J 203 -20.65 -56.60 -24.86
CA GLY J 203 -20.91 -57.67 -25.81
C GLY J 203 -22.00 -58.62 -25.35
N SER J 204 -21.92 -59.06 -24.10
CA SER J 204 -22.88 -60.00 -23.55
C SER J 204 -24.25 -59.36 -23.37
N THR J 205 -25.18 -59.71 -24.26
CA THR J 205 -26.54 -59.18 -24.19
C THR J 205 -27.39 -59.97 -23.20
N VAL J 206 -28.00 -59.26 -22.25
CA VAL J 206 -28.84 -59.90 -21.25
C VAL J 206 -30.30 -59.46 -21.40
N GLU J 207 -31.20 -60.44 -21.35
CA GLU J 207 -32.63 -60.14 -21.46
C GLU J 207 -33.44 -60.99 -20.49
N LYS J 208 -34.63 -60.51 -20.14
CA LYS J 208 -35.51 -61.23 -19.24
C LYS J 208 -36.97 -60.84 -19.45
N THR J 209 -37.85 -61.84 -19.49
CA THR J 209 -39.27 -61.59 -19.71
C THR J 209 -40.12 -62.65 -19.00
N SER K 2 12.25 26.32 32.62
CA SER K 2 13.01 27.55 32.47
C SER K 2 12.60 28.30 31.20
N VAL K 3 11.47 28.99 31.27
CA VAL K 3 10.99 29.77 30.13
C VAL K 3 10.54 31.16 30.57
N LEU K 4 10.68 32.13 29.68
CA LEU K 4 10.22 33.49 29.93
C LEU K 4 8.81 33.66 29.38
N THR K 5 8.06 34.60 29.95
CA THR K 5 6.67 34.80 29.58
C THR K 5 6.46 36.05 28.74
N GLN K 6 5.87 35.86 27.55
CA GLN K 6 5.57 36.98 26.66
C GLN K 6 4.11 36.94 26.21
N PRO K 7 3.54 38.11 25.89
CA PRO K 7 2.21 38.13 25.27
C PRO K 7 2.26 37.61 23.84
N PRO K 8 1.42 36.60 23.53
CA PRO K 8 1.41 35.96 22.21
C PRO K 8 1.06 36.91 21.06
N SER K 9 0.32 37.97 21.36
CA SER K 9 -0.13 38.90 20.33
C SER K 9 0.19 40.35 20.65
N ALA K 10 0.69 41.07 19.65
CA ALA K 10 0.96 42.50 19.78
C ALA K 10 0.50 43.23 18.53
N SER K 11 -0.41 44.18 18.70
CA SER K 11 -0.98 44.91 17.57
C SER K 11 -0.74 46.41 17.70
N GLY K 12 -0.74 47.10 16.55
CA GLY K 12 -0.53 48.53 16.54
C GLY K 12 -0.64 49.15 15.15
N THR K 13 -1.01 50.41 15.10
CA THR K 13 -1.11 51.15 13.84
C THR K 13 0.21 51.85 13.52
N PRO K 14 0.51 52.04 12.22
CA PRO K 14 1.73 52.74 11.80
C PRO K 14 1.89 54.11 12.44
N GLY K 15 2.82 54.23 13.38
CA GLY K 15 3.07 55.48 14.06
C GLY K 15 2.79 55.40 15.55
N GLN K 16 2.06 54.36 15.96
CA GLN K 16 1.70 54.17 17.35
C GLN K 16 2.90 53.72 18.18
N ARG K 17 2.68 53.52 19.48
CA ARG K 17 3.74 53.11 20.38
C ARG K 17 3.36 51.83 21.12
N VAL K 18 3.99 50.72 20.74
CA VAL K 18 3.66 49.41 21.30
C VAL K 18 4.80 48.85 22.13
N THR K 19 4.46 48.31 23.30
CA THR K 19 5.46 47.68 24.17
C THR K 19 5.18 46.18 24.31
N ILE K 20 6.23 45.41 24.57
CA ILE K 20 6.10 43.97 24.77
C ILE K 20 6.75 43.56 26.09
N SER K 21 5.94 43.02 26.99
CA SER K 21 6.43 42.62 28.31
C SER K 21 7.21 41.30 28.24
N CYS K 22 8.01 41.05 29.27
CA CYS K 22 8.78 39.82 29.35
C CYS K 22 8.95 39.37 30.80
N SER K 23 8.00 38.57 31.28
CA SER K 23 8.04 38.08 32.65
C SER K 23 9.03 36.92 32.78
N GLY K 24 9.83 36.96 33.83
CA GLY K 24 10.84 35.93 34.06
C GLY K 24 10.98 35.54 35.52
N SER K 25 12.20 35.19 35.92
CA SER K 25 12.47 34.77 37.29
C SER K 25 13.76 35.37 37.82
N LEU K 26 14.14 34.96 39.04
CA LEU K 26 15.31 35.50 39.70
C LEU K 26 16.60 34.91 39.15
N SER K 27 16.54 33.67 38.68
CA SER K 27 17.73 32.95 38.25
C SER K 27 18.04 33.16 36.77
N ASN K 28 17.14 33.80 36.03
CA ASN K 28 17.37 34.09 34.62
C ASN K 28 17.36 35.58 34.32
N ILE K 29 16.18 36.19 34.26
CA ILE K 29 16.07 37.62 34.00
C ILE K 29 16.76 38.41 35.10
N GLY K 30 16.54 37.99 36.34
CA GLY K 30 17.31 38.53 37.45
C GLY K 30 18.70 37.91 37.39
N LEU K 31 19.68 38.62 37.94
CA LEU K 31 21.07 38.16 38.02
C LEU K 31 21.74 37.98 36.65
N ASN K 32 21.04 38.31 35.57
CA ASN K 32 21.62 38.24 34.23
C ASN K 32 21.03 39.25 33.26
N TYR K 33 21.76 39.54 32.20
CA TYR K 33 21.31 40.49 31.19
C TYR K 33 20.14 39.93 30.38
N VAL K 34 19.27 40.83 29.91
CA VAL K 34 18.15 40.44 29.07
C VAL K 34 18.38 40.91 27.64
N SER K 35 18.25 39.99 26.69
CA SER K 35 18.44 40.31 25.29
C SER K 35 17.19 40.06 24.46
N TRP K 36 16.90 40.97 23.54
CA TRP K 36 15.74 40.83 22.65
C TRP K 36 16.18 40.48 21.23
N TYR K 37 15.35 39.71 20.54
CA TYR K 37 15.70 39.22 19.21
C TYR K 37 14.53 39.38 18.23
N GLN K 38 14.81 39.99 17.09
CA GLN K 38 13.81 40.19 16.05
C GLN K 38 13.96 39.15 14.94
N GLN K 39 12.84 38.53 14.57
CA GLN K 39 12.85 37.51 13.53
C GLN K 39 11.80 37.79 12.46
N LEU K 40 12.24 38.38 11.35
CA LEU K 40 11.37 38.63 10.21
C LEU K 40 10.92 37.31 9.59
N PRO K 41 9.67 37.27 9.09
CA PRO K 41 9.07 36.07 8.52
C PRO K 41 9.93 35.40 7.45
N GLY K 42 10.42 34.20 7.75
CA GLY K 42 11.21 33.44 6.81
C GLY K 42 12.70 33.61 6.99
N THR K 43 13.09 34.47 7.92
CA THR K 43 14.50 34.74 8.17
C THR K 43 14.94 34.24 9.53
N ALA K 44 16.25 34.28 9.78
CA ALA K 44 16.81 33.90 11.06
C ALA K 44 16.69 35.05 12.05
N PRO K 45 16.57 34.74 13.35
CA PRO K 45 16.51 35.80 14.36
C PRO K 45 17.83 36.55 14.49
N LYS K 46 17.78 37.87 14.55
CA LYS K 46 18.97 38.68 14.75
C LYS K 46 18.88 39.43 16.07
N LEU K 47 20.04 39.88 16.58
CA LEU K 47 20.08 40.58 17.85
C LEU K 47 19.49 41.99 17.73
N LEU K 48 18.38 42.21 18.41
CA LEU K 48 17.72 43.51 18.38
C LEU K 48 18.14 44.38 19.57
N ILE K 49 18.11 43.78 20.76
CA ILE K 49 18.53 44.46 21.98
C ILE K 49 19.44 43.56 22.80
N SER K 50 20.59 44.10 23.20
CA SER K 50 21.51 43.36 24.06
C SER K 50 21.75 44.15 25.34
N ARG K 51 22.20 43.46 26.38
CA ARG K 51 22.55 44.07 27.66
C ARG K 51 21.44 45.02 28.15
N ASN K 52 20.24 44.47 28.32
CA ASN K 52 19.08 45.19 28.83
C ASN K 52 18.57 46.31 27.91
N ASN K 53 19.44 47.27 27.57
CA ASN K 53 18.98 48.45 26.85
C ASN K 53 19.84 48.87 25.65
N GLN K 54 20.89 48.12 25.37
CA GLN K 54 21.82 48.48 24.30
C GLN K 54 21.32 48.12 22.91
N ARG K 55 21.58 48.99 21.94
CA ARG K 55 21.21 48.75 20.55
C ARG K 55 22.44 48.56 19.69
N PRO K 56 22.45 47.50 18.86
CA PRO K 56 23.55 47.24 17.91
C PRO K 56 23.67 48.34 16.86
N SER K 57 24.81 48.40 16.20
CA SER K 57 25.05 49.41 15.17
C SER K 57 24.29 49.04 13.89
N GLY K 58 22.98 49.20 13.92
CA GLY K 58 22.13 48.86 12.79
C GLY K 58 20.67 48.88 13.21
N VAL K 59 20.44 48.93 14.51
CA VAL K 59 19.09 48.99 15.05
C VAL K 59 18.73 50.43 15.42
N PRO K 60 17.62 50.93 14.84
CA PRO K 60 17.18 52.31 15.06
C PRO K 60 16.81 52.60 16.51
N ASP K 61 16.74 53.88 16.87
CA ASP K 61 16.43 54.28 18.24
C ASP K 61 14.95 54.13 18.56
N ARG K 62 14.18 53.65 17.59
CA ARG K 62 12.76 53.40 17.78
C ARG K 62 12.55 52.26 18.77
N PHE K 63 13.48 51.31 18.75
CA PHE K 63 13.42 50.16 19.67
C PHE K 63 14.08 50.50 20.99
N SER K 64 13.41 50.15 22.09
CA SER K 64 13.92 50.43 23.42
C SER K 64 13.73 49.24 24.36
N GLY K 65 14.81 48.81 25.01
CA GLY K 65 14.75 47.73 25.97
C GLY K 65 14.91 48.25 27.39
N SER K 66 14.25 47.59 28.33
CA SER K 66 14.33 47.99 29.73
C SER K 66 14.31 46.78 30.66
N LYS K 67 14.81 46.95 31.88
CA LYS K 67 14.85 45.87 32.85
C LYS K 67 14.58 46.37 34.26
N SER K 68 13.59 45.77 34.92
CA SER K 68 13.25 46.13 36.29
C SER K 68 12.84 44.90 37.08
N GLY K 69 13.73 44.43 37.95
CA GLY K 69 13.48 43.24 38.73
C GLY K 69 13.62 41.98 37.91
N THR K 70 12.62 41.12 37.97
CA THR K 70 12.63 39.87 37.20
C THR K 70 11.75 40.00 35.96
N SER K 71 11.56 41.24 35.50
CA SER K 71 10.73 41.49 34.33
C SER K 71 11.41 42.47 33.38
N ALA K 72 11.24 42.23 32.09
CA ALA K 72 11.82 43.10 31.07
C ALA K 72 10.76 43.56 30.08
N SER K 73 11.06 44.60 29.32
CA SER K 73 10.12 45.16 28.38
C SER K 73 10.79 45.63 27.09
N LEU K 74 10.07 45.51 25.98
CA LEU K 74 10.55 45.97 24.69
C LEU K 74 9.61 47.01 24.10
N ALA K 75 10.04 48.27 24.09
CA ALA K 75 9.20 49.36 23.61
C ALA K 75 9.57 49.77 22.19
N ILE K 76 8.57 49.82 21.32
CA ILE K 76 8.77 50.25 19.94
C ILE K 76 7.99 51.53 19.65
N SER K 77 8.68 52.66 19.63
CA SER K 77 8.05 53.94 19.34
C SER K 77 8.07 54.23 17.84
N GLY K 78 6.93 54.68 17.32
CA GLY K 78 6.79 54.94 15.89
C GLY K 78 6.81 53.64 15.10
N LEU K 79 5.70 52.92 15.13
CA LEU K 79 5.61 51.62 14.51
C LEU K 79 5.60 51.70 12.99
N ARG K 80 6.32 50.80 12.35
CA ARG K 80 6.40 50.76 10.89
C ARG K 80 6.07 49.37 10.36
N SER K 81 5.72 49.30 9.08
CA SER K 81 5.38 48.02 8.44
C SER K 81 6.58 47.08 8.39
N GLU K 82 7.77 47.64 8.50
CA GLU K 82 9.01 46.88 8.49
C GLU K 82 9.32 46.30 9.86
N ASP K 83 8.43 46.52 10.82
CA ASP K 83 8.64 46.04 12.19
C ASP K 83 7.77 44.82 12.49
N GLU K 84 6.91 44.45 11.54
CA GLU K 84 6.03 43.29 11.72
C GLU K 84 6.85 41.99 11.68
N ALA K 85 7.15 41.46 12.86
CA ALA K 85 7.94 40.25 12.98
C ALA K 85 7.73 39.58 14.34
N ASP K 86 8.52 38.53 14.59
CA ASP K 86 8.48 37.85 15.88
C ASP K 86 9.59 38.36 16.80
N TYR K 87 9.23 38.68 18.03
CA TYR K 87 10.18 39.21 19.00
C TYR K 87 10.35 38.28 20.20
N TYR K 88 11.57 37.79 20.39
CA TYR K 88 11.86 36.87 21.48
C TYR K 88 12.80 37.49 22.51
N CYS K 89 12.43 37.40 23.78
CA CYS K 89 13.32 37.86 24.85
C CYS K 89 14.04 36.64 25.43
N ALA K 90 15.27 36.85 25.89
CA ALA K 90 16.07 35.76 26.42
C ALA K 90 17.03 36.23 27.50
N ALA K 91 17.31 35.34 28.45
CA ALA K 91 18.22 35.66 29.54
C ALA K 91 18.95 34.39 30.01
N TRP K 92 20.17 34.56 30.50
CA TRP K 92 20.97 33.44 30.98
C TRP K 92 20.41 32.91 32.29
N ASP K 93 19.85 31.70 32.24
CA ASP K 93 19.26 31.09 33.43
C ASP K 93 20.31 30.34 34.24
N ASP K 94 20.22 30.44 35.56
CA ASP K 94 21.26 29.87 36.42
C ASP K 94 20.81 28.62 37.18
N SER K 95 19.53 28.52 37.52
CA SER K 95 19.05 27.38 38.29
C SER K 95 19.19 26.08 37.47
N PRO K 96 18.55 25.99 36.28
CA PRO K 96 19.21 25.01 35.41
C PRO K 96 20.14 25.76 34.46
N PRO K 97 21.45 25.51 34.56
CA PRO K 97 22.45 26.23 33.75
C PRO K 97 22.16 26.13 32.25
N GLY K 98 21.55 27.18 31.71
CA GLY K 98 21.20 27.22 30.30
C GLY K 98 20.63 28.56 29.90
N GLU K 99 19.90 28.60 28.79
CA GLU K 99 19.31 29.84 28.31
C GLU K 99 17.79 29.80 28.39
N ALA K 100 17.21 30.81 29.03
CA ALA K 100 15.76 30.90 29.16
C ALA K 100 15.18 31.81 28.08
N PHE K 101 14.50 31.21 27.10
CA PHE K 101 13.88 31.96 26.03
C PHE K 101 12.43 32.30 26.35
N GLY K 102 11.91 33.31 25.64
CA GLY K 102 10.52 33.68 25.79
C GLY K 102 9.62 32.86 24.88
N GLY K 103 8.32 32.89 25.14
CA GLY K 103 7.36 32.16 24.35
C GLY K 103 7.27 32.67 22.93
N GLY K 104 7.53 33.97 22.77
CA GLY K 104 7.49 34.60 21.46
C GLY K 104 6.31 35.52 21.30
N THR K 105 6.57 36.71 20.77
CA THR K 105 5.51 37.70 20.53
C THR K 105 5.44 38.06 19.05
N LYS K 106 4.27 37.82 18.44
CA LYS K 106 4.08 38.16 17.03
C LYS K 106 3.46 39.55 16.89
N LEU K 107 4.31 40.53 16.65
CA LEU K 107 3.87 41.91 16.45
C LEU K 107 3.19 42.07 15.09
N THR K 108 1.91 42.42 15.11
CA THR K 108 1.15 42.58 13.87
C THR K 108 0.88 44.05 13.57
N VAL K 109 1.56 44.58 12.56
CA VAL K 109 1.32 45.95 12.12
C VAL K 109 0.08 46.00 11.25
N LEU K 110 -0.90 46.79 11.68
CA LEU K 110 -2.20 46.83 11.02
C LEU K 110 -2.16 47.58 9.69
N GLY K 111 -2.72 48.79 9.66
CA GLY K 111 -2.83 49.55 8.43
C GLY K 111 -3.88 48.94 7.52
N GLN K 112 -4.82 48.20 8.12
CA GLN K 112 -5.88 47.53 7.39
C GLN K 112 -7.01 47.16 8.33
N PRO K 113 -8.26 47.45 7.93
CA PRO K 113 -9.46 47.13 8.73
C PRO K 113 -9.52 45.66 9.14
N LYS K 114 -9.90 45.40 10.38
CA LYS K 114 -9.98 44.05 10.90
C LYS K 114 -11.03 43.22 10.16
N ALA K 115 -10.76 41.94 9.99
CA ALA K 115 -11.66 41.06 9.25
C ALA K 115 -12.04 39.83 10.06
N ALA K 116 -13.34 39.61 10.22
CA ALA K 116 -13.84 38.43 10.92
C ALA K 116 -13.59 37.17 10.09
N PRO K 117 -13.34 36.04 10.76
CA PRO K 117 -13.07 34.78 10.07
C PRO K 117 -14.22 34.32 9.18
N SER K 118 -13.89 33.63 8.09
CA SER K 118 -14.90 33.08 7.20
C SER K 118 -14.77 31.56 7.12
N VAL K 119 -15.58 30.87 7.91
CA VAL K 119 -15.49 29.41 8.01
C VAL K 119 -16.40 28.70 7.03
N THR K 120 -16.04 27.45 6.71
CA THR K 120 -16.81 26.63 5.80
C THR K 120 -16.51 25.15 6.02
N LEU K 121 -17.52 24.38 6.41
CA LEU K 121 -17.34 22.97 6.69
C LEU K 121 -17.82 22.10 5.52
N PHE K 122 -17.53 20.81 5.59
CA PHE K 122 -17.91 19.87 4.55
C PHE K 122 -17.96 18.44 5.09
N PRO K 123 -19.14 18.01 5.56
CA PRO K 123 -19.35 16.67 6.11
C PRO K 123 -19.04 15.57 5.09
N LEU K 136 -13.46 15.27 8.35
CA LEU K 136 -14.16 16.55 8.23
C LEU K 136 -13.17 17.70 8.08
N VAL K 137 -13.63 18.77 7.41
CA VAL K 137 -12.79 19.94 7.18
C VAL K 137 -13.41 21.19 7.77
N CYS K 138 -12.61 22.27 7.80
CA CYS K 138 -13.07 23.55 8.33
C CYS K 138 -12.20 24.68 7.80
N LEU K 139 -12.53 25.17 6.61
CA LEU K 139 -11.71 26.17 5.92
C LEU K 139 -12.00 27.59 6.41
N ILE K 140 -10.97 28.24 6.94
CA ILE K 140 -11.08 29.61 7.43
C ILE K 140 -10.36 30.55 6.47
N SER K 141 -10.77 31.82 6.42
CA SER K 141 -10.17 32.77 5.48
C SER K 141 -10.27 34.22 5.92
N ASP K 142 -9.61 35.09 5.16
CA ASP K 142 -9.71 36.55 5.29
C ASP K 142 -9.18 37.12 6.61
N PHE K 143 -7.94 37.61 6.55
CA PHE K 143 -7.28 38.34 7.63
C PHE K 143 -6.97 39.74 7.08
N TYR K 144 -6.50 40.72 7.86
CA TYR K 144 -6.08 40.64 9.27
C TYR K 144 -7.18 40.33 10.28
N PRO K 145 -6.81 39.81 11.46
CA PRO K 145 -5.46 39.39 11.86
C PRO K 145 -5.24 37.89 11.82
N GLY K 146 -3.99 37.48 11.67
CA GLY K 146 -3.66 36.06 11.62
C GLY K 146 -3.29 35.49 12.97
N ALA K 147 -4.30 35.18 13.77
CA ALA K 147 -4.10 34.59 15.09
C ALA K 147 -5.30 33.76 15.51
N VAL K 148 -5.78 32.94 14.58
CA VAL K 148 -6.98 32.12 14.81
C VAL K 148 -6.68 30.87 15.62
N THR K 149 -7.45 30.66 16.68
CA THR K 149 -7.35 29.44 17.48
C THR K 149 -8.60 28.58 17.27
N VAL K 150 -8.39 27.32 16.89
CA VAL K 150 -9.49 26.43 16.56
C VAL K 150 -9.82 25.47 17.70
N ALA K 151 -11.10 25.40 18.06
CA ALA K 151 -11.56 24.48 19.09
C ALA K 151 -12.76 23.69 18.60
N TRP K 152 -12.58 22.39 18.39
CA TRP K 152 -13.63 21.53 17.86
C TRP K 152 -14.65 21.14 18.93
N LYS K 153 -15.86 20.81 18.47
CA LYS K 153 -16.93 20.38 19.36
C LYS K 153 -17.93 19.51 18.60
N ALA K 154 -17.94 18.21 18.90
CA ALA K 154 -18.80 17.27 18.21
C ALA K 154 -20.28 17.53 18.50
N ASP K 155 -20.55 18.08 19.68
CA ASP K 155 -21.91 18.40 20.07
C ASP K 155 -21.95 19.58 21.02
N SER K 156 -21.30 19.43 22.17
CA SER K 156 -21.24 20.50 23.17
C SER K 156 -20.09 20.28 24.15
N SER K 157 -18.95 19.81 23.64
CA SER K 157 -17.79 19.54 24.48
C SER K 157 -16.48 19.64 23.69
N PRO K 158 -15.46 20.23 24.31
CA PRO K 158 -14.14 20.35 23.69
C PRO K 158 -13.39 19.02 23.64
N VAL K 159 -13.55 18.29 22.53
CA VAL K 159 -12.91 17.00 22.37
C VAL K 159 -11.44 17.14 21.96
N LYS K 160 -10.61 16.23 22.46
CA LYS K 160 -9.18 16.24 22.15
C LYS K 160 -8.78 15.01 21.37
N ALA K 161 -9.35 14.85 20.18
CA ALA K 161 -9.04 13.70 19.33
C ALA K 161 -8.00 14.06 18.28
N GLY K 162 -8.45 14.27 17.04
CA GLY K 162 -7.56 14.62 15.96
C GLY K 162 -7.19 16.10 15.99
N VAL K 163 -6.08 16.41 16.64
CA VAL K 163 -5.61 17.79 16.75
C VAL K 163 -4.80 18.20 15.52
N GLU K 164 -5.39 18.04 14.34
CA GLU K 164 -4.73 18.38 13.10
C GLU K 164 -5.08 19.80 12.65
N THR K 165 -4.63 20.79 13.42
CA THR K 165 -4.86 22.19 13.09
C THR K 165 -3.57 22.83 12.58
N THR K 166 -3.68 23.53 11.45
CA THR K 166 -2.50 24.14 10.83
C THR K 166 -2.25 25.56 11.34
N THR K 167 -1.28 26.22 10.73
CA THR K 167 -0.92 27.59 11.08
C THR K 167 -1.43 28.56 10.02
N PRO K 168 -1.84 29.77 10.45
CA PRO K 168 -2.36 30.81 9.55
C PRO K 168 -1.41 31.11 8.39
N SER K 169 -1.98 31.35 7.21
CA SER K 169 -1.18 31.63 6.02
C SER K 169 -1.67 32.89 5.31
N LYS K 170 -0.79 33.87 5.17
CA LYS K 170 -1.14 35.12 4.52
C LYS K 170 -1.21 34.96 3.00
N GLN K 171 -2.20 35.61 2.40
CA GLN K 171 -2.37 35.55 0.95
C GLN K 171 -2.52 36.94 0.36
N SER K 172 -3.12 37.02 -0.83
CA SER K 172 -3.35 38.31 -1.49
C SER K 172 -4.42 39.10 -0.75
N ASN K 173 -5.37 38.40 -0.15
CA ASN K 173 -6.41 39.02 0.66
C ASN K 173 -6.00 39.09 2.12
N ASN K 174 -4.80 38.60 2.41
CA ASN K 174 -4.24 38.58 3.77
C ASN K 174 -5.16 37.89 4.77
N ALA K 177 -5.50 32.64 6.34
CA ALA K 177 -6.17 31.46 5.80
C ALA K 177 -6.43 30.42 6.88
N ALA K 178 -5.56 29.40 6.91
CA ALA K 178 -5.63 28.28 7.84
C ALA K 178 -6.88 27.40 7.66
N SER K 179 -6.75 26.14 8.03
CA SER K 179 -7.84 25.18 7.90
C SER K 179 -7.61 23.96 8.78
N SER K 180 -8.57 23.68 9.66
CA SER K 180 -8.45 22.54 10.58
C SER K 180 -9.13 21.30 10.01
N TYR K 181 -8.73 20.13 10.51
CA TYR K 181 -9.28 18.87 10.06
C TYR K 181 -9.66 17.97 11.22
N LEU K 182 -10.54 17.00 10.96
CA LEU K 182 -10.96 16.05 11.98
C LEU K 182 -11.50 14.78 11.34
N SER K 183 -11.00 13.63 11.81
CA SER K 183 -11.41 12.34 11.27
C SER K 183 -12.11 11.49 12.33
N LEU K 184 -13.38 11.21 12.12
CA LEU K 184 -14.16 10.40 13.04
C LEU K 184 -14.66 9.11 12.38
N THR K 185 -15.60 8.44 13.04
CA THR K 185 -16.16 7.20 12.52
C THR K 185 -17.68 7.29 12.42
N SER K 196 -19.29 20.94 15.32
CA SER K 196 -18.94 22.24 14.77
C SER K 196 -17.66 22.78 15.40
N CYS K 197 -16.87 23.49 14.61
CA CYS K 197 -15.62 24.08 15.09
C CYS K 197 -15.81 25.57 15.40
N GLN K 198 -15.45 25.96 16.62
CA GLN K 198 -15.61 27.34 17.06
C GLN K 198 -14.29 28.11 16.93
N VAL K 199 -14.29 29.11 16.05
CA VAL K 199 -13.11 29.95 15.85
C VAL K 199 -13.14 31.15 16.78
N THR K 200 -12.19 31.17 17.72
CA THR K 200 -12.12 32.24 18.70
C THR K 200 -10.91 33.13 18.50
N HIS K 201 -11.06 34.15 17.66
CA HIS K 201 -10.01 35.14 17.42
C HIS K 201 -10.63 36.52 17.25
N GLU K 202 -9.84 37.47 16.75
CA GLU K 202 -10.26 38.86 16.60
C GLU K 202 -10.81 39.42 17.91
N GLY K 203 -12.08 39.13 18.18
CA GLY K 203 -12.73 39.55 19.39
C GLY K 203 -14.06 38.83 19.56
N SER K 204 -14.60 38.32 18.46
CA SER K 204 -15.87 37.60 18.47
C SER K 204 -15.65 36.11 18.26
N THR K 205 -16.69 35.42 17.77
CA THR K 205 -16.63 33.99 17.54
C THR K 205 -17.60 33.56 16.43
N VAL K 206 -17.08 32.85 15.44
CA VAL K 206 -17.90 32.34 14.35
C VAL K 206 -17.76 30.81 14.26
N GLU K 207 -18.89 30.13 14.10
CA GLU K 207 -18.89 28.67 14.03
C GLU K 207 -20.08 28.12 13.25
N LYS K 208 -19.85 27.83 11.98
CA LYS K 208 -20.89 27.23 11.14
C LYS K 208 -21.10 25.76 11.50
N THR K 209 -22.26 25.23 11.13
CA THR K 209 -22.59 23.84 11.43
C THR K 209 -22.58 22.99 10.16
N SER L 2 -39.95 3.97 6.20
CA SER L 2 -40.11 4.57 7.51
C SER L 2 -40.14 3.50 8.60
N VAL L 3 -39.56 3.82 9.77
CA VAL L 3 -39.47 2.87 10.87
C VAL L 3 -40.28 3.33 12.08
N LEU L 4 -40.47 2.41 13.02
CA LEU L 4 -41.18 2.71 14.26
C LEU L 4 -40.19 3.09 15.35
N THR L 5 -40.67 3.82 16.36
CA THR L 5 -39.80 4.34 17.40
C THR L 5 -39.90 3.56 18.71
N GLN L 6 -38.80 2.91 19.08
CA GLN L 6 -38.73 2.19 20.34
C GLN L 6 -37.61 2.74 21.23
N PRO L 7 -37.79 2.64 22.55
CA PRO L 7 -36.69 2.96 23.48
C PRO L 7 -35.58 1.92 23.36
N PRO L 8 -34.32 2.37 23.23
CA PRO L 8 -33.17 1.48 23.03
C PRO L 8 -33.01 0.43 24.11
N SER L 9 -33.30 0.78 25.36
CA SER L 9 -33.09 -0.14 26.47
C SER L 9 -34.19 -0.05 27.52
N ALA L 10 -34.50 -1.21 28.12
CA ALA L 10 -35.44 -1.29 29.23
C ALA L 10 -34.91 -2.26 30.27
N SER L 11 -35.08 -1.92 31.54
CA SER L 11 -34.52 -2.74 32.61
C SER L 11 -35.50 -2.94 33.77
N GLY L 12 -35.25 -3.97 34.57
CA GLY L 12 -36.09 -4.26 35.72
C GLY L 12 -35.61 -5.47 36.50
N THR L 13 -36.10 -5.60 37.73
CA THR L 13 -35.74 -6.73 38.59
C THR L 13 -36.86 -7.78 38.59
N PRO L 14 -36.50 -9.05 38.79
CA PRO L 14 -37.47 -10.16 38.77
C PRO L 14 -38.70 -9.94 39.65
N GLY L 15 -39.86 -9.84 39.02
CA GLY L 15 -41.11 -9.63 39.73
C GLY L 15 -41.75 -8.30 39.41
N GLN L 16 -41.00 -7.41 38.77
CA GLN L 16 -41.49 -6.08 38.44
C GLN L 16 -42.34 -6.07 37.18
N ARG L 17 -42.70 -4.86 36.74
CA ARG L 17 -43.51 -4.68 35.55
C ARG L 17 -42.96 -3.57 34.67
N VAL L 18 -42.58 -3.91 33.44
CA VAL L 18 -42.00 -2.92 32.52
C VAL L 18 -42.93 -2.66 31.35
N THR L 19 -42.76 -1.50 30.72
CA THR L 19 -43.57 -1.12 29.57
C THR L 19 -42.69 -0.63 28.42
N ILE L 20 -42.87 -1.22 27.25
CA ILE L 20 -42.10 -0.83 26.07
C ILE L 20 -42.99 -0.10 25.06
N SER L 21 -42.65 1.15 24.77
CA SER L 21 -43.46 1.97 23.87
C SER L 21 -43.10 1.71 22.41
N CYS L 22 -44.01 2.09 21.51
CA CYS L 22 -43.79 1.94 20.08
C CYS L 22 -44.51 3.05 19.32
N SER L 23 -43.77 4.08 18.93
CA SER L 23 -44.34 5.21 18.21
C SER L 23 -44.24 5.00 16.69
N GLY L 24 -45.28 5.44 15.98
CA GLY L 24 -45.30 5.31 14.53
C GLY L 24 -46.13 6.40 13.87
N SER L 25 -46.43 6.22 12.59
CA SER L 25 -47.21 7.20 11.84
C SER L 25 -48.63 6.71 11.63
N LEU L 26 -49.39 7.44 10.82
CA LEU L 26 -50.78 7.12 10.56
C LEU L 26 -50.92 5.96 9.57
N SER L 27 -49.91 5.79 8.72
CA SER L 27 -49.97 4.81 7.64
C SER L 27 -49.45 3.43 8.05
N ASN L 28 -48.73 3.36 9.16
CA ASN L 28 -48.20 2.08 9.63
C ASN L 28 -48.93 1.54 10.85
N ILE L 29 -48.61 2.09 12.03
CA ILE L 29 -49.26 1.66 13.27
C ILE L 29 -50.76 1.93 13.19
N GLY L 30 -51.11 3.14 12.75
CA GLY L 30 -52.49 3.44 12.43
C GLY L 30 -52.84 2.73 11.14
N LEU L 31 -54.13 2.46 10.95
CA LEU L 31 -54.65 1.80 9.75
C LEU L 31 -54.14 0.37 9.56
N ASN L 32 -53.41 -0.15 10.54
CA ASN L 32 -52.93 -1.53 10.47
C ASN L 32 -52.71 -2.15 11.85
N TYR L 33 -52.40 -3.44 11.87
CA TYR L 33 -52.19 -4.18 13.11
C TYR L 33 -50.75 -4.06 13.62
N VAL L 34 -50.61 -3.97 14.93
CA VAL L 34 -49.30 -3.93 15.56
C VAL L 34 -48.92 -5.31 16.07
N SER L 35 -47.71 -5.76 15.74
CA SER L 35 -47.24 -7.06 16.19
C SER L 35 -45.88 -6.95 16.87
N TRP L 36 -45.75 -7.63 18.01
CA TRP L 36 -44.50 -7.66 18.75
C TRP L 36 -43.76 -8.97 18.51
N TYR L 37 -42.43 -8.90 18.46
CA TYR L 37 -41.61 -10.08 18.25
C TYR L 37 -40.46 -10.16 19.26
N GLN L 38 -40.44 -11.25 20.01
CA GLN L 38 -39.37 -11.48 20.98
C GLN L 38 -38.21 -12.22 20.35
N GLN L 39 -36.99 -11.75 20.63
CA GLN L 39 -35.80 -12.39 20.08
C GLN L 39 -34.79 -12.71 21.18
N LEU L 40 -34.80 -13.95 21.66
CA LEU L 40 -33.80 -14.42 22.60
C LEU L 40 -32.42 -14.36 21.95
N PRO L 41 -31.40 -14.00 22.74
CA PRO L 41 -30.03 -13.84 22.21
C PRO L 41 -29.51 -15.10 21.52
N GLY L 42 -29.15 -14.96 20.24
CA GLY L 42 -28.58 -16.06 19.49
C GLY L 42 -29.62 -16.92 18.80
N THR L 43 -30.86 -16.45 18.78
CA THR L 43 -31.94 -17.19 18.15
C THR L 43 -32.71 -16.35 17.14
N ALA L 44 -33.65 -16.99 16.45
CA ALA L 44 -34.48 -16.32 15.47
C ALA L 44 -35.69 -15.67 16.14
N PRO L 45 -36.20 -14.58 15.55
CA PRO L 45 -37.39 -13.89 16.08
C PRO L 45 -38.61 -14.81 16.19
N LYS L 46 -39.40 -14.60 17.24
CA LYS L 46 -40.60 -15.38 17.46
C LYS L 46 -41.79 -14.46 17.74
N LEU L 47 -42.95 -14.79 17.19
CA LEU L 47 -44.14 -13.98 17.38
C LEU L 47 -44.60 -13.99 18.83
N LEU L 48 -44.45 -12.83 19.49
CA LEU L 48 -44.85 -12.67 20.88
C LEU L 48 -46.30 -12.22 20.99
N ILE L 49 -46.61 -11.11 20.32
CA ILE L 49 -47.96 -10.56 20.30
C ILE L 49 -48.40 -10.28 18.86
N SER L 50 -49.53 -10.86 18.48
CA SER L 50 -50.09 -10.61 17.15
C SER L 50 -51.39 -9.83 17.27
N ARG L 51 -51.74 -9.11 16.21
CA ARG L 51 -53.00 -8.37 16.14
C ARG L 51 -53.25 -7.50 17.37
N ASN L 52 -52.36 -6.53 17.57
CA ASN L 52 -52.46 -5.57 18.67
C ASN L 52 -52.30 -6.19 20.07
N ASN L 53 -53.17 -7.13 20.43
CA ASN L 53 -53.14 -7.68 21.78
C ASN L 53 -53.31 -9.20 21.88
N GLN L 54 -53.55 -9.86 20.75
CA GLN L 54 -53.76 -11.30 20.75
C GLN L 54 -52.49 -12.05 21.13
N ARG L 55 -52.66 -13.15 21.86
CA ARG L 55 -51.54 -13.89 22.41
C ARG L 55 -51.55 -15.35 21.96
N PRO L 56 -50.53 -15.75 21.19
CA PRO L 56 -50.44 -17.14 20.71
C PRO L 56 -50.13 -18.12 21.84
N SER L 57 -50.44 -19.39 21.63
CA SER L 57 -50.14 -20.41 22.63
C SER L 57 -48.63 -20.53 22.85
N GLY L 58 -48.24 -20.73 24.09
CA GLY L 58 -46.83 -20.77 24.45
C GLY L 58 -46.40 -19.46 25.10
N VAL L 59 -47.03 -18.37 24.68
CA VAL L 59 -46.76 -17.07 25.27
C VAL L 59 -47.67 -16.86 26.48
N PRO L 60 -47.06 -16.78 27.67
CA PRO L 60 -47.81 -16.64 28.93
C PRO L 60 -48.54 -15.30 29.00
N ASP L 61 -49.58 -15.23 29.84
CA ASP L 61 -50.38 -14.02 29.98
C ASP L 61 -49.64 -12.91 30.72
N ARG L 62 -48.35 -13.11 30.95
CA ARG L 62 -47.50 -12.08 31.54
C ARG L 62 -47.28 -10.95 30.54
N PHE L 63 -47.36 -11.29 29.26
CA PHE L 63 -47.19 -10.32 28.18
C PHE L 63 -48.55 -9.84 27.67
N SER L 64 -48.68 -8.52 27.50
CA SER L 64 -49.91 -7.95 26.98
C SER L 64 -49.61 -6.81 26.02
N GLY L 65 -50.41 -6.70 24.96
CA GLY L 65 -50.24 -5.67 23.97
C GLY L 65 -51.39 -4.67 23.97
N SER L 66 -51.14 -3.49 23.41
CA SER L 66 -52.15 -2.44 23.35
C SER L 66 -51.85 -1.45 22.24
N LYS L 67 -52.91 -0.97 21.58
CA LYS L 67 -52.76 -0.02 20.49
C LYS L 67 -53.72 1.16 20.68
N SER L 68 -53.19 2.37 20.54
CA SER L 68 -54.01 3.57 20.64
C SER L 68 -53.46 4.68 19.76
N GLY L 69 -54.18 4.98 18.68
CA GLY L 69 -53.77 6.01 17.75
C GLY L 69 -52.61 5.56 16.87
N THR L 70 -51.60 6.41 16.75
CA THR L 70 -50.44 6.11 15.92
C THR L 70 -49.32 5.48 16.74
N SER L 71 -49.63 5.08 17.96
CA SER L 71 -48.64 4.47 18.84
C SER L 71 -49.19 3.23 19.53
N ALA L 72 -48.29 2.34 19.93
CA ALA L 72 -48.67 1.11 20.62
C ALA L 72 -47.78 0.89 21.84
N SER L 73 -48.04 -0.20 22.58
CA SER L 73 -47.28 -0.49 23.78
C SER L 73 -47.24 -1.97 24.12
N LEU L 74 -46.15 -2.39 24.76
CA LEU L 74 -46.01 -3.76 25.24
C LEU L 74 -45.78 -3.76 26.74
N ALA L 75 -46.65 -4.46 27.47
CA ALA L 75 -46.54 -4.51 28.93
C ALA L 75 -46.15 -5.91 29.39
N ILE L 76 -45.11 -5.98 30.22
CA ILE L 76 -44.66 -7.26 30.77
C ILE L 76 -44.84 -7.30 32.28
N SER L 77 -45.97 -7.83 32.72
CA SER L 77 -46.27 -7.95 34.15
C SER L 77 -45.64 -9.21 34.73
N GLY L 78 -44.87 -9.04 35.81
CA GLY L 78 -44.17 -10.15 36.41
C GLY L 78 -42.94 -10.53 35.61
N LEU L 79 -41.94 -9.66 35.66
CA LEU L 79 -40.71 -9.85 34.91
C LEU L 79 -39.91 -11.05 35.43
N ARG L 80 -39.30 -11.80 34.52
CA ARG L 80 -38.51 -12.97 34.90
C ARG L 80 -37.15 -12.97 34.23
N SER L 81 -36.25 -13.82 34.72
CA SER L 81 -34.90 -13.90 34.18
C SER L 81 -34.88 -14.42 32.75
N GLU L 82 -35.94 -15.11 32.36
CA GLU L 82 -36.04 -15.69 31.02
C GLU L 82 -36.75 -14.75 30.06
N ASP L 83 -36.89 -13.49 30.46
CA ASP L 83 -37.50 -12.47 29.62
C ASP L 83 -36.43 -11.57 29.01
N GLU L 84 -35.18 -11.82 29.38
CA GLU L 84 -34.06 -11.01 28.92
C GLU L 84 -33.78 -11.26 27.45
N ALA L 85 -34.25 -10.36 26.59
CA ALA L 85 -34.09 -10.49 25.15
C ALA L 85 -34.34 -9.17 24.43
N ASP L 86 -34.31 -9.22 23.09
CA ASP L 86 -34.62 -8.05 22.28
C ASP L 86 -36.08 -8.07 21.86
N TYR L 87 -36.72 -6.90 21.90
CA TYR L 87 -38.14 -6.80 21.55
C TYR L 87 -38.37 -5.79 20.44
N TYR L 88 -39.02 -6.24 19.37
CA TYR L 88 -39.28 -5.40 18.21
C TYR L 88 -40.77 -5.25 17.95
N CYS L 89 -41.20 -4.03 17.64
CA CYS L 89 -42.58 -3.80 17.22
C CYS L 89 -42.65 -3.67 15.71
N ALA L 90 -43.77 -4.12 15.14
CA ALA L 90 -43.92 -4.08 13.68
C ALA L 90 -45.34 -3.75 13.27
N ALA L 91 -45.46 -3.06 12.14
CA ALA L 91 -46.76 -2.70 11.58
C ALA L 91 -46.69 -2.57 10.06
N TRP L 92 -47.76 -2.97 9.38
CA TRP L 92 -47.84 -2.87 7.94
C TRP L 92 -47.99 -1.41 7.51
N ASP L 93 -47.05 -0.91 6.73
CA ASP L 93 -47.09 0.48 6.27
C ASP L 93 -47.79 0.57 4.92
N ASP L 94 -48.46 1.70 4.67
CA ASP L 94 -49.28 1.85 3.47
C ASP L 94 -48.68 2.78 2.43
N SER L 95 -48.32 4.00 2.83
CA SER L 95 -47.82 4.99 1.88
C SER L 95 -46.51 4.53 1.21
N PRO L 96 -45.57 3.97 2.00
CA PRO L 96 -44.53 3.20 1.32
C PRO L 96 -44.76 1.71 1.57
N PRO L 97 -45.44 1.02 0.64
CA PRO L 97 -45.86 -0.38 0.80
C PRO L 97 -44.75 -1.28 1.33
N GLY L 98 -44.76 -1.50 2.64
CA GLY L 98 -43.74 -2.34 3.27
C GLY L 98 -44.05 -2.61 4.73
N GLU L 99 -43.03 -3.07 5.46
CA GLU L 99 -43.19 -3.38 6.87
C GLU L 99 -42.34 -2.45 7.73
N ALA L 100 -42.99 -1.75 8.65
CA ALA L 100 -42.30 -0.83 9.53
C ALA L 100 -41.88 -1.50 10.84
N PHE L 101 -40.57 -1.64 11.04
CA PHE L 101 -40.04 -2.22 12.26
C PHE L 101 -39.54 -1.14 13.22
N GLY L 102 -39.64 -1.42 14.52
CA GLY L 102 -39.11 -0.52 15.52
C GLY L 102 -37.59 -0.62 15.60
N GLY L 103 -36.97 0.33 16.28
CA GLY L 103 -35.53 0.36 16.41
C GLY L 103 -34.99 -0.86 17.16
N GLY L 104 -35.75 -1.31 18.15
CA GLY L 104 -35.35 -2.47 18.94
C GLY L 104 -35.09 -2.12 20.39
N THR L 105 -35.78 -2.81 21.29
CA THR L 105 -35.62 -2.58 22.72
C THR L 105 -34.93 -3.76 23.40
N LYS L 106 -33.76 -3.52 23.96
CA LYS L 106 -33.01 -4.57 24.63
C LYS L 106 -33.39 -4.65 26.11
N LEU L 107 -34.26 -5.59 26.44
CA LEU L 107 -34.72 -5.76 27.82
C LEU L 107 -33.67 -6.44 28.68
N THR L 108 -33.24 -5.75 29.73
CA THR L 108 -32.26 -6.29 30.66
C THR L 108 -32.90 -6.65 31.99
N VAL L 109 -32.81 -7.92 32.36
CA VAL L 109 -33.38 -8.39 33.63
C VAL L 109 -32.30 -8.50 34.70
N LEU L 110 -32.38 -7.66 35.71
CA LEU L 110 -31.39 -7.62 36.78
C LEU L 110 -31.55 -8.79 37.74
N GLY L 111 -30.91 -8.69 38.91
CA GLY L 111 -31.01 -9.73 39.92
C GLY L 111 -29.71 -9.98 40.65
N GLN L 112 -28.75 -10.59 39.94
CA GLN L 112 -27.45 -10.90 40.52
C GLN L 112 -26.70 -9.63 40.93
N PRO L 113 -25.98 -9.71 42.06
CA PRO L 113 -25.24 -8.55 42.59
C PRO L 113 -24.12 -8.08 41.65
N LYS L 114 -23.68 -6.84 41.84
CA LYS L 114 -22.62 -6.27 41.01
C LYS L 114 -21.29 -6.97 41.26
N ALA L 115 -20.54 -7.22 40.19
CA ALA L 115 -19.25 -7.89 40.28
C ALA L 115 -18.11 -6.91 40.02
N ALA L 116 -16.88 -7.37 40.25
CA ALA L 116 -15.70 -6.55 40.03
C ALA L 116 -15.00 -6.94 38.73
N PRO L 117 -15.06 -6.07 37.72
CA PRO L 117 -14.43 -6.32 36.42
C PRO L 117 -12.91 -6.29 36.48
N SER L 118 -12.32 -7.31 37.10
CA SER L 118 -10.86 -7.42 37.20
C SER L 118 -10.25 -7.72 35.84
N VAL L 119 -9.67 -6.70 35.21
CA VAL L 119 -9.09 -6.84 33.87
C VAL L 119 -7.63 -7.27 33.94
N THR L 120 -7.08 -7.65 32.80
CA THR L 120 -5.69 -8.06 32.72
C THR L 120 -5.05 -7.56 31.42
N LEU L 121 -4.34 -6.45 31.49
CA LEU L 121 -3.70 -5.85 30.32
C LEU L 121 -2.38 -6.53 30.00
N PHE L 122 -2.19 -6.86 28.72
CA PHE L 122 -0.94 -7.46 28.27
C PHE L 122 -0.19 -6.55 27.30
N PRO L 123 1.04 -6.17 27.65
CA PRO L 123 1.89 -5.32 26.81
C PRO L 123 2.31 -6.03 25.52
N PRO L 124 2.66 -5.26 24.48
CA PRO L 124 3.17 -5.86 23.25
C PRO L 124 4.49 -6.60 23.49
N SER L 125 4.50 -7.91 23.22
CA SER L 125 5.67 -8.73 23.49
C SER L 125 6.87 -8.30 22.66
N SER L 126 8.07 -8.63 23.15
CA SER L 126 9.31 -8.30 22.47
C SER L 126 9.43 -9.10 21.17
N GLU L 127 8.82 -10.29 21.16
CA GLU L 127 8.81 -11.13 19.97
C GLU L 127 7.64 -10.78 19.07
N GLU L 128 6.68 -10.05 19.63
CA GLU L 128 5.50 -9.62 18.87
C GLU L 128 5.86 -8.53 17.88
N LEU L 129 6.99 -7.85 18.12
CA LEU L 129 7.47 -6.81 17.23
C LEU L 129 8.00 -7.41 15.92
N GLN L 130 8.40 -8.68 16.01
CA GLN L 130 8.92 -9.43 14.86
C GLN L 130 10.10 -8.71 14.20
N ALA L 134 1.36 -8.02 18.78
CA ALA L 134 1.93 -6.75 18.32
C ALA L 134 1.04 -5.58 18.70
N THR L 135 0.17 -5.78 19.66
CA THR L 135 -0.75 -4.74 20.10
C THR L 135 -0.95 -4.77 21.61
N LEU L 136 -1.86 -3.93 22.11
CA LEU L 136 -2.15 -3.86 23.54
C LEU L 136 -3.45 -4.59 23.87
N VAL L 137 -3.32 -5.81 24.36
CA VAL L 137 -4.48 -6.65 24.67
C VAL L 137 -5.04 -6.33 26.05
N CYS L 138 -6.23 -5.74 26.07
CA CYS L 138 -6.90 -5.41 27.33
C CYS L 138 -8.20 -6.22 27.48
N LEU L 139 -8.12 -7.31 28.22
CA LEU L 139 -9.26 -8.21 28.38
C LEU L 139 -10.09 -7.87 29.62
N ILE L 140 -11.31 -7.42 29.40
CA ILE L 140 -12.22 -7.10 30.50
C ILE L 140 -13.21 -8.24 30.73
N SER L 141 -13.09 -8.91 31.88
CA SER L 141 -13.93 -10.06 32.16
C SER L 141 -14.63 -9.95 33.51
N ASP L 142 -15.66 -10.77 33.70
CA ASP L 142 -16.40 -10.88 34.95
C ASP L 142 -16.97 -9.55 35.43
N PHE L 143 -18.10 -9.15 34.85
CA PHE L 143 -18.79 -7.94 35.29
C PHE L 143 -20.30 -8.02 35.03
N TYR L 144 -21.08 -7.47 35.95
CA TYR L 144 -22.53 -7.45 35.81
C TYR L 144 -23.10 -6.14 36.35
N PRO L 145 -23.98 -5.49 35.58
CA PRO L 145 -24.47 -5.93 34.26
C PRO L 145 -23.45 -5.68 33.15
N GLY L 146 -23.53 -6.48 32.09
CA GLY L 146 -22.60 -6.37 30.98
C GLY L 146 -22.72 -5.09 30.18
N ALA L 147 -22.04 -4.06 30.66
CA ALA L 147 -22.04 -2.76 29.98
C ALA L 147 -20.79 -1.97 30.34
N VAL L 148 -19.68 -2.28 29.69
CA VAL L 148 -18.41 -1.62 29.97
C VAL L 148 -17.86 -0.91 28.73
N THR L 149 -17.40 0.31 28.91
CA THR L 149 -16.81 1.08 27.84
C THR L 149 -15.32 1.32 28.08
N VAL L 150 -14.53 1.28 27.01
CA VAL L 150 -13.09 1.46 27.13
C VAL L 150 -12.62 2.71 26.39
N ALA L 151 -12.00 3.62 27.14
CA ALA L 151 -11.47 4.86 26.56
C ALA L 151 -9.95 4.89 26.65
N TRP L 152 -9.29 4.39 25.61
CA TRP L 152 -7.83 4.36 25.56
C TRP L 152 -7.25 5.76 25.53
N LYS L 153 -6.29 6.02 26.43
CA LYS L 153 -5.67 7.33 26.51
C LYS L 153 -4.16 7.22 26.67
N ALA L 154 -3.42 7.92 25.81
CA ALA L 154 -1.97 7.95 25.88
C ALA L 154 -1.51 8.98 26.90
N ASP L 155 -1.76 8.71 28.17
CA ASP L 155 -1.42 9.61 29.27
C ASP L 155 -2.06 10.98 29.10
N SER L 156 -1.45 11.80 28.25
CA SER L 156 -1.96 13.15 27.98
C SER L 156 -3.24 13.10 27.16
N PRO L 158 -6.35 11.66 24.83
CA PRO L 158 -6.93 10.32 24.65
C PRO L 158 -6.87 9.85 23.20
N VAL L 159 -6.82 8.53 23.01
CA VAL L 159 -6.76 7.96 21.67
C VAL L 159 -8.06 7.25 21.32
N LYS L 160 -8.72 7.72 20.26
CA LYS L 160 -9.99 7.16 19.84
C LYS L 160 -9.92 6.64 18.41
N ALA L 161 -8.74 6.72 17.80
CA ALA L 161 -8.55 6.28 16.43
C ALA L 161 -7.88 4.92 16.37
N GLY L 162 -8.50 3.99 15.62
CA GLY L 162 -7.95 2.65 15.47
C GLY L 162 -8.09 1.79 16.71
N VAL L 163 -9.26 1.86 17.33
CA VAL L 163 -9.53 1.09 18.54
C VAL L 163 -10.85 0.33 18.41
N GLU L 164 -10.82 -0.96 18.72
CA GLU L 164 -12.02 -1.79 18.64
C GLU L 164 -12.74 -1.84 19.99
N THR L 165 -13.96 -2.38 19.98
CA THR L 165 -14.75 -2.53 21.19
C THR L 165 -15.74 -3.69 21.06
N THR L 166 -15.38 -4.84 21.64
CA THR L 166 -16.20 -6.04 21.56
C THR L 166 -17.45 -5.94 22.41
N THR L 167 -18.47 -6.70 22.05
CA THR L 167 -19.68 -6.81 22.85
C THR L 167 -19.50 -7.87 23.92
N PRO L 168 -20.02 -7.63 25.13
CA PRO L 168 -19.91 -8.56 26.25
C PRO L 168 -20.43 -9.96 25.92
N SER L 169 -19.70 -10.98 26.36
CA SER L 169 -20.09 -12.37 26.11
C SER L 169 -20.90 -12.93 27.27
N LYS L 170 -20.76 -14.24 27.51
CA LYS L 170 -21.45 -14.90 28.61
C LYS L 170 -20.67 -16.11 29.09
N GLN L 171 -20.08 -16.00 30.27
CA GLN L 171 -19.25 -17.08 30.82
C GLN L 171 -20.11 -18.21 31.38
N SER L 172 -19.45 -19.19 31.99
CA SER L 172 -20.13 -20.35 32.55
C SER L 172 -20.89 -19.98 33.81
N ASN L 173 -20.42 -18.96 34.52
CA ASN L 173 -21.04 -18.52 35.76
C ASN L 173 -22.11 -17.46 35.50
N ASN L 174 -22.67 -17.46 34.29
CA ASN L 174 -23.71 -16.52 33.89
C ASN L 174 -23.31 -15.07 34.09
N LYS L 175 -22.05 -14.75 33.80
CA LYS L 175 -21.54 -13.40 33.93
C LYS L 175 -20.87 -12.97 32.63
N TYR L 176 -21.10 -11.71 32.23
CA TYR L 176 -20.65 -11.23 30.94
C TYR L 176 -19.17 -10.84 30.94
N ALA L 177 -18.55 -10.88 29.77
CA ALA L 177 -17.13 -10.54 29.62
C ALA L 177 -16.85 -9.96 28.25
N ALA L 178 -15.98 -8.95 28.20
CA ALA L 178 -15.65 -8.27 26.95
C ALA L 178 -14.16 -8.30 26.63
N SER L 179 -13.74 -7.45 25.71
CA SER L 179 -12.34 -7.37 25.30
C SER L 179 -12.06 -6.09 24.52
N SER L 180 -10.79 -5.68 24.48
CA SER L 180 -10.40 -4.48 23.75
C SER L 180 -8.93 -4.54 23.33
N TYR L 181 -8.66 -4.12 22.10
CA TYR L 181 -7.30 -4.11 21.57
C TYR L 181 -6.89 -2.72 21.11
N LEU L 182 -5.60 -2.54 20.85
CA LEU L 182 -5.06 -1.26 20.38
C LEU L 182 -3.70 -1.45 19.73
N SER L 183 -3.65 -1.32 18.41
CA SER L 183 -2.41 -1.48 17.67
C SER L 183 -1.64 -0.17 17.60
N THR L 185 2.37 1.09 16.27
CA THR L 185 3.71 1.27 15.74
C THR L 185 4.73 1.53 16.84
N PRO L 186 5.86 0.79 16.81
CA PRO L 186 6.97 0.87 17.76
C PRO L 186 7.32 2.28 18.20
N GLU L 187 7.40 3.21 17.26
CA GLU L 187 7.75 4.60 17.56
C GLU L 187 6.69 5.29 18.40
N GLN L 188 5.43 5.09 18.04
CA GLN L 188 4.32 5.71 18.74
C GLN L 188 3.91 4.92 19.98
N TRP L 189 4.46 3.71 20.11
CA TRP L 189 4.16 2.87 21.27
C TRP L 189 5.20 3.04 22.36
N LYS L 190 6.43 3.39 21.97
CA LYS L 190 7.51 3.61 22.91
C LYS L 190 7.62 5.08 23.26
N SER L 191 6.82 5.90 22.60
CA SER L 191 6.80 7.34 22.83
C SER L 191 6.28 7.66 24.23
N SER L 194 3.44 4.18 28.13
CA SER L 194 2.36 4.29 29.10
C SER L 194 1.03 4.62 28.42
N TYR L 195 0.17 3.61 28.30
CA TYR L 195 -1.15 3.79 27.70
C TYR L 195 -2.24 3.31 28.66
N SER L 196 -3.29 4.11 28.79
CA SER L 196 -4.37 3.81 29.72
C SER L 196 -5.48 2.98 29.08
N CYS L 197 -5.97 1.99 29.82
CA CYS L 197 -7.11 1.18 29.38
C CYS L 197 -8.27 1.37 30.34
N GLN L 198 -8.80 2.59 30.38
CA GLN L 198 -9.88 2.94 31.31
C GLN L 198 -11.16 2.17 31.02
N VAL L 199 -11.48 1.22 31.91
CA VAL L 199 -12.68 0.42 31.76
C VAL L 199 -13.85 1.02 32.53
N THR L 205 -13.73 2.79 38.85
CA THR L 205 -13.09 2.58 37.56
C THR L 205 -11.97 1.53 37.65
N VAL L 206 -11.79 0.77 36.59
CA VAL L 206 -10.74 -0.25 36.54
C VAL L 206 -9.63 0.16 35.58
N GLU L 207 -8.47 0.51 36.13
CA GLU L 207 -7.36 1.01 35.34
C GLU L 207 -6.11 0.16 35.47
N LYS L 208 -5.64 -0.37 34.35
CA LYS L 208 -4.36 -1.09 34.31
C LYS L 208 -3.45 -0.46 33.26
N THR L 209 -2.24 -0.13 33.67
CA THR L 209 -1.30 0.56 32.79
C THR L 209 0.07 -0.11 32.81
N VAL L 210 0.69 -0.22 31.63
CA VAL L 210 2.02 -0.82 31.52
C VAL L 210 2.98 0.12 30.81
N ALA L 211 4.27 -0.04 31.11
CA ALA L 211 5.30 0.81 30.52
C ALA L 211 6.25 -0.01 29.65
N PRO L 212 6.75 0.59 28.56
CA PRO L 212 7.68 -0.09 27.65
C PRO L 212 9.00 -0.46 28.33
N THR L 213 9.28 -1.74 28.42
CA THR L 213 10.51 -2.22 29.05
C THR L 213 11.67 -2.24 28.06
C1 NAG M . 6.02 -36.92 -5.36
C2 NAG M . 6.43 -38.34 -4.98
C3 NAG M . 5.25 -39.29 -5.16
C4 NAG M . 4.02 -38.77 -4.43
C5 NAG M . 3.74 -37.31 -4.82
C6 NAG M . 2.62 -36.69 -4.03
C7 NAG M . 8.64 -39.37 -5.23
C8 NAG M . 9.73 -39.77 -6.19
N2 NAG M . 7.57 -38.79 -5.76
O3 NAG M . 5.60 -40.58 -4.66
O4 NAG M . 2.88 -39.56 -4.77
O5 NAG M . 4.91 -36.52 -4.58
O6 NAG M . 3.10 -36.13 -2.81
O7 NAG M . 8.74 -39.57 -4.02
C1 NAG N . 30.70 -26.78 24.66
C2 NAG N . 31.73 -26.93 25.78
C3 NAG N . 31.09 -26.65 27.13
C4 NAG N . 30.41 -25.30 27.11
C5 NAG N . 29.44 -25.21 25.94
C6 NAG N . 28.80 -23.84 25.78
C7 NAG N . 33.42 -28.56 25.04
C8 NAG N . 33.88 -29.98 25.12
N2 NAG N . 32.32 -28.27 25.75
O3 NAG N . 32.07 -26.70 28.15
O4 NAG N . 29.71 -25.08 28.33
O5 NAG N . 30.14 -25.47 24.71
O6 NAG N . 28.08 -23.76 24.56
O7 NAG N . 34.00 -27.71 24.37
C1 NAG O . 9.73 1.02 -45.21
C2 NAG O . 9.41 2.35 -45.87
C3 NAG O . 10.27 2.55 -47.12
C4 NAG O . 11.74 2.37 -46.78
C5 NAG O . 11.97 1.04 -46.05
C6 NAG O . 13.38 0.87 -45.56
C7 NAG O . 7.19 3.41 -45.73
C8 NAG O . 7.83 4.42 -44.82
N2 NAG O . 8.00 2.44 -46.20
O3 NAG O . 10.04 3.84 -47.65
O4 NAG O . 12.52 2.40 -47.96
O5 NAG O . 11.12 0.96 -44.90
O6 NAG O . 13.42 0.54 -44.17
O7 NAG O . 6.00 3.46 -46.02
C1 NAG P . -16.53 9.51 -52.57
C2 NAG P . -17.45 9.00 -53.66
C3 NAG P . -18.73 9.83 -53.71
C4 NAG P . -19.38 9.86 -52.34
C5 NAG P . -18.38 10.32 -51.28
C6 NAG P . -18.93 10.25 -49.88
C7 NAG P . -16.43 7.91 -55.62
C8 NAG P . -15.74 8.13 -56.93
N2 NAG P . -16.77 9.02 -54.96
O3 NAG P . -19.62 9.25 -54.66
O4 NAG P . -20.50 10.74 -52.36
O5 NAG P . -17.22 9.48 -51.31
O6 NAG P . -18.40 9.14 -49.17
O7 NAG P . -16.69 6.80 -55.19
C1 NAG Q . 57.69 44.93 48.53
C2 NAG Q . 58.23 45.32 49.91
C3 NAG Q . 59.60 45.99 49.75
C4 NAG Q . 60.54 45.10 48.95
C5 NAG Q . 59.89 44.71 47.63
C6 NAG Q . 60.73 43.73 46.83
C7 NAG Q . 56.52 45.78 51.60
C8 NAG Q . 55.62 46.82 52.21
N2 NAG Q . 57.31 46.19 50.60
O3 NAG Q . 60.14 46.24 51.04
O4 NAG Q . 61.76 45.80 48.69
O5 NAG Q . 58.63 44.08 47.87
O6 NAG Q . 60.09 42.47 46.72
O7 NAG Q . 56.52 44.63 52.00
C1 NAG R . 46.94 37.87 54.84
C2 NAG R . 47.52 36.81 55.78
C3 NAG R . 47.22 37.15 57.26
C4 NAG R . 47.65 38.58 57.56
C5 NAG R . 47.04 39.55 56.56
C6 NAG R . 47.52 40.97 56.75
C7 NAG R . 45.90 34.89 55.39
C8 NAG R . 44.72 35.77 55.74
N2 NAG R . 47.13 35.45 55.45
O3 NAG R . 47.91 36.24 58.10
O4 NAG R . 47.24 38.94 58.88
O5 NAG R . 47.42 39.16 55.22
O6 NAG R . 48.41 41.34 55.70
O7 NAG R . 45.74 33.72 55.09
C1 NAG S . 41.66 9.01 57.81
C2 NAG S . 40.54 8.13 58.33
C3 NAG S . 40.86 6.66 58.08
C4 NAG S . 41.20 6.44 56.61
C5 NAG S . 42.28 7.41 56.15
C6 NAG S . 42.55 7.35 54.66
C7 NAG S . 39.40 9.25 60.18
C8 NAG S . 39.26 9.37 61.67
N2 NAG S . 40.29 8.36 59.74
O3 NAG S . 39.75 5.85 58.44
O4 NAG S . 41.66 5.10 56.41
O5 NAG S . 41.87 8.77 56.43
O6 NAG S . 41.86 8.37 53.96
O7 NAG S . 38.71 9.94 59.42
C1 NAG T . -86.11 -12.53 -7.69
C2 NAG T . -87.24 -11.68 -8.26
C3 NAG T . -88.42 -12.57 -8.65
C4 NAG T . -87.97 -13.69 -9.56
C5 NAG T . -86.80 -14.44 -8.95
C6 NAG T . -86.20 -15.48 -9.88
C7 NAG T . -87.17 -9.40 -7.35
C8 NAG T . -87.70 -8.47 -6.29
N2 NAG T . -87.64 -10.65 -7.32
O3 NAG T . -89.42 -11.77 -9.28
O4 NAG T . -89.04 -14.60 -9.79
O5 NAG T . -85.74 -13.52 -8.64
O6 NAG T . -84.90 -15.10 -10.30
O7 NAG T . -86.36 -9.03 -8.18
C1 NAG U . -78.20 0.63 -9.13
C2 NAG U . -78.41 0.75 -10.64
C3 NAG U . -79.74 1.44 -10.91
C4 NAG U . -80.87 0.72 -10.20
C5 NAG U . -80.55 0.54 -8.71
C6 NAG U . -81.56 -0.32 -7.99
C7 NAG U . -76.74 1.10 -12.40
C8 NAG U . -75.63 1.96 -12.90
N2 NAG U . -77.31 1.49 -11.25
O3 NAG U . -79.98 1.45 -12.32
O4 NAG U . -82.09 1.46 -10.33
O5 NAG U . -79.27 -0.10 -8.56
O6 NAG U . -80.95 -1.46 -7.40
O7 NAG U . -77.13 0.11 -13.02
C1 NAG V . -59.90 10.18 -28.56
C2 NAG V . -59.50 11.34 -29.47
C3 NAG V . -59.31 10.83 -30.90
C4 NAG V . -58.35 9.65 -30.93
C5 NAG V . -58.82 8.57 -29.96
C6 NAG V . -57.86 7.41 -29.85
C7 NAG V . -60.61 13.25 -28.41
C8 NAG V . -61.70 14.28 -28.54
N2 NAG V . -60.49 12.40 -29.43
O3 NAG V . -58.80 11.89 -31.71
O4 NAG V . -58.28 9.10 -32.24
O5 NAG V . -58.93 9.14 -28.64
O6 NAG V . -58.46 6.31 -29.16
O7 NAG V . -59.90 13.19 -27.42
C1 NAG W . 0.64 -39.32 -2.59
C2 NAG W . -0.50 -39.85 -3.46
C3 NAG W . -1.72 -40.15 -2.60
C4 NAG W . -1.35 -41.06 -1.44
C5 NAG W . -0.16 -40.48 -0.67
C6 NAG W . 0.35 -41.41 0.41
C7 NAG W . -0.17 -38.87 -5.68
C8 NAG W . -0.64 -37.83 -6.66
N2 NAG W . -0.83 -38.91 -4.52
O3 NAG W . -2.73 -40.76 -3.39
O4 NAG W . -2.45 -41.21 -0.56
O5 NAG W . 0.94 -40.26 -1.57
O6 NAG W . 1.77 -41.56 0.32
O7 NAG W . 0.76 -39.62 -5.92
#